data_7YQZ
#
_entry.id   7YQZ
#
_cell.length_a   1.00
_cell.length_b   1.00
_cell.length_c   1.00
_cell.angle_alpha   90.00
_cell.angle_beta   90.00
_cell.angle_gamma   90.00
#
_symmetry.space_group_name_H-M   'P 1'
#
loop_
_entity.id
_entity.type
_entity.pdbx_description
1 polymer 'Spike glycoprotein'
2 polymer 'S309 heavy chain'
3 polymer 'S309 light chain'
4 branched beta-D-mannopyranose-(1-4)-2-acetamido-2-deoxy-beta-D-glucopyranose-(1-4)-[alpha-L-fucopyranose-(1-6)]2-acetamido-2-deoxy-beta-D-glucopyranose
5 non-polymer 2-acetamido-2-deoxy-beta-D-glucopyranose
#
loop_
_entity_poly.entity_id
_entity_poly.type
_entity_poly.pdbx_seq_one_letter_code
_entity_poly.pdbx_strand_id
1 'polypeptide(L)'
;MFVFLVLLPLVSSQCVNLITRTQSYTNSFTRGVYYPDKVFRSSVLHSTQDLFLPFFSNVTWFHAIHVSGTNGTKRFDNPV
LPFNDGVYFASTEKSNIIRGWIFGTTLDSKTQSLLIVNNATNVVIKVCEFQFCNDPFLDVYYHENNKSRMESELRVYSSA
NNCTFEYVSQPFLMDLEGKQGNFKNLREFVFKNIDGYFKIYSKHTPVNLGRDLPQGFSALEPLVDLPIGINITRFQTLLA
LHRSYLTPGDSSSSWTAGAAAYYVGYLQPRTFLLKYNENGTITDAVDCALDPLSETKCTLKSFTVEKGIYQTSNFRVQPT
ESIVRFPNITNLCPFHEVFNATRFASVYAWNRKRISNCVADYSVLYNFAPFFAFKCYGVSPTKLNDLCFTNVYADSFVIR
GNEVSQIAPGQTGNIADYNYKLPDDFTGCVIAWNSNKLDSKVSGNYNYLYRLFRKSKLKPFERDISTEIYQAGNKPCNGV
AGFNCYFPLQSYGFRPTYGVGHQPYRVVVLSFELLHAPATVCGPKKSTNLVKNKCVNFNFNGLTGTGVLTESNKKFLPFQ
QFGRDIADTTDAVRDPQTLEILDITPCSFGGVSVITPGTNTSNQVAVLYQGVNCTEVPVAIHADQLTPTWRVYSTGSNVF
QTRAGCLIGAEYVNNSYECDIPIGAGICASYQTQTKSHRAAASVASQSIIAYTMSLGAENSVAYSNNSIAIPTNFTISVT
TEILPVSMTKTSVDCTMYICGDSTECSNLLLQYGSFCTQLKRALTGIAVEQDKNTQEVFAQVKQIYKTPPIKYFGGFNFS
QILPDPSKPSKRSPIEDLLFNKVTLADAGFIKQYGDCLGDIAARDLICAQKFNGLTVLPPLLTDEMIAQYTSALLAGTIT
SGWTFGAGPALQIPFPMQMAYRFNGIGVTQNVLYENQKLIANQFNSAIGKIQDSLSSTPSALGKLQDVVNHNAQALNTLV
KQLSSKFGAISSVLNDILSRLDPPEAEVQIDRLITGRLQSLQTYVTQQLIRAAEIRASANLAATKMSECVLGQSKRVDFC
GKGYHLMSFPQSAPHGVVFLHVTYVPAQEKNFTTAPAICHDGKAHFPREGVFVSNGTHWFVTQRNFYEPQIITTDNTFVS
GNCDVVIGIVNNTVYDPLQPELDSFKEELDKYFKNHTSPDVDLGDISGINASVVNIQKEIDRLNEVAKNLNESLIDLQEL
GKYEQYIKWPWYIWLGFIAGLIAIVMVTIMLCCMTSCCSCLKGCCSCGSCCKFDEDDSEPVLKGVKLHYT
;
C,A,B
2 'polypeptide(L)'
;QVQLVQSGAEVKKPGASVKVSCKASGYPFTSYGISWVRQAPGQGLEWMGWISTYNGNTNYAQKFQGRVTMTTDTSTTTGY
MELRRLRSDDTAVYYCARDYTRGAWFGESLIGGFDNWGQGTLVTVS
;
I,J
3 'polypeptide(L)'
;EIVLTQSPGTLSLSPGERATLSCRASQTVSSTSLAWYQQKPGQAPRLLIYGASSRATGIPDRFSGSGSGTDFTLTISRLE
PEDFAVYYCQQHDTSLTFGGGTKVEIKRTVAAPSVFIFPPSDEQLKSGTASVVCLLNNFYPREAKVQWKVDNALQSGNSQ
ESVTEQDSKDSTYSLSSTLTLSKADYEKHKVYACEVTHQGLSSPVTKSFNRGEC
;
G,H
#
loop_
_chem_comp.id
_chem_comp.type
_chem_comp.name
_chem_comp.formula
BMA D-saccharide, beta linking beta-D-mannopyranose 'C6 H12 O6'
FUC L-saccharide, alpha linking alpha-L-fucopyranose 'C6 H12 O5'
NAG D-saccharide, beta linking 2-acetamido-2-deoxy-beta-D-glucopyranose 'C8 H15 N O6'
#
# COMPACT_ATOMS: atom_id res chain seq x y z
N THR A 22 9.97 60.50 14.84
CA THR A 22 11.23 59.85 15.20
C THR A 22 10.98 58.50 15.87
N GLN A 23 12.02 57.68 15.95
CA GLN A 23 11.88 56.33 16.48
C GLN A 23 13.22 55.85 17.02
N SER A 24 13.16 54.79 17.81
CA SER A 24 14.34 54.10 18.34
C SER A 24 14.13 52.60 18.19
N TYR A 25 15.13 51.83 18.61
CA TYR A 25 15.09 50.37 18.46
C TYR A 25 15.28 49.71 19.82
N THR A 26 14.38 48.77 20.14
CA THR A 26 14.49 47.95 21.35
C THR A 26 14.40 46.48 20.98
N ASN A 27 14.30 45.61 21.98
CA ASN A 27 14.20 44.17 21.77
C ASN A 27 12.75 43.72 21.94
N SER A 28 12.29 42.87 21.03
CA SER A 28 10.89 42.46 21.02
C SER A 28 10.54 41.49 22.15
N PHE A 29 11.53 40.82 22.73
CA PHE A 29 11.38 39.79 23.77
C PHE A 29 10.45 38.70 23.21
N THR A 30 9.56 38.14 24.01
CA THR A 30 8.54 37.21 23.54
C THR A 30 7.17 37.82 23.75
N ARG A 31 6.39 37.91 22.68
CA ARG A 31 5.11 38.60 22.66
C ARG A 31 4.41 38.31 21.34
N GLY A 32 3.09 38.20 21.37
CA GLY A 32 2.34 38.04 20.15
C GLY A 32 1.93 36.62 19.84
N VAL A 33 1.40 35.91 20.84
CA VAL A 33 0.93 34.55 20.68
C VAL A 33 -0.59 34.56 20.81
N TYR A 34 -1.27 34.02 19.81
CA TYR A 34 -2.73 33.98 19.79
C TYR A 34 -3.22 32.56 19.56
N TYR A 35 -4.47 32.33 19.96
CA TYR A 35 -5.09 31.02 19.78
C TYR A 35 -5.27 30.73 18.29
N PRO A 36 -4.74 29.62 17.78
CA PRO A 36 -4.82 29.39 16.33
C PRO A 36 -6.20 29.04 15.83
N ASP A 37 -7.01 28.37 16.64
CA ASP A 37 -8.31 27.89 16.20
C ASP A 37 -9.31 28.09 17.33
N LYS A 38 -10.49 27.49 17.17
CA LYS A 38 -11.60 27.69 18.10
C LYS A 38 -11.90 26.46 18.96
N VAL A 39 -11.20 25.34 18.75
CA VAL A 39 -11.46 24.15 19.54
C VAL A 39 -10.79 24.28 20.91
N PHE A 40 -11.22 23.41 21.83
CA PHE A 40 -10.75 23.44 23.21
C PHE A 40 -9.85 22.24 23.44
N ARG A 41 -8.62 22.50 23.89
CA ARG A 41 -7.64 21.46 24.17
C ARG A 41 -7.03 21.72 25.53
N SER A 42 -6.89 20.66 26.32
CA SER A 42 -6.37 20.77 27.68
C SER A 42 -5.20 19.81 27.87
N SER A 43 -4.10 20.34 28.40
CA SER A 43 -2.90 19.57 28.75
C SER A 43 -2.31 18.84 27.55
N VAL A 44 -2.25 19.53 26.42
CA VAL A 44 -1.68 18.96 25.19
C VAL A 44 -0.46 19.76 24.78
N LEU A 45 0.22 19.31 23.72
CA LEU A 45 1.45 19.92 23.21
C LEU A 45 1.30 20.19 21.72
N HIS A 46 0.20 20.84 21.34
CA HIS A 46 -0.10 21.10 19.95
C HIS A 46 0.92 22.03 19.31
N SER A 47 1.28 21.74 18.06
CA SER A 47 2.25 22.53 17.31
C SER A 47 1.67 22.86 15.94
N THR A 48 2.08 24.00 15.38
CA THR A 48 1.44 24.49 14.17
C THR A 48 2.38 25.32 13.31
N GLN A 49 1.99 25.43 12.04
CA GLN A 49 2.61 26.28 11.02
C GLN A 49 1.74 27.51 10.86
N ASP A 50 2.26 28.69 11.23
CA ASP A 50 1.41 29.88 11.16
C ASP A 50 2.30 31.12 11.13
N LEU A 51 1.65 32.25 10.80
CA LEU A 51 2.25 33.58 10.79
C LEU A 51 2.26 34.13 12.21
N PHE A 52 3.44 34.19 12.82
CA PHE A 52 3.63 34.76 14.14
C PHE A 52 4.71 35.83 14.12
N LEU A 53 4.91 36.46 15.28
CA LEU A 53 6.03 37.35 15.50
C LEU A 53 7.23 36.53 15.94
N PRO A 54 8.34 36.52 15.19
CA PRO A 54 9.50 35.75 15.61
C PRO A 54 10.10 36.30 16.90
N PHE A 55 10.65 35.39 17.70
CA PHE A 55 11.15 35.76 19.02
C PHE A 55 12.42 36.58 18.89
N PHE A 56 12.56 37.57 19.78
CA PHE A 56 13.72 38.48 19.84
C PHE A 56 13.95 39.18 18.51
N SER A 57 12.88 39.72 17.94
CA SER A 57 12.94 40.42 16.67
C SER A 57 13.27 41.90 16.90
N ASN A 58 13.39 42.63 15.80
CA ASN A 58 13.75 44.04 15.84
C ASN A 58 12.49 44.90 15.66
N VAL A 59 12.15 45.66 16.69
CA VAL A 59 10.97 46.51 16.67
C VAL A 59 11.41 47.97 16.63
N THR A 60 10.57 48.79 16.01
CA THR A 60 10.83 50.23 15.83
C THR A 60 9.86 50.99 16.75
N TRP A 61 10.32 51.30 17.95
CA TRP A 61 9.51 52.03 18.92
C TRP A 61 9.48 53.49 18.48
N PHE A 62 8.34 53.91 17.92
CA PHE A 62 8.23 55.27 17.40
C PHE A 62 7.90 56.25 18.51
N HIS A 63 8.35 57.49 18.32
CA HIS A 63 8.00 58.60 19.20
C HIS A 63 7.29 59.65 18.36
N ALA A 64 6.09 60.03 18.80
CA ALA A 64 5.26 60.99 18.07
C ALA A 64 4.94 62.17 18.98
N ILE A 65 5.01 63.36 18.40
CA ILE A 65 4.72 64.59 19.13
C ILE A 65 4.26 65.68 18.17
N ASP A 77 5.21 65.49 9.71
CA ASP A 77 5.11 64.24 10.45
C ASP A 77 4.51 63.14 9.59
N ASN A 78 3.97 62.12 10.25
CA ASN A 78 3.25 60.99 9.66
C ASN A 78 4.10 60.23 8.64
N PRO A 79 5.11 59.47 9.07
CA PRO A 79 5.86 58.65 8.12
C PRO A 79 5.03 57.48 7.60
N VAL A 80 5.42 57.00 6.43
CA VAL A 80 4.69 55.92 5.75
C VAL A 80 5.21 54.59 6.25
N LEU A 81 4.29 53.70 6.61
CA LEU A 81 4.62 52.39 7.16
C LEU A 81 4.12 51.29 6.24
N PRO A 82 4.99 50.47 5.66
CA PRO A 82 4.53 49.39 4.79
C PRO A 82 3.91 48.24 5.57
N PHE A 83 3.12 47.45 4.86
CA PHE A 83 2.40 46.31 5.40
C PHE A 83 2.81 45.05 4.66
N ASN A 84 3.16 44.01 5.41
CA ASN A 84 3.51 42.72 4.84
C ASN A 84 3.34 41.61 5.87
N ASP A 85 2.61 40.56 5.48
CA ASP A 85 2.40 39.35 6.29
C ASP A 85 1.78 39.67 7.65
N GLY A 86 0.85 40.62 7.71
CA GLY A 86 0.25 40.99 8.97
C GLY A 86 1.11 42.00 9.72
N VAL A 87 0.58 42.44 10.86
CA VAL A 87 1.29 43.43 11.67
C VAL A 87 0.90 43.23 13.13
N TYR A 88 1.86 43.51 14.02
CA TYR A 88 1.64 43.55 15.46
C TYR A 88 1.74 44.99 15.93
N PHE A 89 0.75 45.43 16.71
CA PHE A 89 0.64 46.82 17.13
C PHE A 89 0.41 46.89 18.63
N ALA A 90 1.00 47.89 19.27
CA ALA A 90 0.85 48.06 20.70
C ALA A 90 0.72 49.55 21.03
N SER A 91 0.07 49.83 22.15
CA SER A 91 -0.06 51.21 22.62
C SER A 91 -0.07 51.22 24.15
N THR A 92 0.55 52.24 24.72
CA THR A 92 0.61 52.43 26.18
C THR A 92 0.22 53.87 26.49
N GLU A 93 -1.08 54.10 26.66
CA GLU A 93 -1.62 55.42 26.95
C GLU A 93 -2.41 55.38 28.24
N LYS A 94 -2.73 56.55 28.77
CA LYS A 94 -3.53 56.63 29.99
C LYS A 94 -5.02 56.49 29.69
N SER A 95 -5.58 57.43 28.94
CA SER A 95 -6.99 57.40 28.58
C SER A 95 -7.21 57.20 27.09
N ASN A 96 -6.68 58.12 26.26
CA ASN A 96 -6.84 58.02 24.81
C ASN A 96 -5.82 58.91 24.12
N ILE A 97 -4.98 58.32 23.29
CA ILE A 97 -4.05 59.09 22.47
C ILE A 97 -4.08 58.70 21.01
N ILE A 98 -4.56 57.49 20.73
CA ILE A 98 -4.61 56.93 19.37
C ILE A 98 -6.05 56.52 19.09
N ARG A 99 -6.55 56.90 17.92
CA ARG A 99 -7.95 56.68 17.57
C ARG A 99 -8.15 55.48 16.65
N GLY A 100 -7.48 55.46 15.50
CA GLY A 100 -7.75 54.40 14.55
C GLY A 100 -6.63 54.20 13.56
N TRP A 101 -6.84 53.21 12.69
CA TRP A 101 -5.87 52.81 11.68
C TRP A 101 -6.52 52.88 10.30
N ILE A 102 -5.69 53.00 9.27
CA ILE A 102 -6.14 52.91 7.89
C ILE A 102 -5.18 51.99 7.14
N PHE A 103 -5.75 51.02 6.42
CA PHE A 103 -5.03 49.99 5.71
C PHE A 103 -5.17 50.22 4.21
N GLY A 104 -4.69 49.27 3.42
CA GLY A 104 -4.88 49.27 1.99
C GLY A 104 -3.61 49.68 1.25
N THR A 105 -3.75 49.74 -0.07
CA THR A 105 -2.65 50.04 -0.98
C THR A 105 -2.88 51.41 -1.61
N THR A 106 -1.82 52.23 -1.60
CA THR A 106 -1.71 53.57 -2.21
C THR A 106 -2.59 54.63 -1.53
N LEU A 107 -3.42 54.22 -0.57
CA LEU A 107 -4.14 55.11 0.36
C LEU A 107 -5.03 56.14 -0.33
N ASP A 108 -5.40 55.92 -1.59
CA ASP A 108 -6.12 56.91 -2.37
C ASP A 108 -7.47 56.36 -2.82
N SER A 109 -8.15 57.12 -3.67
CA SER A 109 -9.42 56.69 -4.25
C SER A 109 -9.21 55.94 -5.55
N LYS A 110 -8.34 54.93 -5.51
CA LYS A 110 -8.09 54.03 -6.63
C LYS A 110 -8.22 52.57 -6.23
N THR A 111 -7.77 52.22 -5.03
CA THR A 111 -7.94 50.89 -4.47
C THR A 111 -8.79 51.00 -3.21
N GLN A 112 -9.74 50.08 -3.05
CA GLN A 112 -10.63 50.11 -1.90
C GLN A 112 -9.87 49.76 -0.63
N SER A 113 -10.02 50.58 0.40
CA SER A 113 -9.26 50.48 1.62
C SER A 113 -10.20 50.45 2.82
N LEU A 114 -9.61 50.44 4.01
CA LEU A 114 -10.33 50.24 5.27
C LEU A 114 -10.42 51.55 6.04
N LEU A 115 -11.31 51.54 7.04
CA LEU A 115 -11.38 52.63 8.01
C LEU A 115 -11.73 52.00 9.36
N ILE A 116 -10.79 52.07 10.30
CA ILE A 116 -10.89 51.38 11.58
C ILE A 116 -10.98 52.46 12.65
N VAL A 117 -11.64 53.58 12.30
CA VAL A 117 -11.84 54.66 13.26
C VAL A 117 -12.74 54.18 14.39
N ASN A 118 -12.45 54.63 15.61
CA ASN A 118 -13.15 54.18 16.80
C ASN A 118 -14.05 55.29 17.32
N ASN A 119 -15.32 54.97 17.53
CA ASN A 119 -16.23 55.85 18.25
C ASN A 119 -15.94 55.77 19.74
N ALA A 120 -16.50 56.71 20.50
CA ALA A 120 -16.35 56.70 21.95
C ALA A 120 -17.00 55.47 22.57
N THR A 121 -18.18 55.08 22.05
CA THR A 121 -18.91 53.93 22.57
C THR A 121 -19.38 53.00 21.47
N ASN A 122 -18.82 53.10 20.26
CA ASN A 122 -19.27 52.28 19.14
C ASN A 122 -18.09 51.98 18.22
N VAL A 123 -18.39 51.40 17.06
CA VAL A 123 -17.39 51.03 16.06
C VAL A 123 -17.87 51.55 14.71
N VAL A 124 -17.00 52.28 14.02
CA VAL A 124 -17.37 52.95 12.76
C VAL A 124 -16.43 52.33 11.70
N ILE A 125 -16.12 51.04 11.87
CA ILE A 125 -15.32 50.34 10.88
C ILE A 125 -16.07 50.25 9.57
N LYS A 126 -15.44 50.70 8.49
CA LYS A 126 -16.06 50.72 7.16
C LYS A 126 -15.02 50.34 6.12
N VAL A 127 -15.50 50.00 4.93
CA VAL A 127 -14.64 49.76 3.77
C VAL A 127 -15.02 50.80 2.73
N CYS A 128 -14.08 51.66 2.37
CA CYS A 128 -14.41 52.81 1.54
C CYS A 128 -13.21 53.16 0.66
N GLU A 129 -13.28 54.33 0.02
CA GLU A 129 -12.34 54.75 -1.02
C GLU A 129 -11.89 56.19 -0.77
N PHE A 130 -11.44 56.47 0.45
CA PHE A 130 -11.04 57.83 0.83
C PHE A 130 -9.79 58.27 0.06
N GLN A 131 -9.75 59.57 -0.25
CA GLN A 131 -8.62 60.13 -0.98
C GLN A 131 -7.44 60.40 -0.06
N PHE A 132 -7.63 61.27 0.95
CA PHE A 132 -6.60 61.56 1.91
C PHE A 132 -7.25 62.08 3.19
N CYS A 133 -6.95 61.44 4.31
CA CYS A 133 -7.49 61.83 5.60
C CYS A 133 -6.39 62.45 6.45
N ASN A 134 -6.75 62.84 7.67
CA ASN A 134 -5.82 63.46 8.60
C ASN A 134 -6.24 63.13 10.02
N ASP A 135 -5.60 63.79 10.99
CA ASP A 135 -5.80 63.59 12.43
C ASP A 135 -5.63 62.13 12.84
N ARG A 155 -15.16 64.92 12.40
CA ARG A 155 -15.20 64.68 10.97
C ARG A 155 -13.86 64.98 10.33
N VAL A 156 -12.95 64.00 10.35
CA VAL A 156 -11.62 64.12 9.76
C VAL A 156 -11.40 62.94 8.80
N TYR A 157 -11.80 63.14 7.54
CA TYR A 157 -11.70 62.14 6.47
C TYR A 157 -12.13 62.81 5.16
N SER A 158 -11.98 62.08 4.06
CA SER A 158 -12.22 62.61 2.73
C SER A 158 -13.52 62.03 2.14
N SER A 159 -13.79 62.36 0.88
CA SER A 159 -15.04 62.01 0.25
C SER A 159 -15.08 60.52 -0.08
N ALA A 160 -16.28 60.04 -0.42
CA ALA A 160 -16.54 58.65 -0.72
C ALA A 160 -16.96 58.52 -2.18
N ASN A 161 -16.26 57.67 -2.93
CA ASN A 161 -16.57 57.48 -4.35
C ASN A 161 -17.49 56.29 -4.57
N ASN A 162 -17.04 55.09 -4.18
CA ASN A 162 -17.85 53.87 -4.24
C ASN A 162 -17.62 53.13 -2.93
N CYS A 163 -18.45 53.43 -1.93
CA CYS A 163 -18.31 52.87 -0.58
C CYS A 163 -19.67 52.37 -0.12
N THR A 164 -19.86 51.06 -0.13
CA THR A 164 -21.13 50.42 0.23
C THR A 164 -20.86 49.26 1.19
N PHE A 165 -20.09 49.52 2.24
CA PHE A 165 -19.77 48.52 3.24
C PHE A 165 -19.78 49.19 4.61
N GLU A 166 -20.13 48.41 5.64
CA GLU A 166 -20.39 48.97 6.95
C GLU A 166 -20.28 47.89 8.01
N TYR A 167 -19.79 48.27 9.19
CA TYR A 167 -19.79 47.39 10.36
C TYR A 167 -19.84 48.25 11.62
N VAL A 168 -20.77 47.92 12.52
CA VAL A 168 -20.94 48.61 13.79
C VAL A 168 -21.04 47.57 14.89
N SER A 169 -20.23 47.74 15.94
CA SER A 169 -20.25 46.81 17.07
C SER A 169 -19.80 47.54 18.32
N GLN A 170 -19.58 46.79 19.40
CA GLN A 170 -19.12 47.36 20.65
C GLN A 170 -17.68 47.85 20.51
N PRO A 171 -17.32 48.97 21.14
CA PRO A 171 -16.03 49.62 20.85
C PRO A 171 -14.84 48.79 21.30
N PHE A 172 -13.73 48.96 20.55
CA PHE A 172 -12.50 48.23 20.85
C PHE A 172 -11.87 48.70 22.15
N LEU A 173 -11.75 50.02 22.31
CA LEU A 173 -10.98 50.59 23.42
C LEU A 173 -11.81 50.59 24.69
N MET A 174 -11.25 50.00 25.75
CA MET A 174 -11.81 50.03 27.09
C MET A 174 -10.90 50.85 27.98
N ASP A 175 -11.46 51.85 28.65
CA ASP A 175 -10.71 52.67 29.59
C ASP A 175 -10.94 52.16 31.02
N LEU A 176 -9.87 51.64 31.62
CA LEU A 176 -9.95 51.08 32.96
C LEU A 176 -8.79 51.59 33.79
N GLU A 177 -9.00 51.70 35.10
CA GLU A 177 -7.99 52.22 36.00
C GLU A 177 -8.31 51.74 37.42
N GLY A 178 -7.27 51.38 38.16
CA GLY A 178 -7.42 51.01 39.56
C GLY A 178 -7.34 52.24 40.46
N LYS A 179 -8.26 53.19 40.22
CA LYS A 179 -8.33 54.49 40.90
C LYS A 179 -7.08 55.34 40.71
N GLN A 180 -6.25 55.00 39.73
CA GLN A 180 -5.05 55.76 39.40
C GLN A 180 -4.58 55.35 38.01
N GLY A 181 -3.71 56.17 37.43
CA GLY A 181 -3.12 55.89 36.15
C GLY A 181 -1.78 55.17 36.20
N ASN A 182 -1.40 54.64 37.36
CA ASN A 182 -0.11 53.95 37.47
C ASN A 182 -0.12 52.64 36.67
N PHE A 183 -1.22 51.90 36.71
CA PHE A 183 -1.36 50.69 35.89
C PHE A 183 -1.67 51.13 34.48
N LYS A 184 -0.61 51.35 33.69
CA LYS A 184 -0.77 51.78 32.31
C LYS A 184 -1.29 50.61 31.48
N ASN A 185 -2.61 50.57 31.28
CA ASN A 185 -3.27 49.47 30.60
C ASN A 185 -2.85 49.46 29.13
N LEU A 186 -2.00 48.49 28.77
CA LEU A 186 -1.48 48.40 27.42
C LEU A 186 -2.51 47.76 26.50
N ARG A 187 -2.68 48.36 25.33
CA ARG A 187 -3.56 47.83 24.29
C ARG A 187 -2.72 47.07 23.28
N GLU A 188 -3.15 45.86 22.96
CA GLU A 188 -2.38 44.87 22.23
C GLU A 188 -3.22 44.40 21.06
N PHE A 189 -2.70 44.52 19.84
CA PHE A 189 -3.45 44.14 18.65
C PHE A 189 -2.57 43.40 17.66
N VAL A 190 -3.18 42.45 16.96
CA VAL A 190 -2.54 41.73 15.86
C VAL A 190 -3.52 41.70 14.69
N PHE A 191 -3.07 42.14 13.52
CA PHE A 191 -3.90 42.24 12.33
C PHE A 191 -3.34 41.33 11.26
N LYS A 192 -4.19 40.50 10.64
CA LYS A 192 -3.78 39.76 9.45
C LYS A 192 -4.93 39.68 8.46
N ASN A 193 -4.58 39.43 7.20
CA ASN A 193 -5.52 39.48 6.09
C ASN A 193 -5.29 38.34 5.10
N ILE A 194 -5.15 37.12 5.62
CA ILE A 194 -4.75 35.97 4.80
C ILE A 194 -5.90 35.54 3.90
N ASP A 195 -5.86 35.96 2.63
CA ASP A 195 -6.84 35.63 1.59
C ASP A 195 -8.24 36.05 2.05
N GLY A 196 -8.39 37.35 2.31
CA GLY A 196 -9.60 37.83 2.93
C GLY A 196 -9.63 37.43 4.39
N TYR A 197 -10.82 37.55 4.99
CA TYR A 197 -11.09 37.18 6.38
C TYR A 197 -10.14 37.92 7.34
N PHE A 198 -10.36 39.22 7.41
CA PHE A 198 -9.55 40.14 8.19
C PHE A 198 -9.61 39.78 9.67
N LYS A 199 -8.52 39.18 10.17
CA LYS A 199 -8.48 38.64 11.52
C LYS A 199 -7.83 39.64 12.46
N ILE A 200 -8.54 39.95 13.55
CA ILE A 200 -8.14 40.93 14.54
C ILE A 200 -8.01 40.21 15.87
N TYR A 201 -6.91 40.44 16.57
CA TYR A 201 -6.72 39.89 17.90
C TYR A 201 -6.36 41.03 18.84
N SER A 202 -6.97 41.04 20.03
CA SER A 202 -6.85 42.17 20.94
C SER A 202 -6.64 41.69 22.37
N LYS A 203 -6.05 42.57 23.18
CA LYS A 203 -5.84 42.34 24.60
C LYS A 203 -5.64 43.66 25.31
N HIS A 204 -6.18 43.75 26.53
CA HIS A 204 -5.94 44.88 27.42
C HIS A 204 -5.19 44.36 28.64
N THR A 205 -3.93 44.74 28.79
CA THR A 205 -3.07 44.24 29.85
C THR A 205 -2.83 45.31 30.89
N PRO A 206 -3.43 45.24 32.07
CA PRO A 206 -3.23 46.29 33.08
C PRO A 206 -2.15 45.96 34.10
N VAL A 207 -1.61 44.74 34.06
CA VAL A 207 -0.69 44.29 35.10
C VAL A 207 0.70 44.87 34.98
N ASN A 208 1.00 45.57 33.88
CA ASN A 208 2.34 46.08 33.67
C ASN A 208 2.50 47.49 34.25
N LEU A 209 3.75 47.91 34.41
CA LEU A 209 4.08 49.28 34.78
C LEU A 209 4.67 50.08 33.63
N GLY A 210 5.60 49.51 32.87
CA GLY A 210 6.01 50.09 31.61
C GLY A 210 7.22 51.00 31.66
N ARG A 211 8.36 50.52 31.19
CA ARG A 211 9.51 51.39 30.94
C ARG A 211 9.98 51.32 29.49
N ASP A 212 10.17 50.13 28.92
CA ASP A 212 10.27 49.97 27.47
C ASP A 212 9.23 49.00 26.94
N LEU A 213 9.19 47.78 27.48
CA LEU A 213 8.27 46.72 27.08
C LEU A 213 8.26 45.64 28.15
N PRO A 214 7.09 45.16 28.56
CA PRO A 214 7.04 44.14 29.62
C PRO A 214 7.55 42.79 29.13
N GLN A 215 7.85 41.93 30.10
CA GLN A 215 8.36 40.58 29.84
C GLN A 215 7.33 39.59 30.39
N GLY A 216 6.70 38.83 29.50
CA GLY A 216 5.72 37.85 29.94
C GLY A 216 5.10 37.15 28.75
N PHE A 217 4.19 36.24 29.06
CA PHE A 217 3.44 35.47 28.07
C PHE A 217 1.97 35.75 28.24
N SER A 218 1.28 36.03 27.13
CA SER A 218 -0.15 36.27 27.15
C SER A 218 -0.76 35.81 25.84
N ALA A 219 -2.04 35.43 25.91
CA ALA A 219 -2.77 34.96 24.75
C ALA A 219 -3.60 36.09 24.15
N LEU A 220 -4.13 35.84 22.96
CA LEU A 220 -4.96 36.79 22.24
C LEU A 220 -6.20 36.08 21.71
N GLU A 221 -7.29 36.84 21.57
CA GLU A 221 -8.55 36.25 21.14
C GLU A 221 -9.11 36.99 19.94
N PRO A 222 -9.80 36.29 19.03
CA PRO A 222 -10.44 36.97 17.91
C PRO A 222 -11.65 37.76 18.35
N LEU A 223 -12.01 38.75 17.55
CA LEU A 223 -13.23 39.52 17.77
C LEU A 223 -14.12 39.58 16.54
N VAL A 224 -13.55 39.64 15.34
CA VAL A 224 -14.32 39.71 14.11
C VAL A 224 -13.53 39.03 13.00
N ASP A 225 -14.24 38.44 12.05
CA ASP A 225 -13.63 37.80 10.89
C ASP A 225 -14.51 38.09 9.69
N LEU A 226 -14.00 38.88 8.75
CA LEU A 226 -14.83 39.38 7.66
C LEU A 226 -14.19 39.07 6.32
N PRO A 227 -15.00 38.79 5.29
CA PRO A 227 -14.46 38.58 3.93
C PRO A 227 -14.33 39.90 3.16
N ILE A 228 -13.38 40.73 3.58
CA ILE A 228 -13.17 42.02 2.93
C ILE A 228 -12.62 41.82 1.51
N GLY A 229 -11.59 40.99 1.38
CA GLY A 229 -11.06 40.62 0.08
C GLY A 229 -10.45 41.74 -0.72
N ILE A 230 -9.62 42.57 -0.10
CA ILE A 230 -9.01 43.70 -0.79
C ILE A 230 -7.49 43.53 -0.83
N ASN A 231 -6.81 44.46 -1.49
CA ASN A 231 -5.37 44.40 -1.73
C ASN A 231 -4.70 45.41 -0.80
N ILE A 232 -4.06 44.90 0.26
CA ILE A 232 -3.46 45.73 1.29
C ILE A 232 -1.95 45.59 1.22
N THR A 233 -1.26 46.73 1.11
CA THR A 233 0.20 46.77 1.06
C THR A 233 0.80 47.82 1.99
N ARG A 234 0.06 48.86 2.35
CA ARG A 234 0.56 49.94 3.18
C ARG A 234 -0.29 50.05 4.45
N PHE A 235 0.13 50.93 5.36
CA PHE A 235 -0.48 51.04 6.68
C PHE A 235 -0.22 52.44 7.22
N GLN A 236 -1.24 53.06 7.81
CA GLN A 236 -1.07 54.36 8.44
C GLN A 236 -1.99 54.46 9.64
N THR A 237 -1.68 55.39 10.54
CA THR A 237 -2.40 55.55 11.79
C THR A 237 -2.93 56.98 11.90
N LEU A 238 -4.18 57.12 12.32
CA LEU A 238 -4.79 58.42 12.58
C LEU A 238 -5.12 58.52 14.07
N LEU A 239 -4.69 59.61 14.69
CA LEU A 239 -4.84 59.75 16.14
C LEU A 239 -5.42 61.10 16.54
N ALA A 260 7.49 56.98 23.52
CA ALA A 260 6.20 57.27 24.14
C ALA A 260 5.30 56.05 24.13
N ALA A 261 4.79 55.70 22.95
CA ALA A 261 3.85 54.61 22.77
C ALA A 261 3.93 54.17 21.31
N TYR A 262 2.91 53.45 20.84
CA TYR A 262 2.68 53.18 19.42
C TYR A 262 3.81 52.31 18.85
N TYR A 263 3.87 51.09 19.38
CA TYR A 263 4.84 50.10 18.93
C TYR A 263 4.31 49.35 17.71
N VAL A 264 5.21 49.03 16.78
CA VAL A 264 4.85 48.34 15.54
C VAL A 264 5.90 47.28 15.23
N GLY A 265 5.44 46.12 14.74
CA GLY A 265 6.34 45.06 14.34
C GLY A 265 5.70 44.19 13.27
N TYR A 266 6.55 43.41 12.60
CA TYR A 266 6.12 42.58 11.47
C TYR A 266 6.12 41.11 11.86
N LEU A 267 5.58 40.28 10.96
CA LEU A 267 5.37 38.86 11.22
C LEU A 267 5.97 38.02 10.11
N GLN A 268 6.26 36.76 10.44
CA GLN A 268 6.83 35.79 9.54
C GLN A 268 6.15 34.45 9.75
N PRO A 269 6.16 33.57 8.74
CA PRO A 269 5.63 32.22 8.93
C PRO A 269 6.66 31.30 9.55
N ARG A 270 6.25 30.55 10.58
CA ARG A 270 7.16 29.64 11.25
C ARG A 270 6.36 28.60 12.02
N THR A 271 7.11 27.75 12.74
CA THR A 271 6.56 26.64 13.51
C THR A 271 6.60 26.97 14.99
N PHE A 272 5.47 26.85 15.66
CA PHE A 272 5.40 27.05 17.09
C PHE A 272 4.89 25.79 17.78
N LEU A 273 5.37 25.57 19.00
CA LEU A 273 4.90 24.48 19.85
C LEU A 273 4.33 25.10 21.12
N LEU A 274 3.04 24.89 21.35
CA LEU A 274 2.33 25.53 22.45
C LEU A 274 2.17 24.56 23.61
N LYS A 275 1.61 25.06 24.71
CA LYS A 275 1.36 24.24 25.90
C LYS A 275 0.09 24.76 26.56
N TYR A 276 -1.03 24.13 26.25
CA TYR A 276 -2.29 24.49 26.87
C TYR A 276 -2.30 24.06 28.34
N ASN A 277 -3.05 24.80 29.15
CA ASN A 277 -3.15 24.51 30.57
C ASN A 277 -4.25 23.48 30.81
N GLU A 278 -4.63 23.29 32.08
CA GLU A 278 -5.70 22.36 32.40
C GLU A 278 -7.05 22.87 31.95
N ASN A 279 -7.23 24.19 31.88
CA ASN A 279 -8.48 24.79 31.45
C ASN A 279 -8.27 25.70 30.24
N GLY A 280 -7.43 25.25 29.31
CA GLY A 280 -7.31 25.87 28.00
C GLY A 280 -6.78 27.28 27.93
N THR A 281 -5.71 27.58 28.69
CA THR A 281 -5.01 28.85 28.60
C THR A 281 -3.57 28.59 28.21
N ILE A 282 -3.06 29.35 27.23
CA ILE A 282 -1.68 29.20 26.81
C ILE A 282 -0.78 29.83 27.87
N THR A 283 0.02 28.99 28.52
CA THR A 283 0.93 29.44 29.57
C THR A 283 2.35 29.65 29.06
N ASP A 284 2.83 28.79 28.16
CA ASP A 284 4.16 28.91 27.61
C ASP A 284 4.16 28.36 26.19
N ALA A 285 5.12 28.83 25.40
CA ALA A 285 5.25 28.39 24.01
C ALA A 285 6.72 28.47 23.63
N VAL A 286 7.08 27.75 22.56
CA VAL A 286 8.46 27.69 22.11
C VAL A 286 8.51 27.74 20.58
N ASP A 287 9.43 28.54 20.06
CA ASP A 287 9.78 28.58 18.65
C ASP A 287 10.84 27.53 18.36
N CYS A 288 10.93 27.12 17.11
CA CYS A 288 11.98 26.18 16.69
C CYS A 288 12.61 26.60 15.37
N ALA A 289 13.02 27.87 15.28
CA ALA A 289 13.71 28.32 14.07
C ALA A 289 14.87 29.27 14.37
N LEU A 290 15.35 29.33 15.60
CA LEU A 290 16.42 30.28 15.90
C LEU A 290 17.59 29.68 16.67
N ASP A 291 17.36 28.63 17.47
CA ASP A 291 18.35 28.04 18.35
C ASP A 291 18.42 26.56 18.04
N PRO A 292 19.62 25.95 18.02
CA PRO A 292 19.69 24.48 17.91
C PRO A 292 18.93 23.75 19.01
N LEU A 293 18.93 24.28 20.24
CA LEU A 293 18.08 23.72 21.28
C LEU A 293 16.60 23.88 20.93
N SER A 294 16.26 24.91 20.14
CA SER A 294 14.86 25.08 19.75
C SER A 294 14.41 23.99 18.78
N GLU A 295 15.23 23.64 17.77
CA GLU A 295 14.85 22.51 16.94
C GLU A 295 14.92 21.19 17.71
N THR A 296 15.81 21.08 18.70
CA THR A 296 15.82 19.90 19.55
C THR A 296 14.53 19.75 20.33
N LYS A 297 13.99 20.86 20.84
CA LYS A 297 12.69 20.85 21.50
C LYS A 297 11.55 20.70 20.50
N CYS A 298 11.78 21.01 19.22
CA CYS A 298 10.72 20.96 18.22
C CYS A 298 10.56 19.59 17.59
N THR A 299 11.62 18.78 17.54
CA THR A 299 11.48 17.43 17.01
C THR A 299 10.74 16.52 18.00
N LEU A 300 11.31 16.33 19.18
CA LEU A 300 10.64 15.61 20.25
C LEU A 300 9.88 16.59 21.12
N LYS A 301 8.59 16.32 21.34
CA LYS A 301 7.67 17.31 21.92
C LYS A 301 7.80 17.29 23.44
N SER A 302 8.75 18.08 23.95
CA SER A 302 8.92 18.29 25.38
C SER A 302 9.67 19.59 25.59
N PHE A 303 9.31 20.32 26.65
CA PHE A 303 10.01 21.56 26.97
C PHE A 303 11.42 21.28 27.49
N THR A 304 11.58 20.21 28.26
CA THR A 304 12.88 19.81 28.79
C THR A 304 13.46 18.71 27.94
N VAL A 305 14.72 18.88 27.53
CA VAL A 305 15.42 17.91 26.70
C VAL A 305 16.61 17.40 27.52
N GLU A 306 16.68 16.09 27.69
CA GLU A 306 17.74 15.50 28.50
C GLU A 306 19.05 15.42 27.71
N LYS A 307 20.13 15.15 28.44
CA LYS A 307 21.46 15.21 27.87
C LYS A 307 21.69 14.08 26.88
N GLY A 308 22.18 14.42 25.69
CA GLY A 308 22.44 13.42 24.67
C GLY A 308 22.75 14.08 23.35
N ILE A 309 22.61 13.30 22.28
CA ILE A 309 22.81 13.78 20.92
C ILE A 309 21.62 13.37 20.08
N TYR A 310 21.05 14.33 19.34
CA TYR A 310 19.80 14.12 18.63
C TYR A 310 19.95 14.60 17.20
N GLN A 311 19.10 14.07 16.31
CA GLN A 311 19.05 14.49 14.93
C GLN A 311 17.87 15.45 14.74
N THR A 312 18.15 16.65 14.26
CA THR A 312 17.09 17.64 14.05
C THR A 312 16.59 17.62 12.61
N SER A 313 17.47 17.90 11.65
CA SER A 313 17.09 18.01 10.24
C SER A 313 18.36 17.85 9.40
N ASN A 314 18.23 18.14 8.11
CA ASN A 314 19.34 18.09 7.17
C ASN A 314 19.55 19.45 6.54
N PHE A 315 20.78 19.71 6.10
CA PHE A 315 21.12 20.96 5.44
C PHE A 315 21.54 20.68 4.01
N ARG A 316 21.25 21.63 3.12
CA ARG A 316 21.55 21.46 1.71
C ARG A 316 21.63 22.84 1.06
N VAL A 317 22.71 23.07 0.32
CA VAL A 317 22.92 24.38 -0.31
C VAL A 317 21.93 24.55 -1.47
N GLN A 318 21.27 25.71 -1.50
CA GLN A 318 20.24 25.99 -2.49
C GLN A 318 20.86 26.44 -3.80
N PRO A 319 20.19 26.17 -4.92
CA PRO A 319 20.68 26.68 -6.21
C PRO A 319 20.53 28.19 -6.32
N THR A 320 21.37 28.79 -7.16
CA THR A 320 21.44 30.24 -7.28
C THR A 320 21.14 30.77 -8.67
N GLU A 321 21.20 29.95 -9.71
CA GLU A 321 21.09 30.46 -11.08
C GLU A 321 20.46 29.38 -11.96
N SER A 322 19.83 29.82 -13.04
CA SER A 322 19.22 28.93 -14.03
C SER A 322 19.84 29.18 -15.39
N ILE A 323 20.14 28.11 -16.11
CA ILE A 323 20.69 28.19 -17.46
C ILE A 323 19.97 27.18 -18.36
N VAL A 324 19.58 27.63 -19.55
CA VAL A 324 18.89 26.80 -20.53
C VAL A 324 19.72 26.78 -21.80
N ARG A 325 20.01 25.58 -22.30
CA ARG A 325 20.85 25.39 -23.50
C ARG A 325 20.16 24.41 -24.45
N PHE A 326 19.29 24.87 -25.32
CA PHE A 326 18.57 23.88 -26.16
C PHE A 326 19.47 23.45 -27.33
N PRO A 327 18.99 23.19 -28.57
CA PRO A 327 19.85 22.88 -29.69
C PRO A 327 19.89 24.05 -30.68
N ASN A 328 20.68 23.94 -31.75
CA ASN A 328 20.83 25.05 -32.74
C ASN A 328 19.90 24.79 -33.94
N ILE A 329 18.82 25.56 -34.14
CA ILE A 329 17.90 25.36 -35.30
C ILE A 329 17.11 26.65 -35.53
N THR A 330 16.26 26.72 -36.57
CA THR A 330 15.49 27.95 -36.91
C THR A 330 14.15 27.64 -37.57
N ASN A 331 14.18 26.87 -38.63
CA ASN A 331 13.00 26.42 -39.35
C ASN A 331 11.78 26.40 -38.42
N LEU A 332 10.62 26.68 -39.00
CA LEU A 332 9.35 26.63 -38.29
C LEU A 332 8.54 25.43 -38.77
N CYS A 333 8.00 24.69 -37.82
CA CYS A 333 7.36 23.41 -38.12
C CYS A 333 6.06 23.62 -38.90
N PRO A 334 5.79 22.79 -39.91
CA PRO A 334 4.63 23.02 -40.79
C PRO A 334 3.34 22.43 -40.23
N PHE A 335 2.90 22.97 -39.10
CA PHE A 335 1.58 22.61 -38.57
C PHE A 335 0.44 23.29 -39.31
N HIS A 336 0.75 24.28 -40.15
CA HIS A 336 -0.25 24.90 -41.00
C HIS A 336 -0.49 24.14 -42.30
N GLU A 337 0.19 23.01 -42.49
CA GLU A 337 -0.03 22.17 -43.65
C GLU A 337 -0.75 20.86 -43.32
N VAL A 338 -0.78 20.48 -42.04
CA VAL A 338 -1.53 19.30 -41.61
C VAL A 338 -2.95 19.68 -41.21
N PHE A 339 -3.09 20.65 -40.30
CA PHE A 339 -4.40 21.08 -39.85
C PHE A 339 -5.15 21.82 -40.96
N ASN A 340 -4.46 22.71 -41.67
CA ASN A 340 -5.07 23.52 -42.72
C ASN A 340 -4.90 22.83 -44.07
N ALA A 341 -5.34 21.58 -44.12
CA ALA A 341 -5.21 20.76 -45.33
C ALA A 341 -6.58 20.57 -45.97
N THR A 342 -6.56 20.13 -47.22
CA THR A 342 -7.77 19.98 -48.02
C THR A 342 -8.02 18.56 -48.51
N ARG A 343 -7.11 17.62 -48.27
CA ARG A 343 -7.19 16.32 -48.89
C ARG A 343 -7.21 15.20 -47.85
N PHE A 344 -8.07 15.34 -46.84
CA PHE A 344 -8.21 14.29 -45.83
C PHE A 344 -8.84 13.05 -46.46
N ALA A 345 -8.22 11.90 -46.24
CA ALA A 345 -8.63 10.67 -46.89
C ALA A 345 -9.65 9.93 -46.04
N SER A 346 -9.97 8.70 -46.44
CA SER A 346 -10.91 7.87 -45.70
C SER A 346 -10.27 7.33 -44.42
N VAL A 347 -11.12 6.98 -43.46
CA VAL A 347 -10.63 6.53 -42.16
C VAL A 347 -9.98 5.15 -42.24
N TYR A 348 -10.45 4.29 -43.15
CA TYR A 348 -9.88 2.95 -43.26
C TYR A 348 -8.50 2.94 -43.87
N ALA A 349 -8.09 4.03 -44.55
CA ALA A 349 -6.75 4.15 -45.12
C ALA A 349 -6.31 5.60 -44.91
N TRP A 350 -5.61 5.85 -43.81
CA TRP A 350 -5.15 7.19 -43.47
C TRP A 350 -3.76 7.42 -44.07
N ASN A 351 -3.13 8.52 -43.69
CA ASN A 351 -1.79 8.86 -44.15
C ASN A 351 -0.91 9.21 -42.96
N ARG A 352 0.37 8.88 -43.10
CA ARG A 352 1.33 8.99 -42.01
C ARG A 352 2.37 10.03 -42.37
N LYS A 353 2.51 11.05 -41.53
CA LYS A 353 3.40 12.17 -41.80
C LYS A 353 4.61 12.13 -40.88
N ARG A 354 5.57 13.02 -41.17
CA ARG A 354 6.81 13.10 -40.41
C ARG A 354 7.17 14.56 -40.17
N ILE A 355 7.73 14.83 -38.99
CA ILE A 355 8.24 16.15 -38.64
C ILE A 355 9.74 16.04 -38.41
N SER A 356 10.48 17.01 -38.95
CA SER A 356 11.94 17.05 -38.92
C SER A 356 12.37 18.28 -38.13
N ASN A 357 13.66 18.61 -38.21
CA ASN A 357 14.23 19.67 -37.40
C ASN A 357 13.65 21.04 -37.69
N CYS A 358 12.80 21.53 -36.78
CA CYS A 358 12.20 22.84 -36.89
C CYS A 358 11.80 23.31 -35.49
N VAL A 359 11.23 24.50 -35.43
CA VAL A 359 10.74 25.07 -34.18
C VAL A 359 9.22 25.11 -34.26
N ALA A 360 8.56 24.45 -33.31
CA ALA A 360 7.11 24.36 -33.26
C ALA A 360 6.59 25.27 -32.15
N ASP A 361 5.70 26.19 -32.50
CA ASP A 361 5.04 27.05 -31.53
C ASP A 361 3.70 26.41 -31.18
N TYR A 362 3.61 25.88 -29.97
CA TYR A 362 2.41 25.21 -29.51
C TYR A 362 1.34 26.17 -29.01
N SER A 363 1.65 27.47 -28.95
CA SER A 363 0.67 28.46 -28.51
C SER A 363 -0.48 28.57 -29.49
N VAL A 364 -0.19 28.51 -30.80
CA VAL A 364 -1.22 28.65 -31.82
C VAL A 364 -2.14 27.42 -31.86
N LEU A 365 -1.70 26.31 -31.26
CA LEU A 365 -2.51 25.10 -31.26
C LEU A 365 -3.77 25.26 -30.40
N TYR A 366 -3.63 25.80 -29.20
CA TYR A 366 -4.74 25.89 -28.25
C TYR A 366 -5.28 27.30 -28.06
N ASN A 367 -4.41 28.31 -28.03
CA ASN A 367 -4.90 29.67 -27.80
C ASN A 367 -5.62 30.21 -29.03
N PHE A 368 -5.06 29.98 -30.21
CA PHE A 368 -5.70 30.38 -31.46
C PHE A 368 -6.51 29.21 -32.02
N ALA A 369 -7.68 29.55 -32.59
CA ALA A 369 -8.66 28.59 -33.07
C ALA A 369 -9.07 27.54 -32.03
N PRO A 370 -9.71 27.96 -30.92
CA PRO A 370 -10.15 26.96 -29.90
C PRO A 370 -11.59 26.49 -30.09
N PHE A 371 -11.79 25.60 -31.07
CA PHE A 371 -13.15 25.17 -31.40
C PHE A 371 -13.70 24.18 -30.39
N PHE A 372 -13.07 23.02 -30.27
CA PHE A 372 -13.58 21.93 -29.44
C PHE A 372 -12.58 21.58 -28.35
N ALA A 373 -13.02 20.71 -27.43
CA ALA A 373 -12.17 20.28 -26.34
C ALA A 373 -11.04 19.39 -26.86
N PHE A 374 -9.92 19.41 -26.14
CA PHE A 374 -8.74 18.66 -26.57
C PHE A 374 -8.68 17.27 -25.95
N LYS A 375 -8.79 17.18 -24.61
CA LYS A 375 -8.63 15.93 -23.86
C LYS A 375 -7.29 15.27 -24.16
N CYS A 376 -6.21 16.02 -23.91
CA CYS A 376 -4.87 15.49 -24.15
C CYS A 376 -4.55 14.40 -23.12
N TYR A 377 -4.05 13.26 -23.60
CA TYR A 377 -4.05 12.06 -22.77
C TYR A 377 -2.93 12.07 -21.72
N GLY A 378 -1.73 12.54 -22.07
CA GLY A 378 -0.60 12.33 -21.17
C GLY A 378 0.25 13.57 -20.92
N VAL A 379 0.02 14.68 -21.60
CA VAL A 379 0.77 15.91 -21.36
C VAL A 379 -0.19 17.09 -21.27
N SER A 380 0.26 18.15 -20.61
CA SER A 380 -0.49 19.39 -20.46
C SER A 380 -0.16 20.34 -21.59
N PRO A 381 -1.18 20.91 -22.26
CA PRO A 381 -0.90 21.87 -23.34
C PRO A 381 -0.15 23.11 -22.88
N THR A 382 -0.40 23.55 -21.64
CA THR A 382 0.34 24.70 -21.12
C THR A 382 1.80 24.36 -20.83
N LYS A 383 2.07 23.13 -20.38
CA LYS A 383 3.42 22.66 -20.12
C LYS A 383 4.09 22.07 -21.36
N LEU A 384 3.45 22.18 -22.52
CA LEU A 384 3.98 21.55 -23.73
C LEU A 384 5.19 22.32 -24.28
N ASN A 385 5.35 23.57 -23.87
CA ASN A 385 6.40 24.41 -24.47
C ASN A 385 7.79 24.04 -23.93
N ASP A 386 7.85 23.56 -22.69
CA ASP A 386 9.16 23.28 -22.09
C ASP A 386 9.78 22.02 -22.68
N LEU A 387 8.98 20.99 -22.91
CA LEU A 387 9.49 19.72 -23.41
C LEU A 387 9.95 19.85 -24.85
N CYS A 388 10.86 18.96 -25.26
CA CYS A 388 11.03 18.71 -26.68
C CYS A 388 11.54 17.30 -26.93
N PHE A 389 11.21 16.78 -28.10
CA PHE A 389 11.07 15.34 -28.37
C PHE A 389 12.01 14.88 -29.46
N THR A 390 11.86 13.62 -29.90
CA THR A 390 12.68 13.06 -30.97
C THR A 390 11.99 13.11 -32.32
N ASN A 391 10.81 12.51 -32.45
CA ASN A 391 10.06 12.56 -33.70
C ASN A 391 8.58 12.76 -33.38
N VAL A 392 7.87 13.35 -34.35
CA VAL A 392 6.46 13.64 -34.21
C VAL A 392 5.73 13.07 -35.43
N TYR A 393 4.69 12.28 -35.18
CA TYR A 393 3.86 11.72 -36.24
C TYR A 393 2.48 12.34 -36.16
N ALA A 394 1.89 12.62 -37.32
CA ALA A 394 0.55 13.18 -37.41
C ALA A 394 -0.30 12.30 -38.31
N ASP A 395 -1.46 11.89 -37.80
CA ASP A 395 -2.39 11.04 -38.52
C ASP A 395 -3.73 11.73 -38.64
N SER A 396 -4.35 11.61 -39.82
CA SER A 396 -5.56 12.37 -40.14
C SER A 396 -6.60 11.47 -40.78
N PHE A 397 -7.84 11.56 -40.28
CA PHE A 397 -8.97 10.83 -40.84
C PHE A 397 -10.25 11.52 -40.40
N VAL A 398 -11.37 11.09 -40.99
CA VAL A 398 -12.68 11.67 -40.72
C VAL A 398 -13.49 10.68 -39.87
N ILE A 399 -14.17 11.21 -38.86
CA ILE A 399 -14.85 10.42 -37.83
C ILE A 399 -16.28 10.92 -37.68
N ARG A 400 -17.22 9.98 -37.52
CA ARG A 400 -18.62 10.29 -37.22
C ARG A 400 -18.72 11.03 -35.89
N GLY A 401 -19.81 11.80 -35.74
CA GLY A 401 -19.99 12.62 -34.55
C GLY A 401 -20.12 11.81 -33.26
N ASN A 402 -20.86 10.70 -33.31
CA ASN A 402 -20.99 9.85 -32.14
C ASN A 402 -19.73 9.03 -31.87
N GLU A 403 -18.85 8.91 -32.86
CA GLU A 403 -17.67 8.07 -32.75
C GLU A 403 -16.43 8.85 -32.33
N VAL A 404 -16.59 10.09 -31.87
CA VAL A 404 -15.45 10.90 -31.44
C VAL A 404 -14.78 10.26 -30.22
N SER A 405 -15.57 9.78 -29.26
CA SER A 405 -15.05 9.16 -28.06
C SER A 405 -14.38 7.81 -28.32
N GLN A 406 -14.56 7.23 -29.50
CA GLN A 406 -13.94 5.95 -29.83
C GLN A 406 -12.41 6.03 -29.90
N ILE A 407 -11.86 7.21 -30.21
CA ILE A 407 -10.41 7.39 -30.25
C ILE A 407 -9.93 7.52 -28.81
N ALA A 408 -9.50 6.40 -28.23
CA ALA A 408 -9.11 6.35 -26.82
C ALA A 408 -8.24 5.11 -26.64
N PRO A 409 -7.38 5.06 -25.62
CA PRO A 409 -6.56 3.87 -25.41
C PRO A 409 -7.39 2.68 -24.97
N GLY A 410 -7.36 1.62 -25.77
CA GLY A 410 -7.94 0.34 -25.41
C GLY A 410 -9.43 0.21 -25.64
N GLN A 411 -10.10 1.24 -26.15
CA GLN A 411 -11.55 1.19 -26.32
C GLN A 411 -11.94 0.25 -27.46
N THR A 412 -13.22 -0.09 -27.51
CA THR A 412 -13.77 -0.98 -28.51
C THR A 412 -14.97 -0.30 -29.18
N GLY A 413 -15.23 -0.70 -30.42
CA GLY A 413 -16.33 -0.12 -31.16
C GLY A 413 -16.36 -0.67 -32.56
N ASN A 414 -17.26 -0.10 -33.37
CA ASN A 414 -17.35 -0.50 -34.77
C ASN A 414 -16.13 -0.05 -35.57
N ILE A 415 -15.58 1.12 -35.27
CA ILE A 415 -14.37 1.61 -35.93
C ILE A 415 -13.12 1.44 -35.09
N ALA A 416 -13.26 1.15 -33.79
CA ALA A 416 -12.12 1.07 -32.90
C ALA A 416 -11.33 -0.23 -33.02
N ASP A 417 -11.83 -1.18 -33.79
CA ASP A 417 -11.16 -2.48 -33.94
C ASP A 417 -10.76 -2.78 -35.37
N TYR A 418 -11.59 -2.42 -36.35
CA TYR A 418 -11.36 -2.76 -37.75
C TYR A 418 -10.87 -1.58 -38.58
N ASN A 419 -10.74 -0.40 -37.99
CA ASN A 419 -10.36 0.77 -38.77
C ASN A 419 -9.15 1.51 -38.22
N TYR A 420 -9.03 1.62 -36.89
CA TYR A 420 -7.92 2.32 -36.28
C TYR A 420 -7.79 1.87 -34.84
N LYS A 421 -6.60 1.40 -34.47
CA LYS A 421 -6.34 0.89 -33.13
C LYS A 421 -5.18 1.66 -32.51
N LEU A 422 -5.35 2.02 -31.24
CA LEU A 422 -4.32 2.74 -30.51
C LEU A 422 -3.62 1.82 -29.51
N PRO A 423 -2.34 2.06 -29.23
CA PRO A 423 -1.69 1.34 -28.12
C PRO A 423 -2.23 1.82 -26.78
N ASP A 424 -2.08 0.96 -25.77
CA ASP A 424 -2.56 1.29 -24.45
C ASP A 424 -1.71 2.38 -23.79
N ASP A 425 -0.44 2.47 -24.15
CA ASP A 425 0.48 3.46 -23.61
C ASP A 425 0.62 4.68 -24.51
N PHE A 426 -0.45 5.04 -25.22
CA PHE A 426 -0.40 6.16 -26.16
C PHE A 426 -0.27 7.48 -25.42
N THR A 427 0.52 8.38 -26.00
CA THR A 427 0.71 9.72 -25.46
C THR A 427 0.50 10.75 -26.57
N GLY A 428 0.18 11.96 -26.16
CA GLY A 428 -0.06 13.05 -27.09
C GLY A 428 -1.53 13.43 -27.16
N CYS A 429 -1.76 14.67 -27.59
CA CYS A 429 -3.10 15.22 -27.65
C CYS A 429 -3.87 14.64 -28.83
N VAL A 430 -5.18 14.87 -28.81
CA VAL A 430 -6.07 14.53 -29.92
C VAL A 430 -6.92 15.75 -30.23
N ILE A 431 -7.12 16.02 -31.53
CA ILE A 431 -7.80 17.23 -31.98
C ILE A 431 -8.95 16.81 -32.89
N ALA A 432 -10.14 17.35 -32.61
CA ALA A 432 -11.31 17.12 -33.45
C ALA A 432 -12.08 18.43 -33.59
N TRP A 433 -12.66 18.65 -34.77
CA TRP A 433 -13.43 19.85 -35.01
C TRP A 433 -14.42 19.60 -36.14
N ASN A 434 -15.43 20.47 -36.22
CA ASN A 434 -16.52 20.30 -37.17
C ASN A 434 -16.08 20.65 -38.59
N SER A 435 -16.53 19.86 -39.55
CA SER A 435 -16.29 20.07 -40.98
C SER A 435 -17.61 19.99 -41.74
N ASN A 436 -18.63 20.67 -41.23
CA ASN A 436 -19.96 20.60 -41.83
C ASN A 436 -20.01 21.28 -43.19
N LYS A 437 -19.10 22.22 -43.45
CA LYS A 437 -19.07 22.92 -44.72
C LYS A 437 -18.11 22.29 -45.73
N LEU A 438 -17.13 21.51 -45.26
CA LEU A 438 -16.08 21.01 -46.15
C LEU A 438 -16.40 19.63 -46.71
N ASP A 439 -16.53 18.63 -45.82
CA ASP A 439 -16.80 17.25 -46.25
C ASP A 439 -18.29 16.96 -46.06
N SER A 440 -19.11 17.54 -46.93
CA SER A 440 -20.54 17.34 -46.85
C SER A 440 -21.17 17.61 -48.21
N LYS A 441 -22.17 16.82 -48.56
CA LYS A 441 -22.94 16.98 -49.78
C LYS A 441 -24.42 16.95 -49.45
N VAL A 442 -25.24 17.54 -50.32
CA VAL A 442 -26.67 17.63 -50.08
C VAL A 442 -27.31 16.24 -50.09
N SER A 443 -27.01 15.45 -51.12
CA SER A 443 -27.47 14.07 -51.18
C SER A 443 -26.51 13.11 -50.47
N GLY A 444 -25.38 13.59 -50.00
CA GLY A 444 -24.42 12.78 -49.27
C GLY A 444 -23.21 12.45 -50.12
N ASN A 445 -22.06 12.33 -49.46
CA ASN A 445 -20.82 11.94 -50.11
C ASN A 445 -20.59 10.45 -49.92
N TYR A 446 -20.20 9.77 -50.99
CA TYR A 446 -19.98 8.32 -50.96
C TYR A 446 -18.52 7.97 -51.23
N ASN A 447 -17.61 8.95 -51.14
CA ASN A 447 -16.20 8.72 -51.38
C ASN A 447 -15.41 8.45 -50.10
N TYR A 448 -16.08 8.45 -48.95
CA TYR A 448 -15.43 8.20 -47.67
C TYR A 448 -15.93 6.86 -47.13
N LEU A 449 -14.98 5.94 -46.89
CA LEU A 449 -15.28 4.55 -46.61
C LEU A 449 -14.74 4.12 -45.26
N TYR A 450 -15.47 3.24 -44.59
CA TYR A 450 -14.99 2.59 -43.38
C TYR A 450 -15.35 1.11 -43.43
N ARG A 451 -14.40 0.27 -43.04
CA ARG A 451 -14.59 -1.17 -43.08
C ARG A 451 -15.51 -1.63 -41.96
N LEU A 452 -16.18 -2.75 -42.19
CA LEU A 452 -17.07 -3.35 -41.21
C LEU A 452 -16.72 -4.78 -40.84
N PHE A 453 -16.21 -5.58 -41.78
CA PHE A 453 -15.94 -6.99 -41.57
C PHE A 453 -14.46 -7.27 -41.82
N ARG A 454 -13.88 -8.09 -40.96
CA ARG A 454 -12.51 -8.57 -41.15
C ARG A 454 -12.35 -9.89 -40.42
N LYS A 455 -11.30 -10.63 -40.79
CA LYS A 455 -11.04 -11.93 -40.17
C LYS A 455 -10.61 -11.77 -38.71
N SER A 456 -9.95 -10.66 -38.38
CA SER A 456 -9.48 -10.42 -37.02
C SER A 456 -9.34 -8.92 -36.80
N LYS A 457 -9.25 -8.53 -35.54
CA LYS A 457 -9.09 -7.12 -35.20
C LYS A 457 -7.68 -6.65 -35.54
N LEU A 458 -7.51 -5.33 -35.58
CA LEU A 458 -6.27 -4.73 -36.02
C LEU A 458 -5.32 -4.50 -34.83
N LYS A 459 -4.03 -4.64 -35.11
CA LYS A 459 -3.01 -4.24 -34.16
C LYS A 459 -2.95 -2.72 -34.07
N PRO A 460 -2.41 -2.18 -32.98
CA PRO A 460 -2.24 -0.72 -32.90
C PRO A 460 -1.29 -0.21 -33.98
N PHE A 461 -1.67 0.94 -34.57
CA PHE A 461 -0.93 1.60 -35.65
C PHE A 461 -0.69 0.66 -36.83
N GLU A 462 -1.73 -0.08 -37.21
CA GLU A 462 -1.67 -1.03 -38.31
C GLU A 462 -2.70 -0.65 -39.37
N ARG A 463 -2.25 -0.53 -40.61
CA ARG A 463 -3.13 -0.23 -41.74
C ARG A 463 -3.28 -1.48 -42.59
N ASP A 464 -4.53 -1.81 -42.94
CA ASP A 464 -4.87 -3.07 -43.58
C ASP A 464 -5.80 -2.84 -44.78
N ILE A 465 -5.40 -1.94 -45.67
CA ILE A 465 -6.17 -1.72 -46.90
C ILE A 465 -6.12 -2.97 -47.78
N SER A 466 -7.29 -3.44 -48.20
CA SER A 466 -7.40 -4.64 -49.01
C SER A 466 -8.76 -4.63 -49.70
N THR A 467 -8.79 -5.07 -50.95
CA THR A 467 -10.02 -5.22 -51.72
C THR A 467 -10.29 -6.71 -51.88
N GLU A 468 -11.28 -7.23 -51.16
CA GLU A 468 -11.58 -8.65 -51.17
C GLU A 468 -13.02 -8.84 -50.71
N ILE A 469 -13.55 -10.03 -50.97
CA ILE A 469 -14.87 -10.41 -50.48
C ILE A 469 -14.67 -11.26 -49.23
N TYR A 470 -15.70 -11.29 -48.38
CA TYR A 470 -15.64 -11.99 -47.10
C TYR A 470 -16.37 -13.32 -47.24
N GLN A 471 -15.68 -14.41 -46.91
CA GLN A 471 -16.27 -15.75 -46.96
C GLN A 471 -16.95 -16.02 -45.63
N ALA A 472 -18.27 -15.92 -45.61
CA ALA A 472 -19.06 -16.17 -44.40
C ALA A 472 -20.14 -17.19 -44.72
N GLY A 473 -20.37 -18.11 -43.79
CA GLY A 473 -21.38 -19.13 -43.97
C GLY A 473 -20.84 -20.40 -44.62
N ASN A 474 -21.61 -20.96 -45.55
CA ASN A 474 -21.22 -22.19 -46.24
C ASN A 474 -21.09 -21.98 -47.75
N LYS A 475 -20.89 -20.73 -48.19
CA LYS A 475 -20.72 -20.46 -49.61
C LYS A 475 -19.26 -20.21 -49.90
N PRO A 476 -18.56 -21.13 -50.56
CA PRO A 476 -17.14 -20.92 -50.90
C PRO A 476 -16.98 -19.93 -52.05
N CYS A 477 -17.05 -18.64 -51.71
CA CYS A 477 -16.97 -17.60 -52.72
C CYS A 477 -15.56 -17.46 -53.26
N ASN A 478 -15.45 -17.50 -54.59
CA ASN A 478 -14.19 -17.33 -55.30
C ASN A 478 -14.25 -16.06 -56.15
N GLY A 479 -14.80 -14.99 -55.58
CA GLY A 479 -15.08 -13.78 -56.32
C GLY A 479 -16.49 -13.68 -56.85
N VAL A 480 -17.33 -14.68 -56.62
CA VAL A 480 -18.72 -14.62 -57.06
C VAL A 480 -19.50 -13.59 -56.25
N ALA A 481 -19.18 -13.44 -54.97
CA ALA A 481 -19.79 -12.45 -54.06
C ALA A 481 -21.31 -12.59 -53.98
N GLY A 482 -21.76 -13.81 -53.70
CA GLY A 482 -23.17 -14.09 -53.53
C GLY A 482 -23.68 -13.67 -52.17
N PHE A 483 -24.75 -14.34 -51.73
CA PHE A 483 -25.28 -14.08 -50.39
C PHE A 483 -24.32 -14.58 -49.32
N ASN A 484 -24.29 -13.88 -48.19
CA ASN A 484 -23.34 -14.07 -47.09
C ASN A 484 -21.89 -13.93 -47.55
N CYS A 485 -21.68 -13.20 -48.64
CA CYS A 485 -20.35 -12.84 -49.13
C CYS A 485 -20.41 -11.34 -49.34
N TYR A 486 -20.12 -10.59 -48.28
CA TYR A 486 -20.45 -9.18 -48.19
C TYR A 486 -19.22 -8.34 -48.46
N PHE A 487 -19.43 -7.17 -49.06
CA PHE A 487 -18.35 -6.22 -49.26
C PHE A 487 -18.02 -5.57 -47.92
N PRO A 488 -16.79 -5.72 -47.40
CA PRO A 488 -16.50 -5.22 -46.05
C PRO A 488 -16.44 -3.71 -45.95
N LEU A 489 -16.25 -3.00 -47.07
CA LEU A 489 -16.17 -1.54 -47.06
C LEU A 489 -17.54 -0.98 -47.35
N GLN A 490 -18.09 -0.24 -46.39
CA GLN A 490 -19.43 0.32 -46.49
C GLN A 490 -19.33 1.84 -46.39
N SER A 491 -20.07 2.53 -47.26
CA SER A 491 -19.90 3.97 -47.43
C SER A 491 -20.48 4.75 -46.26
N TYR A 492 -20.11 6.03 -46.19
CA TYR A 492 -20.57 6.88 -45.11
C TYR A 492 -22.03 7.28 -45.31
N GLY A 493 -22.36 7.87 -46.45
CA GLY A 493 -23.71 8.35 -46.67
C GLY A 493 -24.04 9.58 -45.85
N PHE A 494 -23.41 10.71 -46.18
CA PHE A 494 -23.57 11.94 -45.42
C PHE A 494 -24.99 12.48 -45.53
N ARG A 495 -25.31 13.41 -44.64
CA ARG A 495 -26.60 14.09 -44.62
C ARG A 495 -26.46 15.46 -43.93
N PRO A 496 -26.71 16.55 -44.66
CA PRO A 496 -26.48 17.88 -44.09
C PRO A 496 -27.67 18.43 -43.30
N THR A 497 -28.85 17.87 -43.54
CA THR A 497 -30.06 18.29 -42.84
C THR A 497 -30.21 17.64 -41.47
N TYR A 498 -29.38 16.66 -41.16
CA TYR A 498 -29.40 15.99 -39.87
C TYR A 498 -28.55 16.76 -38.86
N GLY A 499 -28.92 16.63 -37.59
CA GLY A 499 -28.22 17.31 -36.51
C GLY A 499 -26.95 16.62 -36.10
N VAL A 500 -26.63 16.72 -34.80
CA VAL A 500 -25.41 16.10 -34.27
C VAL A 500 -25.61 14.60 -34.20
N GLY A 501 -24.58 13.85 -34.60
CA GLY A 501 -24.64 12.40 -34.61
C GLY A 501 -24.13 11.81 -35.91
N HIS A 502 -24.41 12.50 -37.02
CA HIS A 502 -23.86 12.15 -38.31
C HIS A 502 -23.10 13.32 -38.94
N GLN A 503 -22.71 14.29 -38.12
CA GLN A 503 -22.02 15.46 -38.59
C GLN A 503 -20.60 15.11 -39.06
N PRO A 504 -20.09 15.82 -40.07
CA PRO A 504 -18.69 15.62 -40.49
C PRO A 504 -17.74 16.28 -39.50
N TYR A 505 -17.02 15.46 -38.73
CA TYR A 505 -15.98 15.94 -37.85
C TYR A 505 -14.63 15.47 -38.36
N ARG A 506 -13.67 16.38 -38.41
CA ARG A 506 -12.33 16.10 -38.89
C ARG A 506 -11.40 15.93 -37.70
N VAL A 507 -10.71 14.80 -37.65
CA VAL A 507 -9.92 14.40 -36.49
C VAL A 507 -8.46 14.24 -36.92
N VAL A 508 -7.56 14.88 -36.19
CA VAL A 508 -6.12 14.67 -36.33
C VAL A 508 -5.56 14.32 -34.96
N VAL A 509 -4.60 13.41 -34.94
CA VAL A 509 -3.94 13.00 -33.70
C VAL A 509 -2.45 13.26 -33.82
N LEU A 510 -1.81 13.39 -32.67
CA LEU A 510 -0.37 13.56 -32.59
C LEU A 510 0.18 12.52 -31.63
N SER A 511 1.20 11.78 -32.06
CA SER A 511 1.75 10.65 -31.31
C SER A 511 3.20 10.96 -30.98
N PHE A 512 3.42 11.53 -29.80
CA PHE A 512 4.76 11.87 -29.35
C PHE A 512 5.47 10.64 -28.80
N GLU A 513 6.75 10.83 -28.46
CA GLU A 513 7.52 9.83 -27.73
C GLU A 513 8.68 10.53 -27.05
N LEU A 514 9.20 9.90 -25.99
CA LEU A 514 10.34 10.41 -25.23
C LEU A 514 11.38 9.30 -25.20
N LEU A 515 12.30 9.34 -26.16
CA LEU A 515 13.36 8.35 -26.28
C LEU A 515 14.72 9.03 -26.18
N HIS A 516 15.68 8.31 -25.64
CA HIS A 516 17.03 8.85 -25.46
C HIS A 516 17.75 8.78 -26.80
N ALA A 517 17.83 9.93 -27.47
CA ALA A 517 18.29 10.02 -28.85
C ALA A 517 18.61 11.49 -29.14
N PRO A 518 19.25 11.78 -30.29
CA PRO A 518 19.32 13.18 -30.73
C PRO A 518 17.95 13.82 -30.91
N ALA A 519 17.64 14.81 -30.08
CA ALA A 519 16.38 15.53 -30.19
C ALA A 519 16.37 16.35 -31.47
N THR A 520 15.23 16.34 -32.15
CA THR A 520 15.13 16.92 -33.48
C THR A 520 14.18 18.11 -33.54
N VAL A 521 12.99 17.97 -32.98
CA VAL A 521 12.03 19.07 -32.90
C VAL A 521 12.11 19.68 -31.51
N CYS A 522 12.38 20.99 -31.44
CA CYS A 522 12.37 21.67 -30.15
C CYS A 522 11.71 23.03 -30.26
N GLY A 523 11.28 23.53 -29.08
CA GLY A 523 10.41 24.68 -28.98
C GLY A 523 11.12 26.02 -28.97
N PRO A 524 10.43 27.04 -28.49
CA PRO A 524 10.88 28.44 -28.68
C PRO A 524 11.71 29.03 -27.54
N LYS A 525 12.12 28.25 -26.54
CA LYS A 525 12.87 28.83 -25.43
C LYS A 525 14.27 29.24 -25.87
N LYS A 526 14.74 30.36 -25.33
CA LYS A 526 16.03 30.91 -25.74
C LYS A 526 17.18 30.19 -25.06
N SER A 527 18.31 30.12 -25.76
CA SER A 527 19.52 29.56 -25.19
C SER A 527 20.22 30.60 -24.31
N THR A 528 20.91 30.12 -23.28
CA THR A 528 21.61 30.98 -22.34
C THR A 528 23.07 30.53 -22.28
N ASN A 529 23.82 31.10 -21.34
CA ASN A 529 25.23 30.79 -21.19
C ASN A 529 25.41 29.54 -20.34
N LEU A 530 26.66 29.24 -19.99
CA LEU A 530 27.00 28.07 -19.19
C LEU A 530 27.84 28.51 -18.00
N VAL A 531 27.54 27.94 -16.84
CA VAL A 531 28.22 28.27 -15.58
C VAL A 531 28.89 27.01 -15.05
N LYS A 532 30.17 27.10 -14.72
CA LYS A 532 30.94 25.98 -14.21
C LYS A 532 31.18 26.14 -12.72
N ASN A 533 31.11 25.01 -12.00
CA ASN A 533 31.42 24.92 -10.57
C ASN A 533 30.54 25.86 -9.73
N LYS A 534 29.24 25.80 -9.97
CA LYS A 534 28.28 26.56 -9.17
C LYS A 534 26.96 25.79 -9.15
N CYS A 535 26.32 25.77 -7.97
CA CYS A 535 25.09 25.02 -7.78
C CYS A 535 23.97 25.74 -8.52
N VAL A 536 23.63 25.24 -9.71
CA VAL A 536 22.69 25.90 -10.61
C VAL A 536 21.63 24.88 -11.04
N ASN A 537 20.72 25.34 -11.90
CA ASN A 537 19.73 24.48 -12.54
C ASN A 537 20.03 24.38 -14.03
N PHE A 538 19.75 23.23 -14.61
CA PHE A 538 20.02 23.00 -16.03
C PHE A 538 18.79 22.41 -16.70
N ASN A 539 18.65 22.69 -18.00
CA ASN A 539 17.55 22.22 -18.83
C ASN A 539 18.08 21.70 -20.16
N PHE A 540 19.10 20.84 -20.08
CA PHE A 540 19.76 20.29 -21.27
C PHE A 540 18.80 19.35 -22.00
N ASN A 541 18.25 19.82 -23.12
CA ASN A 541 17.40 19.02 -24.02
C ASN A 541 16.16 18.48 -23.31
N GLY A 542 15.65 19.24 -22.35
CA GLY A 542 14.49 18.83 -21.57
C GLY A 542 14.80 17.98 -20.37
N LEU A 543 16.05 17.56 -20.19
CA LEU A 543 16.45 16.75 -19.05
C LEU A 543 16.77 17.71 -17.91
N THR A 544 15.73 18.08 -17.15
CA THR A 544 15.88 19.06 -16.09
C THR A 544 16.54 18.43 -14.87
N GLY A 545 17.03 19.29 -13.98
CA GLY A 545 17.67 18.84 -12.76
C GLY A 545 18.59 19.91 -12.21
N THR A 546 19.06 19.67 -10.99
CA THR A 546 19.94 20.57 -10.29
C THR A 546 21.27 19.88 -10.01
N GLY A 547 22.35 20.66 -10.02
CA GLY A 547 23.66 20.09 -9.76
C GLY A 547 24.76 21.09 -10.08
N VAL A 548 25.96 20.55 -10.28
CA VAL A 548 27.16 21.33 -10.56
C VAL A 548 27.77 20.78 -11.84
N LEU A 549 27.95 21.65 -12.83
CA LEU A 549 28.52 21.25 -14.11
C LEU A 549 30.02 21.53 -14.12
N THR A 550 30.82 20.50 -14.40
CA THR A 550 32.27 20.64 -14.41
C THR A 550 32.87 20.06 -15.68
N GLU A 551 34.21 19.99 -15.72
CA GLU A 551 34.89 19.40 -16.86
C GLU A 551 34.88 17.87 -16.75
N SER A 552 35.12 17.21 -17.88
CA SER A 552 35.07 15.77 -17.94
C SER A 552 36.26 15.24 -18.72
N ASN A 553 36.59 13.97 -18.45
CA ASN A 553 37.66 13.28 -19.15
C ASN A 553 37.15 12.00 -19.82
N LYS A 554 35.84 11.88 -20.02
CA LYS A 554 35.28 10.72 -20.67
C LYS A 554 35.58 10.75 -22.17
N LYS A 555 35.44 9.57 -22.79
CA LYS A 555 35.69 9.40 -24.22
C LYS A 555 34.38 8.97 -24.88
N PHE A 556 33.57 9.94 -25.28
CA PHE A 556 32.29 9.66 -25.91
C PHE A 556 32.50 9.38 -27.39
N LEU A 557 31.86 8.32 -27.88
CA LEU A 557 31.82 8.05 -29.30
C LEU A 557 30.84 9.00 -29.97
N PRO A 558 30.98 9.24 -31.28
CA PRO A 558 30.10 10.22 -31.96
C PRO A 558 28.62 9.89 -31.92
N PHE A 559 28.24 8.62 -31.76
CA PHE A 559 26.84 8.27 -31.62
C PHE A 559 26.38 8.27 -30.17
N GLN A 560 27.24 8.60 -29.22
CA GLN A 560 26.90 8.59 -27.80
C GLN A 560 26.54 10.00 -27.36
N GLN A 561 25.40 10.14 -26.68
CA GLN A 561 24.95 11.42 -26.18
C GLN A 561 24.83 11.46 -24.66
N PHE A 562 24.09 10.53 -24.07
CA PHE A 562 23.84 10.55 -22.64
C PHE A 562 24.95 9.79 -21.91
N GLY A 563 24.74 9.53 -20.63
CA GLY A 563 25.66 8.73 -19.84
C GLY A 563 25.06 8.36 -18.50
N ARG A 564 25.10 7.08 -18.15
CA ARG A 564 24.48 6.59 -16.94
C ARG A 564 25.50 5.90 -16.05
N ASP A 565 25.31 6.03 -14.75
CA ASP A 565 26.15 5.35 -13.76
C ASP A 565 25.57 3.96 -13.49
N ILE A 566 26.05 3.33 -12.41
CA ILE A 566 25.56 2.00 -12.03
C ILE A 566 24.07 2.06 -11.67
N ALA A 567 23.66 3.09 -10.94
CA ALA A 567 22.29 3.20 -10.43
C ALA A 567 21.30 3.70 -11.48
N ASP A 568 21.68 3.74 -12.75
CA ASP A 568 20.84 4.19 -13.87
C ASP A 568 20.33 5.62 -13.64
N THR A 569 21.28 6.54 -13.56
CA THR A 569 21.00 7.95 -13.38
C THR A 569 22.01 8.73 -14.22
N THR A 570 21.55 9.86 -14.79
CA THR A 570 22.39 10.63 -15.70
C THR A 570 23.60 11.21 -14.97
N ASP A 571 24.78 10.97 -15.54
CA ASP A 571 26.04 11.40 -14.93
C ASP A 571 26.94 12.17 -15.87
N ALA A 572 26.68 12.17 -17.17
CA ALA A 572 27.49 12.91 -18.13
C ALA A 572 26.62 13.25 -19.34
N VAL A 573 26.48 14.54 -19.62
CA VAL A 573 25.63 15.02 -20.70
C VAL A 573 26.49 15.82 -21.67
N ARG A 574 26.42 15.46 -22.94
CA ARG A 574 27.12 16.21 -23.98
C ARG A 574 26.42 17.53 -24.24
N ASP A 575 27.21 18.60 -24.34
CA ASP A 575 26.68 19.93 -24.63
C ASP A 575 26.19 19.96 -26.08
N PRO A 576 24.91 20.24 -26.33
CA PRO A 576 24.39 20.17 -27.71
C PRO A 576 24.99 21.19 -28.67
N GLN A 577 25.29 22.41 -28.22
CA GLN A 577 25.79 23.45 -29.10
C GLN A 577 27.32 23.57 -29.06
N THR A 578 27.99 22.68 -28.34
CA THR A 578 29.45 22.72 -28.25
C THR A 578 30.10 21.37 -28.47
N LEU A 579 29.37 20.26 -28.29
CA LEU A 579 29.87 18.89 -28.43
C LEU A 579 31.06 18.62 -27.52
N GLU A 580 30.99 19.14 -26.29
CA GLU A 580 31.95 18.82 -25.25
C GLU A 580 31.28 17.94 -24.20
N ILE A 581 32.11 17.39 -23.31
CA ILE A 581 31.65 16.43 -22.31
C ILE A 581 31.73 17.07 -20.93
N LEU A 582 30.69 16.86 -20.14
CA LEU A 582 30.59 17.41 -18.79
C LEU A 582 30.41 16.27 -17.79
N ASP A 583 30.17 16.63 -16.53
CA ASP A 583 29.98 15.66 -15.47
C ASP A 583 29.04 16.28 -14.44
N ILE A 584 27.80 15.83 -14.43
CA ILE A 584 26.78 16.37 -13.53
C ILE A 584 26.97 15.76 -12.16
N THR A 585 27.12 16.61 -11.14
CA THR A 585 27.25 16.16 -9.77
C THR A 585 26.34 17.01 -8.89
N PRO A 586 25.48 16.39 -8.06
CA PRO A 586 24.58 17.17 -7.22
C PRO A 586 25.33 17.95 -6.15
N CYS A 587 24.64 18.97 -5.63
CA CYS A 587 25.23 19.91 -4.70
C CYS A 587 25.39 19.27 -3.31
N SER A 588 26.06 19.99 -2.42
CA SER A 588 26.43 19.44 -1.12
C SER A 588 25.22 19.26 -0.22
N PHE A 589 25.29 18.25 0.65
CA PHE A 589 24.21 17.91 1.57
C PHE A 589 24.80 17.08 2.70
N GLY A 590 24.02 16.94 3.77
CA GLY A 590 24.46 16.15 4.90
C GLY A 590 23.49 16.26 6.05
N GLY A 591 23.85 15.59 7.15
CA GLY A 591 23.05 15.58 8.34
C GLY A 591 23.53 16.57 9.39
N VAL A 592 22.62 16.95 10.29
CA VAL A 592 22.88 17.92 11.34
C VAL A 592 22.50 17.29 12.67
N SER A 593 23.39 17.35 13.64
CA SER A 593 23.14 16.82 14.98
C SER A 593 23.44 17.90 16.02
N VAL A 594 22.74 17.82 17.14
CA VAL A 594 22.85 18.80 18.22
C VAL A 594 23.36 18.08 19.46
N ILE A 595 24.46 18.57 20.02
CA ILE A 595 25.06 18.01 21.22
C ILE A 595 24.84 19.01 22.35
N THR A 596 24.07 18.64 23.35
CA THR A 596 23.74 19.52 24.46
C THR A 596 23.77 18.74 25.77
N PRO A 597 24.07 19.42 26.89
CA PRO A 597 23.83 18.81 28.21
C PRO A 597 22.36 18.89 28.59
N GLY A 598 22.05 18.61 29.86
CA GLY A 598 20.66 18.68 30.30
C GLY A 598 20.12 20.09 30.20
N THR A 599 18.82 20.20 29.90
CA THR A 599 18.19 21.48 29.66
C THR A 599 18.18 22.34 30.92
N ASN A 600 17.82 21.76 32.06
CA ASN A 600 17.82 22.50 33.31
C ASN A 600 19.22 22.76 33.85
N THR A 601 20.25 22.12 33.28
CA THR A 601 21.62 22.35 33.70
C THR A 601 22.19 23.60 33.03
N SER A 602 22.13 23.66 31.70
CA SER A 602 22.70 24.78 30.96
C SER A 602 21.90 25.00 29.69
N ASN A 603 22.31 26.01 28.91
CA ASN A 603 21.63 26.38 27.69
C ASN A 603 22.64 26.67 26.57
N GLN A 604 23.64 25.80 26.40
CA GLN A 604 24.60 25.92 25.32
C GLN A 604 24.70 24.58 24.59
N VAL A 605 24.94 24.66 23.28
CA VAL A 605 24.88 23.52 22.39
C VAL A 605 26.17 23.43 21.60
N ALA A 606 26.24 22.43 20.72
CA ALA A 606 27.37 22.27 19.81
C ALA A 606 26.87 21.48 18.60
N VAL A 607 26.72 22.17 17.47
CA VAL A 607 26.17 21.55 16.27
C VAL A 607 27.26 20.75 15.57
N LEU A 608 26.97 19.48 15.27
CA LEU A 608 27.90 18.61 14.54
C LEU A 608 27.42 18.54 13.09
N TYR A 609 28.12 19.22 12.20
CA TYR A 609 27.81 19.17 10.78
C TYR A 609 28.44 17.93 10.18
N GLN A 610 27.60 16.98 9.77
CA GLN A 610 28.05 15.68 9.30
C GLN A 610 28.25 15.67 7.79
N GLY A 611 28.95 14.64 7.32
CA GLY A 611 29.02 14.20 5.91
C GLY A 611 29.86 15.13 5.03
N VAL A 612 30.26 16.29 5.54
CA VAL A 612 30.94 17.30 4.73
C VAL A 612 32.31 17.62 5.33
N ASN A 613 33.29 17.81 4.45
CA ASN A 613 34.57 18.36 4.86
C ASN A 613 34.38 19.81 5.27
N CYS A 614 34.90 20.18 6.44
CA CYS A 614 34.59 21.49 7.00
C CYS A 614 35.44 22.59 6.40
N THR A 615 36.49 22.23 5.66
CA THR A 615 37.37 23.21 5.03
C THR A 615 36.90 23.56 3.62
N GLU A 616 36.72 22.56 2.75
CA GLU A 616 36.34 22.83 1.37
C GLU A 616 34.90 23.35 1.27
N VAL A 617 33.99 22.75 2.02
CA VAL A 617 32.59 23.18 2.05
C VAL A 617 32.17 23.50 3.49
N PRO A 618 32.60 24.65 4.03
CA PRO A 618 32.26 24.98 5.42
C PRO A 618 30.79 25.26 5.65
N VAL A 619 30.08 25.72 4.62
CA VAL A 619 28.64 26.01 4.66
C VAL A 619 28.26 26.98 5.78
N ARG A 631 21.70 30.83 12.45
CA ARG A 631 22.99 30.60 11.82
C ARG A 631 24.12 30.66 12.83
N VAL A 632 24.59 29.48 13.25
CA VAL A 632 25.73 29.38 14.17
C VAL A 632 27.05 29.32 13.40
N TYR A 633 27.00 29.40 12.07
CA TYR A 633 28.18 29.23 11.23
C TYR A 633 29.20 30.34 11.46
N SER A 634 30.48 29.97 11.42
CA SER A 634 31.62 30.86 11.58
C SER A 634 31.57 31.60 12.93
N THR A 635 31.60 30.82 13.99
CA THR A 635 31.55 31.35 15.36
C THR A 635 32.93 31.14 15.98
N GLY A 636 33.80 32.13 15.79
CA GLY A 636 35.12 32.15 16.40
C GLY A 636 36.03 31.04 15.88
N SER A 637 37.07 30.77 16.67
CA SER A 637 37.98 29.66 16.40
C SER A 637 37.56 28.40 17.15
N ASN A 638 36.31 28.01 16.96
CA ASN A 638 35.72 26.85 17.64
C ASN A 638 35.39 25.75 16.65
N VAL A 639 36.30 25.49 15.72
CA VAL A 639 36.11 24.49 14.67
C VAL A 639 37.13 23.39 14.88
N PHE A 640 36.66 22.16 15.00
CA PHE A 640 37.52 20.98 15.17
C PHE A 640 37.02 19.90 14.22
N GLN A 641 37.80 19.62 13.18
CA GLN A 641 37.43 18.62 12.20
C GLN A 641 37.56 17.21 12.79
N THR A 642 36.53 16.39 12.58
CA THR A 642 36.53 14.99 12.97
C THR A 642 36.57 14.12 11.72
N ARG A 643 36.48 12.80 11.93
CA ARG A 643 36.35 11.90 10.79
C ARG A 643 34.93 11.90 10.25
N ALA A 644 33.93 12.11 11.11
CA ALA A 644 32.54 12.08 10.67
C ALA A 644 32.06 13.40 10.10
N GLY A 645 32.65 14.52 10.50
CA GLY A 645 32.20 15.80 10.00
C GLY A 645 32.85 16.95 10.75
N CYS A 646 32.24 18.13 10.61
CA CYS A 646 32.77 19.36 11.19
C CYS A 646 31.99 19.69 12.46
N LEU A 647 32.71 19.84 13.57
CA LEU A 647 32.11 20.07 14.89
C LEU A 647 32.20 21.56 15.20
N ILE A 648 31.07 22.24 15.14
CA ILE A 648 30.99 23.69 15.37
C ILE A 648 30.42 23.91 16.76
N GLY A 649 31.14 24.69 17.57
CA GLY A 649 30.69 25.03 18.91
C GLY A 649 31.48 24.43 20.04
N ALA A 650 32.56 23.73 19.76
CA ALA A 650 33.39 23.13 20.80
C ALA A 650 34.86 23.35 20.44
N GLU A 651 35.75 22.77 21.26
CA GLU A 651 37.17 22.86 21.02
C GLU A 651 37.83 21.59 21.53
N TYR A 652 38.96 21.24 20.94
CA TYR A 652 39.62 19.96 21.18
C TYR A 652 40.68 20.11 22.25
N VAL A 653 40.42 19.56 23.42
CA VAL A 653 41.46 19.43 24.44
C VAL A 653 42.18 18.12 24.20
N ASN A 654 43.38 17.98 24.78
CA ASN A 654 44.24 16.84 24.51
C ASN A 654 44.60 16.09 25.80
N ASN A 655 43.70 16.13 26.79
CA ASN A 655 43.75 15.21 27.91
C ASN A 655 42.91 13.98 27.54
N SER A 656 42.62 13.12 28.52
CA SER A 656 41.87 11.91 28.24
C SER A 656 41.12 11.47 29.49
N TYR A 657 39.79 11.50 29.43
CA TYR A 657 38.92 11.07 30.51
C TYR A 657 37.89 10.10 29.98
N GLU A 658 37.15 9.48 30.89
CA GLU A 658 35.97 8.72 30.50
C GLU A 658 34.88 9.69 30.06
N CYS A 659 34.14 9.33 29.02
CA CYS A 659 33.31 10.30 28.33
C CYS A 659 31.82 10.04 28.58
N ASP A 660 31.04 11.11 28.41
CA ASP A 660 29.60 11.08 28.64
C ASP A 660 28.81 10.91 27.36
N ILE A 661 28.99 11.81 26.39
CA ILE A 661 28.22 11.82 25.15
C ILE A 661 29.11 11.24 24.05
N PRO A 662 28.78 10.08 23.49
CA PRO A 662 29.52 9.58 22.33
C PRO A 662 29.26 10.44 21.09
N ILE A 663 30.28 10.54 20.24
CA ILE A 663 30.21 11.32 19.01
C ILE A 663 30.49 10.44 17.79
N GLY A 664 31.60 9.71 17.81
CA GLY A 664 31.95 8.82 16.72
C GLY A 664 33.40 8.93 16.31
N ALA A 665 33.97 7.80 15.86
CA ALA A 665 35.34 7.69 15.37
C ALA A 665 36.36 8.15 16.41
N GLY A 666 36.18 7.72 17.65
CA GLY A 666 37.14 8.02 18.69
C GLY A 666 37.02 9.39 19.31
N ILE A 667 35.83 9.96 19.37
CA ILE A 667 35.60 11.30 19.89
C ILE A 667 34.42 11.25 20.84
N CYS A 668 34.57 11.85 22.02
CA CYS A 668 33.47 12.09 22.94
C CYS A 668 33.50 13.54 23.42
N ALA A 669 32.34 14.03 23.85
CA ALA A 669 32.20 15.38 24.37
C ALA A 669 31.57 15.33 25.75
N SER A 670 31.91 16.32 26.57
CA SER A 670 31.36 16.44 27.91
C SER A 670 31.35 17.91 28.31
N TYR A 671 30.48 18.23 29.27
CA TYR A 671 30.31 19.59 29.77
C TYR A 671 31.18 19.75 31.01
N GLN A 672 32.18 20.63 30.93
CA GLN A 672 33.13 20.83 32.01
C GLN A 672 33.23 22.30 32.35
N THR A 673 33.67 22.57 33.58
CA THR A 673 33.87 23.94 34.06
C THR A 673 35.34 24.27 34.02
N GLN A 674 35.69 25.36 33.35
CA GLN A 674 37.09 25.77 33.22
C GLN A 674 37.61 26.38 34.51
N SER A 686 34.29 30.40 31.50
CA SER A 686 34.38 29.53 32.67
C SER A 686 33.66 28.20 32.41
N GLN A 687 32.65 28.24 31.55
CA GLN A 687 31.88 27.05 31.19
C GLN A 687 31.87 26.91 29.68
N SER A 688 32.18 25.71 29.20
CA SER A 688 32.24 25.44 27.77
C SER A 688 32.06 23.94 27.54
N ILE A 689 31.88 23.58 26.28
CA ILE A 689 31.72 22.19 25.86
C ILE A 689 33.01 21.77 25.17
N ILE A 690 33.65 20.72 25.67
CA ILE A 690 34.95 20.27 25.19
C ILE A 690 34.82 18.85 24.66
N ALA A 691 35.41 18.61 23.50
CA ALA A 691 35.44 17.29 22.88
C ALA A 691 36.89 16.78 22.85
N TYR A 692 37.06 15.50 23.15
CA TYR A 692 38.41 14.95 23.28
C TYR A 692 38.40 13.50 22.80
N THR A 693 39.50 12.80 23.04
CA THR A 693 39.67 11.41 22.67
C THR A 693 39.56 10.54 23.91
N MET A 694 38.88 9.40 23.79
CA MET A 694 38.50 8.60 24.95
C MET A 694 39.71 7.97 25.63
N SER A 695 39.62 7.86 26.95
CA SER A 695 40.52 7.05 27.74
C SER A 695 39.73 5.85 28.26
N LEU A 696 40.32 4.66 28.15
CA LEU A 696 39.65 3.43 28.55
C LEU A 696 40.14 2.96 29.91
N GLY A 697 40.39 3.91 30.80
CA GLY A 697 41.05 3.65 32.06
C GLY A 697 42.54 3.93 31.98
N ALA A 698 43.16 4.03 33.15
CA ALA A 698 44.59 4.28 33.21
C ALA A 698 45.36 3.06 32.74
N GLU A 699 46.40 3.31 31.93
CA GLU A 699 47.27 2.23 31.49
C GLU A 699 48.02 1.66 32.67
N ASN A 700 48.05 0.33 32.78
CA ASN A 700 48.63 -0.34 33.93
C ASN A 700 49.63 -1.38 33.45
N SER A 701 50.65 -1.61 34.26
CA SER A 701 51.72 -2.55 33.96
C SER A 701 51.69 -3.70 34.96
N VAL A 702 52.07 -4.87 34.48
CA VAL A 702 52.12 -6.08 35.29
C VAL A 702 53.53 -6.65 35.21
N ALA A 703 54.13 -6.88 36.38
CA ALA A 703 55.54 -7.28 36.46
C ALA A 703 55.64 -8.80 36.26
N TYR A 704 55.61 -9.20 34.98
CA TYR A 704 55.82 -10.60 34.64
C TYR A 704 57.27 -10.99 34.90
N SER A 705 57.46 -12.24 35.33
CA SER A 705 58.80 -12.78 35.58
C SER A 705 58.72 -14.29 35.52
N ASN A 706 59.86 -14.94 35.73
CA ASN A 706 59.90 -16.40 35.82
C ASN A 706 59.45 -16.91 37.17
N ASN A 707 59.22 -16.03 38.14
CA ASN A 707 58.90 -16.43 39.50
C ASN A 707 58.02 -15.35 40.12
N SER A 708 57.96 -15.34 41.45
CA SER A 708 57.33 -14.28 42.25
C SER A 708 55.83 -14.13 41.97
N ILE A 709 55.10 -15.18 42.33
CA ILE A 709 53.64 -15.15 42.37
C ILE A 709 53.16 -14.21 43.48
N ALA A 710 51.88 -13.82 43.41
CA ALA A 710 51.28 -12.92 44.39
C ALA A 710 49.94 -13.49 44.86
N ILE A 711 49.70 -13.43 46.16
CA ILE A 711 48.51 -14.02 46.76
C ILE A 711 47.77 -12.95 47.56
N PRO A 712 46.47 -12.77 47.36
CA PRO A 712 45.72 -11.83 48.19
C PRO A 712 45.62 -12.31 49.63
N THR A 713 45.55 -11.34 50.55
CA THR A 713 45.46 -11.61 51.97
C THR A 713 44.18 -11.09 52.60
N ASN A 714 43.31 -10.41 51.84
CA ASN A 714 42.05 -9.93 52.37
C ASN A 714 41.05 -9.85 51.23
N PHE A 715 39.77 -9.93 51.58
CA PHE A 715 38.71 -9.97 50.59
C PHE A 715 37.64 -8.93 50.91
N THR A 716 36.55 -8.96 50.14
CA THR A 716 35.44 -8.03 50.32
C THR A 716 34.21 -8.66 49.72
N ILE A 717 33.19 -8.89 50.54
CA ILE A 717 31.91 -9.38 50.05
C ILE A 717 31.09 -8.19 49.54
N SER A 718 30.62 -8.29 48.30
CA SER A 718 29.87 -7.22 47.67
C SER A 718 28.51 -7.75 47.20
N VAL A 719 27.54 -6.85 47.15
CA VAL A 719 26.20 -7.16 46.64
C VAL A 719 25.90 -6.20 45.50
N THR A 720 25.41 -6.74 44.39
CA THR A 720 25.09 -5.93 43.22
C THR A 720 23.65 -6.18 42.79
N THR A 721 23.26 -5.62 41.65
CA THR A 721 21.93 -5.82 41.10
C THR A 721 22.05 -6.30 39.66
N GLU A 722 20.99 -6.95 39.19
CA GLU A 722 20.91 -7.39 37.80
C GLU A 722 19.42 -7.47 37.46
N ILE A 723 18.97 -6.60 36.57
CA ILE A 723 17.55 -6.38 36.34
C ILE A 723 17.20 -6.89 34.95
N LEU A 724 16.15 -7.72 34.89
CA LEU A 724 15.70 -8.28 33.62
C LEU A 724 14.19 -8.09 33.47
N PRO A 725 13.71 -7.87 32.25
CA PRO A 725 12.27 -7.94 32.01
C PRO A 725 11.80 -9.39 31.92
N VAL A 726 10.54 -9.60 32.30
CA VAL A 726 9.97 -10.94 32.23
C VAL A 726 8.77 -10.96 31.29
N SER A 727 8.04 -9.84 31.20
CA SER A 727 6.82 -9.82 30.41
C SER A 727 6.44 -8.37 30.11
N MET A 728 5.50 -8.22 29.20
CA MET A 728 4.86 -6.94 28.90
C MET A 728 3.38 -7.05 29.18
N THR A 729 2.63 -6.01 28.82
CA THR A 729 1.20 -5.97 29.11
C THR A 729 0.42 -6.85 28.16
N LYS A 730 -0.50 -7.64 28.71
CA LYS A 730 -1.38 -8.49 27.90
C LYS A 730 -2.42 -7.61 27.22
N THR A 731 -2.14 -7.22 25.98
CA THR A 731 -3.02 -6.32 25.25
C THR A 731 -3.75 -7.08 24.14
N SER A 732 -4.84 -6.47 23.67
CA SER A 732 -5.63 -7.05 22.59
C SER A 732 -6.39 -5.93 21.90
N VAL A 733 -6.71 -6.14 20.63
CA VAL A 733 -7.41 -5.15 19.82
C VAL A 733 -8.51 -5.86 19.04
N ASP A 734 -9.51 -5.08 18.64
CA ASP A 734 -10.62 -5.57 17.84
C ASP A 734 -10.57 -4.93 16.46
N CYS A 735 -10.63 -5.75 15.41
CA CYS A 735 -10.57 -5.21 14.06
C CYS A 735 -11.82 -4.40 13.72
N THR A 736 -12.98 -4.82 14.23
CA THR A 736 -14.24 -4.22 13.79
C THR A 736 -14.41 -2.80 14.34
N MET A 737 -14.32 -2.64 15.66
CA MET A 737 -14.64 -1.35 16.27
C MET A 737 -13.57 -0.31 15.99
N TYR A 738 -12.30 -0.73 15.95
CA TYR A 738 -11.20 0.20 15.71
C TYR A 738 -11.25 0.76 14.28
N ILE A 739 -11.55 -0.08 13.31
CA ILE A 739 -11.52 0.34 11.90
C ILE A 739 -12.83 0.97 11.49
N CYS A 740 -13.95 0.27 11.67
CA CYS A 740 -15.27 0.72 11.24
C CYS A 740 -16.12 0.94 12.49
N GLY A 741 -16.15 2.18 12.96
CA GLY A 741 -16.93 2.51 14.15
C GLY A 741 -18.43 2.50 13.91
N ASP A 742 -19.10 1.46 14.45
CA ASP A 742 -20.55 1.24 14.44
C ASP A 742 -21.26 1.59 13.14
N SER A 743 -20.65 1.27 12.00
CA SER A 743 -21.25 1.50 10.69
C SER A 743 -21.49 0.14 10.03
N THR A 744 -22.74 -0.10 9.63
CA THR A 744 -23.09 -1.39 9.03
C THR A 744 -22.47 -1.54 7.65
N GLU A 745 -22.49 -0.48 6.84
CA GLU A 745 -21.94 -0.55 5.49
C GLU A 745 -20.42 -0.48 5.47
N CYS A 746 -19.78 -0.05 6.56
CA CYS A 746 -18.33 -0.16 6.65
C CYS A 746 -17.89 -1.59 6.92
N SER A 747 -18.65 -2.32 7.74
CA SER A 747 -18.30 -3.70 8.07
C SER A 747 -18.49 -4.64 6.89
N ASN A 748 -19.36 -4.29 5.93
CA ASN A 748 -19.52 -5.11 4.74
C ASN A 748 -18.29 -5.06 3.85
N LEU A 749 -17.70 -3.87 3.70
CA LEU A 749 -16.49 -3.73 2.91
C LEU A 749 -15.31 -4.44 3.57
N LEU A 750 -15.25 -4.44 4.90
CA LEU A 750 -14.22 -5.17 5.61
C LEU A 750 -14.37 -6.67 5.43
N LEU A 751 -15.61 -7.15 5.23
CA LEU A 751 -15.85 -8.57 5.05
C LEU A 751 -15.31 -9.09 3.72
N GLN A 752 -15.12 -8.22 2.73
CA GLN A 752 -14.62 -8.63 1.43
C GLN A 752 -13.11 -8.82 1.40
N TYR A 753 -12.39 -8.39 2.43
CA TYR A 753 -10.94 -8.56 2.42
C TYR A 753 -10.52 -9.97 2.79
N GLY A 754 -11.42 -10.76 3.37
CA GLY A 754 -11.11 -12.13 3.69
C GLY A 754 -10.85 -12.38 5.16
N SER A 755 -9.79 -13.12 5.47
CA SER A 755 -9.46 -13.53 6.83
C SER A 755 -8.34 -12.69 7.44
N PHE A 756 -8.30 -11.40 7.14
CA PHE A 756 -7.24 -10.55 7.68
C PHE A 756 -7.47 -10.26 9.16
N CYS A 757 -8.70 -9.97 9.57
CA CYS A 757 -9.00 -9.66 10.95
C CYS A 757 -9.15 -10.90 11.82
N THR A 758 -9.10 -12.09 11.21
CA THR A 758 -9.08 -13.35 11.95
C THR A 758 -7.67 -13.75 12.35
N GLN A 759 -6.68 -13.51 11.48
CA GLN A 759 -5.30 -13.81 11.83
C GLN A 759 -4.77 -12.88 12.91
N LEU A 760 -5.21 -11.61 12.90
CA LEU A 760 -4.75 -10.65 13.90
C LEU A 760 -5.23 -11.03 15.30
N LYS A 761 -6.46 -11.54 15.41
CA LYS A 761 -6.95 -12.01 16.70
C LYS A 761 -6.17 -13.22 17.18
N ARG A 762 -5.82 -14.13 16.28
CA ARG A 762 -5.05 -15.31 16.66
C ARG A 762 -3.59 -14.99 16.92
N ALA A 763 -3.06 -13.97 16.25
CA ALA A 763 -1.66 -13.59 16.47
C ALA A 763 -1.47 -12.94 17.83
N LEU A 764 -2.40 -12.05 18.22
CA LEU A 764 -2.27 -11.36 19.50
C LEU A 764 -2.63 -12.29 20.65
N THR A 765 -3.50 -13.27 20.44
CA THR A 765 -3.84 -14.21 21.50
C THR A 765 -2.67 -15.15 21.80
N GLY A 766 -1.91 -15.50 20.77
CA GLY A 766 -0.71 -16.30 21.01
C GLY A 766 0.34 -15.56 21.81
N ILE A 767 0.44 -14.24 21.60
CA ILE A 767 1.29 -13.41 22.45
C ILE A 767 0.70 -13.33 23.86
N ALA A 768 -0.62 -13.11 23.94
CA ALA A 768 -1.26 -12.87 25.24
C ALA A 768 -1.19 -14.08 26.15
N VAL A 769 -1.40 -15.28 25.61
CA VAL A 769 -1.27 -16.49 26.42
C VAL A 769 0.18 -16.80 26.74
N GLU A 770 1.12 -16.25 25.97
CA GLU A 770 2.53 -16.53 26.22
C GLU A 770 3.03 -15.81 27.47
N GLN A 771 2.56 -14.57 27.70
CA GLN A 771 3.04 -13.79 28.83
C GLN A 771 2.59 -14.39 30.16
N ASP A 772 1.47 -15.10 30.17
CA ASP A 772 1.08 -15.82 31.38
C ASP A 772 2.05 -16.95 31.66
N LYS A 773 2.52 -17.64 30.61
CA LYS A 773 3.52 -18.67 30.81
C LYS A 773 4.90 -18.08 31.08
N ASN A 774 5.19 -16.87 30.57
CA ASN A 774 6.46 -16.22 30.85
C ASN A 774 6.67 -15.98 32.34
N THR A 775 5.60 -15.71 33.08
CA THR A 775 5.68 -15.58 34.52
C THR A 775 5.36 -16.88 35.25
N GLN A 776 5.55 -18.04 34.62
CA GLN A 776 5.22 -19.31 35.23
C GLN A 776 6.44 -20.17 35.54
N GLU A 777 7.28 -20.48 34.55
CA GLU A 777 8.48 -21.25 34.88
C GLU A 777 9.60 -20.39 35.46
N VAL A 778 9.40 -19.08 35.55
CA VAL A 778 10.34 -18.24 36.28
C VAL A 778 10.02 -18.24 37.76
N PHE A 779 8.83 -17.76 38.13
CA PHE A 779 8.48 -17.61 39.54
C PHE A 779 8.16 -18.95 40.18
N ALA A 780 7.43 -19.82 39.48
CA ALA A 780 6.88 -21.03 40.08
C ALA A 780 7.74 -22.24 39.70
N GLN A 781 8.78 -22.49 40.49
CA GLN A 781 9.57 -23.70 40.37
C GLN A 781 9.50 -24.57 41.61
N VAL A 782 8.66 -24.22 42.58
CA VAL A 782 8.52 -24.98 43.82
C VAL A 782 7.09 -25.50 43.90
N LYS A 783 6.94 -26.73 44.40
CA LYS A 783 5.62 -27.34 44.46
C LYS A 783 4.78 -26.74 45.59
N GLN A 784 5.39 -26.54 46.75
CA GLN A 784 4.67 -26.08 47.94
C GLN A 784 5.20 -24.72 48.37
N ILE A 785 4.31 -23.92 48.94
CA ILE A 785 4.67 -22.60 49.45
C ILE A 785 5.21 -22.75 50.87
N TYR A 786 6.43 -22.26 51.09
CA TYR A 786 7.09 -22.38 52.38
C TYR A 786 6.86 -21.13 53.22
N LYS A 787 7.13 -21.26 54.51
CA LYS A 787 7.01 -20.15 55.44
C LYS A 787 8.20 -20.15 56.40
N THR A 788 8.61 -18.95 56.79
CA THR A 788 9.74 -18.77 57.68
C THR A 788 9.33 -19.06 59.13
N PRO A 789 10.27 -19.56 59.95
CA PRO A 789 9.97 -19.77 61.38
C PRO A 789 9.79 -18.45 62.10
N PRO A 790 9.11 -18.46 63.26
CA PRO A 790 8.90 -17.18 63.98
C PRO A 790 10.19 -16.56 64.50
N ILE A 791 11.07 -17.35 65.10
CA ILE A 791 12.36 -16.82 65.56
C ILE A 791 13.25 -16.64 64.35
N LYS A 792 13.70 -15.40 64.12
CA LYS A 792 14.39 -15.03 62.89
C LYS A 792 15.83 -14.59 63.17
N TYR A 793 16.51 -15.27 64.09
CA TYR A 793 17.93 -15.02 64.31
C TYR A 793 18.71 -15.98 63.42
N PHE A 794 19.19 -15.47 62.29
CA PHE A 794 19.89 -16.29 61.31
C PHE A 794 21.41 -16.16 61.47
N GLY A 795 21.91 -16.67 62.59
CA GLY A 795 23.34 -16.81 62.80
C GLY A 795 24.12 -15.52 62.91
N GLY A 796 23.46 -14.40 63.22
CA GLY A 796 24.10 -13.11 63.28
C GLY A 796 23.98 -12.30 62.00
N PHE A 797 23.58 -12.94 60.90
CA PHE A 797 23.33 -12.21 59.67
C PHE A 797 21.93 -11.59 59.70
N ASN A 798 21.79 -10.44 59.06
CA ASN A 798 20.54 -9.68 59.09
C ASN A 798 19.78 -9.88 57.79
N PHE A 799 18.48 -10.15 57.90
CA PHE A 799 17.62 -10.39 56.75
C PHE A 799 16.33 -9.58 56.82
N SER A 800 16.28 -8.57 57.68
CA SER A 800 15.05 -7.81 57.88
C SER A 800 14.65 -6.98 56.67
N GLN A 801 15.61 -6.62 55.82
CA GLN A 801 15.28 -5.77 54.67
C GLN A 801 14.60 -6.53 53.55
N ILE A 802 14.86 -7.84 53.43
CA ILE A 802 14.33 -8.62 52.32
C ILE A 802 13.15 -9.50 52.72
N LEU A 803 13.15 -10.06 53.92
CA LEU A 803 12.01 -10.86 54.34
C LEU A 803 10.81 -9.97 54.62
N PRO A 804 9.63 -10.34 54.13
CA PRO A 804 8.45 -9.46 54.28
C PRO A 804 8.01 -9.33 55.74
N ASP A 805 7.46 -8.15 56.04
CA ASP A 805 6.93 -7.83 57.35
C ASP A 805 5.42 -7.64 57.27
N PRO A 806 4.65 -8.18 58.22
CA PRO A 806 3.18 -8.07 58.14
C PRO A 806 2.64 -6.70 58.48
N SER A 807 3.48 -5.72 58.79
CA SER A 807 2.98 -4.37 59.09
C SER A 807 2.39 -3.72 57.83
N LYS A 808 2.97 -4.00 56.67
CA LYS A 808 2.44 -3.46 55.43
C LYS A 808 1.11 -4.11 55.10
N PRO A 809 0.13 -3.35 54.59
CA PRO A 809 -1.15 -3.96 54.18
C PRO A 809 -1.01 -4.94 53.04
N SER A 810 -0.06 -4.71 52.12
CA SER A 810 0.12 -5.58 50.96
C SER A 810 1.13 -6.70 51.22
N LYS A 811 1.73 -6.74 52.41
CA LYS A 811 2.64 -7.81 52.84
C LYS A 811 3.85 -7.95 51.92
N ARG A 812 4.40 -6.82 51.49
CA ARG A 812 5.60 -6.80 50.68
C ARG A 812 6.83 -6.68 51.58
N SER A 813 7.98 -6.39 50.99
CA SER A 813 9.23 -6.18 51.70
C SER A 813 9.73 -4.76 51.45
N PRO A 814 10.52 -4.20 52.38
CA PRO A 814 10.96 -2.79 52.23
C PRO A 814 11.74 -2.50 50.95
N ILE A 815 12.61 -3.40 50.52
CA ILE A 815 13.35 -3.19 49.27
C ILE A 815 12.40 -3.27 48.08
N GLU A 816 11.43 -4.19 48.15
CA GLU A 816 10.44 -4.32 47.08
C GLU A 816 9.50 -3.11 47.04
N ASP A 817 9.32 -2.44 48.17
CA ASP A 817 8.50 -1.23 48.21
C ASP A 817 9.10 -0.11 47.38
N LEU A 818 10.43 0.06 47.44
CA LEU A 818 11.09 1.09 46.65
C LEU A 818 10.99 0.79 45.16
N LEU A 819 10.98 -0.49 44.77
CA LEU A 819 10.89 -0.84 43.37
C LEU A 819 9.54 -0.45 42.77
N PHE A 820 8.47 -0.52 43.56
CA PHE A 820 7.16 -0.10 43.07
C PHE A 820 7.04 1.41 42.99
N ASN A 821 7.73 2.15 43.87
CA ASN A 821 7.62 3.60 43.87
C ASN A 821 8.36 4.23 42.70
N LYS A 822 9.56 3.74 42.39
CA LYS A 822 10.38 4.35 41.35
C LYS A 822 9.80 4.09 39.97
N VAL A 823 9.29 2.90 39.72
CA VAL A 823 8.67 2.57 38.44
C VAL A 823 7.24 3.10 38.42
N THR A 824 6.86 3.74 37.33
CA THR A 824 5.51 4.27 37.18
C THR A 824 4.49 3.15 37.04
N LYS A 851 -8.67 3.18 25.16
CA LYS A 851 -9.74 2.46 25.83
C LYS A 851 -11.06 2.64 25.09
N PHE A 852 -11.29 3.85 24.59
CA PHE A 852 -12.53 4.17 23.90
C PHE A 852 -12.52 3.77 22.43
N ASN A 853 -11.43 3.18 21.94
CA ASN A 853 -11.33 2.75 20.56
C ASN A 853 -11.05 1.26 20.43
N GLY A 854 -11.50 0.47 21.41
CA GLY A 854 -11.38 -0.97 21.34
C GLY A 854 -10.02 -1.53 21.68
N LEU A 855 -9.13 -0.73 22.26
CA LEU A 855 -7.80 -1.21 22.66
C LEU A 855 -7.84 -1.53 24.15
N THR A 856 -8.41 -2.67 24.48
CA THR A 856 -8.52 -3.11 25.86
C THR A 856 -7.16 -3.63 26.36
N VAL A 857 -7.04 -3.74 27.67
CA VAL A 857 -5.85 -4.28 28.33
C VAL A 857 -6.31 -5.43 29.21
N LEU A 858 -5.88 -6.64 28.87
CA LEU A 858 -6.28 -7.79 29.68
C LEU A 858 -5.45 -7.85 30.95
N PRO A 859 -6.06 -8.21 32.08
CA PRO A 859 -5.29 -8.31 33.32
C PRO A 859 -4.45 -9.57 33.34
N PRO A 860 -3.29 -9.55 34.00
CA PRO A 860 -2.52 -10.79 34.16
C PRO A 860 -3.23 -11.75 35.10
N LEU A 861 -2.99 -13.05 34.88
CA LEU A 861 -3.63 -14.05 35.71
C LEU A 861 -3.07 -14.04 37.13
N LEU A 862 -1.74 -14.03 37.25
CA LEU A 862 -1.10 -13.98 38.56
C LEU A 862 -1.13 -12.54 39.06
N THR A 863 -1.94 -12.28 40.09
CA THR A 863 -1.98 -10.98 40.70
C THR A 863 -0.68 -10.69 41.43
N ASP A 864 -0.35 -9.41 41.55
CA ASP A 864 0.89 -9.00 42.20
C ASP A 864 0.75 -8.90 43.72
N GLU A 865 0.17 -9.95 44.30
CA GLU A 865 0.18 -10.26 45.72
C GLU A 865 0.58 -11.70 45.96
N MET A 866 0.12 -12.63 45.11
CA MET A 866 0.60 -14.00 45.16
C MET A 866 1.93 -14.17 44.43
N ILE A 867 2.30 -13.20 43.58
CA ILE A 867 3.64 -13.21 42.99
C ILE A 867 4.67 -12.99 44.08
N ALA A 868 4.39 -12.08 45.02
CA ALA A 868 5.23 -11.93 46.21
C ALA A 868 5.19 -13.18 47.08
N GLN A 869 4.07 -13.92 47.06
CA GLN A 869 3.99 -15.16 47.84
C GLN A 869 4.90 -16.23 47.26
N TYR A 870 4.99 -16.32 45.93
CA TYR A 870 5.99 -17.18 45.30
C TYR A 870 7.40 -16.74 45.67
N THR A 871 7.65 -15.43 45.61
CA THR A 871 8.97 -14.92 45.95
C THR A 871 9.30 -15.13 47.41
N SER A 872 8.32 -14.94 48.30
CA SER A 872 8.53 -15.17 49.73
C SER A 872 8.82 -16.64 50.03
N ALA A 873 8.25 -17.55 49.24
CA ALA A 873 8.62 -18.97 49.37
C ALA A 873 10.04 -19.19 48.88
N LEU A 874 10.42 -18.55 47.78
CA LEU A 874 11.76 -18.69 47.24
C LEU A 874 12.83 -18.06 48.13
N LEU A 875 12.47 -17.10 48.97
CA LEU A 875 13.37 -16.57 49.98
C LEU A 875 13.27 -17.28 51.31
N ALA A 876 12.43 -18.32 51.41
CA ALA A 876 12.29 -19.08 52.64
C ALA A 876 12.87 -20.49 52.55
N GLY A 877 13.16 -20.97 51.34
CA GLY A 877 13.81 -22.26 51.19
C GLY A 877 15.30 -22.11 50.99
N THR A 878 15.71 -21.00 50.37
CA THR A 878 17.12 -20.77 50.10
C THR A 878 17.89 -20.31 51.34
N ILE A 879 17.21 -20.03 52.45
CA ILE A 879 17.88 -19.63 53.68
C ILE A 879 17.75 -20.65 54.79
N THR A 880 16.89 -21.67 54.64
CA THR A 880 16.75 -22.72 55.63
C THR A 880 16.97 -24.12 55.08
N SER A 881 16.98 -24.30 53.75
CA SER A 881 17.17 -25.62 53.17
C SER A 881 18.31 -25.71 52.17
N GLY A 882 18.58 -24.65 51.44
CA GLY A 882 19.78 -24.61 50.59
C GLY A 882 19.51 -25.17 49.20
N TRP A 883 20.29 -26.17 48.80
CA TRP A 883 20.20 -26.71 47.44
C TRP A 883 18.94 -27.55 47.27
N THR A 884 18.61 -28.37 48.27
CA THR A 884 17.80 -29.56 48.08
C THR A 884 16.31 -29.29 47.87
N PHE A 885 15.84 -28.06 48.06
CA PHE A 885 14.43 -27.79 47.82
C PHE A 885 14.14 -27.50 46.35
N GLY A 886 15.16 -27.49 45.50
CA GLY A 886 14.96 -27.36 44.07
C GLY A 886 15.23 -28.67 43.35
N ALA A 887 15.72 -29.67 44.08
CA ALA A 887 16.05 -30.98 43.51
C ALA A 887 15.41 -32.10 44.32
N GLY A 888 14.23 -31.85 44.87
CA GLY A 888 13.54 -32.84 45.66
C GLY A 888 12.88 -32.24 46.89
N PRO A 889 12.72 -33.04 47.93
CA PRO A 889 12.17 -32.51 49.18
C PRO A 889 13.20 -31.70 49.94
N ALA A 890 12.72 -30.65 50.62
CA ALA A 890 13.59 -29.75 51.35
C ALA A 890 14.20 -30.44 52.57
N LEU A 891 15.45 -30.11 52.85
CA LEU A 891 16.18 -30.66 54.00
C LEU A 891 16.67 -29.50 54.86
N GLN A 892 16.36 -29.54 56.15
CA GLN A 892 16.64 -28.42 57.03
C GLN A 892 18.13 -28.32 57.33
N ILE A 893 18.67 -27.10 57.21
CA ILE A 893 20.06 -26.81 57.56
C ILE A 893 20.13 -25.45 58.24
N PRO A 894 21.07 -25.29 59.17
CA PRO A 894 21.30 -23.96 59.75
C PRO A 894 22.01 -23.06 58.76
N PHE A 895 21.54 -21.81 58.67
CA PHE A 895 22.12 -20.87 57.71
C PHE A 895 23.57 -20.51 57.96
N PRO A 896 24.05 -20.20 59.18
CA PRO A 896 25.49 -20.03 59.36
C PRO A 896 26.30 -21.29 59.07
N MET A 897 25.71 -22.46 59.29
CA MET A 897 26.36 -23.71 58.92
C MET A 897 26.42 -23.85 57.41
N GLN A 898 25.40 -23.35 56.71
CA GLN A 898 25.30 -23.52 55.26
C GLN A 898 26.40 -22.79 54.51
N MET A 899 26.71 -21.55 54.92
CA MET A 899 27.59 -20.68 54.13
C MET A 899 29.01 -21.21 54.04
N ALA A 900 29.44 -22.05 54.98
CA ALA A 900 30.74 -22.71 54.86
C ALA A 900 30.75 -23.81 53.80
N TYR A 901 29.58 -24.19 53.29
CA TYR A 901 29.49 -25.12 52.17
C TYR A 901 29.28 -24.39 50.85
N ARG A 902 29.36 -23.07 50.85
CA ARG A 902 29.37 -22.29 49.62
C ARG A 902 30.68 -21.54 49.41
N PHE A 903 31.47 -21.33 50.45
CA PHE A 903 32.89 -21.05 50.25
C PHE A 903 33.60 -22.28 49.66
N ASN A 904 33.12 -23.48 50.01
CA ASN A 904 33.74 -24.72 49.54
C ASN A 904 33.59 -24.91 48.04
N GLY A 905 32.64 -24.24 47.40
CA GLY A 905 32.49 -24.25 45.97
C GLY A 905 33.26 -23.16 45.25
N ILE A 906 34.24 -22.55 45.91
CA ILE A 906 35.03 -21.48 45.33
C ILE A 906 36.51 -21.85 45.26
N GLY A 907 37.05 -22.43 46.33
CA GLY A 907 38.47 -22.69 46.43
C GLY A 907 38.99 -22.26 47.79
N VAL A 908 38.04 -21.94 48.68
CA VAL A 908 38.34 -21.53 50.04
C VAL A 908 37.69 -22.54 50.98
N THR A 909 38.49 -23.19 51.81
CA THR A 909 38.00 -24.26 52.67
C THR A 909 37.31 -23.67 53.90
N GLN A 910 37.00 -24.51 54.87
CA GLN A 910 36.07 -24.17 55.95
C GLN A 910 36.72 -23.37 57.07
N ASN A 911 38.02 -23.11 57.03
CA ASN A 911 38.70 -22.43 58.13
C ASN A 911 38.68 -20.92 57.98
N VAL A 912 37.72 -20.37 57.25
CA VAL A 912 37.62 -18.93 57.02
C VAL A 912 36.32 -18.35 57.55
N LEU A 913 35.19 -19.02 57.28
CA LEU A 913 33.89 -18.47 57.65
C LEU A 913 33.68 -18.43 59.15
N TYR A 914 33.76 -19.60 59.81
CA TYR A 914 33.54 -19.65 61.25
C TYR A 914 34.66 -18.96 62.02
N GLU A 915 35.87 -18.92 61.45
CA GLU A 915 36.98 -18.23 62.09
C GLU A 915 36.82 -16.72 62.05
N ASN A 916 35.93 -16.20 61.21
CA ASN A 916 35.65 -14.77 61.13
C ASN A 916 34.15 -14.53 61.01
N GLN A 917 33.37 -15.24 61.82
CA GLN A 917 31.91 -15.21 61.69
C GLN A 917 31.33 -13.84 62.01
N LYS A 918 31.85 -13.18 63.06
CA LYS A 918 31.30 -11.89 63.46
C LYS A 918 31.66 -10.79 62.46
N LEU A 919 32.87 -10.83 61.91
CA LEU A 919 33.28 -9.80 60.94
C LEU A 919 32.55 -9.97 59.61
N ILE A 920 32.42 -11.21 59.12
CA ILE A 920 31.75 -11.46 57.85
C ILE A 920 30.27 -11.09 57.95
N ALA A 921 29.66 -11.35 59.11
CA ALA A 921 28.27 -10.94 59.33
C ALA A 921 28.12 -9.42 59.29
N ASN A 922 29.11 -8.70 59.82
CA ASN A 922 29.07 -7.24 59.78
C ASN A 922 29.20 -6.72 58.35
N GLN A 923 30.08 -7.34 57.55
CA GLN A 923 30.23 -6.93 56.16
C GLN A 923 28.97 -7.27 55.37
N PHE A 924 28.32 -8.39 55.69
CA PHE A 924 27.05 -8.73 55.08
C PHE A 924 25.96 -7.73 55.50
N ASN A 925 25.99 -7.31 56.77
CA ASN A 925 24.97 -6.39 57.28
C ASN A 925 25.08 -5.02 56.64
N SER A 926 26.31 -4.49 56.51
CA SER A 926 26.49 -3.16 55.94
C SER A 926 26.19 -3.13 54.45
N ALA A 927 26.55 -4.20 53.74
CA ALA A 927 26.30 -4.26 52.30
C ALA A 927 24.81 -4.32 52.00
N ILE A 928 24.04 -5.02 52.84
CA ILE A 928 22.60 -5.09 52.66
C ILE A 928 21.96 -3.72 52.87
N GLY A 929 22.41 -2.98 53.88
CA GLY A 929 21.85 -1.67 54.14
C GLY A 929 22.17 -0.66 53.05
N LYS A 930 23.35 -0.76 52.43
CA LYS A 930 23.76 0.24 51.45
C LYS A 930 22.98 0.11 50.15
N ILE A 931 22.66 -1.13 49.73
CA ILE A 931 21.95 -1.31 48.47
C ILE A 931 20.51 -0.81 48.58
N GLN A 932 19.93 -0.85 49.79
CA GLN A 932 18.62 -0.24 50.00
C GLN A 932 18.71 1.28 49.87
N ASP A 933 19.77 1.87 50.41
CA ASP A 933 19.97 3.31 50.28
C ASP A 933 20.45 3.71 48.89
N SER A 934 21.15 2.80 48.20
CA SER A 934 21.62 3.10 46.85
C SER A 934 20.46 3.27 45.87
N LEU A 935 19.44 2.42 45.99
CA LEU A 935 18.30 2.49 45.07
C LEU A 935 17.49 3.77 45.25
N SER A 936 17.37 4.25 46.48
CA SER A 936 16.68 5.50 46.74
C SER A 936 17.52 6.73 46.41
N SER A 937 18.83 6.56 46.18
CA SER A 937 19.72 7.67 45.90
C SER A 937 20.27 7.67 44.49
N THR A 938 20.16 6.56 43.75
CA THR A 938 20.64 6.54 42.38
C THR A 938 19.74 7.39 41.49
N PRO A 939 20.31 8.06 40.46
CA PRO A 939 19.46 8.82 39.54
C PRO A 939 18.56 7.93 38.69
N SER A 940 19.15 6.93 38.02
CA SER A 940 18.38 6.00 37.20
C SER A 940 19.13 4.68 37.13
N ALA A 941 18.73 3.73 37.98
CA ALA A 941 19.25 2.37 37.92
C ALA A 941 18.22 1.37 37.43
N LEU A 942 16.94 1.62 37.67
CA LEU A 942 15.86 0.76 37.18
C LEU A 942 15.38 1.20 35.80
N GLY A 943 16.33 1.36 34.88
CA GLY A 943 16.01 1.82 33.55
C GLY A 943 15.55 0.71 32.63
N LYS A 944 15.94 -0.53 32.95
CA LYS A 944 15.62 -1.65 32.08
C LYS A 944 14.13 -1.98 32.10
N LEU A 945 13.51 -1.94 33.27
CA LEU A 945 12.07 -2.12 33.34
C LEU A 945 11.33 -0.88 32.87
N GLN A 946 11.96 0.30 32.97
CA GLN A 946 11.29 1.54 32.62
C GLN A 946 11.07 1.66 31.12
N ASP A 947 11.99 1.13 30.31
CA ASP A 947 11.80 1.22 28.86
C ASP A 947 10.71 0.28 28.38
N VAL A 948 10.50 -0.85 29.07
CA VAL A 948 9.47 -1.80 28.68
C VAL A 948 8.08 -1.17 28.79
N VAL A 949 7.82 -0.46 29.89
CA VAL A 949 6.57 0.29 30.02
C VAL A 949 6.56 1.45 29.04
N ASN A 950 7.71 2.10 28.83
CA ASN A 950 7.77 3.24 27.93
C ASN A 950 7.58 2.85 26.47
N HIS A 951 8.07 1.67 26.07
CA HIS A 951 7.96 1.26 24.67
C HIS A 951 6.53 0.93 24.29
N ASN A 952 5.82 0.19 25.16
CA ASN A 952 4.45 -0.20 24.85
C ASN A 952 3.50 0.99 24.91
N ALA A 953 3.73 1.91 25.87
CA ALA A 953 2.92 3.12 25.93
C ALA A 953 3.19 4.03 24.74
N GLN A 954 4.43 4.04 24.23
CA GLN A 954 4.72 4.78 23.01
C GLN A 954 4.10 4.11 21.79
N ALA A 955 4.02 2.77 21.80
CA ALA A 955 3.45 2.05 20.67
C ALA A 955 1.95 2.29 20.54
N LEU A 956 1.23 2.31 21.66
CA LEU A 956 -0.21 2.56 21.61
C LEU A 956 -0.51 3.99 21.20
N ASN A 957 0.30 4.95 21.66
CA ASN A 957 0.04 6.35 21.36
C ASN A 957 0.24 6.64 19.88
N THR A 958 1.22 5.99 19.24
CA THR A 958 1.37 6.12 17.79
C THR A 958 0.22 5.45 17.06
N LEU A 959 -0.39 4.42 17.65
CA LEU A 959 -1.53 3.76 17.03
C LEU A 959 -2.79 4.61 17.15
N VAL A 960 -3.00 5.26 18.30
CA VAL A 960 -4.19 6.08 18.49
C VAL A 960 -4.11 7.35 17.65
N LYS A 961 -2.95 7.98 17.58
CA LYS A 961 -2.78 9.19 16.78
C LYS A 961 -2.89 8.93 15.28
N GLN A 962 -2.76 7.67 14.85
CA GLN A 962 -2.90 7.34 13.44
C GLN A 962 -4.33 7.48 12.95
N LEU A 963 -5.31 7.52 13.86
CA LEU A 963 -6.70 7.68 13.45
C LEU A 963 -6.96 9.04 12.81
N SER A 964 -6.21 10.06 13.23
CA SER A 964 -6.41 11.42 12.71
C SER A 964 -5.47 11.69 11.53
N SER A 965 -5.63 10.89 10.48
CA SER A 965 -4.85 11.05 9.26
C SER A 965 -5.78 10.93 8.07
N LYS A 966 -5.55 11.78 7.06
CA LYS A 966 -6.43 11.81 5.91
C LYS A 966 -6.29 10.56 5.05
N PHE A 967 -5.06 10.07 4.88
CA PHE A 967 -4.73 8.93 4.02
C PHE A 967 -5.22 9.14 2.59
N GLY A 968 -5.18 10.39 2.14
CA GLY A 968 -5.67 10.72 0.81
C GLY A 968 -7.17 10.74 0.68
N ALA A 969 -7.91 10.89 1.78
CA ALA A 969 -9.35 10.98 1.77
C ALA A 969 -9.80 12.37 2.17
N ILE A 970 -11.11 12.54 2.33
CA ILE A 970 -11.67 13.86 2.66
C ILE A 970 -11.33 14.22 4.09
N SER A 971 -11.65 13.35 5.04
CA SER A 971 -11.43 13.64 6.45
C SER A 971 -11.25 12.34 7.21
N SER A 972 -10.71 12.46 8.43
CA SER A 972 -10.42 11.31 9.28
C SER A 972 -11.58 10.97 10.22
N VAL A 973 -12.79 11.40 9.89
CA VAL A 973 -13.98 11.09 10.68
C VAL A 973 -14.90 10.25 9.82
N LEU A 974 -15.29 9.09 10.34
CA LEU A 974 -16.14 8.17 9.57
C LEU A 974 -17.54 8.73 9.39
N ASN A 975 -18.14 9.25 10.47
CA ASN A 975 -19.52 9.71 10.41
C ASN A 975 -19.67 11.01 9.63
N ASP A 976 -18.58 11.75 9.43
CA ASP A 976 -18.67 12.99 8.64
C ASP A 976 -18.86 12.67 7.16
N ILE A 977 -17.96 11.90 6.57
CA ILE A 977 -18.07 11.55 5.16
C ILE A 977 -19.24 10.60 4.90
N LEU A 978 -19.70 9.88 5.93
CA LEU A 978 -20.84 9.00 5.75
C LEU A 978 -22.13 9.78 5.57
N SER A 979 -22.30 10.87 6.32
CA SER A 979 -23.50 11.68 6.27
C SER A 979 -23.42 12.85 5.30
N ARG A 980 -22.30 13.00 4.58
CA ARG A 980 -22.16 14.05 3.60
C ARG A 980 -22.24 13.56 2.17
N LEU A 981 -21.90 12.30 1.92
CA LEU A 981 -21.91 11.73 0.59
C LEU A 981 -22.81 10.50 0.57
N ASP A 982 -23.40 10.24 -0.60
CA ASP A 982 -24.22 9.06 -0.77
C ASP A 982 -23.35 7.80 -0.73
N PRO A 983 -23.85 6.72 -0.14
CA PRO A 983 -23.07 5.48 0.02
C PRO A 983 -22.61 4.85 -1.29
N PRO A 984 -23.31 5.03 -2.43
CA PRO A 984 -22.65 4.67 -3.70
C PRO A 984 -21.35 5.40 -3.98
N GLU A 985 -21.21 6.66 -3.56
CA GLU A 985 -19.98 7.40 -3.80
C GLU A 985 -19.16 7.63 -2.55
N ALA A 986 -19.74 7.49 -1.35
CA ALA A 986 -18.97 7.63 -0.13
C ALA A 986 -18.02 6.47 0.09
N GLU A 987 -18.29 5.31 -0.52
CA GLU A 987 -17.45 4.13 -0.33
C GLU A 987 -16.07 4.30 -0.94
N VAL A 988 -15.91 5.17 -1.94
CA VAL A 988 -14.59 5.44 -2.50
C VAL A 988 -13.70 6.11 -1.46
N GLN A 989 -14.24 7.10 -0.74
CA GLN A 989 -13.48 7.72 0.34
C GLN A 989 -13.34 6.78 1.53
N ILE A 990 -14.30 5.88 1.72
CA ILE A 990 -14.18 4.84 2.74
C ILE A 990 -13.05 3.89 2.39
N ASP A 991 -12.90 3.58 1.09
CA ASP A 991 -11.97 2.54 0.65
C ASP A 991 -10.52 2.89 0.98
N ARG A 992 -10.14 4.17 0.83
CA ARG A 992 -8.78 4.56 1.14
C ARG A 992 -8.51 4.53 2.64
N LEU A 993 -9.54 4.77 3.46
CA LEU A 993 -9.35 4.69 4.90
C LEU A 993 -9.24 3.25 5.40
N ILE A 994 -9.91 2.31 4.74
CA ILE A 994 -9.83 0.91 5.16
C ILE A 994 -8.44 0.35 4.90
N THR A 995 -7.91 0.59 3.70
CA THR A 995 -6.57 0.12 3.38
C THR A 995 -5.48 0.93 4.06
N GLY A 996 -5.82 2.10 4.61
CA GLY A 996 -4.84 2.91 5.32
C GLY A 996 -4.64 2.46 6.75
N ARG A 997 -5.74 2.18 7.45
CA ARG A 997 -5.64 1.77 8.84
C ARG A 997 -5.17 0.32 8.97
N LEU A 998 -5.41 -0.50 7.95
CA LEU A 998 -4.93 -1.89 7.98
C LEU A 998 -3.40 -1.94 7.94
N GLN A 999 -2.79 -1.08 7.13
CA GLN A 999 -1.33 -1.02 7.09
C GLN A 999 -0.76 -0.52 8.41
N SER A 1000 -1.47 0.37 9.10
CA SER A 1000 -1.06 0.81 10.42
C SER A 1000 -1.36 -0.21 11.50
N LEU A 1001 -2.22 -1.19 11.22
CA LEU A 1001 -2.54 -2.23 12.18
C LEU A 1001 -1.66 -3.47 12.00
N GLN A 1002 -1.31 -3.81 10.77
CA GLN A 1002 -0.37 -4.91 10.54
C GLN A 1002 1.03 -4.54 11.00
N THR A 1003 1.36 -3.25 10.99
CA THR A 1003 2.64 -2.81 11.57
C THR A 1003 2.67 -3.02 13.07
N TYR A 1004 1.55 -2.78 13.75
CA TYR A 1004 1.51 -2.90 15.20
C TYR A 1004 1.67 -4.34 15.66
N VAL A 1005 1.05 -5.29 14.96
CA VAL A 1005 1.18 -6.69 15.36
C VAL A 1005 2.55 -7.25 14.99
N THR A 1006 3.16 -6.71 13.93
CA THR A 1006 4.52 -7.13 13.58
C THR A 1006 5.54 -6.62 14.59
N GLN A 1007 5.35 -5.38 15.08
CA GLN A 1007 6.23 -4.86 16.11
C GLN A 1007 6.09 -5.62 17.42
N GLN A 1008 4.86 -6.00 17.77
CA GLN A 1008 4.65 -6.76 18.99
C GLN A 1008 5.21 -8.17 18.89
N LEU A 1009 5.16 -8.77 17.69
CA LEU A 1009 5.70 -10.12 17.50
C LEU A 1009 7.22 -10.14 17.66
N ILE A 1010 7.91 -9.12 17.15
CA ILE A 1010 9.36 -9.05 17.28
C ILE A 1010 9.74 -8.75 18.73
N ARG A 1011 9.01 -7.83 19.37
CA ARG A 1011 9.32 -7.46 20.75
C ARG A 1011 9.06 -8.61 21.72
N ALA A 1012 8.09 -9.48 21.42
CA ALA A 1012 7.83 -10.62 22.29
C ALA A 1012 8.94 -11.66 22.18
N ALA A 1013 9.64 -11.71 21.06
CA ALA A 1013 10.76 -12.63 20.93
C ALA A 1013 11.96 -12.17 21.76
N GLU A 1014 12.17 -10.86 21.87
CA GLU A 1014 13.26 -10.34 22.70
C GLU A 1014 13.01 -10.62 24.18
N ILE A 1015 11.76 -10.48 24.62
CA ILE A 1015 11.41 -10.74 26.01
C ILE A 1015 11.55 -12.23 26.32
N ARG A 1016 11.16 -13.10 25.39
CA ARG A 1016 11.29 -14.53 25.60
C ARG A 1016 12.76 -14.95 25.65
N ALA A 1017 13.64 -14.27 24.93
CA ALA A 1017 15.06 -14.51 25.08
C ALA A 1017 15.61 -13.94 26.38
N SER A 1018 14.85 -13.07 27.04
CA SER A 1018 15.22 -12.53 28.34
C SER A 1018 14.55 -13.26 29.49
N ALA A 1019 13.34 -13.78 29.27
CA ALA A 1019 12.69 -14.58 30.29
C ALA A 1019 13.36 -15.94 30.44
N ASN A 1020 13.89 -16.49 29.35
CA ASN A 1020 14.58 -17.77 29.42
C ASN A 1020 15.94 -17.64 30.11
N LEU A 1021 16.58 -16.48 30.00
CA LEU A 1021 17.81 -16.25 30.73
C LEU A 1021 17.57 -16.20 32.23
N ALA A 1022 16.49 -15.55 32.66
CA ALA A 1022 16.15 -15.51 34.07
C ALA A 1022 15.61 -16.84 34.55
N ALA A 1023 14.96 -17.60 33.68
CA ALA A 1023 14.49 -18.93 34.05
C ALA A 1023 15.64 -19.90 34.27
N THR A 1024 16.80 -19.62 33.66
CA THR A 1024 18.01 -20.36 33.95
C THR A 1024 18.80 -19.72 35.08
N LYS A 1025 18.76 -18.39 35.17
CA LYS A 1025 19.47 -17.68 36.24
C LYS A 1025 18.89 -18.03 37.61
N MET A 1026 17.56 -18.08 37.73
CA MET A 1026 16.95 -18.40 39.01
C MET A 1026 16.98 -19.90 39.29
N SER A 1027 17.16 -20.73 38.27
CA SER A 1027 17.32 -22.16 38.47
C SER A 1027 18.76 -22.58 38.71
N GLU A 1028 19.72 -21.67 38.55
CA GLU A 1028 21.13 -22.00 38.76
C GLU A 1028 21.77 -21.14 39.85
N CYS A 1029 21.59 -19.82 39.80
CA CYS A 1029 22.22 -18.95 40.80
C CYS A 1029 21.53 -19.08 42.15
N VAL A 1030 20.21 -19.28 42.16
CA VAL A 1030 19.45 -19.37 43.40
C VAL A 1030 19.46 -20.79 43.96
N LEU A 1031 19.11 -21.77 43.13
CA LEU A 1031 19.03 -23.16 43.57
C LEU A 1031 20.36 -23.88 43.38
N GLY A 1032 21.43 -23.28 43.89
CA GLY A 1032 22.76 -23.84 43.71
C GLY A 1032 23.80 -22.74 43.53
N GLN A 1033 25.07 -23.13 43.47
CA GLN A 1033 26.14 -22.18 43.25
C GLN A 1033 26.74 -22.38 41.86
N SER A 1034 27.16 -21.28 41.25
CA SER A 1034 27.59 -21.28 39.86
C SER A 1034 29.08 -21.55 39.76
N LYS A 1035 29.45 -22.45 38.85
CA LYS A 1035 30.84 -22.72 38.52
C LYS A 1035 31.28 -22.01 37.26
N ARG A 1036 30.45 -21.15 36.70
CA ARG A 1036 30.81 -20.34 35.56
C ARG A 1036 31.45 -19.03 36.01
N VAL A 1037 31.99 -18.28 35.05
CA VAL A 1037 32.66 -17.02 35.31
C VAL A 1037 31.79 -15.89 34.76
N ASP A 1038 31.47 -14.93 35.63
CA ASP A 1038 30.70 -13.73 35.30
C ASP A 1038 29.32 -14.08 34.75
N PHE A 1039 28.60 -14.91 35.50
CA PHE A 1039 27.19 -15.17 35.23
C PHE A 1039 26.31 -14.71 36.39
N CYS A 1040 26.59 -15.16 37.61
CA CYS A 1040 25.85 -14.70 38.78
C CYS A 1040 26.75 -13.75 39.55
N GLY A 1041 26.75 -12.49 39.11
CA GLY A 1041 27.54 -11.47 39.75
C GLY A 1041 28.94 -11.36 39.18
N LYS A 1042 29.55 -10.19 39.39
CA LYS A 1042 30.89 -9.89 38.89
C LYS A 1042 31.92 -10.49 39.82
N GLY A 1043 32.47 -11.64 39.45
CA GLY A 1043 33.48 -12.29 40.26
C GLY A 1043 33.05 -13.67 40.72
N TYR A 1044 33.69 -14.16 41.78
CA TYR A 1044 33.29 -15.44 42.36
C TYR A 1044 31.93 -15.32 43.01
N HIS A 1045 31.07 -16.29 42.75
CA HIS A 1045 29.67 -16.26 43.20
C HIS A 1045 29.50 -17.04 44.49
N LEU A 1046 28.62 -16.56 45.36
CA LEU A 1046 28.29 -17.25 46.59
C LEU A 1046 26.85 -17.74 46.60
N MET A 1047 25.88 -16.84 46.46
CA MET A 1047 24.46 -17.18 46.58
C MET A 1047 23.67 -16.03 45.95
N SER A 1048 22.35 -16.06 46.10
CA SER A 1048 21.50 -15.09 45.41
C SER A 1048 20.27 -14.78 46.25
N PHE A 1049 19.50 -13.79 45.78
CA PHE A 1049 18.31 -13.30 46.47
C PHE A 1049 17.36 -12.65 45.48
N PRO A 1050 16.38 -13.39 44.94
CA PRO A 1050 15.45 -12.79 44.00
C PRO A 1050 14.46 -11.85 44.68
N GLN A 1051 14.07 -10.79 43.97
CA GLN A 1051 13.05 -9.87 44.43
C GLN A 1051 12.14 -9.54 43.25
N SER A 1052 10.84 -9.45 43.52
CA SER A 1052 9.87 -9.19 42.47
C SER A 1052 9.91 -7.71 42.06
N ALA A 1053 9.32 -7.44 40.90
CA ALA A 1053 9.31 -6.10 40.34
C ALA A 1053 8.14 -5.99 39.37
N PRO A 1054 7.64 -4.78 39.11
CA PRO A 1054 6.57 -4.63 38.12
C PRO A 1054 7.08 -4.87 36.71
N HIS A 1055 6.52 -5.89 36.04
CA HIS A 1055 6.92 -6.31 34.70
C HIS A 1055 8.39 -6.66 34.62
N GLY A 1056 8.90 -7.36 35.63
CA GLY A 1056 10.30 -7.74 35.65
C GLY A 1056 10.67 -8.40 36.96
N VAL A 1057 11.98 -8.61 37.12
CA VAL A 1057 12.53 -9.22 38.31
C VAL A 1057 13.86 -8.55 38.62
N VAL A 1058 14.24 -8.53 39.89
CA VAL A 1058 15.45 -7.89 40.37
C VAL A 1058 16.21 -8.90 41.24
N PHE A 1059 17.48 -9.11 40.93
CA PHE A 1059 18.32 -10.03 41.67
C PHE A 1059 19.27 -9.30 42.59
N LEU A 1060 19.83 -10.05 43.55
CA LEU A 1060 20.88 -9.57 44.45
C LEU A 1060 21.98 -10.63 44.46
N HIS A 1061 23.03 -10.41 43.68
CA HIS A 1061 24.11 -11.39 43.55
C HIS A 1061 25.19 -11.10 44.58
N VAL A 1062 25.23 -11.92 45.63
CA VAL A 1062 26.25 -11.78 46.66
C VAL A 1062 27.53 -12.47 46.18
N THR A 1063 28.61 -11.70 46.04
CA THR A 1063 29.84 -12.19 45.43
C THR A 1063 30.97 -12.15 46.46
N TYR A 1064 32.18 -12.44 45.99
CA TYR A 1064 33.36 -12.55 46.86
C TYR A 1064 34.58 -12.14 46.05
N VAL A 1065 35.21 -11.03 46.43
CA VAL A 1065 36.28 -10.42 45.65
C VAL A 1065 37.48 -10.17 46.56
N PRO A 1066 38.67 -10.66 46.21
CA PRO A 1066 39.86 -10.35 47.01
C PRO A 1066 40.28 -8.89 46.88
N ALA A 1067 40.96 -8.39 47.91
CA ALA A 1067 41.24 -6.95 48.00
C ALA A 1067 42.72 -6.60 47.94
N GLN A 1068 43.55 -7.13 48.85
CA GLN A 1068 44.90 -6.61 49.07
C GLN A 1068 45.95 -7.67 48.76
N GLU A 1069 46.99 -7.27 48.02
CA GLU A 1069 47.97 -8.18 47.47
C GLU A 1069 49.26 -8.19 48.30
N LYS A 1070 50.17 -9.10 47.94
CA LYS A 1070 51.48 -9.21 48.56
C LYS A 1070 52.39 -10.04 47.67
N ASN A 1071 53.61 -9.56 47.42
CA ASN A 1071 54.57 -10.30 46.63
C ASN A 1071 55.13 -11.48 47.41
N PHE A 1072 55.56 -12.50 46.67
CA PHE A 1072 56.24 -13.66 47.24
C PHE A 1072 57.30 -14.11 46.24
N THR A 1073 57.83 -15.32 46.43
CA THR A 1073 58.78 -15.93 45.50
C THR A 1073 58.48 -17.42 45.41
N THR A 1074 58.41 -17.94 44.19
CA THR A 1074 57.86 -19.27 43.93
C THR A 1074 58.87 -20.13 43.19
N ALA A 1075 58.49 -21.41 43.01
CA ALA A 1075 59.22 -22.42 42.26
C ALA A 1075 58.17 -23.43 41.80
N PRO A 1076 58.23 -23.89 40.55
CA PRO A 1076 57.26 -24.86 40.07
C PRO A 1076 57.14 -26.13 40.88
N ALA A 1077 58.19 -26.55 41.58
CA ALA A 1077 58.16 -27.77 42.36
C ALA A 1077 59.13 -27.59 43.52
N ILE A 1078 59.47 -28.71 44.17
CA ILE A 1078 60.49 -28.71 45.21
C ILE A 1078 61.15 -30.08 45.22
N CYS A 1079 62.40 -30.13 45.67
CA CYS A 1079 63.22 -31.34 45.59
C CYS A 1079 63.78 -31.66 46.96
N HIS A 1080 63.47 -32.85 47.48
CA HIS A 1080 64.06 -33.31 48.73
C HIS A 1080 65.18 -34.32 48.49
N ASP A 1081 64.86 -35.47 47.87
CA ASP A 1081 65.85 -36.51 47.59
C ASP A 1081 65.66 -36.98 46.15
N GLY A 1082 66.29 -36.26 45.21
CA GLY A 1082 66.32 -36.65 43.81
C GLY A 1082 64.97 -36.79 43.15
N LYS A 1083 63.95 -36.12 43.66
CA LYS A 1083 62.60 -36.28 43.15
C LYS A 1083 61.88 -34.93 43.18
N ALA A 1084 61.04 -34.71 42.17
CA ALA A 1084 60.30 -33.45 42.04
C ALA A 1084 58.98 -33.58 42.79
N HIS A 1085 58.93 -33.05 44.00
CA HIS A 1085 57.70 -33.05 44.78
C HIS A 1085 56.72 -32.01 44.23
N PHE A 1086 55.44 -32.34 44.32
CA PHE A 1086 54.37 -31.46 43.88
C PHE A 1086 53.36 -31.28 45.00
N PRO A 1087 52.77 -30.09 45.13
CA PRO A 1087 51.77 -29.88 46.19
C PRO A 1087 50.48 -30.62 45.88
N ARG A 1088 49.73 -30.91 46.95
CA ARG A 1088 48.45 -31.60 46.79
C ARG A 1088 47.42 -30.67 46.17
N GLU A 1089 47.12 -29.57 46.86
CA GLU A 1089 46.28 -28.49 46.31
C GLU A 1089 46.80 -27.17 46.89
N GLY A 1090 47.68 -26.53 46.13
CA GLY A 1090 48.30 -25.31 46.58
C GLY A 1090 49.49 -24.98 45.71
N VAL A 1091 50.08 -23.82 45.97
CA VAL A 1091 51.21 -23.33 45.19
C VAL A 1091 52.31 -22.93 46.15
N PHE A 1092 53.56 -23.25 45.79
CA PHE A 1092 54.70 -23.01 46.67
C PHE A 1092 55.00 -21.52 46.76
N VAL A 1093 55.22 -21.03 47.98
CA VAL A 1093 55.58 -19.64 48.23
C VAL A 1093 56.77 -19.62 49.19
N SER A 1094 57.43 -18.47 49.24
CA SER A 1094 58.55 -18.28 50.17
C SER A 1094 58.59 -16.83 50.60
N ASN A 1095 58.86 -16.61 51.88
CA ASN A 1095 58.93 -15.28 52.46
C ASN A 1095 60.35 -14.77 52.58
N GLY A 1096 61.32 -15.43 51.93
CA GLY A 1096 62.70 -15.06 51.94
C GLY A 1096 63.60 -16.03 52.69
N THR A 1097 63.07 -16.67 53.73
CA THR A 1097 63.84 -17.63 54.52
C THR A 1097 63.23 -19.02 54.52
N HIS A 1098 61.91 -19.14 54.57
CA HIS A 1098 61.23 -20.42 54.65
C HIS A 1098 60.24 -20.56 53.50
N TRP A 1099 60.17 -21.76 52.95
CA TRP A 1099 59.24 -22.07 51.86
C TRP A 1099 57.92 -22.54 52.44
N PHE A 1100 56.81 -22.09 51.84
CA PHE A 1100 55.48 -22.37 52.35
C PHE A 1100 54.54 -22.66 51.18
N VAL A 1101 53.36 -23.17 51.51
CA VAL A 1101 52.30 -23.40 50.55
C VAL A 1101 51.01 -22.80 51.07
N THR A 1102 50.29 -22.09 50.20
CA THR A 1102 49.02 -21.46 50.56
C THR A 1102 47.97 -21.84 49.53
N GLN A 1103 46.75 -21.36 49.75
CA GLN A 1103 45.64 -21.62 48.84
C GLN A 1103 45.72 -20.65 47.66
N ARG A 1104 44.67 -20.60 46.85
CA ARG A 1104 44.69 -19.88 45.59
C ARG A 1104 43.90 -18.58 45.63
N ASN A 1105 43.22 -18.29 46.74
CA ASN A 1105 42.49 -17.03 46.87
C ASN A 1105 42.62 -16.43 48.27
N PHE A 1106 43.58 -16.88 49.06
CA PHE A 1106 43.79 -16.40 50.42
C PHE A 1106 45.18 -16.81 50.86
N TYR A 1107 45.80 -15.95 51.68
CA TYR A 1107 47.13 -16.23 52.20
C TYR A 1107 46.99 -17.03 53.49
N GLU A 1108 47.25 -18.32 53.41
CA GLU A 1108 47.25 -19.21 54.59
C GLU A 1108 48.39 -20.20 54.43
N PRO A 1109 49.58 -19.86 54.92
CA PRO A 1109 50.73 -20.73 54.74
C PRO A 1109 50.82 -21.82 55.81
N GLN A 1110 51.39 -22.96 55.41
CA GLN A 1110 51.63 -24.08 56.31
C GLN A 1110 53.01 -24.67 56.01
N ILE A 1111 53.52 -25.41 56.99
CA ILE A 1111 54.78 -26.14 56.82
C ILE A 1111 54.54 -27.35 55.92
N ILE A 1112 55.62 -27.97 55.46
CA ILE A 1112 55.55 -29.07 54.51
C ILE A 1112 55.93 -30.36 55.23
N THR A 1113 54.99 -31.29 55.29
CA THR A 1113 55.22 -32.64 55.79
C THR A 1113 55.04 -33.63 54.65
N THR A 1114 55.14 -34.92 54.96
CA THR A 1114 55.00 -35.95 53.94
C THR A 1114 53.57 -36.15 53.47
N ASP A 1115 52.58 -35.80 54.29
CA ASP A 1115 51.18 -35.89 53.87
C ASP A 1115 50.77 -34.74 52.97
N ASN A 1116 51.51 -33.63 53.00
CA ASN A 1116 51.13 -32.46 52.22
C ASN A 1116 51.43 -32.62 50.73
N THR A 1117 52.42 -33.43 50.38
CA THR A 1117 52.90 -33.51 49.01
C THR A 1117 52.73 -34.92 48.44
N PHE A 1118 52.51 -34.97 47.13
CA PHE A 1118 52.61 -36.20 46.36
C PHE A 1118 53.80 -36.06 45.41
N VAL A 1119 54.52 -37.16 45.21
CA VAL A 1119 55.83 -37.13 44.57
C VAL A 1119 55.81 -38.04 43.34
N SER A 1120 56.33 -37.52 42.22
CA SER A 1120 56.47 -38.29 40.99
C SER A 1120 57.50 -37.59 40.10
N GLY A 1121 58.63 -38.23 39.89
CA GLY A 1121 59.64 -37.70 39.00
C GLY A 1121 61.03 -38.07 39.47
N ASN A 1122 62.03 -37.47 38.80
CA ASN A 1122 63.42 -37.69 39.13
C ASN A 1122 64.19 -36.38 39.33
N CYS A 1123 63.50 -35.25 39.36
CA CYS A 1123 64.07 -33.93 39.68
C CYS A 1123 65.15 -33.54 38.67
N ASP A 1124 64.92 -33.88 37.39
CA ASP A 1124 65.89 -33.58 36.35
C ASP A 1124 65.26 -33.07 35.05
N VAL A 1125 63.94 -32.98 34.95
CA VAL A 1125 63.29 -32.58 33.70
C VAL A 1125 62.56 -31.26 33.93
N VAL A 1126 62.16 -31.00 35.18
CA VAL A 1126 61.46 -29.78 35.53
C VAL A 1126 62.42 -28.60 35.51
N ILE A 1127 61.87 -27.40 35.31
CA ILE A 1127 62.65 -26.17 35.18
C ILE A 1127 62.28 -25.25 36.34
N GLY A 1128 63.27 -24.87 37.13
CA GLY A 1128 63.07 -23.93 38.22
C GLY A 1128 62.92 -24.53 39.60
N ILE A 1129 63.27 -25.81 39.77
CA ILE A 1129 63.09 -26.45 41.06
C ILE A 1129 64.20 -26.03 42.01
N VAL A 1130 63.91 -26.06 43.31
CA VAL A 1130 64.85 -25.63 44.34
C VAL A 1130 65.15 -26.81 45.27
N ASN A 1131 66.21 -26.66 46.05
CA ASN A 1131 66.63 -27.66 47.01
C ASN A 1131 66.10 -27.31 48.39
N ASN A 1132 65.45 -28.29 49.03
CA ASN A 1132 64.85 -28.12 50.34
C ASN A 1132 64.62 -29.51 50.92
N THR A 1133 63.89 -29.57 52.03
CA THR A 1133 63.57 -30.84 52.67
C THR A 1133 62.10 -30.86 53.06
N VAL A 1134 61.53 -32.06 53.13
CA VAL A 1134 60.21 -32.27 53.66
C VAL A 1134 60.35 -32.96 55.01
N TYR A 1135 59.30 -32.89 55.82
CA TYR A 1135 59.36 -33.38 57.19
C TYR A 1135 58.47 -34.61 57.34
N ASP A 1136 58.76 -35.38 58.39
CA ASP A 1136 58.06 -36.63 58.66
C ASP A 1136 57.54 -36.61 60.09
N PRO A 1137 56.24 -36.74 60.32
CA PRO A 1137 55.74 -36.81 61.70
C PRO A 1137 55.98 -38.16 62.36
N LEU A 1138 56.25 -39.21 61.58
CA LEU A 1138 56.42 -40.55 62.14
C LEU A 1138 57.77 -40.73 62.83
N GLN A 1139 58.77 -39.92 62.49
CA GLN A 1139 60.08 -40.05 63.13
C GLN A 1139 60.10 -39.54 64.58
N PRO A 1140 59.36 -38.48 64.95
CA PRO A 1140 59.11 -38.27 66.39
C PRO A 1140 58.38 -39.43 67.05
N GLU A 1141 57.49 -40.11 66.33
CA GLU A 1141 56.79 -41.26 66.87
C GLU A 1141 57.73 -42.47 66.94
N THR B 22 -59.11 -22.09 12.97
CA THR B 22 -58.40 -21.74 14.19
C THR B 22 -56.93 -22.10 14.10
N GLN B 23 -56.11 -21.47 14.93
CA GLN B 23 -54.68 -21.69 14.93
C GLN B 23 -54.20 -22.05 16.34
N SER B 24 -52.91 -22.36 16.44
CA SER B 24 -52.29 -22.70 17.70
C SER B 24 -50.78 -22.43 17.58
N TYR B 25 -50.09 -22.50 18.71
CA TYR B 25 -48.65 -22.25 18.77
C TYR B 25 -47.94 -23.54 19.10
N THR B 26 -47.01 -23.94 18.23
CA THR B 26 -46.24 -25.17 18.41
C THR B 26 -44.77 -24.88 18.11
N ASN B 27 -43.91 -25.75 18.65
CA ASN B 27 -42.47 -25.63 18.43
C ASN B 27 -42.11 -26.02 17.00
N SER B 28 -40.98 -25.48 16.52
CA SER B 28 -40.48 -25.77 15.19
C SER B 28 -39.44 -26.88 15.16
N PHE B 29 -38.72 -27.08 16.26
CA PHE B 29 -37.69 -28.12 16.45
C PHE B 29 -36.59 -27.92 15.41
N THR B 30 -35.97 -29.01 14.96
CA THR B 30 -34.91 -28.97 13.95
C THR B 30 -35.53 -29.33 12.61
N ARG B 31 -35.74 -28.32 11.77
CA ARG B 31 -36.38 -28.54 10.48
C ARG B 31 -36.04 -27.36 9.57
N GLY B 32 -36.05 -27.62 8.26
CA GLY B 32 -35.87 -26.57 7.29
C GLY B 32 -34.44 -26.37 6.81
N VAL B 33 -33.78 -27.46 6.44
CA VAL B 33 -32.43 -27.43 5.91
C VAL B 33 -32.49 -27.76 4.43
N TYR B 34 -31.97 -26.87 3.59
CA TYR B 34 -32.01 -27.05 2.15
C TYR B 34 -30.62 -26.84 1.56
N TYR B 35 -30.37 -27.51 0.43
CA TYR B 35 -29.09 -27.40 -0.24
C TYR B 35 -28.93 -26.02 -0.85
N PRO B 36 -27.89 -25.27 -0.49
CA PRO B 36 -27.75 -23.92 -1.04
C PRO B 36 -27.37 -23.89 -2.52
N ASP B 37 -26.63 -24.89 -2.99
CA ASP B 37 -26.18 -24.91 -4.38
C ASP B 37 -25.93 -26.34 -4.80
N LYS B 38 -25.79 -26.53 -6.12
CA LYS B 38 -25.68 -27.85 -6.73
C LYS B 38 -24.25 -28.37 -6.78
N VAL B 39 -23.37 -27.88 -5.90
CA VAL B 39 -21.96 -28.27 -5.92
C VAL B 39 -21.75 -29.45 -4.98
N PHE B 40 -21.11 -30.50 -5.48
CA PHE B 40 -20.82 -31.67 -4.67
C PHE B 40 -19.71 -31.39 -3.67
N ARG B 41 -19.87 -31.90 -2.46
CA ARG B 41 -18.87 -31.76 -1.42
C ARG B 41 -18.77 -33.09 -0.68
N SER B 42 -17.61 -33.33 -0.07
CA SER B 42 -17.33 -34.62 0.57
C SER B 42 -16.62 -34.39 1.89
N SER B 43 -17.33 -34.67 3.00
CA SER B 43 -16.78 -34.67 4.35
C SER B 43 -16.17 -33.33 4.74
N VAL B 44 -16.80 -32.24 4.30
CA VAL B 44 -16.33 -30.90 4.62
C VAL B 44 -17.43 -30.17 5.35
N LEU B 45 -17.07 -29.04 5.96
CA LEU B 45 -17.98 -28.24 6.78
C LEU B 45 -17.91 -26.80 6.30
N HIS B 46 -18.74 -26.46 5.31
CA HIS B 46 -18.75 -25.12 4.72
C HIS B 46 -19.95 -24.35 5.26
N SER B 47 -19.70 -23.47 6.23
CA SER B 47 -20.74 -22.64 6.80
C SER B 47 -21.14 -21.54 5.81
N THR B 48 -22.36 -21.03 5.98
CA THR B 48 -22.85 -19.97 5.12
C THR B 48 -23.88 -19.12 5.85
N GLN B 49 -23.95 -17.85 5.45
CA GLN B 49 -24.97 -16.94 5.94
C GLN B 49 -26.05 -16.80 4.87
N ASP B 50 -27.27 -17.23 5.20
CA ASP B 50 -28.31 -17.33 4.18
C ASP B 50 -29.66 -17.33 4.89
N LEU B 51 -30.72 -17.18 4.11
CA LEU B 51 -32.09 -17.24 4.64
C LEU B 51 -32.37 -18.65 5.13
N PHE B 52 -32.80 -18.76 6.39
CA PHE B 52 -32.99 -20.06 7.02
C PHE B 52 -34.17 -19.97 7.99
N LEU B 53 -34.77 -21.13 8.25
CA LEU B 53 -35.75 -21.25 9.31
C LEU B 53 -35.02 -21.50 10.62
N PRO B 54 -35.15 -20.62 11.61
CA PRO B 54 -34.34 -20.75 12.83
C PRO B 54 -34.73 -21.97 13.66
N PHE B 55 -33.74 -22.46 14.42
CA PHE B 55 -33.98 -23.60 15.29
C PHE B 55 -34.83 -23.19 16.49
N PHE B 56 -35.73 -24.09 16.89
CA PHE B 56 -36.58 -23.94 18.08
C PHE B 56 -37.42 -22.66 17.99
N SER B 57 -38.28 -22.60 16.97
CA SER B 57 -39.02 -21.40 16.65
C SER B 57 -40.52 -21.62 16.82
N ASN B 58 -41.28 -20.60 16.47
CA ASN B 58 -42.72 -20.55 16.69
C ASN B 58 -43.43 -20.61 15.34
N VAL B 59 -44.31 -21.60 15.18
CA VAL B 59 -45.10 -21.75 13.96
C VAL B 59 -46.57 -21.84 14.33
N THR B 60 -47.41 -21.53 13.35
CA THR B 60 -48.86 -21.49 13.53
C THR B 60 -49.50 -22.68 12.85
N TRP B 61 -50.21 -23.50 13.63
CA TRP B 61 -50.92 -24.67 13.12
C TRP B 61 -52.36 -24.26 12.85
N PHE B 62 -52.60 -23.70 11.66
CA PHE B 62 -53.94 -23.27 11.29
C PHE B 62 -54.82 -24.48 10.99
N HIS B 63 -56.13 -24.29 11.14
CA HIS B 63 -57.12 -25.31 10.88
C HIS B 63 -58.25 -24.73 10.04
N ALA B 64 -58.85 -25.59 9.21
CA ALA B 64 -59.97 -25.20 8.37
C ALA B 64 -60.84 -26.41 8.11
N ILE B 65 -62.13 -26.14 7.86
CA ILE B 65 -63.09 -27.20 7.57
C ILE B 65 -64.25 -26.63 6.74
N ASP B 77 -63.83 -17.95 6.92
CA ASP B 77 -62.59 -18.71 6.87
C ASP B 77 -61.59 -18.07 5.91
N ASN B 78 -60.51 -18.81 5.65
CA ASN B 78 -59.47 -18.51 4.67
C ASN B 78 -58.80 -17.15 4.87
N PRO B 79 -57.98 -16.97 5.90
CA PRO B 79 -57.15 -15.76 5.96
C PRO B 79 -56.06 -15.80 4.92
N VAL B 80 -55.65 -14.61 4.47
CA VAL B 80 -54.61 -14.48 3.45
C VAL B 80 -53.33 -14.07 4.15
N LEU B 81 -52.47 -15.05 4.45
CA LEU B 81 -51.26 -14.83 5.21
C LEU B 81 -50.18 -14.16 4.37
N PRO B 82 -49.37 -13.29 4.97
CA PRO B 82 -48.34 -12.59 4.19
C PRO B 82 -47.15 -13.48 3.88
N PHE B 83 -46.40 -13.06 2.85
CA PHE B 83 -45.19 -13.74 2.40
C PHE B 83 -44.01 -12.79 2.61
N ASN B 84 -43.03 -13.24 3.38
CA ASN B 84 -41.81 -12.46 3.57
C ASN B 84 -40.65 -13.40 3.92
N ASP B 85 -39.52 -13.19 3.25
CA ASP B 85 -38.28 -13.96 3.46
C ASP B 85 -38.47 -15.45 3.22
N GLY B 86 -39.40 -15.80 2.33
CA GLY B 86 -39.71 -17.20 2.07
C GLY B 86 -40.60 -17.80 3.15
N VAL B 87 -41.25 -18.90 2.79
CA VAL B 87 -42.17 -19.60 3.69
C VAL B 87 -41.84 -21.09 3.66
N TYR B 88 -41.73 -21.69 4.85
CA TYR B 88 -41.67 -23.14 4.99
C TYR B 88 -43.07 -23.65 5.31
N PHE B 89 -43.59 -24.53 4.47
CA PHE B 89 -44.92 -25.08 4.60
C PHE B 89 -44.82 -26.58 4.83
N ALA B 90 -45.66 -27.10 5.74
CA ALA B 90 -45.67 -28.52 6.06
C ALA B 90 -47.11 -29.04 6.01
N SER B 91 -47.27 -30.23 5.45
CA SER B 91 -48.56 -30.90 5.39
C SER B 91 -48.39 -32.34 5.85
N THR B 92 -49.44 -32.87 6.48
CA THR B 92 -49.40 -34.20 7.09
C THR B 92 -50.40 -35.13 6.41
N GLU B 93 -50.03 -36.40 6.37
CA GLU B 93 -50.87 -37.49 5.86
C GLU B 93 -51.29 -37.27 4.41
N LYS B 94 -50.41 -36.65 3.61
CA LYS B 94 -50.54 -36.37 2.17
C LYS B 94 -51.93 -35.88 1.74
N SER B 95 -52.56 -35.08 2.61
CA SER B 95 -53.97 -34.70 2.51
C SER B 95 -54.35 -34.10 1.16
N ASN B 96 -55.22 -34.80 0.43
CA ASN B 96 -55.55 -34.46 -0.95
C ASN B 96 -56.52 -33.28 -1.06
N ILE B 97 -57.02 -32.77 0.07
CA ILE B 97 -57.82 -31.56 0.01
C ILE B 97 -57.01 -30.37 -0.48
N ILE B 98 -55.79 -30.22 0.01
CA ILE B 98 -54.89 -29.19 -0.49
C ILE B 98 -54.46 -29.53 -1.91
N ARG B 99 -54.61 -28.58 -2.83
CA ARG B 99 -54.32 -28.84 -4.23
C ARG B 99 -53.48 -27.79 -4.91
N GLY B 100 -53.06 -26.74 -4.21
CA GLY B 100 -52.21 -25.75 -4.84
C GLY B 100 -52.05 -24.52 -3.97
N TRP B 101 -51.32 -23.55 -4.53
CA TRP B 101 -51.05 -22.28 -3.87
C TRP B 101 -51.27 -21.15 -4.88
N ILE B 102 -51.52 -19.96 -4.35
CA ILE B 102 -51.61 -18.75 -5.16
C ILE B 102 -50.69 -17.70 -4.54
N PHE B 103 -49.89 -17.06 -5.39
CA PHE B 103 -48.89 -16.09 -4.95
C PHE B 103 -49.19 -14.72 -5.58
N GLY B 104 -48.27 -13.79 -5.38
CA GLY B 104 -48.36 -12.47 -5.95
C GLY B 104 -48.42 -11.40 -4.88
N THR B 105 -48.73 -10.18 -5.31
CA THR B 105 -48.90 -9.04 -4.42
C THR B 105 -50.37 -8.63 -4.43
N THR B 106 -51.02 -8.78 -3.28
CA THR B 106 -52.41 -8.42 -2.97
C THR B 106 -53.46 -9.25 -3.72
N LEU B 107 -53.04 -10.13 -4.63
CA LEU B 107 -53.91 -11.16 -5.26
C LEU B 107 -55.11 -10.54 -5.99
N ASP B 108 -54.87 -9.43 -6.67
CA ASP B 108 -55.92 -8.68 -7.35
C ASP B 108 -55.58 -8.51 -8.83
N SER B 109 -56.47 -7.83 -9.55
CA SER B 109 -56.24 -7.51 -10.95
C SER B 109 -55.58 -6.14 -11.11
N LYS B 110 -54.50 -5.93 -10.37
CA LYS B 110 -53.69 -4.73 -10.51
C LYS B 110 -52.19 -5.00 -10.51
N THR B 111 -51.75 -6.19 -10.09
CA THR B 111 -50.36 -6.60 -10.15
C THR B 111 -50.29 -8.01 -10.71
N GLN B 112 -49.15 -8.34 -11.31
CA GLN B 112 -48.95 -9.68 -11.84
C GLN B 112 -48.83 -10.69 -10.70
N SER B 113 -49.48 -11.83 -10.86
CA SER B 113 -49.53 -12.83 -9.80
C SER B 113 -49.12 -14.20 -10.31
N LEU B 114 -49.25 -15.22 -9.47
CA LEU B 114 -48.82 -16.58 -9.79
C LEU B 114 -49.90 -17.55 -9.33
N LEU B 115 -50.00 -18.69 -10.01
CA LEU B 115 -50.96 -19.74 -9.69
C LEU B 115 -50.25 -21.08 -9.71
N ILE B 116 -50.47 -21.88 -8.66
CA ILE B 116 -50.03 -23.27 -8.62
C ILE B 116 -51.27 -24.14 -8.55
N VAL B 117 -51.38 -25.09 -9.48
CA VAL B 117 -52.44 -26.08 -9.47
C VAL B 117 -51.81 -27.46 -9.64
N ASN B 118 -52.28 -28.42 -8.85
CA ASN B 118 -51.81 -29.80 -8.91
C ASN B 118 -52.85 -30.61 -9.67
N ASN B 119 -52.68 -30.67 -10.99
CA ASN B 119 -53.47 -31.56 -11.83
C ASN B 119 -53.15 -33.01 -11.50
N ALA B 120 -54.09 -33.90 -11.84
CA ALA B 120 -53.92 -35.31 -11.50
C ALA B 120 -52.76 -35.94 -12.26
N THR B 121 -52.36 -35.36 -13.39
CA THR B 121 -51.25 -35.88 -14.18
C THR B 121 -50.11 -34.88 -14.38
N ASN B 122 -50.31 -33.60 -14.03
CA ASN B 122 -49.30 -32.58 -14.30
C ASN B 122 -49.45 -31.46 -13.27
N VAL B 123 -48.70 -30.38 -13.47
CA VAL B 123 -48.91 -29.11 -12.80
C VAL B 123 -48.77 -27.99 -13.84
N VAL B 124 -49.54 -26.93 -13.63
CA VAL B 124 -49.57 -25.78 -14.53
C VAL B 124 -49.22 -24.53 -13.71
N ILE B 125 -48.21 -23.79 -14.17
CA ILE B 125 -47.81 -22.54 -13.57
C ILE B 125 -48.05 -21.43 -14.59
N LYS B 126 -48.87 -20.46 -14.21
CA LYS B 126 -49.33 -19.43 -15.14
C LYS B 126 -49.23 -18.08 -14.46
N VAL B 127 -48.36 -17.22 -14.97
CA VAL B 127 -48.17 -15.88 -14.41
C VAL B 127 -49.17 -14.94 -15.07
N CYS B 128 -50.02 -14.33 -14.26
CA CYS B 128 -51.18 -13.60 -14.80
C CYS B 128 -51.66 -12.60 -13.75
N GLU B 129 -52.86 -12.07 -13.98
CA GLU B 129 -53.44 -10.97 -13.21
C GLU B 129 -54.86 -11.34 -12.77
N PHE B 130 -54.99 -12.51 -12.13
CA PHE B 130 -56.30 -13.02 -11.72
C PHE B 130 -56.97 -12.09 -10.72
N GLN B 131 -58.30 -12.01 -10.81
CA GLN B 131 -59.06 -11.13 -9.94
C GLN B 131 -59.22 -11.74 -8.55
N PHE B 132 -59.90 -12.89 -8.47
CA PHE B 132 -60.20 -13.54 -7.19
C PHE B 132 -60.66 -14.96 -7.49
N CYS B 133 -60.20 -15.92 -6.68
CA CYS B 133 -60.63 -17.30 -6.82
C CYS B 133 -61.42 -17.80 -5.62
N ASN B 134 -60.83 -17.76 -4.42
CA ASN B 134 -61.46 -18.21 -3.17
C ASN B 134 -62.00 -19.63 -3.27
N ASP B 135 -61.25 -20.51 -3.94
CA ASP B 135 -61.69 -21.87 -4.17
C ASP B 135 -60.51 -22.81 -4.37
N ARG B 155 -63.77 -23.91 -12.72
CA ARG B 155 -63.35 -22.52 -12.74
C ARG B 155 -62.80 -22.10 -11.38
N VAL B 156 -61.89 -21.13 -11.37
CA VAL B 156 -61.48 -20.49 -10.13
C VAL B 156 -61.66 -18.97 -10.22
N TYR B 157 -61.15 -18.35 -11.28
CA TYR B 157 -61.15 -16.90 -11.43
C TYR B 157 -62.14 -16.49 -12.51
N SER B 158 -62.15 -15.18 -12.82
CA SER B 158 -63.10 -14.60 -13.76
C SER B 158 -62.50 -14.30 -15.11
N SER B 159 -61.41 -13.53 -15.17
CA SER B 159 -60.88 -13.06 -16.43
C SER B 159 -59.36 -12.90 -16.33
N ALA B 160 -58.72 -12.82 -17.49
CA ALA B 160 -57.27 -12.70 -17.61
C ALA B 160 -56.95 -11.45 -18.43
N ASN B 161 -56.22 -10.51 -17.81
CA ASN B 161 -55.99 -9.20 -18.43
C ASN B 161 -54.65 -9.13 -19.17
N ASN B 162 -53.54 -9.28 -18.45
CA ASN B 162 -52.19 -9.19 -19.04
C ASN B 162 -51.41 -10.38 -18.52
N CYS B 163 -51.51 -11.52 -19.22
CA CYS B 163 -51.01 -12.80 -18.74
C CYS B 163 -50.20 -13.44 -19.86
N THR B 164 -48.89 -13.24 -19.85
CA THR B 164 -48.01 -13.65 -20.94
C THR B 164 -46.93 -14.62 -20.47
N PHE B 165 -47.28 -15.57 -19.60
CA PHE B 165 -46.34 -16.63 -19.23
C PHE B 165 -47.13 -17.86 -18.80
N GLU B 166 -46.94 -18.96 -19.53
CA GLU B 166 -47.56 -20.23 -19.24
C GLU B 166 -46.49 -21.32 -19.22
N TYR B 167 -46.67 -22.30 -18.34
CA TYR B 167 -45.69 -23.37 -18.19
C TYR B 167 -46.38 -24.60 -17.62
N VAL B 168 -45.94 -25.78 -18.07
CA VAL B 168 -46.48 -27.05 -17.59
C VAL B 168 -45.32 -27.98 -17.26
N SER B 169 -45.50 -28.81 -16.23
CA SER B 169 -44.48 -29.79 -15.86
C SER B 169 -45.15 -30.93 -15.08
N GLN B 170 -44.32 -31.78 -14.48
CA GLN B 170 -44.74 -33.00 -13.79
C GLN B 170 -45.24 -32.69 -12.38
N PRO B 171 -46.18 -33.48 -11.86
CA PRO B 171 -46.74 -33.19 -10.54
C PRO B 171 -45.79 -33.53 -9.40
N PHE B 172 -46.08 -32.95 -8.23
CA PHE B 172 -45.27 -33.08 -7.04
C PHE B 172 -45.88 -34.04 -6.01
N LEU B 173 -47.14 -33.83 -5.66
CA LEU B 173 -47.77 -34.52 -4.52
C LEU B 173 -48.01 -35.98 -4.89
N MET B 174 -47.06 -36.85 -4.56
CA MET B 174 -47.16 -38.27 -4.84
C MET B 174 -47.50 -39.04 -3.57
N ASP B 175 -48.55 -39.85 -3.64
CA ASP B 175 -48.92 -40.72 -2.52
C ASP B 175 -48.20 -42.07 -2.68
N LEU B 176 -46.91 -42.04 -2.35
CA LEU B 176 -46.04 -43.20 -2.54
C LEU B 176 -45.97 -44.07 -1.29
N GLU B 177 -47.16 -44.40 -0.78
CA GLU B 177 -47.30 -45.30 0.36
C GLU B 177 -48.19 -46.47 -0.02
N GLY B 178 -48.28 -47.44 0.88
CA GLY B 178 -49.05 -48.65 0.62
C GLY B 178 -50.51 -48.55 1.02
N LYS B 179 -51.10 -47.37 0.82
CA LYS B 179 -52.53 -47.10 1.07
C LYS B 179 -52.92 -47.41 2.52
N GLN B 180 -52.04 -47.09 3.46
CA GLN B 180 -52.28 -47.36 4.87
C GLN B 180 -51.96 -46.13 5.69
N GLY B 181 -52.71 -45.95 6.78
CA GLY B 181 -52.55 -44.81 7.65
C GLY B 181 -51.76 -45.11 8.91
N ASN B 182 -51.03 -46.22 8.91
CA ASN B 182 -50.16 -46.54 10.04
C ASN B 182 -49.04 -45.51 10.19
N PHE B 183 -48.47 -45.09 9.07
CA PHE B 183 -47.43 -44.07 9.05
C PHE B 183 -47.92 -42.84 8.28
N LYS B 184 -47.79 -41.68 8.90
CA LYS B 184 -48.25 -40.44 8.26
C LYS B 184 -47.27 -39.99 7.20
N ASN B 185 -47.82 -39.45 6.12
CA ASN B 185 -47.02 -38.99 4.98
C ASN B 185 -46.79 -37.49 5.14
N LEU B 186 -45.55 -37.12 5.43
CA LEU B 186 -45.18 -35.73 5.66
C LEU B 186 -44.62 -35.12 4.39
N ARG B 187 -45.14 -33.95 4.02
CA ARG B 187 -44.65 -33.21 2.86
C ARG B 187 -44.17 -31.85 3.33
N GLU B 188 -42.94 -31.50 2.97
CA GLU B 188 -42.34 -30.22 3.33
C GLU B 188 -41.97 -29.46 2.08
N PHE B 189 -42.33 -28.19 2.03
CA PHE B 189 -42.02 -27.32 0.91
C PHE B 189 -41.41 -26.04 1.43
N VAL B 190 -40.50 -25.47 0.64
CA VAL B 190 -39.85 -24.20 0.95
C VAL B 190 -39.97 -23.31 -0.27
N PHE B 191 -40.54 -22.11 -0.09
CA PHE B 191 -40.75 -21.18 -1.19
C PHE B 191 -39.94 -19.92 -0.93
N LYS B 192 -39.18 -19.49 -1.94
CA LYS B 192 -38.41 -18.26 -1.82
C LYS B 192 -38.15 -17.69 -3.21
N ASN B 193 -37.59 -16.48 -3.23
CA ASN B 193 -37.22 -15.82 -4.48
C ASN B 193 -36.08 -14.84 -4.27
N ILE B 194 -35.07 -14.93 -5.12
CA ILE B 194 -33.92 -14.01 -5.12
C ILE B 194 -33.63 -13.63 -6.56
N ASP B 195 -33.72 -12.34 -6.87
CA ASP B 195 -33.41 -11.77 -8.19
C ASP B 195 -34.27 -12.44 -9.27
N GLY B 196 -35.58 -12.22 -9.16
CA GLY B 196 -36.49 -13.11 -9.85
C GLY B 196 -36.34 -14.50 -9.27
N TYR B 197 -36.39 -15.52 -10.14
CA TYR B 197 -35.93 -16.87 -9.83
C TYR B 197 -36.66 -17.45 -8.63
N PHE B 198 -37.93 -17.76 -8.85
CA PHE B 198 -38.77 -18.37 -7.81
C PHE B 198 -38.27 -19.79 -7.53
N LYS B 199 -37.55 -19.96 -6.42
CA LYS B 199 -37.12 -21.29 -5.99
C LYS B 199 -38.18 -21.96 -5.14
N ILE B 200 -38.42 -23.23 -5.43
CA ILE B 200 -39.22 -24.12 -4.60
C ILE B 200 -38.34 -25.31 -4.21
N TYR B 201 -38.62 -25.87 -3.05
CA TYR B 201 -37.93 -27.06 -2.58
C TYR B 201 -38.96 -28.01 -1.97
N SER B 202 -38.83 -29.29 -2.28
CA SER B 202 -39.81 -30.28 -1.85
C SER B 202 -39.09 -31.47 -1.22
N LYS B 203 -39.68 -31.99 -0.14
CA LYS B 203 -39.20 -33.21 0.50
C LYS B 203 -40.40 -34.01 0.96
N HIS B 204 -40.40 -35.30 0.61
CA HIS B 204 -41.51 -36.20 0.91
C HIS B 204 -41.00 -37.27 1.87
N THR B 205 -41.28 -37.09 3.16
CA THR B 205 -40.88 -38.04 4.19
C THR B 205 -42.13 -38.64 4.80
N PRO B 206 -42.52 -39.86 4.40
CA PRO B 206 -43.62 -40.56 5.07
C PRO B 206 -43.20 -41.45 6.23
N VAL B 207 -41.91 -41.47 6.60
CA VAL B 207 -41.42 -42.42 7.60
C VAL B 207 -41.77 -42.04 9.02
N ASN B 208 -42.50 -40.94 9.22
CA ASN B 208 -42.91 -40.50 10.55
C ASN B 208 -44.31 -41.03 10.85
N LEU B 209 -44.49 -41.56 12.06
CA LEU B 209 -45.83 -41.96 12.49
C LEU B 209 -46.72 -40.74 12.69
N GLY B 210 -46.20 -39.71 13.36
CA GLY B 210 -46.82 -38.40 13.33
C GLY B 210 -47.85 -38.15 14.41
N ARG B 211 -47.57 -37.24 15.34
CA ARG B 211 -48.60 -36.72 16.22
C ARG B 211 -48.72 -35.20 16.15
N ASP B 212 -47.61 -34.46 16.26
CA ASP B 212 -47.57 -33.04 15.97
C ASP B 212 -46.55 -32.69 14.90
N LEU B 213 -45.30 -33.10 15.09
CA LEU B 213 -44.17 -32.79 14.22
C LEU B 213 -43.00 -33.70 14.58
N PRO B 214 -42.31 -34.27 13.59
CA PRO B 214 -41.23 -35.22 13.91
C PRO B 214 -40.00 -34.51 14.46
N GLN B 215 -39.09 -35.32 15.00
CA GLN B 215 -37.83 -34.84 15.55
C GLN B 215 -36.71 -35.63 14.87
N GLY B 216 -36.23 -35.11 13.75
CA GLY B 216 -35.19 -35.78 12.99
C GLY B 216 -34.55 -34.84 12.00
N PHE B 217 -33.55 -35.35 11.30
CA PHE B 217 -32.79 -34.59 10.33
C PHE B 217 -33.22 -34.93 8.91
N SER B 218 -33.31 -33.91 8.07
CA SER B 218 -33.72 -34.10 6.68
C SER B 218 -33.15 -32.96 5.84
N ALA B 219 -33.18 -33.16 4.53
CA ALA B 219 -32.71 -32.18 3.56
C ALA B 219 -33.82 -31.84 2.57
N LEU B 220 -33.62 -30.76 1.83
CA LEU B 220 -34.58 -30.31 0.83
C LEU B 220 -33.87 -30.20 -0.52
N GLU B 221 -34.49 -30.76 -1.57
CA GLU B 221 -33.88 -30.80 -2.89
C GLU B 221 -34.49 -29.73 -3.80
N PRO B 222 -33.70 -29.18 -4.73
CA PRO B 222 -34.26 -28.20 -5.67
C PRO B 222 -35.12 -28.85 -6.73
N LEU B 223 -36.12 -28.11 -7.19
CA LEU B 223 -37.01 -28.58 -8.24
C LEU B 223 -36.97 -27.69 -9.48
N VAL B 224 -37.09 -26.37 -9.31
CA VAL B 224 -37.09 -25.44 -10.43
C VAL B 224 -36.63 -24.08 -9.92
N ASP B 225 -35.94 -23.34 -10.79
CA ASP B 225 -35.49 -21.98 -10.52
C ASP B 225 -36.09 -21.02 -11.54
N LEU B 226 -37.39 -21.15 -11.78
CA LEU B 226 -38.05 -20.36 -12.80
C LEU B 226 -38.22 -18.90 -12.34
N PRO B 227 -38.04 -17.93 -13.24
CA PRO B 227 -38.21 -16.52 -12.87
C PRO B 227 -39.61 -15.99 -13.14
N ILE B 228 -40.00 -15.01 -12.33
CA ILE B 228 -41.30 -14.36 -12.51
C ILE B 228 -41.12 -12.87 -12.77
N GLY B 229 -40.05 -12.29 -12.22
CA GLY B 229 -39.77 -10.88 -12.45
C GLY B 229 -40.57 -9.91 -11.60
N ILE B 230 -41.43 -10.39 -10.71
CA ILE B 230 -42.21 -9.52 -9.83
C ILE B 230 -42.15 -10.08 -8.41
N ASN B 231 -42.02 -9.18 -7.44
CA ASN B 231 -41.92 -9.58 -6.04
C ASN B 231 -43.28 -10.03 -5.51
N ILE B 232 -43.25 -10.85 -4.46
CA ILE B 232 -44.44 -11.43 -3.85
C ILE B 232 -44.44 -11.06 -2.38
N THR B 233 -45.59 -10.57 -1.90
CA THR B 233 -45.73 -10.18 -0.50
C THR B 233 -46.80 -10.95 0.26
N ARG B 234 -47.74 -11.60 -0.42
CA ARG B 234 -48.80 -12.35 0.23
C ARG B 234 -49.07 -13.62 -0.56
N PHE B 235 -49.60 -14.64 0.12
CA PHE B 235 -49.92 -15.90 -0.55
C PHE B 235 -51.04 -16.60 0.21
N GLN B 236 -51.69 -17.54 -0.48
CA GLN B 236 -52.80 -18.30 0.08
C GLN B 236 -52.75 -19.72 -0.47
N THR B 237 -53.32 -20.64 0.29
CA THR B 237 -53.33 -22.06 -0.05
C THR B 237 -54.67 -22.44 -0.66
N LEU B 238 -54.63 -23.09 -1.82
CA LEU B 238 -55.83 -23.55 -2.50
C LEU B 238 -56.20 -24.95 -2.02
N LEU B 239 -57.44 -25.11 -1.57
CA LEU B 239 -57.92 -26.38 -1.05
C LEU B 239 -59.14 -26.81 -1.87
N ALA B 240 -59.25 -28.11 -2.11
CA ALA B 240 -60.36 -28.67 -2.85
C ALA B 240 -61.47 -29.15 -1.92
N ALA B 260 -55.00 -30.36 11.37
CA ALA B 260 -54.44 -31.66 11.00
C ALA B 260 -53.18 -31.50 10.17
N ALA B 261 -53.10 -30.40 9.42
CA ALA B 261 -51.99 -30.14 8.53
C ALA B 261 -51.81 -28.62 8.44
N TYR B 262 -51.10 -28.17 7.40
CA TYR B 262 -50.92 -26.76 7.07
C TYR B 262 -50.19 -26.00 8.20
N TYR B 263 -48.94 -26.40 8.41
CA TYR B 263 -48.02 -25.65 9.25
C TYR B 263 -47.28 -24.63 8.40
N VAL B 264 -47.16 -23.41 8.91
CA VAL B 264 -46.53 -22.31 8.19
C VAL B 264 -45.48 -21.68 9.09
N GLY B 265 -44.27 -21.54 8.58
CA GLY B 265 -43.20 -20.89 9.31
C GLY B 265 -42.43 -19.92 8.44
N TYR B 266 -41.90 -18.89 9.08
CA TYR B 266 -41.16 -17.84 8.40
C TYR B 266 -39.66 -18.01 8.62
N LEU B 267 -38.88 -17.36 7.75
CA LEU B 267 -37.44 -17.49 7.73
C LEU B 267 -36.79 -16.13 7.96
N GLN B 268 -35.48 -16.14 8.19
CA GLN B 268 -34.71 -14.93 8.40
C GLN B 268 -33.25 -15.23 8.07
N PRO B 269 -32.44 -14.21 7.76
CA PRO B 269 -31.02 -14.48 7.48
C PRO B 269 -30.28 -14.90 8.74
N ARG B 270 -29.70 -16.10 8.70
CA ARG B 270 -28.95 -16.66 9.82
C ARG B 270 -27.70 -17.34 9.29
N THR B 271 -26.78 -17.62 10.20
CA THR B 271 -25.56 -18.36 9.89
C THR B 271 -25.74 -19.83 10.24
N PHE B 272 -25.38 -20.71 9.31
CA PHE B 272 -25.53 -22.15 9.50
C PHE B 272 -24.22 -22.85 9.17
N LEU B 273 -23.89 -23.86 9.97
CA LEU B 273 -22.73 -24.70 9.74
C LEU B 273 -23.23 -26.10 9.43
N LEU B 274 -22.83 -26.62 8.27
CA LEU B 274 -23.37 -27.85 7.72
C LEU B 274 -22.33 -28.96 7.79
N LYS B 275 -22.79 -30.18 8.04
CA LYS B 275 -21.93 -31.37 8.07
C LYS B 275 -22.33 -32.26 6.90
N TYR B 276 -21.61 -32.15 5.80
CA TYR B 276 -21.89 -32.94 4.62
C TYR B 276 -21.54 -34.41 4.85
N ASN B 277 -22.21 -35.27 4.11
CA ASN B 277 -21.97 -36.70 4.20
C ASN B 277 -20.70 -37.07 3.42
N GLU B 278 -20.33 -38.35 3.49
CA GLU B 278 -19.16 -38.82 2.76
C GLU B 278 -19.42 -39.00 1.26
N ASN B 279 -20.69 -39.07 0.85
CA ASN B 279 -21.02 -39.16 -0.57
C ASN B 279 -22.22 -38.28 -0.92
N GLY B 280 -22.24 -37.05 -0.40
CA GLY B 280 -23.15 -36.05 -0.95
C GLY B 280 -24.21 -35.46 -0.04
N THR B 281 -24.85 -36.27 0.80
CA THR B 281 -26.02 -35.83 1.54
C THR B 281 -25.62 -35.02 2.76
N ILE B 282 -26.58 -34.75 3.64
CA ILE B 282 -26.38 -33.95 4.85
C ILE B 282 -26.76 -34.80 6.05
N THR B 283 -25.83 -34.91 7.00
CA THR B 283 -26.07 -35.66 8.24
C THR B 283 -26.39 -34.77 9.43
N ASP B 284 -25.66 -33.68 9.61
CA ASP B 284 -25.84 -32.81 10.76
C ASP B 284 -25.77 -31.35 10.32
N ALA B 285 -26.43 -30.49 11.09
CA ALA B 285 -26.37 -29.05 10.86
C ALA B 285 -26.56 -28.34 12.19
N VAL B 286 -25.94 -27.17 12.33
CA VAL B 286 -26.01 -26.41 13.56
C VAL B 286 -26.16 -24.92 13.25
N ASP B 287 -27.03 -24.25 14.00
CA ASP B 287 -27.16 -22.81 13.95
C ASP B 287 -26.42 -22.20 15.12
N CYS B 288 -25.61 -21.18 14.84
CA CYS B 288 -24.69 -20.62 15.83
C CYS B 288 -25.03 -19.18 16.21
N ALA B 289 -26.32 -18.91 16.42
CA ALA B 289 -26.78 -17.66 17.00
C ALA B 289 -27.83 -17.93 18.08
N LEU B 290 -27.76 -19.11 18.69
CA LEU B 290 -28.76 -19.55 19.65
C LEU B 290 -28.17 -19.80 21.04
N ASP B 291 -27.05 -20.51 21.12
CA ASP B 291 -26.45 -20.92 22.37
C ASP B 291 -24.97 -20.56 22.39
N PRO B 292 -24.40 -20.27 23.57
CA PRO B 292 -22.95 -20.08 23.65
C PRO B 292 -22.15 -21.30 23.19
N LEU B 293 -22.64 -22.50 23.48
CA LEU B 293 -22.02 -23.70 22.93
C LEU B 293 -22.11 -23.74 21.41
N SER B 294 -23.23 -23.26 20.87
CA SER B 294 -23.40 -23.21 19.42
C SER B 294 -22.44 -22.21 18.78
N GLU B 295 -22.25 -21.04 19.40
CA GLU B 295 -21.30 -20.07 18.86
C GLU B 295 -19.86 -20.56 19.01
N THR B 296 -19.56 -21.29 20.09
CA THR B 296 -18.24 -21.90 20.23
C THR B 296 -18.01 -22.95 19.14
N LYS B 297 -19.02 -23.78 18.86
CA LYS B 297 -18.94 -24.73 17.77
C LYS B 297 -18.93 -24.07 16.40
N CYS B 298 -19.37 -22.81 16.31
CA CYS B 298 -19.34 -22.07 15.05
C CYS B 298 -17.99 -21.42 14.78
N THR B 299 -17.37 -20.83 15.81
CA THR B 299 -16.09 -20.17 15.61
C THR B 299 -14.92 -21.16 15.51
N LEU B 300 -15.13 -22.40 15.95
CA LEU B 300 -14.16 -23.47 15.77
C LEU B 300 -14.81 -24.51 14.87
N LYS B 301 -14.27 -24.68 13.67
CA LYS B 301 -14.96 -25.45 12.64
C LYS B 301 -14.95 -26.95 12.92
N SER B 302 -15.68 -27.34 13.97
CA SER B 302 -15.83 -28.74 14.34
C SER B 302 -17.07 -28.86 15.21
N PHE B 303 -17.58 -30.09 15.32
CA PHE B 303 -18.75 -30.36 16.13
C PHE B 303 -18.40 -30.77 17.56
N THR B 304 -17.12 -30.84 17.90
CA THR B 304 -16.67 -31.20 19.24
C THR B 304 -15.68 -30.16 19.73
N VAL B 305 -15.89 -29.67 20.95
CA VAL B 305 -15.01 -28.68 21.56
C VAL B 305 -14.41 -29.28 22.83
N GLU B 306 -13.36 -28.65 23.32
CA GLU B 306 -12.60 -29.14 24.45
C GLU B 306 -12.68 -28.14 25.61
N LYS B 307 -11.89 -28.39 26.64
CA LYS B 307 -11.87 -27.56 27.83
C LYS B 307 -11.22 -26.21 27.55
N GLY B 308 -11.25 -25.34 28.55
CA GLY B 308 -10.56 -24.06 28.46
C GLY B 308 -11.50 -22.88 28.31
N ILE B 309 -11.02 -21.83 27.64
CA ILE B 309 -11.79 -20.63 27.41
C ILE B 309 -11.62 -20.22 25.95
N TYR B 310 -12.71 -19.79 25.33
CA TYR B 310 -12.72 -19.47 23.91
C TYR B 310 -13.37 -18.10 23.71
N GLN B 311 -12.75 -17.28 22.88
CA GLN B 311 -13.36 -16.01 22.48
C GLN B 311 -14.30 -16.24 21.31
N THR B 312 -15.48 -15.64 21.37
CA THR B 312 -16.48 -15.80 20.32
C THR B 312 -16.76 -14.50 19.58
N SER B 313 -17.13 -13.45 20.29
CA SER B 313 -17.48 -12.17 19.68
C SER B 313 -17.39 -11.08 20.74
N ASN B 314 -17.92 -9.91 20.43
CA ASN B 314 -18.00 -8.79 21.35
C ASN B 314 -19.46 -8.45 21.61
N PHE B 315 -19.68 -7.64 22.64
CA PHE B 315 -21.03 -7.16 22.97
C PHE B 315 -20.98 -5.67 23.23
N ARG B 316 -22.07 -5.00 22.90
CA ARG B 316 -22.20 -3.56 23.10
C ARG B 316 -23.55 -3.25 23.72
N VAL B 317 -23.58 -2.26 24.61
CA VAL B 317 -24.84 -1.77 25.15
C VAL B 317 -25.49 -0.91 24.07
N GLN B 318 -26.53 -1.45 23.44
CA GLN B 318 -27.15 -0.77 22.31
C GLN B 318 -27.91 0.46 22.78
N PRO B 319 -27.86 1.56 22.03
CA PRO B 319 -28.59 2.77 22.43
C PRO B 319 -30.09 2.58 22.30
N THR B 320 -30.82 3.38 23.09
CA THR B 320 -32.27 3.26 23.20
C THR B 320 -33.02 4.43 22.60
N GLU B 321 -32.71 5.66 23.03
CA GLU B 321 -33.49 6.83 22.67
C GLU B 321 -32.71 7.72 21.72
N SER B 322 -33.44 8.46 20.88
CA SER B 322 -32.85 9.43 19.96
C SER B 322 -33.24 10.83 20.41
N ILE B 323 -32.25 11.72 20.50
CA ILE B 323 -32.47 13.11 20.89
C ILE B 323 -31.78 14.02 19.87
N VAL B 324 -32.46 15.09 19.48
CA VAL B 324 -31.92 16.11 18.58
C VAL B 324 -32.09 17.46 19.28
N ARG B 325 -31.01 18.24 19.32
CA ARG B 325 -31.02 19.55 19.96
C ARG B 325 -30.32 20.55 19.05
N PHE B 326 -31.05 21.38 18.29
CA PHE B 326 -30.37 22.27 17.31
C PHE B 326 -30.19 23.65 17.94
N PRO B 327 -30.37 24.82 17.27
CA PRO B 327 -30.32 26.11 17.96
C PRO B 327 -31.73 26.53 18.38
N ASN B 328 -31.94 27.80 18.69
CA ASN B 328 -33.31 28.29 19.01
C ASN B 328 -33.87 29.14 17.86
N ILE B 329 -33.15 29.26 16.74
CA ILE B 329 -33.61 30.21 15.70
C ILE B 329 -34.95 29.72 15.15
N THR B 330 -35.64 30.60 14.42
CA THR B 330 -36.99 30.25 13.91
C THR B 330 -37.22 30.93 12.56
N ASN B 331 -36.56 32.06 12.33
CA ASN B 331 -36.82 32.83 11.08
C ASN B 331 -36.59 31.93 9.87
N LEU B 332 -36.79 32.48 8.68
CA LEU B 332 -36.70 31.70 7.46
C LEU B 332 -35.71 32.35 6.51
N CYS B 333 -34.81 31.55 5.95
CA CYS B 333 -33.73 32.09 5.13
C CYS B 333 -34.27 32.59 3.79
N PRO B 334 -33.83 33.77 3.35
CA PRO B 334 -34.38 34.36 2.12
C PRO B 334 -33.76 33.78 0.85
N PHE B 335 -34.03 32.50 0.61
CA PHE B 335 -33.67 31.89 -0.66
C PHE B 335 -34.64 32.23 -1.78
N HIS B 336 -35.76 32.87 -1.46
CA HIS B 336 -36.70 33.35 -2.46
C HIS B 336 -36.35 34.75 -2.96
N GLU B 337 -35.19 35.28 -2.57
CA GLU B 337 -34.69 36.53 -3.10
C GLU B 337 -33.34 36.40 -3.81
N VAL B 338 -32.59 35.32 -3.56
CA VAL B 338 -31.30 35.14 -4.22
C VAL B 338 -31.50 34.64 -5.65
N PHE B 339 -32.14 33.47 -5.80
CA PHE B 339 -32.41 32.94 -7.13
C PHE B 339 -33.47 33.77 -7.85
N ASN B 340 -34.53 34.14 -7.14
CA ASN B 340 -35.57 35.01 -7.70
C ASN B 340 -35.09 36.45 -7.71
N ALA B 341 -34.54 36.91 -8.84
CA ALA B 341 -34.03 38.28 -8.92
C ALA B 341 -34.06 38.74 -10.37
N THR B 342 -33.84 40.04 -10.56
CA THR B 342 -33.81 40.64 -11.89
C THR B 342 -32.56 41.48 -12.15
N ARG B 343 -31.72 41.72 -11.15
CA ARG B 343 -30.55 42.59 -11.26
C ARG B 343 -29.29 41.86 -10.82
N PHE B 344 -29.07 40.68 -11.40
CA PHE B 344 -27.90 39.88 -11.07
C PHE B 344 -26.61 40.60 -11.45
N ALA B 345 -25.54 40.29 -10.73
CA ALA B 345 -24.26 40.95 -10.92
C ALA B 345 -23.56 40.38 -12.16
N SER B 346 -22.33 40.83 -12.39
CA SER B 346 -21.58 40.48 -13.59
C SER B 346 -20.36 39.64 -13.23
N VAL B 347 -19.73 39.10 -14.27
CA VAL B 347 -18.56 38.23 -14.07
C VAL B 347 -17.35 39.04 -13.62
N TYR B 348 -17.17 40.27 -14.13
CA TYR B 348 -16.01 41.06 -13.75
C TYR B 348 -16.16 41.62 -12.33
N ALA B 349 -17.39 41.86 -11.89
CA ALA B 349 -17.65 42.36 -10.54
C ALA B 349 -18.93 41.68 -10.05
N TRP B 350 -18.76 40.62 -9.27
CA TRP B 350 -19.90 39.86 -8.76
C TRP B 350 -20.26 40.33 -7.35
N ASN B 351 -21.44 39.89 -6.89
CA ASN B 351 -21.94 40.24 -5.57
C ASN B 351 -21.73 39.09 -4.61
N ARG B 352 -21.35 39.42 -3.38
CA ARG B 352 -21.21 38.45 -2.30
C ARG B 352 -22.29 38.71 -1.26
N LYS B 353 -23.01 37.67 -0.89
CA LYS B 353 -24.14 37.79 0.03
C LYS B 353 -23.94 36.85 1.21
N ARG B 354 -24.37 37.31 2.38
CA ARG B 354 -24.25 36.54 3.61
C ARG B 354 -25.63 36.26 4.18
N ILE B 355 -25.74 35.14 4.89
CA ILE B 355 -26.99 34.68 5.50
C ILE B 355 -26.77 34.62 7.01
N SER B 356 -27.83 34.91 7.77
CA SER B 356 -27.80 34.99 9.22
C SER B 356 -28.69 33.88 9.78
N ASN B 357 -28.97 33.97 11.09
CA ASN B 357 -29.74 32.94 11.79
C ASN B 357 -31.14 32.80 11.24
N CYS B 358 -31.40 31.69 10.54
CA CYS B 358 -32.72 31.37 10.01
C CYS B 358 -32.79 29.87 9.75
N VAL B 359 -33.84 29.44 9.05
CA VAL B 359 -34.08 28.03 8.74
C VAL B 359 -33.79 27.83 7.26
N ALA B 360 -32.89 26.90 6.96
CA ALA B 360 -32.48 26.61 5.60
C ALA B 360 -33.24 25.40 5.08
N ASP B 361 -33.95 25.59 3.97
CA ASP B 361 -34.72 24.52 3.33
C ASP B 361 -34.24 24.40 1.89
N TYR B 362 -33.54 23.30 1.60
CA TYR B 362 -33.01 23.05 0.27
C TYR B 362 -33.89 22.12 -0.55
N SER B 363 -35.08 21.77 -0.04
CA SER B 363 -35.98 20.87 -0.76
C SER B 363 -36.51 21.49 -2.03
N VAL B 364 -36.80 22.78 -2.02
CA VAL B 364 -37.37 23.46 -3.19
C VAL B 364 -36.37 23.63 -4.32
N LEU B 365 -35.08 23.35 -4.08
CA LEU B 365 -34.08 23.51 -5.13
C LEU B 365 -34.20 22.42 -6.18
N TYR B 366 -34.34 21.17 -5.76
CA TYR B 366 -34.35 20.04 -6.69
C TYR B 366 -35.70 19.35 -6.83
N ASN B 367 -36.55 19.38 -5.80
CA ASN B 367 -37.90 18.84 -5.96
C ASN B 367 -38.73 19.70 -6.89
N PHE B 368 -38.48 21.00 -6.91
CA PHE B 368 -39.11 21.92 -7.85
C PHE B 368 -38.03 22.55 -8.73
N ALA B 369 -38.49 23.32 -9.73
CA ALA B 369 -37.68 23.99 -10.75
C ALA B 369 -36.74 23.02 -11.44
N PRO B 370 -37.25 22.14 -12.31
CA PRO B 370 -36.39 21.11 -12.94
C PRO B 370 -35.73 21.60 -14.23
N PHE B 371 -34.75 22.49 -14.10
CA PHE B 371 -34.03 22.98 -15.28
C PHE B 371 -32.94 22.00 -15.72
N PHE B 372 -31.95 21.79 -14.87
CA PHE B 372 -30.79 20.93 -15.14
C PHE B 372 -30.58 19.98 -13.97
N ALA B 373 -29.63 19.06 -14.14
CA ALA B 373 -29.06 18.35 -13.02
C ALA B 373 -28.12 19.27 -12.26
N PHE B 374 -28.01 19.05 -10.96
CA PHE B 374 -27.20 19.95 -10.13
C PHE B 374 -25.71 19.78 -10.41
N LYS B 375 -25.27 18.54 -10.69
CA LYS B 375 -23.88 18.18 -10.94
C LYS B 375 -22.97 18.66 -9.81
N CYS B 376 -23.41 18.39 -8.59
CA CYS B 376 -22.78 18.97 -7.41
C CYS B 376 -21.45 18.30 -7.07
N TYR B 377 -20.49 19.12 -6.66
CA TYR B 377 -19.24 18.67 -6.10
C TYR B 377 -19.35 18.61 -4.58
N GLY B 378 -18.38 17.94 -3.95
CA GLY B 378 -18.21 17.87 -2.50
C GLY B 378 -19.45 17.23 -1.88
N VAL B 379 -20.31 17.97 -1.20
CA VAL B 379 -21.42 17.37 -0.46
C VAL B 379 -22.52 16.94 -1.43
N SER B 380 -23.11 15.75 -1.16
CA SER B 380 -24.24 15.26 -1.92
C SER B 380 -25.48 16.12 -1.64
N PRO B 381 -26.32 16.35 -2.66
CA PRO B 381 -27.46 17.26 -2.47
C PRO B 381 -28.55 16.71 -1.56
N THR B 382 -28.66 15.39 -1.45
CA THR B 382 -29.75 14.81 -0.66
C THR B 382 -29.52 14.99 0.84
N LYS B 383 -28.26 15.12 1.26
CA LYS B 383 -27.95 15.28 2.66
C LYS B 383 -27.90 16.75 3.08
N LEU B 384 -28.11 17.68 2.15
CA LEU B 384 -28.07 19.09 2.50
C LEU B 384 -29.25 19.50 3.37
N ASN B 385 -30.35 18.75 3.30
CA ASN B 385 -31.52 19.08 4.09
C ASN B 385 -31.34 18.72 5.55
N ASP B 386 -30.38 17.84 5.86
CA ASP B 386 -30.24 17.35 7.22
C ASP B 386 -29.14 18.09 7.97
N LEU B 387 -27.92 18.07 7.43
CA LEU B 387 -26.79 18.75 8.06
C LEU B 387 -26.94 20.26 7.93
N CYS B 388 -26.35 20.98 8.87
CA CYS B 388 -26.53 22.42 8.94
C CYS B 388 -25.20 23.10 9.21
N PHE B 389 -25.11 24.36 8.79
CA PHE B 389 -23.83 25.04 8.64
C PHE B 389 -23.72 26.28 9.52
N THR B 390 -22.66 27.07 9.31
CA THR B 390 -22.45 28.33 10.02
C THR B 390 -22.65 29.55 9.14
N ASN B 391 -22.06 29.59 7.95
CA ASN B 391 -22.22 30.70 7.03
C ASN B 391 -22.52 30.18 5.63
N VAL B 392 -23.33 30.92 4.90
CA VAL B 392 -23.70 30.60 3.52
C VAL B 392 -23.33 31.79 2.66
N TYR B 393 -22.57 31.54 1.59
CA TYR B 393 -22.11 32.59 0.69
C TYR B 393 -22.58 32.26 -0.72
N ALA B 394 -23.22 33.23 -1.37
CA ALA B 394 -23.80 33.04 -2.70
C ALA B 394 -23.29 34.13 -3.64
N ASP B 395 -22.81 33.72 -4.80
CA ASP B 395 -22.34 34.63 -5.83
C ASP B 395 -23.06 34.31 -7.13
N SER B 396 -23.52 35.34 -7.84
CA SER B 396 -24.32 35.15 -9.04
C SER B 396 -23.80 36.03 -10.17
N PHE B 397 -23.80 35.47 -11.38
CA PHE B 397 -23.36 36.17 -12.58
C PHE B 397 -23.89 35.41 -13.79
N VAL B 398 -23.60 35.95 -14.98
CA VAL B 398 -23.91 35.28 -16.24
C VAL B 398 -22.63 35.25 -17.07
N ILE B 399 -22.44 34.18 -17.83
CA ILE B 399 -21.23 33.94 -18.60
C ILE B 399 -21.62 33.43 -19.98
N ARG B 400 -20.59 33.09 -20.77
CA ARG B 400 -20.82 32.51 -22.08
C ARG B 400 -21.39 31.10 -21.95
N GLY B 401 -22.07 30.66 -23.00
CA GLY B 401 -22.71 29.35 -23.01
C GLY B 401 -21.75 28.19 -23.00
N ASN B 402 -20.50 28.40 -23.44
CA ASN B 402 -19.48 27.37 -23.39
C ASN B 402 -18.73 27.36 -22.06
N GLU B 403 -18.97 28.33 -21.19
CA GLU B 403 -18.19 28.49 -19.96
C GLU B 403 -18.80 27.80 -18.75
N VAL B 404 -19.89 27.04 -18.93
CA VAL B 404 -20.44 26.25 -17.83
C VAL B 404 -19.45 25.17 -17.41
N SER B 405 -18.85 24.48 -18.38
CA SER B 405 -17.81 23.51 -18.09
C SER B 405 -16.56 24.15 -17.49
N GLN B 406 -16.35 25.44 -17.73
CA GLN B 406 -15.25 26.16 -17.09
C GLN B 406 -15.48 26.40 -15.61
N ILE B 407 -16.71 26.24 -15.12
CA ILE B 407 -17.00 26.40 -13.70
C ILE B 407 -16.68 25.10 -12.99
N ALA B 408 -15.42 24.94 -12.59
CA ALA B 408 -14.94 23.74 -11.93
C ALA B 408 -13.61 24.07 -11.26
N PRO B 409 -13.29 23.45 -10.14
CA PRO B 409 -11.97 23.65 -9.53
C PRO B 409 -10.86 23.13 -10.44
N GLY B 410 -9.74 23.87 -10.46
CA GLY B 410 -8.60 23.51 -11.28
C GLY B 410 -8.76 23.75 -12.76
N GLN B 411 -9.82 24.45 -13.18
CA GLN B 411 -10.07 24.72 -14.58
C GLN B 411 -9.51 26.08 -14.97
N THR B 412 -8.91 26.14 -16.15
CA THR B 412 -8.37 27.38 -16.71
C THR B 412 -9.15 27.75 -17.97
N GLY B 413 -9.11 29.03 -18.30
CA GLY B 413 -9.83 29.51 -19.47
C GLY B 413 -9.69 31.02 -19.60
N ASN B 414 -10.55 31.58 -20.46
CA ASN B 414 -10.55 33.03 -20.66
C ASN B 414 -11.01 33.76 -19.40
N ILE B 415 -12.03 33.23 -18.72
CA ILE B 415 -12.56 33.86 -17.52
C ILE B 415 -12.02 33.24 -16.24
N ALA B 416 -11.46 32.02 -16.30
CA ALA B 416 -11.01 31.32 -15.12
C ALA B 416 -9.66 31.80 -14.61
N ASP B 417 -8.91 32.54 -15.42
CA ASP B 417 -7.60 33.04 -15.01
C ASP B 417 -7.60 34.51 -14.65
N TYR B 418 -8.58 35.27 -15.12
CA TYR B 418 -8.64 36.72 -14.90
C TYR B 418 -9.92 37.18 -14.22
N ASN B 419 -11.07 36.62 -14.59
CA ASN B 419 -12.35 37.17 -14.15
C ASN B 419 -12.82 36.57 -12.83
N TYR B 420 -12.99 35.25 -12.78
CA TYR B 420 -13.41 34.58 -11.55
C TYR B 420 -12.55 33.34 -11.34
N LYS B 421 -12.13 33.13 -10.09
CA LYS B 421 -11.26 32.01 -9.72
C LYS B 421 -12.00 31.08 -8.78
N LEU B 422 -11.94 29.79 -9.07
CA LEU B 422 -12.53 28.76 -8.21
C LEU B 422 -11.41 28.00 -7.51
N PRO B 423 -11.40 27.95 -6.18
CA PRO B 423 -10.35 27.21 -5.48
C PRO B 423 -10.54 25.70 -5.60
N ASP B 424 -9.44 24.98 -5.44
CA ASP B 424 -9.47 23.52 -5.54
C ASP B 424 -10.14 22.87 -4.33
N ASP B 425 -10.18 23.56 -3.19
CA ASP B 425 -10.82 23.05 -1.98
C ASP B 425 -12.22 23.60 -1.80
N PHE B 426 -12.93 23.81 -2.91
CA PHE B 426 -14.27 24.40 -2.86
C PHE B 426 -15.27 23.40 -2.30
N THR B 427 -16.06 23.85 -1.33
CA THR B 427 -17.11 23.05 -0.72
C THR B 427 -18.46 23.65 -1.06
N GLY B 428 -19.44 22.78 -1.28
CA GLY B 428 -20.71 23.20 -1.85
C GLY B 428 -20.75 22.91 -3.34
N CYS B 429 -21.70 23.54 -4.02
CA CYS B 429 -21.81 23.35 -5.46
C CYS B 429 -22.51 24.54 -6.10
N VAL B 430 -22.68 24.46 -7.41
CA VAL B 430 -23.12 25.56 -8.25
C VAL B 430 -24.48 25.24 -8.84
N ILE B 431 -25.14 26.27 -9.35
CA ILE B 431 -26.45 26.16 -10.00
C ILE B 431 -26.41 26.95 -11.29
N ALA B 432 -26.78 26.31 -12.40
CA ALA B 432 -26.83 26.97 -13.70
C ALA B 432 -28.10 26.56 -14.43
N TRP B 433 -28.69 27.49 -15.16
CA TRP B 433 -29.89 27.22 -15.93
C TRP B 433 -29.97 28.18 -17.12
N ASN B 434 -30.86 27.85 -18.05
CA ASN B 434 -30.99 28.64 -19.27
C ASN B 434 -31.76 29.92 -18.99
N SER B 435 -31.26 31.04 -19.52
CA SER B 435 -31.86 32.35 -19.27
C SER B 435 -31.91 33.15 -20.56
N ASN B 436 -32.37 32.52 -21.65
CA ASN B 436 -32.55 33.24 -22.90
C ASN B 436 -33.64 34.29 -22.80
N LYS B 437 -34.72 33.98 -22.09
CA LYS B 437 -35.83 34.91 -21.92
C LYS B 437 -35.63 35.88 -20.76
N LEU B 438 -34.54 35.75 -20.01
CA LEU B 438 -34.31 36.61 -18.86
C LEU B 438 -33.49 37.83 -19.22
N ASP B 439 -32.26 37.62 -19.73
CA ASP B 439 -31.34 38.71 -20.07
C ASP B 439 -30.80 38.49 -21.49
N SER B 440 -31.58 38.94 -22.48
CA SER B 440 -31.11 38.93 -23.87
C SER B 440 -31.89 40.03 -24.60
N LYS B 441 -31.26 41.19 -24.74
CA LYS B 441 -31.91 42.31 -25.41
C LYS B 441 -32.00 42.06 -26.92
N VAL B 442 -32.88 42.82 -27.57
CA VAL B 442 -33.06 42.66 -29.02
C VAL B 442 -31.80 43.09 -29.77
N SER B 443 -31.11 44.12 -29.27
CA SER B 443 -29.79 44.45 -29.74
C SER B 443 -28.70 43.72 -28.97
N GLY B 444 -29.04 43.13 -27.83
CA GLY B 444 -28.09 42.47 -26.97
C GLY B 444 -27.72 43.33 -25.77
N ASN B 445 -27.35 42.66 -24.68
CA ASN B 445 -26.98 43.35 -23.45
C ASN B 445 -25.48 43.61 -23.48
N TYR B 446 -25.11 44.82 -23.90
CA TYR B 446 -23.71 45.24 -23.89
C TYR B 446 -23.28 45.76 -22.53
N ASN B 447 -24.19 45.82 -21.56
CA ASN B 447 -23.86 46.28 -20.22
C ASN B 447 -22.97 45.30 -19.46
N TYR B 448 -22.94 44.04 -19.88
CA TYR B 448 -22.11 43.03 -19.23
C TYR B 448 -20.75 42.98 -19.90
N LEU B 449 -19.70 43.10 -19.10
CA LEU B 449 -18.32 43.16 -19.58
C LEU B 449 -17.55 41.94 -19.08
N TYR B 450 -16.35 41.77 -19.63
CA TYR B 450 -15.41 40.78 -19.12
C TYR B 450 -14.01 41.18 -19.53
N ARG B 451 -13.08 41.09 -18.59
CA ARG B 451 -11.69 41.43 -18.85
C ARG B 451 -10.95 40.20 -19.35
N LEU B 452 -10.30 40.34 -20.51
CA LEU B 452 -9.56 39.24 -21.11
C LEU B 452 -8.05 39.46 -21.12
N PHE B 453 -7.59 40.68 -20.87
CA PHE B 453 -6.17 40.99 -20.81
C PHE B 453 -5.87 41.58 -19.44
N ARG B 454 -4.86 41.01 -18.77
CA ARG B 454 -4.52 41.45 -17.42
C ARG B 454 -3.04 41.22 -17.19
N LYS B 455 -2.47 42.00 -16.27
CA LYS B 455 -1.05 41.92 -15.98
C LYS B 455 -0.69 40.59 -15.30
N SER B 456 -1.52 40.14 -14.36
CA SER B 456 -1.22 38.94 -13.58
C SER B 456 -2.45 38.04 -13.51
N LYS B 457 -2.21 36.79 -13.14
CA LYS B 457 -3.29 35.85 -12.94
C LYS B 457 -4.10 36.22 -11.70
N LEU B 458 -5.38 35.87 -11.72
CA LEU B 458 -6.29 36.26 -10.65
C LEU B 458 -6.03 35.43 -9.39
N LYS B 459 -5.89 36.12 -8.27
CA LYS B 459 -5.82 35.46 -6.98
C LYS B 459 -7.19 34.87 -6.63
N PRO B 460 -7.22 33.78 -5.85
CA PRO B 460 -8.51 33.19 -5.46
C PRO B 460 -9.33 34.15 -4.59
N PHE B 461 -10.60 34.31 -4.96
CA PHE B 461 -11.55 35.21 -4.31
C PHE B 461 -11.03 36.66 -4.31
N GLU B 462 -10.84 37.20 -5.50
CA GLU B 462 -10.37 38.56 -5.67
C GLU B 462 -11.17 39.24 -6.77
N ARG B 463 -11.63 40.46 -6.50
CA ARG B 463 -12.38 41.26 -7.45
C ARG B 463 -11.54 42.47 -7.85
N ASP B 464 -11.46 42.73 -9.16
CA ASP B 464 -10.55 43.73 -9.71
C ASP B 464 -11.28 44.63 -10.72
N ILE B 465 -12.44 45.14 -10.34
CA ILE B 465 -13.15 46.10 -11.17
C ILE B 465 -12.43 47.44 -11.10
N SER B 466 -11.99 47.94 -12.26
CA SER B 466 -11.22 49.18 -12.32
C SER B 466 -11.28 49.73 -13.73
N THR B 467 -10.93 51.01 -13.86
CA THR B 467 -10.82 51.68 -15.15
C THR B 467 -9.36 51.98 -15.41
N GLU B 468 -8.76 51.26 -16.37
CA GLU B 468 -7.36 51.43 -16.69
C GLU B 468 -7.11 50.93 -18.11
N ILE B 469 -6.24 51.63 -18.82
CA ILE B 469 -5.86 51.21 -20.17
C ILE B 469 -4.73 50.20 -20.06
N TYR B 470 -4.62 49.33 -21.07
CA TYR B 470 -3.64 48.26 -21.07
C TYR B 470 -2.37 48.69 -21.80
N GLN B 471 -1.22 48.29 -21.26
CA GLN B 471 0.08 48.56 -21.85
C GLN B 471 0.52 47.32 -22.63
N ALA B 472 -0.01 47.19 -23.86
CA ALA B 472 0.34 46.08 -24.73
C ALA B 472 1.69 46.36 -25.35
N GLY B 473 2.74 45.78 -24.79
CA GLY B 473 4.09 45.99 -25.26
C GLY B 473 4.87 46.95 -24.38
N ASN B 474 5.95 47.47 -24.95
CA ASN B 474 6.86 48.37 -24.25
C ASN B 474 6.57 49.83 -24.55
N LYS B 475 5.31 50.17 -24.81
CA LYS B 475 4.94 51.54 -25.14
C LYS B 475 4.25 52.20 -23.96
N PRO B 476 4.87 53.17 -23.30
CA PRO B 476 4.22 53.82 -22.15
C PRO B 476 3.12 54.77 -22.58
N CYS B 477 1.94 54.25 -22.86
CA CYS B 477 0.81 55.07 -23.24
C CYS B 477 0.32 55.89 -22.05
N ASN B 478 -0.04 57.14 -22.32
CA ASN B 478 -0.55 58.06 -21.31
C ASN B 478 -1.99 58.45 -21.61
N GLY B 479 -2.79 57.46 -22.00
CA GLY B 479 -4.16 57.70 -22.39
C GLY B 479 -4.40 57.68 -23.89
N VAL B 480 -3.67 56.85 -24.64
CA VAL B 480 -3.80 56.85 -26.09
C VAL B 480 -5.06 56.10 -26.50
N ALA B 481 -5.15 54.81 -26.11
CA ALA B 481 -6.24 53.90 -26.47
C ALA B 481 -6.41 53.77 -27.98
N GLY B 482 -5.31 53.89 -28.72
CA GLY B 482 -5.33 53.76 -30.17
C GLY B 482 -4.53 52.56 -30.65
N PHE B 483 -3.36 52.82 -31.21
CA PHE B 483 -2.47 51.76 -31.66
C PHE B 483 -1.58 51.29 -30.52
N ASN B 484 -1.41 49.96 -30.42
CA ASN B 484 -0.56 49.25 -29.47
C ASN B 484 -1.00 49.42 -28.01
N CYS B 485 -2.13 50.09 -27.76
CA CYS B 485 -2.69 50.20 -26.41
C CYS B 485 -4.20 50.10 -26.56
N TYR B 486 -4.81 49.12 -25.90
CA TYR B 486 -6.20 48.76 -26.14
C TYR B 486 -6.95 48.65 -24.83
N PHE B 487 -8.26 48.80 -24.92
CA PHE B 487 -9.12 48.70 -23.73
C PHE B 487 -9.22 47.24 -23.28
N PRO B 488 -8.88 46.92 -22.04
CA PRO B 488 -8.89 45.52 -21.60
C PRO B 488 -10.26 44.95 -21.31
N LEU B 489 -11.31 45.77 -21.29
CA LEU B 489 -12.66 45.31 -21.00
C LEU B 489 -13.41 45.07 -22.31
N GLN B 490 -14.00 43.89 -22.44
CA GLN B 490 -14.65 43.46 -23.67
C GLN B 490 -16.14 43.23 -23.41
N SER B 491 -16.97 43.75 -24.31
CA SER B 491 -18.41 43.61 -24.16
C SER B 491 -18.87 42.26 -24.67
N TYR B 492 -20.11 41.89 -24.29
CA TYR B 492 -20.66 40.61 -24.69
C TYR B 492 -21.21 40.64 -26.11
N GLY B 493 -22.22 41.47 -26.34
CA GLY B 493 -22.90 41.46 -27.62
C GLY B 493 -23.85 40.27 -27.74
N PHE B 494 -24.88 40.24 -26.89
CA PHE B 494 -25.86 39.17 -26.93
C PHE B 494 -26.66 39.21 -28.23
N ARG B 495 -27.19 38.06 -28.61
CA ARG B 495 -28.13 37.97 -29.71
C ARG B 495 -29.32 37.12 -29.25
N PRO B 496 -30.54 37.66 -29.29
CA PRO B 496 -31.69 36.90 -28.78
C PRO B 496 -32.07 35.71 -29.62
N THR B 497 -31.66 35.64 -30.88
CA THR B 497 -31.97 34.52 -31.75
C THR B 497 -30.79 33.56 -31.93
N TYR B 498 -29.65 33.83 -31.30
CA TYR B 498 -28.46 33.00 -31.49
C TYR B 498 -28.61 31.69 -30.73
N GLY B 499 -28.01 30.63 -31.29
CA GLY B 499 -28.07 29.31 -30.71
C GLY B 499 -27.13 29.14 -29.53
N VAL B 500 -26.77 27.88 -29.28
CA VAL B 500 -25.94 27.54 -28.12
C VAL B 500 -24.53 28.06 -28.30
N GLY B 501 -23.77 28.11 -27.20
CA GLY B 501 -22.41 28.61 -27.23
C GLY B 501 -22.25 29.98 -26.59
N HIS B 502 -23.20 30.88 -26.86
CA HIS B 502 -23.20 32.22 -26.29
C HIS B 502 -24.52 32.56 -25.62
N GLN B 503 -25.31 31.55 -25.25
CA GLN B 503 -26.59 31.79 -24.62
C GLN B 503 -26.40 32.33 -23.21
N PRO B 504 -27.34 33.16 -22.73
CA PRO B 504 -27.24 33.65 -21.35
C PRO B 504 -27.55 32.55 -20.35
N TYR B 505 -26.53 32.10 -19.62
CA TYR B 505 -26.69 31.08 -18.59
C TYR B 505 -26.44 31.75 -17.24
N ARG B 506 -27.52 32.05 -16.52
CA ARG B 506 -27.42 32.68 -15.20
C ARG B 506 -26.86 31.66 -14.22
N VAL B 507 -25.62 31.86 -13.78
CA VAL B 507 -24.92 30.91 -12.93
C VAL B 507 -24.83 31.51 -11.53
N VAL B 508 -25.31 30.76 -10.55
CA VAL B 508 -25.20 31.14 -9.15
C VAL B 508 -24.53 29.99 -8.40
N VAL B 509 -23.58 30.33 -7.54
CA VAL B 509 -22.83 29.33 -6.79
C VAL B 509 -23.27 29.38 -5.33
N LEU B 510 -23.09 28.26 -4.64
CA LEU B 510 -23.40 28.14 -3.22
C LEU B 510 -22.13 27.69 -2.53
N SER B 511 -21.29 28.67 -2.16
CA SER B 511 -20.00 28.39 -1.53
C SER B 511 -20.22 28.07 -0.05
N PHE B 512 -20.54 26.81 0.22
CA PHE B 512 -20.64 26.35 1.59
C PHE B 512 -19.25 26.18 2.20
N GLU B 513 -19.22 26.08 3.52
CA GLU B 513 -18.00 25.78 4.24
C GLU B 513 -18.38 25.11 5.55
N LEU B 514 -17.41 24.41 6.14
CA LEU B 514 -17.59 23.74 7.42
C LEU B 514 -16.71 24.36 8.49
N LEU B 515 -16.67 25.69 8.52
CA LEU B 515 -15.93 26.44 9.53
C LEU B 515 -16.59 26.21 10.89
N HIS B 516 -15.92 25.44 11.76
CA HIS B 516 -16.51 25.08 13.04
C HIS B 516 -16.49 26.29 13.97
N ALA B 517 -17.66 26.64 14.46
CA ALA B 517 -17.94 27.90 15.17
C ALA B 517 -19.28 27.74 15.85
N PRO B 518 -19.75 28.71 16.63
CA PRO B 518 -21.17 28.71 17.02
C PRO B 518 -22.06 28.74 15.78
N ALA B 519 -22.90 27.72 15.65
CA ALA B 519 -23.69 27.53 14.44
C ALA B 519 -24.75 28.62 14.32
N THR B 520 -25.00 29.05 13.08
CA THR B 520 -25.89 30.16 12.81
C THR B 520 -27.06 29.76 11.92
N VAL B 521 -26.80 29.10 10.79
CA VAL B 521 -27.83 28.78 9.81
C VAL B 521 -28.13 27.29 9.92
N CYS B 522 -29.28 26.87 10.41
CA CYS B 522 -29.38 25.37 10.50
C CYS B 522 -30.55 24.74 9.76
N GLY B 523 -30.59 23.41 9.74
CA GLY B 523 -31.60 22.71 8.93
C GLY B 523 -32.84 22.29 9.66
N PRO B 524 -34.00 22.16 8.97
CA PRO B 524 -35.25 21.83 9.63
C PRO B 524 -35.14 20.45 10.27
N LYS B 525 -35.61 20.32 11.51
CA LYS B 525 -35.63 18.99 12.16
C LYS B 525 -36.24 19.16 13.55
N LYS B 526 -36.79 20.34 13.80
CA LYS B 526 -37.48 20.54 15.09
C LYS B 526 -36.48 20.43 16.23
N SER B 527 -36.77 19.57 17.19
CA SER B 527 -35.90 19.49 18.39
C SER B 527 -36.37 18.38 19.30
N THR B 528 -35.67 18.20 20.42
CA THR B 528 -36.07 17.17 21.40
C THR B 528 -35.56 17.54 22.79
N ASN B 529 -36.01 16.80 23.79
CA ASN B 529 -35.55 17.05 25.14
C ASN B 529 -34.09 16.59 25.30
N LEU B 530 -33.56 16.78 26.50
CA LEU B 530 -32.20 16.38 26.84
C LEU B 530 -32.25 15.34 27.95
N VAL B 531 -31.41 14.30 27.82
CA VAL B 531 -31.39 13.20 28.76
C VAL B 531 -29.96 12.98 29.23
N LYS B 532 -29.82 12.25 30.34
CA LYS B 532 -28.52 11.98 30.93
C LYS B 532 -28.43 10.51 31.32
N ASN B 533 -27.18 10.02 31.35
CA ASN B 533 -26.82 8.71 31.90
C ASN B 533 -27.50 7.56 31.15
N LYS B 534 -27.78 7.76 29.87
CA LYS B 534 -28.35 6.72 29.03
C LYS B 534 -27.65 6.72 27.67
N CYS B 535 -27.40 5.54 27.15
CA CYS B 535 -26.81 5.39 25.81
C CYS B 535 -27.83 5.88 24.79
N VAL B 536 -27.60 7.05 24.21
CA VAL B 536 -28.54 7.67 23.28
C VAL B 536 -27.79 8.07 22.01
N ASN B 537 -28.52 8.64 21.06
CA ASN B 537 -27.97 9.19 19.84
C ASN B 537 -28.20 10.71 19.84
N PHE B 538 -27.14 11.47 19.61
CA PHE B 538 -27.23 12.92 19.63
C PHE B 538 -26.80 13.51 18.29
N ASN B 539 -27.40 14.64 17.95
CA ASN B 539 -27.16 15.32 16.69
C ASN B 539 -26.99 16.81 16.94
N PHE B 540 -26.08 17.16 17.86
CA PHE B 540 -25.82 18.56 18.20
C PHE B 540 -25.19 19.25 17.00
N ASN B 541 -26.00 19.99 16.24
CA ASN B 541 -25.59 20.84 15.11
C ASN B 541 -24.99 20.05 13.94
N GLY B 542 -24.96 18.73 14.02
CA GLY B 542 -24.36 17.93 12.97
C GLY B 542 -23.40 16.86 13.48
N LEU B 543 -23.12 16.86 14.78
CA LEU B 543 -22.22 15.88 15.38
C LEU B 543 -22.98 14.56 15.56
N THR B 544 -23.04 13.79 14.48
CA THR B 544 -23.72 12.50 14.52
C THR B 544 -22.87 11.50 15.28
N GLY B 545 -23.37 11.01 16.40
CA GLY B 545 -22.65 10.05 17.21
C GLY B 545 -23.51 9.60 18.38
N THR B 546 -22.99 8.60 19.09
CA THR B 546 -23.69 8.02 20.22
C THR B 546 -22.80 8.05 21.45
N GLY B 547 -23.42 7.99 22.61
CA GLY B 547 -22.67 8.01 23.86
C GLY B 547 -23.57 8.30 25.04
N VAL B 548 -22.97 8.75 26.13
CA VAL B 548 -23.66 9.05 27.38
C VAL B 548 -23.34 10.49 27.77
N LEU B 549 -24.38 11.29 27.97
CA LEU B 549 -24.24 12.69 28.34
C LEU B 549 -24.42 12.88 29.84
N THR B 550 -23.63 13.79 30.40
CA THR B 550 -23.69 14.08 31.83
C THR B 550 -23.14 15.49 32.06
N GLU B 551 -23.27 15.95 33.29
CA GLU B 551 -22.71 17.24 33.66
C GLU B 551 -21.18 17.17 33.70
N SER B 552 -20.55 18.34 33.65
CA SER B 552 -19.10 18.43 33.56
C SER B 552 -18.61 19.56 34.45
N ASN B 553 -17.28 19.73 34.49
CA ASN B 553 -16.65 20.81 35.23
C ASN B 553 -15.58 21.51 34.40
N LYS B 554 -15.64 21.37 33.07
CA LYS B 554 -14.70 22.06 32.20
C LYS B 554 -15.01 23.54 32.14
N LYS B 555 -14.05 24.31 31.63
CA LYS B 555 -14.16 25.76 31.53
C LYS B 555 -14.03 26.17 30.07
N PHE B 556 -15.12 26.66 29.49
CA PHE B 556 -15.09 27.21 28.14
C PHE B 556 -14.97 28.72 28.17
N LEU B 557 -14.10 29.24 27.32
CA LEU B 557 -14.02 30.67 27.09
C LEU B 557 -15.20 31.10 26.21
N PRO B 558 -15.58 32.38 26.24
CA PRO B 558 -16.74 32.83 25.45
C PRO B 558 -16.62 32.63 23.94
N PHE B 559 -15.41 32.55 23.40
CA PHE B 559 -15.25 32.23 21.98
C PHE B 559 -15.04 30.74 21.74
N GLN B 560 -15.12 29.92 22.79
CA GLN B 560 -14.87 28.49 22.70
C GLN B 560 -16.18 27.72 22.64
N GLN B 561 -16.24 26.73 21.76
CA GLN B 561 -17.46 25.93 21.62
C GLN B 561 -17.22 24.43 21.73
N PHE B 562 -16.15 23.90 21.15
CA PHE B 562 -15.98 22.46 20.97
C PHE B 562 -14.72 21.99 21.69
N GLY B 563 -14.84 20.90 22.43
CA GLY B 563 -13.71 20.28 23.12
C GLY B 563 -13.28 19.03 22.38
N ARG B 564 -11.98 18.75 22.42
CA ARG B 564 -11.40 17.59 21.74
C ARG B 564 -10.38 16.92 22.64
N ASP B 565 -9.72 15.89 22.09
CA ASP B 565 -8.73 15.12 22.83
C ASP B 565 -7.58 14.78 21.90
N ILE B 566 -6.74 13.83 22.32
CA ILE B 566 -5.60 13.42 21.52
C ILE B 566 -6.06 12.68 20.26
N ALA B 567 -7.08 11.83 20.39
CA ALA B 567 -7.54 10.98 19.31
C ALA B 567 -8.41 11.70 18.28
N ASP B 568 -8.52 13.03 18.38
CA ASP B 568 -9.33 13.86 17.48
C ASP B 568 -10.79 13.42 17.47
N THR B 569 -11.39 13.39 18.65
CA THR B 569 -12.81 13.08 18.81
C THR B 569 -13.45 14.15 19.69
N THR B 570 -14.71 14.45 19.40
CA THR B 570 -15.46 15.44 20.16
C THR B 570 -15.74 14.89 21.55
N ASP B 571 -14.97 15.34 22.54
CA ASP B 571 -15.07 14.82 23.89
C ASP B 571 -16.05 15.61 24.75
N ALA B 572 -15.97 16.93 24.71
CA ALA B 572 -16.86 17.79 25.47
C ALA B 572 -17.55 18.76 24.52
N VAL B 573 -18.87 18.87 24.64
CA VAL B 573 -19.67 19.73 23.77
C VAL B 573 -20.56 20.59 24.65
N ARG B 574 -20.93 21.76 24.13
CA ARG B 574 -21.80 22.70 24.82
C ARG B 574 -23.16 22.73 24.15
N ASP B 575 -24.21 22.64 24.95
CA ASP B 575 -25.57 22.66 24.42
C ASP B 575 -25.88 24.03 23.83
N PRO B 576 -26.48 24.10 22.63
CA PRO B 576 -26.71 25.41 22.00
C PRO B 576 -27.82 26.22 22.65
N GLN B 577 -28.66 25.61 23.48
CA GLN B 577 -29.72 26.34 24.18
C GLN B 577 -29.59 26.29 25.69
N THR B 578 -29.24 25.13 26.25
CA THR B 578 -29.07 25.03 27.70
C THR B 578 -27.85 25.80 28.18
N LEU B 579 -26.81 25.86 27.33
CA LEU B 579 -25.58 26.64 27.58
C LEU B 579 -24.84 26.14 28.82
N GLU B 580 -24.70 24.83 28.93
CA GLU B 580 -23.91 24.21 29.98
C GLU B 580 -22.78 23.39 29.35
N ILE B 581 -22.03 22.70 30.20
CA ILE B 581 -20.89 21.90 29.77
C ILE B 581 -21.22 20.43 29.97
N LEU B 582 -21.01 19.63 28.93
CA LEU B 582 -21.31 18.21 28.95
C LEU B 582 -20.07 17.40 28.62
N ASP B 583 -20.12 16.11 28.96
CA ASP B 583 -19.06 15.17 28.66
C ASP B 583 -19.64 14.03 27.83
N ILE B 584 -19.04 13.78 26.67
CA ILE B 584 -19.47 12.72 25.77
C ILE B 584 -18.58 11.52 26.00
N THR B 585 -19.19 10.38 26.33
CA THR B 585 -18.46 9.15 26.48
C THR B 585 -19.31 7.97 26.01
N PRO B 586 -18.76 7.08 25.18
CA PRO B 586 -19.50 5.88 24.79
C PRO B 586 -19.66 4.95 25.98
N CYS B 587 -20.83 4.32 26.07
CA CYS B 587 -21.08 3.41 27.17
C CYS B 587 -20.42 2.05 26.91
N SER B 588 -20.58 1.15 27.86
CA SER B 588 -19.62 0.06 28.07
C SER B 588 -19.64 -0.97 26.94
N PHE B 589 -18.50 -1.62 26.78
CA PHE B 589 -18.32 -2.70 25.81
C PHE B 589 -17.17 -3.56 26.29
N GLY B 590 -16.94 -4.66 25.58
CA GLY B 590 -15.83 -5.53 25.90
C GLY B 590 -15.96 -6.87 25.21
N GLY B 591 -14.91 -7.66 25.36
CA GLY B 591 -14.90 -8.99 24.76
C GLY B 591 -15.80 -9.96 25.51
N VAL B 592 -16.27 -10.97 24.78
CA VAL B 592 -17.12 -12.01 25.31
C VAL B 592 -16.39 -13.34 25.17
N SER B 593 -16.35 -14.11 26.26
CA SER B 593 -15.71 -15.41 26.25
C SER B 593 -16.67 -16.46 26.80
N VAL B 594 -16.46 -17.70 26.42
CA VAL B 594 -17.32 -18.82 26.79
C VAL B 594 -16.47 -19.85 27.52
N ILE B 595 -16.84 -20.17 28.75
CA ILE B 595 -16.18 -21.19 29.55
C ILE B 595 -17.03 -22.45 29.50
N THR B 596 -16.48 -23.52 28.95
CA THR B 596 -17.21 -24.76 28.79
C THR B 596 -16.34 -25.94 29.18
N PRO B 597 -16.95 -27.02 29.69
CA PRO B 597 -16.21 -28.29 29.81
C PRO B 597 -16.18 -29.03 28.48
N GLY B 598 -15.75 -30.29 28.49
CA GLY B 598 -15.77 -31.08 27.27
C GLY B 598 -17.19 -31.28 26.77
N THR B 599 -17.35 -31.30 25.45
CA THR B 599 -18.68 -31.26 24.84
C THR B 599 -19.47 -32.54 25.06
N ASN B 600 -18.83 -33.63 25.47
CA ASN B 600 -19.54 -34.86 25.78
C ASN B 600 -19.57 -35.17 27.27
N THR B 601 -18.66 -34.60 28.06
CA THR B 601 -18.74 -34.73 29.50
C THR B 601 -19.93 -33.95 30.05
N SER B 602 -20.18 -32.76 29.51
CA SER B 602 -21.30 -31.93 29.93
C SER B 602 -21.66 -31.02 28.77
N ASN B 603 -22.80 -30.32 28.92
CA ASN B 603 -23.28 -29.41 27.90
C ASN B 603 -23.55 -28.00 28.41
N GLN B 604 -23.56 -27.78 29.73
CA GLN B 604 -23.77 -26.44 30.26
C GLN B 604 -22.53 -25.58 30.03
N VAL B 605 -22.74 -24.27 30.03
CA VAL B 605 -21.67 -23.31 29.76
C VAL B 605 -21.75 -22.17 30.78
N ALA B 606 -20.76 -21.28 30.72
CA ALA B 606 -20.73 -20.07 31.52
C ALA B 606 -20.11 -18.96 30.70
N VAL B 607 -20.75 -17.80 30.67
CA VAL B 607 -20.37 -16.70 29.81
C VAL B 607 -19.73 -15.61 30.65
N LEU B 608 -18.57 -15.14 30.22
CA LEU B 608 -17.82 -14.10 30.92
C LEU B 608 -17.94 -12.78 30.15
N TYR B 609 -18.37 -11.74 30.86
CA TYR B 609 -18.48 -10.40 30.30
C TYR B 609 -17.31 -9.58 30.83
N GLN B 610 -16.26 -9.45 30.01
CA GLN B 610 -15.01 -8.88 30.47
C GLN B 610 -15.09 -7.36 30.64
N GLY B 611 -14.57 -6.88 31.78
CA GLY B 611 -14.27 -5.47 32.01
C GLY B 611 -15.52 -4.59 31.99
N VAL B 612 -16.58 -5.05 32.67
CA VAL B 612 -17.80 -4.28 32.85
C VAL B 612 -18.23 -4.37 34.31
N ASN B 613 -19.06 -3.42 34.72
CA ASN B 613 -19.66 -3.46 36.04
C ASN B 613 -20.90 -4.35 36.01
N CYS B 614 -21.01 -5.23 37.01
CA CYS B 614 -22.15 -6.14 37.08
C CYS B 614 -23.45 -5.39 37.34
N THR B 615 -23.40 -4.32 38.12
CA THR B 615 -24.63 -3.65 38.56
C THR B 615 -25.20 -2.72 37.49
N GLU B 616 -24.40 -1.73 37.06
CA GLU B 616 -24.93 -0.64 36.25
C GLU B 616 -25.29 -1.11 34.84
N VAL B 617 -24.39 -1.83 34.18
CA VAL B 617 -24.57 -2.16 32.76
C VAL B 617 -24.46 -3.65 32.45
N PRO B 618 -25.34 -4.52 32.98
CA PRO B 618 -25.39 -5.89 32.47
C PRO B 618 -26.34 -6.01 31.30
N VAL B 619 -26.55 -7.23 30.81
CA VAL B 619 -27.65 -7.44 29.85
C VAL B 619 -28.99 -7.27 30.55
N ALA B 620 -29.05 -7.51 31.86
CA ALA B 620 -30.22 -7.30 32.73
C ALA B 620 -31.47 -8.04 32.25
N TRP B 630 -28.14 -11.94 21.90
CA TRP B 630 -29.22 -12.93 21.88
C TRP B 630 -30.22 -12.64 23.01
N ARG B 631 -29.77 -11.82 23.96
CA ARG B 631 -30.61 -11.22 25.01
C ARG B 631 -31.32 -12.27 25.87
N VAL B 632 -30.59 -13.31 26.23
CA VAL B 632 -31.07 -14.33 27.17
C VAL B 632 -29.99 -14.53 28.22
N TYR B 633 -30.35 -14.32 29.48
CA TYR B 633 -29.45 -14.58 30.61
C TYR B 633 -29.86 -15.81 31.40
N SER B 634 -31.14 -15.90 31.79
CA SER B 634 -31.72 -17.06 32.46
C SER B 634 -30.94 -17.44 33.73
N THR B 635 -30.52 -16.43 34.47
CA THR B 635 -29.59 -16.64 35.57
C THR B 635 -30.27 -16.81 36.93
N GLY B 636 -31.52 -16.35 37.08
CA GLY B 636 -32.14 -16.29 38.38
C GLY B 636 -31.39 -15.32 39.27
N SER B 637 -30.65 -15.84 40.25
CA SER B 637 -29.63 -15.07 40.96
C SER B 637 -28.35 -15.90 40.95
N ASN B 638 -27.63 -15.85 39.82
CA ASN B 638 -26.30 -16.45 39.67
C ASN B 638 -25.44 -15.43 38.93
N VAL B 639 -24.84 -14.51 39.67
CA VAL B 639 -24.00 -13.46 39.10
C VAL B 639 -22.83 -13.24 40.06
N PHE B 640 -21.61 -13.40 39.55
CA PHE B 640 -20.40 -13.15 40.32
C PHE B 640 -19.65 -11.98 39.70
N GLN B 641 -18.95 -11.23 40.56
CA GLN B 641 -18.20 -10.07 40.13
C GLN B 641 -16.74 -10.24 40.54
N THR B 642 -15.84 -10.11 39.57
CA THR B 642 -14.40 -10.13 39.79
C THR B 642 -13.80 -8.83 39.27
N ARG B 643 -12.47 -8.71 39.42
CA ARG B 643 -11.78 -7.56 38.84
C ARG B 643 -11.69 -7.67 37.32
N ALA B 644 -11.72 -8.89 36.79
CA ALA B 644 -11.61 -9.08 35.35
C ALA B 644 -12.90 -8.75 34.62
N GLY B 645 -14.05 -8.99 35.23
CA GLY B 645 -15.31 -8.70 34.58
C GLY B 645 -16.48 -9.31 35.31
N CYS B 646 -17.62 -9.30 34.65
CA CYS B 646 -18.88 -9.80 35.20
C CYS B 646 -19.09 -11.22 34.70
N LEU B 647 -18.97 -12.19 35.59
CA LEU B 647 -19.09 -13.59 35.25
C LEU B 647 -20.44 -14.13 35.71
N ILE B 648 -21.19 -14.71 34.77
CA ILE B 648 -22.48 -15.33 35.06
C ILE B 648 -22.39 -16.82 34.78
N GLY B 649 -23.45 -17.54 35.15
CA GLY B 649 -23.49 -18.97 34.93
C GLY B 649 -22.60 -19.77 35.85
N ALA B 650 -22.19 -19.21 36.98
CA ALA B 650 -21.35 -19.92 37.93
C ALA B 650 -21.56 -19.33 39.32
N GLU B 651 -21.13 -20.06 40.33
CA GLU B 651 -21.28 -19.64 41.72
C GLU B 651 -19.94 -19.77 42.44
N TYR B 652 -19.56 -18.69 43.12
CA TYR B 652 -18.29 -18.66 43.85
C TYR B 652 -18.34 -19.57 45.07
N VAL B 653 -17.20 -20.17 45.40
CA VAL B 653 -17.01 -20.89 46.65
C VAL B 653 -15.75 -20.36 47.31
N ASN B 654 -15.67 -20.52 48.63
CA ASN B 654 -14.51 -20.08 49.38
C ASN B 654 -13.45 -21.17 49.52
N ASN B 655 -13.67 -22.34 48.92
CA ASN B 655 -12.66 -23.38 48.93
C ASN B 655 -11.51 -23.03 47.99
N SER B 656 -10.42 -23.77 48.12
CA SER B 656 -9.22 -23.53 47.33
C SER B 656 -8.82 -24.82 46.62
N TYR B 657 -8.49 -24.71 45.33
CA TYR B 657 -8.04 -25.85 44.55
C TYR B 657 -7.01 -25.37 43.53
N GLU B 658 -6.18 -26.29 43.07
CA GLU B 658 -5.45 -26.06 41.84
C GLU B 658 -6.45 -26.01 40.69
N CYS B 659 -6.23 -25.08 39.75
CA CYS B 659 -7.29 -24.70 38.84
C CYS B 659 -6.96 -25.08 37.40
N ASP B 660 -8.00 -25.43 36.65
CA ASP B 660 -7.88 -25.91 35.28
C ASP B 660 -8.01 -24.78 34.27
N ILE B 661 -9.12 -24.05 34.30
CA ILE B 661 -9.43 -23.01 33.33
C ILE B 661 -9.22 -21.66 34.00
N PRO B 662 -8.17 -20.91 33.65
CA PRO B 662 -8.01 -19.57 34.19
C PRO B 662 -8.97 -18.58 33.54
N ILE B 663 -9.33 -17.55 34.29
CA ILE B 663 -10.23 -16.51 33.80
C ILE B 663 -9.50 -15.17 33.80
N GLY B 664 -9.10 -14.71 34.98
CA GLY B 664 -8.43 -13.43 35.12
C GLY B 664 -8.36 -13.00 36.57
N ALA B 665 -7.25 -12.33 36.93
CA ALA B 665 -7.00 -11.81 38.27
C ALA B 665 -7.06 -12.91 39.33
N GLY B 666 -6.44 -14.05 39.01
CA GLY B 666 -6.32 -15.13 39.98
C GLY B 666 -7.59 -15.89 40.26
N ILE B 667 -8.56 -15.86 39.35
CA ILE B 667 -9.83 -16.57 39.50
C ILE B 667 -9.90 -17.63 38.42
N CYS B 668 -10.18 -18.87 38.83
CA CYS B 668 -10.23 -20.00 37.92
C CYS B 668 -11.56 -20.74 38.05
N ALA B 669 -12.11 -21.14 36.91
CA ALA B 669 -13.34 -21.92 36.88
C ALA B 669 -13.03 -23.39 36.62
N SER B 670 -13.90 -24.26 37.13
CA SER B 670 -13.73 -25.70 36.94
C SER B 670 -15.08 -26.39 37.09
N TYR B 671 -15.13 -27.64 36.67
CA TYR B 671 -16.34 -28.46 36.74
C TYR B 671 -16.27 -29.33 37.98
N GLN B 672 -17.26 -29.20 38.86
CA GLN B 672 -17.25 -29.90 40.14
C GLN B 672 -18.66 -30.37 40.47
N THR B 673 -18.74 -31.19 41.53
CA THR B 673 -20.00 -31.72 42.04
C THR B 673 -20.28 -31.14 43.42
N GLN B 674 -21.38 -31.59 44.02
CA GLN B 674 -21.72 -31.20 45.38
C GLN B 674 -22.06 -32.42 46.23
N SER B 686 -26.75 -31.84 40.96
CA SER B 686 -25.66 -32.55 41.62
C SER B 686 -24.31 -32.13 41.06
N GLN B 687 -24.32 -31.59 39.84
CA GLN B 687 -23.12 -31.12 39.17
C GLN B 687 -23.33 -29.68 38.71
N SER B 688 -22.28 -28.86 38.86
CA SER B 688 -22.37 -27.46 38.51
C SER B 688 -20.99 -26.94 38.12
N ILE B 689 -20.98 -25.79 37.46
CA ILE B 689 -19.75 -25.10 37.09
C ILE B 689 -19.50 -24.03 38.15
N ILE B 690 -18.34 -24.11 38.80
CA ILE B 690 -18.00 -23.19 39.88
C ILE B 690 -16.72 -22.45 39.51
N ALA B 691 -16.55 -21.27 40.12
CA ALA B 691 -15.34 -20.49 40.02
C ALA B 691 -14.84 -20.20 41.43
N TYR B 692 -13.51 -20.24 41.61
CA TYR B 692 -12.96 -20.13 42.94
C TYR B 692 -11.62 -19.41 42.89
N THR B 693 -11.17 -18.96 44.05
CA THR B 693 -9.83 -18.40 44.17
C THR B 693 -8.80 -19.54 44.10
N MET B 694 -7.86 -19.41 43.18
CA MET B 694 -6.89 -20.47 42.95
C MET B 694 -5.93 -20.60 44.13
N SER B 695 -5.42 -21.82 44.32
CA SER B 695 -4.51 -22.13 45.41
C SER B 695 -3.13 -22.38 44.86
N LEU B 696 -2.11 -21.95 45.60
CA LEU B 696 -0.74 -22.10 45.16
C LEU B 696 -0.13 -23.44 45.58
N GLY B 697 -0.83 -24.22 46.39
CA GLY B 697 -0.39 -25.50 46.87
C GLY B 697 -0.48 -25.58 48.37
N ALA B 698 0.06 -26.67 48.93
CA ALA B 698 0.04 -26.86 50.37
C ALA B 698 1.09 -26.00 51.05
N GLU B 699 0.76 -25.52 52.25
CA GLU B 699 1.65 -24.64 53.00
C GLU B 699 2.58 -25.48 53.87
N ASN B 700 3.60 -26.04 53.22
CA ASN B 700 4.66 -26.73 53.95
C ASN B 700 5.48 -25.72 54.75
N SER B 701 6.04 -26.20 55.86
CA SER B 701 6.85 -25.35 56.72
C SER B 701 7.97 -26.19 57.35
N VAL B 702 9.18 -25.64 57.34
CA VAL B 702 10.36 -26.32 57.86
C VAL B 702 10.87 -25.54 59.06
N ALA B 703 11.16 -26.25 60.14
CA ALA B 703 11.55 -25.64 61.41
C ALA B 703 13.06 -25.49 61.46
N TYR B 704 13.56 -24.29 61.18
CA TYR B 704 14.98 -24.00 61.33
C TYR B 704 15.35 -23.98 62.80
N SER B 705 16.56 -24.46 63.11
CA SER B 705 17.07 -24.42 64.48
C SER B 705 18.58 -24.35 64.43
N ASN B 706 19.18 -24.14 65.61
CA ASN B 706 20.63 -24.12 65.73
C ASN B 706 21.24 -25.45 65.34
N ASN B 707 20.60 -26.55 65.77
CA ASN B 707 21.04 -27.91 65.46
C ASN B 707 19.92 -28.69 64.75
N SER B 708 19.81 -28.43 63.44
CA SER B 708 18.68 -28.92 62.66
C SER B 708 19.20 -29.40 61.30
N ILE B 709 19.39 -30.71 61.17
CA ILE B 709 19.90 -31.30 59.94
C ILE B 709 19.05 -32.53 59.62
N ALA B 710 18.68 -32.66 58.34
CA ALA B 710 17.95 -33.82 57.83
C ALA B 710 18.72 -34.41 56.67
N ILE B 711 19.01 -35.71 56.75
CA ILE B 711 19.84 -36.39 55.77
C ILE B 711 19.03 -37.55 55.18
N PRO B 712 18.90 -37.64 53.86
CA PRO B 712 18.05 -38.69 53.27
C PRO B 712 18.68 -40.07 53.39
N THR B 713 17.87 -41.09 53.11
CA THR B 713 18.26 -42.48 53.29
C THR B 713 17.95 -43.38 52.10
N ASN B 714 17.30 -42.89 51.06
CA ASN B 714 16.92 -43.75 49.94
C ASN B 714 16.77 -42.92 48.68
N PHE B 715 17.14 -43.50 47.55
CA PHE B 715 17.07 -42.83 46.26
C PHE B 715 16.00 -43.47 45.38
N THR B 716 15.53 -42.69 44.41
CA THR B 716 14.55 -43.17 43.42
C THR B 716 15.03 -42.72 42.04
N ILE B 717 15.55 -43.67 41.26
CA ILE B 717 15.93 -43.38 39.88
C ILE B 717 14.66 -43.22 39.05
N SER B 718 14.44 -42.01 38.54
CA SER B 718 13.25 -41.70 37.77
C SER B 718 13.63 -41.18 36.39
N VAL B 719 12.85 -41.56 35.39
CA VAL B 719 13.10 -41.19 34.00
C VAL B 719 12.02 -40.21 33.58
N THR B 720 12.43 -39.03 33.11
CA THR B 720 11.52 -37.97 32.72
C THR B 720 11.77 -37.62 31.27
N THR B 721 10.70 -37.45 30.50
CA THR B 721 10.80 -37.11 29.09
C THR B 721 10.83 -35.60 28.89
N GLU B 722 11.32 -35.19 27.72
CA GLU B 722 11.37 -33.79 27.35
C GLU B 722 11.39 -33.70 25.83
N ILE B 723 10.46 -32.94 25.26
CA ILE B 723 10.20 -32.95 23.83
C ILE B 723 10.51 -31.57 23.26
N LEU B 724 11.30 -31.53 22.20
CA LEU B 724 11.70 -30.30 21.53
C LEU B 724 11.55 -30.44 20.02
N PRO B 725 11.27 -29.35 19.32
CA PRO B 725 11.37 -29.35 17.86
C PRO B 725 12.78 -29.02 17.40
N VAL B 726 13.14 -29.53 16.22
CA VAL B 726 14.48 -29.29 15.68
C VAL B 726 14.37 -28.62 14.31
N SER B 727 13.28 -28.85 13.60
CA SER B 727 13.17 -28.34 12.24
C SER B 727 11.71 -28.16 11.88
N MET B 728 11.44 -27.90 10.60
CA MET B 728 10.10 -27.74 10.07
C MET B 728 10.09 -28.18 8.61
N THR B 729 8.90 -28.19 8.02
CA THR B 729 8.76 -28.62 6.63
C THR B 729 9.22 -27.52 5.68
N LYS B 730 10.05 -27.89 4.71
CA LYS B 730 10.53 -26.93 3.72
C LYS B 730 9.39 -26.52 2.78
N THR B 731 9.60 -25.40 2.10
CA THR B 731 8.62 -24.91 1.14
C THR B 731 9.31 -24.02 0.12
N SER B 732 8.64 -23.84 -1.02
CA SER B 732 9.11 -22.95 -2.07
C SER B 732 7.90 -22.52 -2.89
N VAL B 733 7.77 -21.22 -3.14
CA VAL B 733 6.59 -20.66 -3.78
C VAL B 733 7.01 -19.97 -5.07
N ASP B 734 6.33 -20.32 -6.16
CA ASP B 734 6.51 -19.65 -7.44
C ASP B 734 5.56 -18.46 -7.49
N CYS B 735 6.11 -17.24 -7.56
CA CYS B 735 5.28 -16.04 -7.49
C CYS B 735 4.43 -15.87 -8.74
N THR B 736 5.00 -16.15 -9.92
CA THR B 736 4.30 -15.90 -11.17
C THR B 736 3.10 -16.83 -11.33
N MET B 737 3.23 -18.08 -10.88
CA MET B 737 2.12 -19.02 -11.00
C MET B 737 1.04 -18.77 -9.95
N TYR B 738 1.44 -18.41 -8.73
CA TYR B 738 0.45 -18.21 -7.66
C TYR B 738 -0.35 -16.93 -7.86
N ILE B 739 0.33 -15.82 -8.14
CA ILE B 739 -0.34 -14.53 -8.23
C ILE B 739 -1.20 -14.47 -9.49
N CYS B 740 -0.65 -14.87 -10.63
CA CYS B 740 -1.35 -14.85 -11.90
C CYS B 740 -1.59 -16.27 -12.37
N GLY B 741 -2.84 -16.58 -12.72
CA GLY B 741 -3.18 -17.92 -13.15
C GLY B 741 -2.72 -18.25 -14.55
N ASP B 742 -1.40 -18.36 -14.73
CA ASP B 742 -0.69 -18.63 -16.00
C ASP B 742 -1.28 -17.86 -17.19
N SER B 743 -1.52 -16.58 -16.98
CA SER B 743 -2.06 -15.70 -18.01
C SER B 743 -0.94 -14.86 -18.60
N THR B 744 -0.93 -14.74 -19.93
CA THR B 744 0.12 -13.96 -20.60
C THR B 744 -0.02 -12.48 -20.29
N GLU B 745 -1.25 -11.97 -20.26
CA GLU B 745 -1.45 -10.55 -19.98
C GLU B 745 -1.22 -10.20 -18.51
N CYS B 746 -1.38 -11.17 -17.61
CA CYS B 746 -1.17 -10.91 -16.19
C CYS B 746 0.31 -10.80 -15.83
N SER B 747 1.19 -11.44 -16.60
CA SER B 747 2.62 -11.35 -16.35
C SER B 747 3.19 -9.98 -16.74
N ASN B 748 2.49 -9.23 -17.58
CA ASN B 748 2.94 -7.90 -17.94
C ASN B 748 2.75 -6.91 -16.79
N LEU B 749 1.63 -7.03 -16.07
CA LEU B 749 1.38 -6.14 -14.94
C LEU B 749 2.28 -6.47 -13.76
N LEU B 750 2.69 -7.73 -13.62
CA LEU B 750 3.63 -8.11 -12.56
C LEU B 750 5.03 -7.56 -12.83
N LEU B 751 5.38 -7.36 -14.11
CA LEU B 751 6.68 -6.78 -14.44
C LEU B 751 6.80 -5.32 -14.02
N GLN B 752 5.67 -4.62 -13.85
CA GLN B 752 5.71 -3.22 -13.47
C GLN B 752 6.12 -3.01 -12.02
N TYR B 753 6.01 -4.04 -11.18
CA TYR B 753 6.29 -3.91 -9.75
C TYR B 753 7.76 -4.13 -9.42
N GLY B 754 8.62 -4.30 -10.42
CA GLY B 754 10.03 -4.47 -10.11
C GLY B 754 10.34 -5.85 -9.56
N SER B 755 11.43 -5.92 -8.80
CA SER B 755 11.94 -7.19 -8.28
C SER B 755 11.31 -7.54 -6.94
N PHE B 756 9.99 -7.75 -6.98
CA PHE B 756 9.26 -8.21 -5.81
C PHE B 756 9.13 -9.74 -5.76
N CYS B 757 9.63 -10.45 -6.77
CA CYS B 757 9.73 -11.91 -6.72
C CYS B 757 11.10 -12.40 -6.29
N THR B 758 12.16 -11.64 -6.61
CA THR B 758 13.51 -12.07 -6.25
C THR B 758 13.72 -12.04 -4.75
N GLN B 759 13.09 -11.09 -4.06
CA GLN B 759 13.18 -11.06 -2.59
C GLN B 759 12.42 -12.23 -1.97
N LEU B 760 11.27 -12.58 -2.53
CA LEU B 760 10.49 -13.69 -2.00
C LEU B 760 11.19 -15.02 -2.21
N LYS B 761 11.76 -15.24 -3.40
CA LYS B 761 12.44 -16.49 -3.68
C LYS B 761 13.73 -16.61 -2.87
N ARG B 762 14.42 -15.50 -2.62
CA ARG B 762 15.65 -15.54 -1.85
C ARG B 762 15.37 -15.81 -0.37
N ALA B 763 14.29 -15.23 0.16
CA ALA B 763 13.98 -15.40 1.57
C ALA B 763 13.53 -16.82 1.88
N LEU B 764 12.72 -17.42 1.00
CA LEU B 764 12.26 -18.79 1.21
C LEU B 764 13.39 -19.79 1.00
N THR B 765 14.35 -19.47 0.13
CA THR B 765 15.51 -20.34 -0.05
C THR B 765 16.45 -20.24 1.16
N GLY B 766 16.49 -19.07 1.80
CA GLY B 766 17.31 -18.92 2.99
C GLY B 766 16.84 -19.80 4.14
N ILE B 767 15.53 -20.02 4.25
CA ILE B 767 15.02 -20.95 5.24
C ILE B 767 15.36 -22.38 4.86
N ALA B 768 15.23 -22.72 3.56
CA ALA B 768 15.37 -24.10 3.11
C ALA B 768 16.79 -24.62 3.28
N VAL B 769 17.79 -23.77 3.04
CA VAL B 769 19.17 -24.15 3.33
C VAL B 769 19.40 -24.23 4.83
N GLU B 770 18.77 -23.33 5.59
CA GLU B 770 18.94 -23.30 7.03
C GLU B 770 18.37 -24.55 7.68
N GLN B 771 17.23 -25.05 7.20
CA GLN B 771 16.60 -26.22 7.79
C GLN B 771 17.36 -27.52 7.50
N ASP B 772 18.25 -27.51 6.50
CA ASP B 772 19.11 -28.66 6.28
C ASP B 772 20.42 -28.56 7.06
N LYS B 773 20.65 -27.44 7.73
CA LYS B 773 21.77 -27.29 8.66
C LYS B 773 21.37 -27.51 10.10
N ASN B 774 20.07 -27.39 10.42
CA ASN B 774 19.60 -27.63 11.77
C ASN B 774 19.71 -29.10 12.14
N THR B 775 19.37 -30.00 11.22
CA THR B 775 19.47 -31.42 11.49
C THR B 775 20.86 -31.98 11.22
N GLN B 776 21.81 -31.14 10.81
CA GLN B 776 23.19 -31.56 10.59
C GLN B 776 24.06 -31.31 11.81
N GLU B 777 23.80 -30.25 12.56
CA GLU B 777 24.59 -29.91 13.73
C GLU B 777 24.00 -30.48 15.02
N VAL B 778 22.81 -31.08 14.97
CA VAL B 778 22.22 -31.68 16.16
C VAL B 778 22.54 -33.16 16.17
N PHE B 779 22.13 -33.89 15.13
CA PHE B 779 22.29 -35.33 15.12
C PHE B 779 23.72 -35.75 14.81
N ALA B 780 24.38 -35.08 13.88
CA ALA B 780 25.69 -35.53 13.40
C ALA B 780 26.82 -34.86 14.19
N GLN B 781 26.82 -35.12 15.49
CA GLN B 781 27.92 -34.70 16.34
C GLN B 781 29.14 -35.61 16.23
N VAL B 782 28.99 -36.79 15.63
CA VAL B 782 30.04 -37.78 15.57
C VAL B 782 30.52 -37.92 14.12
N LYS B 783 31.59 -38.69 13.95
CA LYS B 783 32.19 -38.94 12.66
C LYS B 783 32.22 -40.41 12.26
N GLN B 784 32.11 -41.33 13.21
CA GLN B 784 32.21 -42.76 12.95
C GLN B 784 30.91 -43.44 13.35
N ILE B 785 30.24 -44.07 12.40
CA ILE B 785 29.02 -44.80 12.68
C ILE B 785 29.36 -46.09 13.42
N TYR B 786 28.72 -46.30 14.56
CA TYR B 786 28.99 -47.47 15.38
C TYR B 786 27.90 -48.52 15.21
N LYS B 787 28.22 -49.75 15.61
CA LYS B 787 27.29 -50.86 15.57
C LYS B 787 27.18 -51.46 16.97
N THR B 788 25.95 -51.74 17.39
CA THR B 788 25.73 -52.36 18.68
C THR B 788 26.24 -53.81 18.67
N PRO B 789 26.94 -54.24 19.70
CA PRO B 789 27.36 -55.64 19.77
C PRO B 789 26.14 -56.55 19.86
N PRO B 790 26.23 -57.77 19.32
CA PRO B 790 25.05 -58.65 19.22
C PRO B 790 24.53 -59.13 20.57
N ILE B 791 25.39 -59.67 21.41
CA ILE B 791 24.97 -60.20 22.70
C ILE B 791 24.91 -59.05 23.70
N LYS B 792 23.74 -58.85 24.30
CA LYS B 792 23.46 -57.68 25.12
C LYS B 792 23.11 -58.13 26.54
N TYR B 793 24.03 -57.88 27.48
CA TYR B 793 23.71 -57.99 28.90
C TYR B 793 24.58 -56.97 29.63
N PHE B 794 24.00 -55.80 29.89
CA PHE B 794 24.74 -54.70 30.53
C PHE B 794 24.57 -54.70 32.04
N GLY B 795 24.85 -55.84 32.67
CA GLY B 795 24.76 -55.96 34.11
C GLY B 795 23.36 -55.82 34.67
N GLY B 796 22.38 -56.42 34.00
CA GLY B 796 21.00 -56.37 34.44
C GLY B 796 20.18 -55.24 33.87
N PHE B 797 20.81 -54.26 33.23
CA PHE B 797 20.07 -53.16 32.62
C PHE B 797 19.40 -53.66 31.34
N ASN B 798 18.12 -53.36 31.18
CA ASN B 798 17.37 -53.79 30.01
C ASN B 798 17.26 -52.63 29.03
N PHE B 799 17.83 -52.80 27.85
CA PHE B 799 17.86 -51.77 26.81
C PHE B 799 17.04 -52.19 25.59
N SER B 800 16.08 -53.10 25.78
CA SER B 800 15.35 -53.64 24.64
C SER B 800 14.45 -52.61 23.98
N GLN B 801 13.92 -51.67 24.75
CA GLN B 801 13.00 -50.68 24.19
C GLN B 801 13.73 -49.59 23.40
N ILE B 802 14.92 -49.19 23.86
CA ILE B 802 15.59 -48.05 23.23
C ILE B 802 16.36 -48.49 22.00
N LEU B 803 16.99 -49.67 22.03
CA LEU B 803 17.81 -50.11 20.92
C LEU B 803 16.92 -50.56 19.75
N PRO B 804 17.39 -50.41 18.51
CA PRO B 804 16.61 -50.87 17.37
C PRO B 804 16.43 -52.38 17.35
N ASP B 805 15.29 -52.80 16.80
CA ASP B 805 14.93 -54.21 16.71
C ASP B 805 15.01 -54.67 15.26
N PRO B 806 15.76 -55.73 14.96
CA PRO B 806 15.89 -56.18 13.57
C PRO B 806 14.71 -56.99 13.06
N SER B 807 13.76 -57.38 13.93
CA SER B 807 12.61 -58.15 13.47
C SER B 807 11.68 -57.31 12.61
N LYS B 808 11.41 -56.08 13.03
CA LYS B 808 10.59 -55.18 12.22
C LYS B 808 11.37 -54.71 11.00
N PRO B 809 10.72 -54.55 9.85
CA PRO B 809 11.46 -54.12 8.65
C PRO B 809 11.90 -52.67 8.69
N SER B 810 11.25 -51.82 9.49
CA SER B 810 11.61 -50.41 9.55
C SER B 810 12.90 -50.17 10.33
N LYS B 811 13.35 -51.15 11.11
CA LYS B 811 14.59 -51.09 11.90
C LYS B 811 14.58 -49.90 12.88
N ARG B 812 13.43 -49.66 13.49
CA ARG B 812 13.27 -48.61 14.48
C ARG B 812 12.95 -49.21 15.84
N SER B 813 13.19 -48.41 16.88
CA SER B 813 12.93 -48.87 18.23
C SER B 813 11.44 -48.84 18.54
N PRO B 814 10.97 -49.70 19.46
CA PRO B 814 9.55 -49.65 19.85
C PRO B 814 9.11 -48.33 20.44
N ILE B 815 9.98 -47.63 21.18
CA ILE B 815 9.64 -46.31 21.68
C ILE B 815 9.49 -45.33 20.54
N GLU B 816 10.31 -45.48 19.49
CA GLU B 816 10.13 -44.66 18.30
C GLU B 816 8.85 -45.01 17.56
N ASP B 817 8.41 -46.27 17.64
CA ASP B 817 7.20 -46.68 16.94
C ASP B 817 5.96 -46.00 17.50
N LEU B 818 5.90 -45.83 18.84
CA LEU B 818 4.79 -45.08 19.44
C LEU B 818 4.86 -43.61 19.05
N LEU B 819 6.07 -43.04 18.98
CA LEU B 819 6.23 -41.66 18.56
C LEU B 819 5.90 -41.49 17.08
N PHE B 820 6.08 -42.54 16.28
CA PHE B 820 5.74 -42.51 14.87
C PHE B 820 4.30 -42.94 14.62
N ASN B 821 3.44 -42.88 15.64
CA ASN B 821 2.03 -43.25 15.50
C ASN B 821 1.09 -42.11 15.85
N LYS B 822 1.37 -41.37 16.93
CA LYS B 822 0.48 -40.31 17.35
C LYS B 822 0.55 -39.11 16.42
N VAL B 823 1.73 -38.81 15.90
CA VAL B 823 1.93 -37.63 15.05
C VAL B 823 1.35 -37.91 13.67
N THR B 824 0.54 -36.98 13.18
CA THR B 824 -0.09 -37.11 11.87
C THR B 824 0.93 -36.87 10.76
N LYS B 851 -0.16 -27.02 -3.82
CA LYS B 851 0.19 -27.96 -4.87
C LYS B 851 -0.57 -27.62 -6.16
N PHE B 852 -1.82 -27.17 -5.99
CA PHE B 852 -2.66 -26.90 -7.14
C PHE B 852 -2.23 -25.65 -7.89
N ASN B 853 -1.75 -24.63 -7.17
CA ASN B 853 -1.49 -23.33 -7.77
C ASN B 853 -0.05 -22.85 -7.65
N GLY B 854 0.86 -23.66 -7.12
CA GLY B 854 2.26 -23.28 -7.12
C GLY B 854 3.01 -23.64 -5.85
N LEU B 855 2.30 -24.05 -4.82
CA LEU B 855 2.94 -24.44 -3.57
C LEU B 855 3.70 -25.76 -3.75
N THR B 856 4.92 -25.81 -3.22
CA THR B 856 5.76 -26.99 -3.33
C THR B 856 6.37 -27.31 -1.98
N VAL B 857 6.69 -28.60 -1.79
CA VAL B 857 7.34 -29.08 -0.57
C VAL B 857 8.57 -29.86 -0.99
N LEU B 858 9.75 -29.30 -0.71
CA LEU B 858 10.98 -30.00 -1.04
C LEU B 858 11.31 -31.02 0.03
N PRO B 859 11.84 -32.19 -0.34
CA PRO B 859 12.17 -33.21 0.65
C PRO B 859 13.44 -32.85 1.40
N PRO B 860 13.59 -33.32 2.64
CA PRO B 860 14.82 -33.04 3.39
C PRO B 860 15.99 -33.82 2.82
N LEU B 861 17.19 -33.28 3.02
CA LEU B 861 18.40 -33.93 2.52
C LEU B 861 18.69 -35.23 3.27
N LEU B 862 18.66 -35.17 4.60
CA LEU B 862 18.85 -36.36 5.43
C LEU B 862 17.51 -37.07 5.56
N THR B 863 17.33 -38.15 4.78
CA THR B 863 16.08 -38.88 4.81
C THR B 863 15.96 -39.67 6.11
N ASP B 864 14.74 -40.14 6.38
CA ASP B 864 14.44 -40.73 7.69
C ASP B 864 14.81 -42.21 7.75
N GLU B 865 16.01 -42.55 7.31
CA GLU B 865 16.63 -43.82 7.67
C GLU B 865 18.07 -43.65 8.14
N MET B 866 18.82 -42.74 7.53
CA MET B 866 20.15 -42.40 8.03
C MET B 866 20.07 -41.60 9.33
N ILE B 867 18.96 -40.91 9.56
CA ILE B 867 18.71 -40.27 10.85
C ILE B 867 18.64 -41.34 11.95
N ALA B 868 18.01 -42.48 11.63
CA ALA B 868 17.95 -43.57 12.59
C ALA B 868 19.33 -44.19 12.84
N GLN B 869 20.21 -44.15 11.86
CA GLN B 869 21.58 -44.63 12.09
C GLN B 869 22.35 -43.68 13.00
N TYR B 870 22.17 -42.37 12.81
CA TYR B 870 22.76 -41.40 13.72
C TYR B 870 22.24 -41.58 15.14
N THR B 871 20.95 -41.84 15.29
CA THR B 871 20.40 -42.17 16.60
C THR B 871 20.96 -43.48 17.13
N SER B 872 21.11 -44.48 16.25
CA SER B 872 21.68 -45.75 16.67
C SER B 872 23.16 -45.64 17.01
N ALA B 873 23.90 -44.81 16.28
CA ALA B 873 25.31 -44.61 16.59
C ALA B 873 25.49 -43.84 17.89
N LEU B 874 24.61 -42.89 18.16
CA LEU B 874 24.68 -42.13 19.41
C LEU B 874 24.33 -43.01 20.60
N LEU B 875 23.53 -44.06 20.38
CA LEU B 875 23.14 -44.98 21.44
C LEU B 875 24.08 -46.17 21.56
N ALA B 876 25.15 -46.21 20.78
CA ALA B 876 26.13 -47.29 20.83
C ALA B 876 27.39 -46.90 21.58
N GLY B 877 27.98 -45.74 21.27
CA GLY B 877 29.12 -45.29 22.02
C GLY B 877 28.75 -44.79 23.41
N THR B 878 27.49 -44.41 23.61
CA THR B 878 27.04 -43.98 24.93
C THR B 878 27.03 -45.13 25.91
N ILE B 879 26.62 -46.32 25.44
CA ILE B 879 26.45 -47.45 26.37
C ILE B 879 27.75 -48.24 26.50
N THR B 880 28.65 -48.13 25.51
CA THR B 880 29.89 -48.88 25.57
C THR B 880 31.09 -47.99 25.87
N SER B 881 31.32 -46.98 25.03
CA SER B 881 32.49 -46.12 25.24
C SER B 881 32.27 -45.18 26.42
N GLY B 882 31.12 -44.52 26.46
CA GLY B 882 30.77 -43.65 27.58
C GLY B 882 31.03 -42.18 27.25
N TRP B 883 31.95 -41.56 28.00
CA TRP B 883 32.19 -40.13 27.85
C TRP B 883 32.99 -39.82 26.59
N THR B 884 34.01 -40.63 26.29
CA THR B 884 35.10 -40.17 25.46
C THR B 884 34.79 -40.20 23.97
N PHE B 885 33.66 -40.78 23.55
CA PHE B 885 33.43 -40.87 22.11
C PHE B 885 32.97 -39.54 21.52
N GLY B 886 32.68 -38.55 22.34
CA GLY B 886 32.45 -37.19 21.90
C GLY B 886 33.66 -36.30 21.91
N ALA B 887 34.84 -36.81 22.31
CA ALA B 887 36.05 -36.01 22.36
C ALA B 887 37.23 -36.94 22.06
N GLY B 888 37.65 -36.96 20.80
CA GLY B 888 38.74 -37.82 20.38
C GLY B 888 38.26 -39.23 20.07
N PRO B 889 39.20 -40.17 19.96
CA PRO B 889 38.82 -41.56 19.70
C PRO B 889 38.11 -42.21 20.88
N ALA B 890 37.20 -43.11 20.55
CA ALA B 890 36.39 -43.77 21.56
C ALA B 890 37.21 -44.77 22.36
N LEU B 891 36.63 -45.20 23.49
CA LEU B 891 37.26 -46.14 24.39
C LEU B 891 36.32 -47.31 24.61
N GLN B 892 36.69 -48.18 25.55
CA GLN B 892 35.90 -49.35 25.89
C GLN B 892 35.96 -49.56 27.40
N ILE B 893 34.83 -49.31 28.07
CA ILE B 893 34.68 -49.51 29.52
C ILE B 893 33.33 -50.19 29.73
N PRO B 894 33.24 -51.23 30.56
CA PRO B 894 31.95 -51.88 30.80
C PRO B 894 30.93 -50.95 31.42
N PHE B 895 29.66 -51.12 31.02
CA PHE B 895 28.54 -50.32 31.50
C PHE B 895 28.29 -50.39 33.02
N PRO B 896 28.33 -51.56 33.69
CA PRO B 896 28.13 -51.54 35.15
C PRO B 896 29.20 -50.77 35.91
N MET B 897 30.40 -50.62 35.37
CA MET B 897 31.44 -49.82 36.00
C MET B 897 31.54 -48.43 35.39
N GLN B 898 30.60 -48.04 34.53
CA GLN B 898 30.52 -46.66 34.06
C GLN B 898 29.69 -45.79 34.98
N MET B 899 28.51 -46.28 35.39
CA MET B 899 27.62 -45.51 36.26
C MET B 899 28.22 -45.25 37.64
N ALA B 900 29.12 -46.11 38.11
CA ALA B 900 29.84 -45.80 39.34
C ALA B 900 30.78 -44.62 39.16
N TYR B 901 31.21 -44.33 37.94
CA TYR B 901 31.96 -43.13 37.63
C TYR B 901 31.04 -41.98 37.26
N ARG B 902 29.73 -42.19 37.38
CA ARG B 902 28.73 -41.19 37.04
C ARG B 902 27.90 -40.78 38.25
N PHE B 903 27.77 -41.65 39.26
CA PHE B 903 27.38 -41.19 40.59
C PHE B 903 28.40 -40.22 41.16
N ASN B 904 29.67 -40.36 40.77
CA ASN B 904 30.76 -39.55 41.31
C ASN B 904 30.63 -38.07 40.99
N GLY B 905 29.81 -37.72 40.00
CA GLY B 905 29.63 -36.32 39.64
C GLY B 905 28.57 -35.58 40.41
N ILE B 906 27.87 -36.23 41.33
CA ILE B 906 26.83 -35.55 42.11
C ILE B 906 27.10 -35.73 43.60
N GLY B 907 28.38 -35.88 43.97
CA GLY B 907 28.80 -35.95 45.34
C GLY B 907 28.73 -37.34 45.97
N VAL B 908 27.82 -38.19 45.51
CA VAL B 908 27.70 -39.54 46.04
C VAL B 908 28.88 -40.36 45.57
N THR B 909 29.61 -40.94 46.52
CA THR B 909 30.75 -41.78 46.17
C THR B 909 30.27 -43.09 45.55
N GLN B 910 31.22 -43.80 44.96
CA GLN B 910 30.93 -44.89 44.03
C GLN B 910 30.66 -46.23 44.71
N ASN B 911 30.76 -46.33 46.03
CA ASN B 911 30.59 -47.63 46.67
C ASN B 911 29.14 -48.07 46.77
N VAL B 912 28.18 -47.17 46.56
CA VAL B 912 26.78 -47.53 46.76
C VAL B 912 26.18 -48.29 45.59
N LEU B 913 26.80 -48.22 44.41
CA LEU B 913 26.20 -48.86 43.24
C LEU B 913 26.44 -50.36 43.22
N TYR B 914 27.68 -50.78 43.46
CA TYR B 914 27.99 -52.21 43.44
C TYR B 914 27.38 -52.93 44.63
N GLU B 915 27.24 -52.25 45.76
CA GLU B 915 26.57 -52.83 46.92
C GLU B 915 25.06 -52.93 46.74
N ASN B 916 24.50 -52.27 45.73
CA ASN B 916 23.08 -52.34 45.41
C ASN B 916 22.87 -52.52 43.93
N GLN B 917 23.65 -53.40 43.30
CA GLN B 917 23.62 -53.55 41.85
C GLN B 917 22.30 -54.15 41.37
N LYS B 918 21.82 -55.18 42.06
CA LYS B 918 20.58 -55.83 41.63
C LYS B 918 19.36 -54.96 41.90
N LEU B 919 19.36 -54.22 43.01
CA LEU B 919 18.19 -53.40 43.36
C LEU B 919 18.04 -52.21 42.42
N ILE B 920 19.15 -51.54 42.09
CA ILE B 920 19.10 -50.39 41.20
C ILE B 920 18.72 -50.82 39.79
N ALA B 921 19.17 -52.01 39.38
CA ALA B 921 18.89 -52.51 38.03
C ALA B 921 17.40 -52.71 37.79
N ASN B 922 16.68 -53.18 38.81
CA ASN B 922 15.24 -53.35 38.66
C ASN B 922 14.51 -52.01 38.66
N GLN B 923 15.08 -50.99 39.32
CA GLN B 923 14.44 -49.68 39.35
C GLN B 923 14.42 -49.03 37.98
N PHE B 924 15.52 -49.13 37.23
CA PHE B 924 15.57 -48.53 35.91
C PHE B 924 14.71 -49.30 34.92
N ASN B 925 14.56 -50.61 35.12
CA ASN B 925 13.74 -51.42 34.21
C ASN B 925 12.26 -51.04 34.31
N SER B 926 11.75 -50.86 35.53
CA SER B 926 10.35 -50.50 35.69
C SER B 926 10.06 -49.08 35.22
N ALA B 927 11.00 -48.16 35.43
CA ALA B 927 10.85 -46.80 34.90
C ALA B 927 10.83 -46.82 33.37
N ILE B 928 11.67 -47.66 32.76
CA ILE B 928 11.59 -47.88 31.32
C ILE B 928 10.28 -48.57 30.97
N GLY B 929 9.85 -49.52 31.80
CA GLY B 929 8.64 -50.28 31.50
C GLY B 929 7.37 -49.43 31.54
N LYS B 930 7.26 -48.55 32.54
CA LYS B 930 6.05 -47.74 32.69
C LYS B 930 6.05 -46.50 31.80
N ILE B 931 7.18 -46.12 31.22
CA ILE B 931 7.20 -44.95 30.34
C ILE B 931 6.62 -45.26 28.98
N GLN B 932 6.51 -46.55 28.62
CA GLN B 932 5.93 -46.91 27.32
C GLN B 932 4.44 -46.63 27.28
N ASP B 933 3.74 -46.86 28.38
CA ASP B 933 2.29 -46.66 28.40
C ASP B 933 1.93 -45.18 28.42
N SER B 934 2.70 -44.37 29.16
CA SER B 934 2.38 -42.96 29.31
C SER B 934 2.57 -42.16 28.03
N LEU B 935 3.35 -42.67 27.07
CA LEU B 935 3.50 -41.98 25.81
C LEU B 935 2.25 -42.09 24.94
N SER B 936 1.53 -43.21 25.05
CA SER B 936 0.34 -43.43 24.25
C SER B 936 -0.96 -43.17 24.99
N SER B 937 -1.00 -43.42 26.30
CA SER B 937 -2.20 -43.18 27.10
C SER B 937 -2.33 -41.75 27.58
N THR B 938 -1.44 -40.87 27.14
CA THR B 938 -1.51 -39.46 27.51
C THR B 938 -2.71 -38.78 26.86
N PRO B 939 -3.27 -37.76 27.50
CA PRO B 939 -4.22 -36.89 26.79
C PRO B 939 -3.53 -36.13 25.67
N SER B 940 -2.46 -35.40 26.02
CA SER B 940 -1.63 -34.73 25.02
C SER B 940 -0.24 -34.51 25.65
N ALA B 941 0.71 -35.38 25.30
CA ALA B 941 2.10 -35.17 25.67
C ALA B 941 2.97 -34.74 24.51
N LEU B 942 2.71 -35.23 23.30
CA LEU B 942 3.43 -34.81 22.11
C LEU B 942 2.78 -33.59 21.47
N GLY B 943 2.52 -32.57 22.29
CA GLY B 943 1.87 -31.38 21.78
C GLY B 943 2.79 -30.54 20.90
N LYS B 944 4.04 -30.38 21.33
CA LYS B 944 4.95 -29.42 20.68
C LYS B 944 5.28 -29.84 19.25
N LEU B 945 5.54 -31.12 19.02
CA LEU B 945 5.71 -31.60 17.64
C LEU B 945 4.42 -31.47 16.86
N GLN B 946 3.28 -31.78 17.49
CA GLN B 946 2.00 -31.57 16.83
C GLN B 946 1.69 -30.08 16.66
N ASP B 947 2.25 -29.23 17.52
CA ASP B 947 2.12 -27.79 17.31
C ASP B 947 2.84 -27.34 16.06
N VAL B 948 3.99 -27.93 15.76
CA VAL B 948 4.75 -27.56 14.57
C VAL B 948 3.98 -27.91 13.30
N VAL B 949 3.43 -29.12 13.24
CA VAL B 949 2.73 -29.56 12.04
C VAL B 949 1.41 -28.82 11.88
N ASN B 950 0.67 -28.64 12.97
CA ASN B 950 -0.65 -28.00 12.89
C ASN B 950 -0.55 -26.52 12.58
N HIS B 951 0.48 -25.84 13.08
CA HIS B 951 0.66 -24.43 12.73
C HIS B 951 1.00 -24.25 11.26
N ASN B 952 1.64 -25.24 10.64
CA ASN B 952 1.91 -25.21 9.22
C ASN B 952 0.74 -25.70 8.37
N ALA B 953 -0.31 -26.23 9.00
CA ALA B 953 -1.49 -26.63 8.24
C ALA B 953 -2.28 -25.42 7.77
N GLN B 954 -2.76 -24.61 8.72
CA GLN B 954 -3.49 -23.40 8.36
C GLN B 954 -2.57 -22.28 7.88
N ALA B 955 -1.25 -22.43 8.02
CA ALA B 955 -0.34 -21.50 7.36
C ALA B 955 -0.41 -21.66 5.84
N LEU B 956 -0.61 -22.88 5.36
CA LEU B 956 -0.75 -23.15 3.94
C LEU B 956 -2.20 -23.25 3.49
N ASN B 957 -3.11 -23.68 4.36
CA ASN B 957 -4.51 -23.81 3.97
C ASN B 957 -5.17 -22.44 3.80
N THR B 958 -4.92 -21.52 4.73
CA THR B 958 -5.46 -20.17 4.59
C THR B 958 -4.77 -19.40 3.49
N LEU B 959 -3.56 -19.81 3.09
CA LEU B 959 -2.89 -19.19 1.95
C LEU B 959 -3.64 -19.45 0.66
N VAL B 960 -4.15 -20.68 0.49
CA VAL B 960 -4.92 -21.02 -0.70
C VAL B 960 -6.27 -20.31 -0.70
N LYS B 961 -6.90 -20.20 0.48
CA LYS B 961 -8.24 -19.64 0.57
C LYS B 961 -8.28 -18.15 0.25
N GLN B 962 -7.14 -17.46 0.26
CA GLN B 962 -7.12 -16.06 -0.15
C GLN B 962 -7.38 -15.88 -1.63
N LEU B 963 -7.20 -16.93 -2.44
CA LEU B 963 -7.43 -16.83 -3.88
C LEU B 963 -8.91 -16.61 -4.18
N SER B 964 -9.80 -17.28 -3.45
CA SER B 964 -11.23 -17.10 -3.63
C SER B 964 -11.77 -15.99 -2.72
N SER B 965 -11.12 -14.84 -2.76
CA SER B 965 -11.55 -13.65 -2.05
C SER B 965 -11.69 -12.50 -3.04
N LYS B 966 -12.74 -11.70 -2.86
CA LYS B 966 -13.06 -10.67 -3.84
C LYS B 966 -12.04 -9.54 -3.82
N PHE B 967 -11.53 -9.19 -2.63
CA PHE B 967 -10.52 -8.15 -2.44
C PHE B 967 -10.98 -6.79 -2.99
N GLY B 968 -12.28 -6.53 -2.89
CA GLY B 968 -12.84 -5.33 -3.50
C GLY B 968 -12.81 -5.34 -5.01
N ALA B 969 -13.12 -6.48 -5.62
CA ALA B 969 -13.21 -6.60 -7.08
C ALA B 969 -14.48 -7.37 -7.42
N ILE B 970 -14.75 -7.47 -8.72
CA ILE B 970 -15.99 -8.12 -9.17
C ILE B 970 -15.92 -9.62 -8.94
N SER B 971 -14.82 -10.25 -9.36
CA SER B 971 -14.69 -11.70 -9.28
C SER B 971 -13.33 -12.07 -8.74
N SER B 972 -13.27 -13.25 -8.12
CA SER B 972 -12.02 -13.81 -7.60
C SER B 972 -11.27 -14.65 -8.62
N VAL B 973 -11.83 -14.83 -9.81
CA VAL B 973 -11.21 -15.61 -10.88
C VAL B 973 -10.87 -14.65 -12.02
N LEU B 974 -9.62 -14.74 -12.50
CA LEU B 974 -9.14 -13.80 -13.51
C LEU B 974 -9.88 -13.97 -14.83
N ASN B 975 -10.22 -15.21 -15.18
CA ASN B 975 -10.88 -15.48 -16.45
C ASN B 975 -12.30 -14.94 -16.51
N ASP B 976 -12.94 -14.72 -15.36
CA ASP B 976 -14.29 -14.17 -15.36
C ASP B 976 -14.30 -12.71 -15.80
N ILE B 977 -13.45 -11.88 -15.19
CA ILE B 977 -13.46 -10.46 -15.51
C ILE B 977 -12.80 -10.15 -16.85
N LEU B 978 -12.05 -11.10 -17.41
CA LEU B 978 -11.42 -10.86 -18.70
C LEU B 978 -12.42 -10.96 -19.84
N SER B 979 -13.39 -11.86 -19.71
CA SER B 979 -14.32 -12.15 -20.80
C SER B 979 -15.57 -11.28 -20.79
N ARG B 980 -15.78 -10.48 -19.74
CA ARG B 980 -16.96 -9.63 -19.66
C ARG B 980 -16.67 -8.16 -19.45
N LEU B 981 -15.41 -7.73 -19.50
CA LEU B 981 -15.06 -6.34 -19.33
C LEU B 981 -14.15 -5.87 -20.46
N ASP B 982 -14.23 -4.59 -20.77
CA ASP B 982 -13.33 -3.98 -21.74
C ASP B 982 -11.91 -3.92 -21.16
N PRO B 983 -10.89 -4.03 -22.01
CA PRO B 983 -9.49 -4.05 -21.52
C PRO B 983 -9.03 -2.80 -20.76
N PRO B 984 -9.49 -1.52 -21.07
CA PRO B 984 -8.91 -0.40 -20.32
C PRO B 984 -9.22 -0.37 -18.83
N GLU B 985 -10.51 -0.42 -18.45
CA GLU B 985 -10.85 -0.27 -17.04
C GLU B 985 -10.81 -1.59 -16.27
N ALA B 986 -10.69 -2.73 -16.96
CA ALA B 986 -10.49 -3.99 -16.26
C ALA B 986 -9.09 -4.13 -15.71
N GLU B 987 -8.14 -3.33 -16.21
CA GLU B 987 -6.78 -3.36 -15.69
C GLU B 987 -6.72 -2.87 -14.25
N VAL B 988 -7.59 -1.93 -13.88
CA VAL B 988 -7.63 -1.45 -12.50
C VAL B 988 -8.12 -2.54 -11.57
N GLN B 989 -9.09 -3.33 -12.01
CA GLN B 989 -9.56 -4.45 -11.21
C GLN B 989 -8.50 -5.53 -11.06
N ILE B 990 -7.74 -5.79 -12.13
CA ILE B 990 -6.64 -6.76 -12.05
C ILE B 990 -5.55 -6.25 -11.12
N ASP B 991 -5.22 -4.96 -11.22
CA ASP B 991 -4.23 -4.36 -10.32
C ASP B 991 -4.66 -4.40 -8.86
N ARG B 992 -5.96 -4.47 -8.60
CA ARG B 992 -6.43 -4.63 -7.22
C ARG B 992 -6.14 -6.03 -6.70
N LEU B 993 -6.24 -7.04 -7.58
CA LEU B 993 -5.97 -8.42 -7.17
C LEU B 993 -4.49 -8.70 -7.03
N ILE B 994 -3.65 -8.07 -7.87
CA ILE B 994 -2.21 -8.30 -7.80
C ILE B 994 -1.65 -7.84 -6.47
N THR B 995 -2.04 -6.64 -6.04
CA THR B 995 -1.65 -6.19 -4.71
C THR B 995 -2.43 -6.88 -3.60
N GLY B 996 -3.58 -7.49 -3.93
CA GLY B 996 -4.31 -8.24 -2.93
C GLY B 996 -3.59 -9.51 -2.51
N ARG B 997 -3.02 -10.23 -3.47
CA ARG B 997 -2.30 -11.46 -3.19
C ARG B 997 -0.83 -11.21 -2.81
N LEU B 998 -0.31 -10.01 -3.06
CA LEU B 998 1.04 -9.70 -2.64
C LEU B 998 1.13 -9.55 -1.14
N GLN B 999 0.14 -8.88 -0.53
CA GLN B 999 0.12 -8.76 0.92
C GLN B 999 -0.16 -10.09 1.60
N SER B 1000 -0.85 -11.00 0.91
CA SER B 1000 -1.08 -12.32 1.48
C SER B 1000 0.18 -13.17 1.41
N LEU B 1001 0.96 -13.03 0.35
CA LEU B 1001 2.19 -13.79 0.23
C LEU B 1001 3.29 -13.22 1.13
N GLN B 1002 3.33 -11.89 1.27
CA GLN B 1002 4.33 -11.28 2.14
C GLN B 1002 4.08 -11.61 3.60
N THR B 1003 2.82 -11.65 4.02
CA THR B 1003 2.50 -12.01 5.40
C THR B 1003 2.80 -13.47 5.67
N TYR B 1004 2.75 -14.32 4.64
CA TYR B 1004 3.06 -15.74 4.81
C TYR B 1004 4.54 -15.94 5.12
N VAL B 1005 5.43 -15.27 4.38
CA VAL B 1005 6.85 -15.47 4.61
C VAL B 1005 7.32 -14.70 5.85
N THR B 1006 6.67 -13.59 6.17
CA THR B 1006 7.05 -12.83 7.37
C THR B 1006 6.72 -13.62 8.63
N GLN B 1007 5.57 -14.30 8.64
CA GLN B 1007 5.26 -15.20 9.74
C GLN B 1007 6.22 -16.37 9.78
N GLN B 1008 6.58 -16.91 8.61
CA GLN B 1008 7.49 -18.05 8.55
C GLN B 1008 8.91 -17.66 8.92
N LEU B 1009 9.33 -16.44 8.58
CA LEU B 1009 10.68 -16.00 8.92
C LEU B 1009 10.83 -15.80 10.43
N ILE B 1010 9.77 -15.36 11.10
CA ILE B 1010 9.81 -15.23 12.55
C ILE B 1010 9.83 -16.61 13.21
N ARG B 1011 9.01 -17.54 12.71
CA ARG B 1011 8.97 -18.89 13.27
C ARG B 1011 10.28 -19.64 13.04
N ALA B 1012 11.03 -19.30 11.98
CA ALA B 1012 12.33 -19.93 11.78
C ALA B 1012 13.33 -19.54 12.86
N ALA B 1013 13.20 -18.32 13.39
CA ALA B 1013 14.04 -17.93 14.52
C ALA B 1013 13.62 -18.63 15.80
N GLU B 1014 12.34 -18.99 15.91
CA GLU B 1014 11.87 -19.70 17.09
C GLU B 1014 12.40 -21.13 17.13
N ILE B 1015 12.42 -21.81 15.98
CA ILE B 1015 12.92 -23.18 15.92
C ILE B 1015 14.43 -23.22 16.16
N ARG B 1016 15.16 -22.25 15.61
CA ARG B 1016 16.61 -22.22 15.78
C ARG B 1016 17.00 -21.96 17.22
N ALA B 1017 16.17 -21.24 17.98
CA ALA B 1017 16.40 -21.13 19.42
C ALA B 1017 16.25 -22.49 20.09
N SER B 1018 15.27 -23.28 19.66
CA SER B 1018 15.12 -24.64 20.16
C SER B 1018 16.14 -25.59 19.55
N ALA B 1019 16.53 -25.38 18.30
CA ALA B 1019 17.52 -26.24 17.66
C ALA B 1019 18.89 -26.08 18.31
N ASN B 1020 19.28 -24.84 18.63
CA ASN B 1020 20.54 -24.63 19.32
C ASN B 1020 20.45 -25.06 20.79
N LEU B 1021 19.25 -25.06 21.35
CA LEU B 1021 19.07 -25.59 22.70
C LEU B 1021 19.17 -27.11 22.70
N ALA B 1022 18.66 -27.76 21.65
CA ALA B 1022 18.77 -29.21 21.54
C ALA B 1022 20.20 -29.61 21.22
N ALA B 1023 20.91 -28.81 20.40
CA ALA B 1023 22.31 -29.08 20.13
C ALA B 1023 23.16 -28.87 21.37
N THR B 1024 22.78 -27.93 22.24
CA THR B 1024 23.51 -27.74 23.47
C THR B 1024 23.20 -28.85 24.47
N LYS B 1025 21.95 -29.31 24.52
CA LYS B 1025 21.56 -30.37 25.43
C LYS B 1025 22.22 -31.70 25.05
N MET B 1026 22.26 -32.02 23.76
CA MET B 1026 22.82 -33.30 23.35
C MET B 1026 24.34 -33.31 23.46
N SER B 1027 24.97 -32.14 23.52
CA SER B 1027 26.41 -32.06 23.65
C SER B 1027 26.92 -32.13 25.09
N GLU B 1028 26.04 -31.98 26.09
CA GLU B 1028 26.52 -32.08 27.46
C GLU B 1028 25.68 -32.99 28.35
N CYS B 1029 24.39 -33.16 28.06
CA CYS B 1029 23.62 -34.15 28.82
C CYS B 1029 23.96 -35.56 28.39
N VAL B 1030 24.36 -35.76 27.14
CA VAL B 1030 24.67 -37.08 26.62
C VAL B 1030 26.16 -37.38 26.71
N LEU B 1031 26.99 -36.47 26.22
CA LEU B 1031 28.44 -36.69 26.16
C LEU B 1031 29.13 -36.19 27.42
N GLY B 1032 28.65 -36.63 28.57
CA GLY B 1032 29.20 -36.21 29.84
C GLY B 1032 28.12 -36.26 30.91
N GLN B 1033 28.18 -35.29 31.82
CA GLN B 1033 27.18 -35.16 32.88
C GLN B 1033 27.16 -33.70 33.30
N SER B 1034 26.10 -32.98 32.94
CA SER B 1034 26.04 -31.55 33.19
C SER B 1034 25.84 -31.27 34.67
N LYS B 1035 26.49 -30.20 35.15
CA LYS B 1035 26.41 -29.79 36.54
C LYS B 1035 25.45 -28.62 36.75
N ARG B 1036 24.71 -28.24 35.72
CA ARG B 1036 23.76 -27.14 35.84
C ARG B 1036 22.46 -27.65 36.44
N VAL B 1037 21.97 -26.95 37.46
CA VAL B 1037 20.78 -27.38 38.19
C VAL B 1037 19.55 -27.13 37.32
N ASP B 1038 18.71 -28.17 37.18
CA ASP B 1038 17.47 -28.12 36.40
C ASP B 1038 17.74 -27.74 34.94
N PHE B 1039 18.73 -28.40 34.34
CA PHE B 1039 18.99 -28.27 32.91
C PHE B 1039 18.73 -29.58 32.17
N CYS B 1040 19.38 -30.66 32.59
CA CYS B 1040 19.19 -31.98 32.01
C CYS B 1040 18.33 -32.76 32.99
N GLY B 1041 17.01 -32.56 32.93
CA GLY B 1041 16.10 -33.21 33.84
C GLY B 1041 15.93 -32.46 35.14
N LYS B 1042 14.99 -32.94 35.95
CA LYS B 1042 14.66 -32.33 37.24
C LYS B 1042 15.42 -33.06 38.34
N GLY B 1043 16.43 -32.40 38.90
CA GLY B 1043 17.20 -32.97 39.98
C GLY B 1043 18.63 -33.25 39.59
N TYR B 1044 19.31 -34.12 40.34
CA TYR B 1044 20.64 -34.55 39.96
C TYR B 1044 20.57 -35.41 38.71
N HIS B 1045 21.40 -35.11 37.72
CA HIS B 1045 21.32 -35.72 36.41
C HIS B 1045 22.38 -36.80 36.26
N LEU B 1046 22.01 -37.91 35.61
CA LEU B 1046 22.95 -38.99 35.34
C LEU B 1046 23.23 -39.16 33.85
N MET B 1047 22.22 -39.49 33.05
CA MET B 1047 22.45 -39.91 31.67
C MET B 1047 21.45 -39.23 30.76
N SER B 1048 21.40 -39.66 29.51
CA SER B 1048 20.39 -39.24 28.56
C SER B 1048 20.30 -40.29 27.47
N PHE B 1049 19.21 -40.22 26.70
CA PHE B 1049 18.99 -41.13 25.57
C PHE B 1049 18.20 -40.37 24.51
N PRO B 1050 18.86 -39.95 23.44
CA PRO B 1050 18.12 -39.28 22.35
C PRO B 1050 17.30 -40.28 21.56
N GLN B 1051 16.12 -39.84 21.12
CA GLN B 1051 15.26 -40.64 20.26
C GLN B 1051 14.72 -39.75 19.16
N SER B 1052 14.75 -40.26 17.93
CA SER B 1052 14.30 -39.48 16.79
C SER B 1052 12.78 -39.38 16.77
N ALA B 1053 12.28 -38.28 16.25
CA ALA B 1053 10.86 -38.01 16.14
C ALA B 1053 10.62 -37.26 14.84
N PRO B 1054 9.39 -37.31 14.29
CA PRO B 1054 9.09 -36.52 13.09
C PRO B 1054 9.15 -35.03 13.36
N HIS B 1055 10.14 -34.36 12.74
CA HIS B 1055 10.38 -32.92 12.89
C HIS B 1055 10.61 -32.55 14.36
N GLY B 1056 11.53 -33.25 15.00
CA GLY B 1056 11.84 -32.97 16.40
C GLY B 1056 12.73 -34.03 16.98
N VAL B 1057 12.82 -34.03 18.31
CA VAL B 1057 13.64 -34.98 19.05
C VAL B 1057 13.04 -35.15 20.43
N VAL B 1058 13.27 -36.31 21.04
CA VAL B 1058 12.74 -36.66 22.36
C VAL B 1058 13.86 -37.24 23.20
N PHE B 1059 14.04 -36.71 24.40
CA PHE B 1059 15.08 -37.18 25.31
C PHE B 1059 14.47 -38.01 26.44
N LEU B 1060 15.35 -38.75 27.12
CA LEU B 1060 14.99 -39.54 28.31
C LEU B 1060 16.00 -39.22 29.41
N HIS B 1061 15.72 -38.19 30.20
CA HIS B 1061 16.66 -37.72 31.21
C HIS B 1061 16.55 -38.61 32.45
N VAL B 1062 17.54 -39.48 32.64
CA VAL B 1062 17.59 -40.35 33.82
C VAL B 1062 18.17 -39.54 34.98
N THR B 1063 17.33 -39.24 35.97
CA THR B 1063 17.68 -38.35 37.06
C THR B 1063 17.80 -39.13 38.37
N TYR B 1064 18.03 -38.38 39.46
CA TYR B 1064 18.27 -38.93 40.78
C TYR B 1064 17.52 -38.09 41.80
N VAL B 1065 16.73 -38.73 42.66
CA VAL B 1065 15.90 -38.03 43.65
C VAL B 1065 15.93 -38.76 44.99
N PRO B 1066 16.36 -38.10 46.07
CA PRO B 1066 16.26 -38.73 47.40
C PRO B 1066 14.82 -38.82 47.88
N ALA B 1067 14.56 -39.77 48.78
CA ALA B 1067 13.20 -40.14 49.12
C ALA B 1067 12.81 -39.84 50.58
N GLN B 1068 13.51 -40.40 51.57
CA GLN B 1068 13.01 -40.44 52.94
C GLN B 1068 14.01 -39.79 53.89
N GLU B 1069 13.49 -38.97 54.81
CA GLU B 1069 14.30 -38.13 55.68
C GLU B 1069 14.37 -38.70 57.09
N LYS B 1070 15.40 -38.25 57.83
CA LYS B 1070 15.53 -38.51 59.25
C LYS B 1070 16.16 -37.30 59.94
N ASN B 1071 15.63 -36.94 61.10
CA ASN B 1071 16.14 -35.81 61.86
C ASN B 1071 17.45 -36.16 62.55
N PHE B 1072 18.34 -35.18 62.67
CA PHE B 1072 19.61 -35.35 63.36
C PHE B 1072 20.00 -34.03 64.02
N THR B 1073 21.13 -34.05 64.73
CA THR B 1073 21.64 -32.90 65.46
C THR B 1073 23.05 -32.57 64.96
N THR B 1074 23.27 -31.32 64.59
CA THR B 1074 24.52 -30.89 63.98
C THR B 1074 25.24 -29.84 64.83
N ALA B 1075 26.56 -29.77 64.62
CA ALA B 1075 27.43 -28.77 65.22
C ALA B 1075 28.49 -28.48 64.16
N PRO B 1076 28.79 -27.21 63.87
CA PRO B 1076 29.65 -26.89 62.73
C PRO B 1076 31.11 -27.26 62.91
N ALA B 1077 31.55 -27.61 64.12
CA ALA B 1077 32.95 -27.93 64.34
C ALA B 1077 33.08 -28.85 65.55
N ILE B 1078 34.25 -29.47 65.68
CA ILE B 1078 34.55 -30.40 66.75
C ILE B 1078 35.89 -30.01 67.38
N CYS B 1079 35.92 -29.88 68.70
CA CYS B 1079 37.14 -29.59 69.43
C CYS B 1079 37.57 -30.81 70.22
N HIS B 1080 38.85 -31.18 70.09
CA HIS B 1080 39.40 -32.31 70.82
C HIS B 1080 40.46 -31.89 71.83
N ASP B 1081 41.54 -31.25 71.38
CA ASP B 1081 42.60 -30.79 72.27
C ASP B 1081 42.93 -29.34 71.89
N GLY B 1082 42.15 -28.39 72.41
CA GLY B 1082 42.40 -26.98 72.23
C GLY B 1082 42.35 -26.47 70.80
N LYS B 1083 41.80 -27.27 69.89
CA LYS B 1083 41.80 -26.93 68.48
C LYS B 1083 40.52 -27.43 67.84
N ALA B 1084 40.03 -26.68 66.86
CA ALA B 1084 38.87 -27.10 66.10
C ALA B 1084 39.26 -28.23 65.14
N HIS B 1085 38.25 -28.95 64.65
CA HIS B 1085 38.45 -30.03 63.69
C HIS B 1085 37.29 -30.01 62.72
N PHE B 1086 37.54 -29.61 61.53
CA PHE B 1086 36.58 -29.54 60.45
C PHE B 1086 36.56 -30.84 59.67
N PRO B 1087 35.42 -31.24 59.11
CA PRO B 1087 35.39 -32.47 58.30
C PRO B 1087 36.12 -32.27 56.98
N ARG B 1088 36.73 -33.36 56.49
CA ARG B 1088 37.39 -33.30 55.20
C ARG B 1088 36.38 -33.10 54.07
N GLU B 1089 35.34 -33.92 54.04
CA GLU B 1089 34.25 -33.74 53.09
C GLU B 1089 33.01 -34.42 53.69
N GLY B 1090 32.11 -33.63 54.24
CA GLY B 1090 30.90 -34.17 54.82
C GLY B 1090 30.37 -33.29 55.92
N VAL B 1091 29.32 -33.79 56.57
CA VAL B 1091 28.58 -33.07 57.60
C VAL B 1091 28.71 -33.83 58.91
N PHE B 1092 28.96 -33.11 60.01
CA PHE B 1092 28.96 -33.71 61.32
C PHE B 1092 27.53 -33.87 61.83
N VAL B 1093 27.15 -35.09 62.20
CA VAL B 1093 25.81 -35.40 62.69
C VAL B 1093 25.93 -36.31 63.90
N SER B 1094 24.82 -36.45 64.63
CA SER B 1094 24.81 -37.27 65.82
C SER B 1094 23.53 -38.10 65.87
N ASN B 1095 23.64 -39.27 66.50
CA ASN B 1095 22.49 -40.14 66.76
C ASN B 1095 21.74 -39.75 68.03
N GLY B 1096 22.21 -38.72 68.73
CA GLY B 1096 21.72 -38.38 70.05
C GLY B 1096 22.59 -38.87 71.18
N THR B 1097 23.45 -39.86 70.92
CA THR B 1097 24.43 -40.34 71.87
C THR B 1097 25.86 -40.21 71.36
N HIS B 1098 26.10 -40.58 70.11
CA HIS B 1098 27.43 -40.54 69.52
C HIS B 1098 27.39 -39.68 68.26
N TRP B 1099 28.47 -38.94 68.02
CA TRP B 1099 28.56 -38.10 66.83
C TRP B 1099 29.17 -38.87 65.68
N PHE B 1100 28.85 -38.44 64.46
CA PHE B 1100 29.30 -39.13 63.26
C PHE B 1100 29.54 -38.11 62.15
N VAL B 1101 30.33 -38.53 61.16
CA VAL B 1101 30.54 -37.77 59.94
C VAL B 1101 30.08 -38.61 58.75
N THR B 1102 29.38 -37.97 57.82
CA THR B 1102 28.77 -38.68 56.70
C THR B 1102 28.56 -37.70 55.55
N GLN B 1103 28.08 -38.23 54.42
CA GLN B 1103 27.91 -37.46 53.20
C GLN B 1103 26.67 -36.58 53.28
N ARG B 1104 26.35 -35.91 52.18
CA ARG B 1104 25.23 -34.97 52.13
C ARG B 1104 24.06 -35.46 51.30
N ASN B 1105 24.10 -36.68 50.79
CA ASN B 1105 23.00 -37.21 50.00
C ASN B 1105 22.67 -38.65 50.30
N PHE B 1106 23.29 -39.28 51.30
CA PHE B 1106 23.01 -40.66 51.67
C PHE B 1106 23.53 -40.87 53.08
N TYR B 1107 22.65 -41.31 53.99
CA TYR B 1107 23.06 -41.52 55.37
C TYR B 1107 23.95 -42.74 55.47
N GLU B 1108 25.21 -42.53 55.86
CA GLU B 1108 26.15 -43.62 56.09
C GLU B 1108 27.18 -43.14 57.10
N PRO B 1109 26.94 -43.35 58.39
CA PRO B 1109 27.86 -42.84 59.41
C PRO B 1109 29.15 -43.64 59.45
N GLN B 1110 30.21 -42.98 59.93
CA GLN B 1110 31.50 -43.62 60.13
C GLN B 1110 32.05 -43.17 61.47
N ILE B 1111 32.89 -44.03 62.06
CA ILE B 1111 33.59 -43.68 63.29
C ILE B 1111 34.61 -42.59 63.00
N ILE B 1112 34.58 -41.52 63.78
CA ILE B 1112 35.45 -40.38 63.53
C ILE B 1112 36.89 -40.72 63.92
N THR B 1113 37.81 -40.53 62.99
CA THR B 1113 39.24 -40.71 63.21
C THR B 1113 39.96 -39.42 62.85
N THR B 1114 41.29 -39.48 62.85
CA THR B 1114 42.09 -38.33 62.47
C THR B 1114 42.23 -38.18 60.95
N ASP B 1115 41.86 -39.20 60.19
CA ASP B 1115 41.98 -39.12 58.74
C ASP B 1115 40.88 -38.27 58.11
N ASN B 1116 39.72 -38.21 58.74
CA ASN B 1116 38.57 -37.49 58.19
C ASN B 1116 38.57 -36.01 58.54
N THR B 1117 39.56 -35.53 59.29
CA THR B 1117 39.57 -34.15 59.76
C THR B 1117 40.89 -33.48 59.40
N PHE B 1118 40.81 -32.17 59.18
CA PHE B 1118 41.98 -31.31 59.08
C PHE B 1118 41.88 -30.23 60.15
N VAL B 1119 42.99 -29.97 60.84
CA VAL B 1119 42.99 -29.16 62.05
C VAL B 1119 43.40 -27.73 61.72
N SER B 1120 42.61 -26.77 62.23
CA SER B 1120 42.90 -25.34 62.08
C SER B 1120 42.05 -24.59 63.09
N GLY B 1121 42.69 -23.90 64.03
CA GLY B 1121 41.96 -23.09 64.98
C GLY B 1121 42.49 -23.14 66.40
N ASN B 1122 41.79 -22.49 67.34
CA ASN B 1122 42.19 -22.48 68.73
C ASN B 1122 40.96 -22.66 69.64
N CYS B 1123 39.90 -23.29 69.11
CA CYS B 1123 38.75 -23.80 69.85
C CYS B 1123 37.92 -22.70 70.53
N ASP B 1124 38.16 -21.43 70.21
CA ASP B 1124 37.44 -20.36 70.89
C ASP B 1124 36.75 -19.38 69.95
N VAL B 1125 37.36 -19.14 68.79
CA VAL B 1125 36.84 -18.11 67.89
C VAL B 1125 35.57 -18.57 67.19
N VAL B 1126 35.40 -19.88 66.98
CA VAL B 1126 34.22 -20.38 66.28
C VAL B 1126 33.01 -20.33 67.22
N ILE B 1127 31.82 -20.28 66.61
CA ILE B 1127 30.56 -20.19 67.34
C ILE B 1127 29.72 -21.41 66.99
N GLY B 1128 29.27 -22.13 68.03
CA GLY B 1128 28.48 -23.32 67.85
C GLY B 1128 29.23 -24.62 68.01
N ILE B 1129 30.52 -24.57 68.34
CA ILE B 1129 31.31 -25.79 68.48
C ILE B 1129 30.88 -26.54 69.74
N VAL B 1130 30.97 -27.88 69.67
CA VAL B 1130 30.68 -28.74 70.81
C VAL B 1130 31.86 -29.67 71.02
N ASN B 1131 31.93 -30.24 72.22
CA ASN B 1131 33.00 -31.16 72.56
C ASN B 1131 32.71 -32.55 72.02
N ASN B 1132 33.78 -33.29 71.73
CA ASN B 1132 33.70 -34.66 71.25
C ASN B 1132 35.05 -35.32 71.48
N THR B 1133 35.22 -36.52 70.94
CA THR B 1133 36.49 -37.23 70.97
C THR B 1133 36.78 -37.82 69.60
N VAL B 1134 38.08 -37.86 69.26
CA VAL B 1134 38.55 -38.45 68.02
C VAL B 1134 39.64 -39.46 68.37
N TYR B 1135 39.94 -40.32 67.39
CA TYR B 1135 40.90 -41.39 67.60
C TYR B 1135 41.92 -41.40 66.47
N ASP B 1136 43.06 -42.04 66.75
CA ASP B 1136 44.14 -42.17 65.79
C ASP B 1136 44.54 -43.63 65.74
N PRO B 1137 44.39 -44.32 64.59
CA PRO B 1137 44.67 -45.76 64.50
C PRO B 1137 46.14 -46.11 64.29
N LEU B 1138 47.01 -45.54 65.13
CA LEU B 1138 48.42 -45.91 65.12
C LEU B 1138 48.90 -46.26 66.52
N GLN B 1139 48.27 -45.65 67.54
CA GLN B 1139 48.59 -46.01 68.93
C GLN B 1139 48.30 -47.46 69.29
N PRO B 1140 47.18 -48.09 68.87
CA PRO B 1140 47.10 -49.56 69.05
C PRO B 1140 48.18 -50.32 68.30
N GLU B 1141 48.65 -49.79 67.17
CA GLU B 1141 49.76 -50.39 66.45
C GLU B 1141 51.08 -50.02 67.12
N THR C 22 25.82 -23.50 -55.35
CA THR C 22 26.87 -23.54 -54.34
C THR C 22 26.29 -23.36 -52.94
N GLN C 23 26.66 -24.24 -52.03
CA GLN C 23 26.17 -24.18 -50.65
C GLN C 23 27.13 -24.98 -49.77
N SER C 24 27.26 -24.54 -48.52
CA SER C 24 28.11 -25.22 -47.55
C SER C 24 27.55 -24.96 -46.15
N TYR C 25 28.33 -25.33 -45.14
CA TYR C 25 27.93 -25.13 -43.75
C TYR C 25 29.17 -24.78 -42.93
N THR C 26 29.02 -23.85 -42.00
CA THR C 26 30.12 -23.38 -41.18
C THR C 26 29.59 -22.97 -39.82
N ASN C 27 30.34 -23.30 -38.76
CA ASN C 27 30.02 -22.79 -37.43
C ASN C 27 30.34 -21.30 -37.35
N SER C 28 29.39 -20.51 -36.88
CA SER C 28 29.53 -19.06 -36.91
C SER C 28 30.40 -18.51 -35.78
N PHE C 29 30.69 -19.31 -34.77
CA PHE C 29 31.49 -18.93 -33.57
C PHE C 29 30.80 -17.75 -32.90
N THR C 30 31.56 -16.77 -32.41
CA THR C 30 31.00 -15.59 -31.75
C THR C 30 31.08 -14.41 -32.71
N ARG C 31 29.92 -13.93 -33.15
CA ARG C 31 29.87 -12.86 -34.14
C ARG C 31 28.50 -12.19 -34.09
N GLY C 32 28.49 -10.90 -34.38
CA GLY C 32 27.25 -10.17 -34.52
C GLY C 32 26.72 -9.53 -33.26
N VAL C 33 27.59 -8.84 -32.52
CA VAL C 33 27.21 -8.12 -31.31
C VAL C 33 27.26 -6.64 -31.61
N TYR C 34 26.11 -5.97 -31.50
CA TYR C 34 26.01 -4.55 -31.82
C TYR C 34 25.51 -3.78 -30.60
N TYR C 35 25.73 -2.47 -30.63
CA TYR C 35 25.31 -1.62 -29.53
C TYR C 35 23.79 -1.52 -29.51
N PRO C 36 23.13 -1.89 -28.41
CA PRO C 36 21.65 -1.86 -28.40
C PRO C 36 21.07 -0.45 -28.41
N ASP C 37 21.76 0.52 -27.83
CA ASP C 37 21.23 1.88 -27.74
C ASP C 37 22.40 2.85 -27.87
N LYS C 38 22.13 4.12 -27.59
CA LYS C 38 23.11 5.19 -27.68
C LYS C 38 23.33 5.84 -26.31
N VAL C 39 23.45 5.01 -25.28
CA VAL C 39 23.64 5.48 -23.90
C VAL C 39 25.01 5.01 -23.44
N PHE C 40 25.83 5.95 -22.99
CA PHE C 40 27.18 5.62 -22.55
C PHE C 40 27.16 4.90 -21.22
N ARG C 41 27.99 3.86 -21.11
CA ARG C 41 28.14 3.11 -19.87
C ARG C 41 29.60 2.75 -19.68
N SER C 42 29.97 2.46 -18.44
CA SER C 42 31.34 2.12 -18.11
C SER C 42 31.35 1.21 -16.90
N SER C 43 31.98 0.03 -17.05
CA SER C 43 32.02 -1.01 -16.03
C SER C 43 30.62 -1.42 -15.57
N VAL C 44 29.72 -1.58 -16.54
CA VAL C 44 28.33 -1.94 -16.28
C VAL C 44 28.08 -3.32 -16.87
N LEU C 45 27.20 -4.08 -16.21
CA LEU C 45 26.85 -5.42 -16.66
C LEU C 45 25.39 -5.43 -17.11
N HIS C 46 25.02 -4.45 -17.93
CA HIS C 46 23.65 -4.34 -18.43
C HIS C 46 23.31 -5.51 -19.34
N SER C 47 22.12 -6.08 -19.15
CA SER C 47 21.63 -7.20 -19.94
C SER C 47 20.38 -6.78 -20.69
N THR C 48 20.27 -7.22 -21.94
CA THR C 48 19.24 -6.71 -22.83
C THR C 48 18.67 -7.84 -23.70
N GLN C 49 17.35 -7.77 -23.94
CA GLN C 49 16.64 -8.68 -24.83
C GLN C 49 16.38 -7.98 -26.16
N ASP C 50 17.08 -8.41 -27.21
CA ASP C 50 16.96 -7.80 -28.54
C ASP C 50 17.02 -8.90 -29.60
N LEU C 51 16.98 -8.49 -30.86
CA LEU C 51 17.18 -9.42 -31.96
C LEU C 51 18.67 -9.58 -32.23
N PHE C 52 19.16 -10.82 -32.15
CA PHE C 52 20.58 -11.11 -32.28
C PHE C 52 20.80 -12.32 -33.18
N LEU C 53 22.08 -12.59 -33.45
CA LEU C 53 22.49 -13.83 -34.08
C LEU C 53 22.87 -14.83 -33.00
N PRO C 54 22.22 -15.99 -32.93
CA PRO C 54 22.54 -16.95 -31.86
C PRO C 54 23.94 -17.49 -31.99
N PHE C 55 24.53 -17.79 -30.83
CA PHE C 55 25.90 -18.30 -30.79
C PHE C 55 25.96 -19.72 -31.34
N PHE C 56 27.01 -19.99 -32.12
CA PHE C 56 27.30 -21.32 -32.68
C PHE C 56 26.14 -21.84 -33.53
N SER C 57 25.86 -21.13 -34.61
CA SER C 57 24.79 -21.48 -35.53
C SER C 57 25.35 -21.67 -36.93
N ASN C 58 24.60 -22.41 -37.75
CA ASN C 58 24.97 -22.59 -39.15
C ASN C 58 24.87 -21.28 -39.91
N VAL C 59 25.80 -21.08 -40.85
CA VAL C 59 25.75 -19.97 -41.79
C VAL C 59 25.88 -20.54 -43.20
N THR C 60 25.05 -20.03 -44.11
CA THR C 60 24.97 -20.57 -45.47
C THR C 60 25.94 -19.81 -46.37
N TRP C 61 27.14 -20.36 -46.51
CA TRP C 61 28.14 -19.75 -47.38
C TRP C 61 27.95 -20.23 -48.80
N PHE C 62 27.97 -19.30 -49.75
CA PHE C 62 27.78 -19.59 -51.17
C PHE C 62 29.10 -19.39 -51.91
N HIS C 63 29.04 -19.55 -53.23
CA HIS C 63 30.11 -19.15 -54.13
C HIS C 63 29.49 -18.58 -55.39
N ALA C 64 30.21 -17.67 -56.04
CA ALA C 64 29.73 -17.01 -57.24
C ALA C 64 30.79 -17.06 -58.33
N ILE C 65 30.32 -17.11 -59.57
CA ILE C 65 31.20 -17.17 -60.72
C ILE C 65 30.50 -16.62 -61.95
N ASP C 77 22.78 -19.86 -61.40
CA ASP C 77 23.44 -18.83 -60.61
C ASP C 77 22.44 -17.78 -60.13
N ASN C 78 22.80 -17.11 -59.03
CA ASN C 78 22.07 -15.99 -58.42
C ASN C 78 20.60 -16.31 -58.13
N PRO C 79 20.29 -17.13 -57.13
CA PRO C 79 18.89 -17.29 -56.72
C PRO C 79 18.43 -16.16 -55.82
N VAL C 80 17.20 -16.22 -55.33
CA VAL C 80 16.65 -15.21 -54.45
C VAL C 80 16.52 -15.80 -53.05
N LEU C 81 17.07 -15.08 -52.05
CA LEU C 81 17.12 -15.54 -50.67
C LEU C 81 16.04 -14.85 -49.83
N PRO C 82 15.50 -15.55 -48.84
CA PRO C 82 14.47 -14.93 -47.98
C PRO C 82 15.09 -13.98 -46.97
N PHE C 83 14.35 -12.91 -46.67
CA PHE C 83 14.72 -11.95 -45.64
C PHE C 83 13.76 -12.10 -44.48
N ASN C 84 14.29 -12.31 -43.28
CA ASN C 84 13.46 -12.36 -42.08
C ASN C 84 14.21 -11.90 -40.84
N ASP C 85 13.61 -10.92 -40.15
CA ASP C 85 14.10 -10.38 -38.87
C ASP C 85 15.54 -9.87 -38.95
N GLY C 86 15.92 -9.31 -40.09
CA GLY C 86 17.28 -8.81 -40.26
C GLY C 86 18.22 -9.90 -40.75
N VAL C 87 19.33 -9.46 -41.34
CA VAL C 87 20.32 -10.35 -41.94
C VAL C 87 21.71 -9.86 -41.57
N TYR C 88 22.58 -10.77 -41.15
CA TYR C 88 23.99 -10.49 -40.97
C TYR C 88 24.74 -10.92 -42.23
N PHE C 89 25.59 -10.03 -42.75
CA PHE C 89 26.32 -10.28 -43.98
C PHE C 89 27.79 -9.95 -43.79
N ALA C 90 28.66 -10.73 -44.41
CA ALA C 90 30.10 -10.50 -44.28
C ALA C 90 30.83 -11.12 -45.46
N SER C 91 31.67 -10.32 -46.12
CA SER C 91 32.46 -10.78 -47.26
C SER C 91 33.91 -10.33 -47.07
N THR C 92 34.79 -10.92 -47.88
CA THR C 92 36.22 -10.63 -47.79
C THR C 92 36.77 -10.41 -49.20
N GLU C 93 36.10 -9.56 -49.98
CA GLU C 93 36.60 -9.19 -51.29
C GLU C 93 37.63 -8.07 -51.14
N LYS C 94 38.68 -8.13 -51.94
CA LYS C 94 39.82 -7.22 -51.79
C LYS C 94 39.47 -5.76 -52.08
N SER C 95 39.17 -5.42 -53.33
CA SER C 95 38.87 -4.03 -53.70
C SER C 95 37.39 -3.78 -53.92
N ASN C 96 36.79 -4.46 -54.91
CA ASN C 96 35.39 -4.24 -55.26
C ASN C 96 34.77 -5.46 -55.97
N ILE C 97 34.02 -6.24 -55.22
CA ILE C 97 33.31 -7.36 -55.82
C ILE C 97 31.82 -7.26 -55.61
N ILE C 98 31.42 -6.71 -54.46
CA ILE C 98 30.02 -6.55 -54.10
C ILE C 98 29.72 -5.05 -54.05
N ARG C 99 28.66 -4.64 -54.73
CA ARG C 99 28.35 -3.23 -54.85
C ARG C 99 27.05 -2.81 -54.18
N GLY C 100 26.09 -3.71 -54.01
CA GLY C 100 24.84 -3.32 -53.39
C GLY C 100 24.00 -4.51 -53.02
N TRP C 101 22.80 -4.22 -52.51
CA TRP C 101 21.81 -5.20 -52.13
C TRP C 101 20.47 -4.75 -52.69
N ILE C 102 19.55 -5.69 -52.86
CA ILE C 102 18.19 -5.35 -53.27
C ILE C 102 17.22 -5.99 -52.28
N PHE C 103 16.46 -5.16 -51.59
CA PHE C 103 15.47 -5.58 -50.61
C PHE C 103 14.07 -5.39 -51.17
N GLY C 104 13.08 -5.88 -50.43
CA GLY C 104 11.69 -5.70 -50.77
C GLY C 104 10.95 -7.01 -50.88
N THR C 105 9.73 -6.92 -51.38
CA THR C 105 8.86 -8.08 -51.57
C THR C 105 8.51 -8.21 -53.05
N THR C 106 8.65 -9.43 -53.58
CA THR C 106 8.30 -9.88 -54.93
C THR C 106 9.18 -9.29 -56.03
N LEU C 107 10.11 -8.38 -55.70
CA LEU C 107 11.12 -7.85 -56.62
C LEU C 107 10.51 -7.17 -57.85
N ASP C 108 9.29 -6.66 -57.71
CA ASP C 108 8.53 -6.14 -58.85
C ASP C 108 8.30 -4.65 -58.67
N SER C 109 7.78 -4.02 -59.73
CA SER C 109 7.38 -2.62 -59.69
C SER C 109 5.95 -2.47 -59.19
N LYS C 110 5.65 -3.13 -58.07
CA LYS C 110 4.39 -2.97 -57.36
C LYS C 110 4.56 -2.77 -55.87
N THR C 111 5.64 -3.26 -55.27
CA THR C 111 6.02 -2.97 -53.89
C THR C 111 7.38 -2.29 -53.89
N GLN C 112 7.53 -1.34 -52.96
CA GLN C 112 8.72 -0.50 -52.96
C GLN C 112 9.96 -1.28 -52.53
N SER C 113 11.06 -1.03 -53.23
CA SER C 113 12.32 -1.75 -53.05
C SER C 113 13.41 -0.80 -52.53
N LEU C 114 14.63 -1.30 -52.48
CA LEU C 114 15.73 -0.55 -51.89
C LEU C 114 17.06 -1.05 -52.47
N LEU C 115 17.96 -0.12 -52.79
CA LEU C 115 19.33 -0.50 -53.16
C LEU C 115 20.36 0.42 -52.50
N ILE C 116 21.52 -0.15 -52.21
CA ILE C 116 22.59 0.53 -51.47
C ILE C 116 23.82 0.53 -52.38
N VAL C 117 23.59 0.63 -53.70
CA VAL C 117 24.70 0.59 -54.65
C VAL C 117 25.62 1.81 -54.46
N ASN C 118 26.94 1.56 -54.49
CA ASN C 118 27.91 2.58 -54.14
C ASN C 118 28.32 3.40 -55.36
N ASN C 119 28.73 4.64 -55.11
CA ASN C 119 29.37 5.46 -56.12
C ASN C 119 30.88 5.20 -56.08
N ALA C 120 31.66 6.00 -56.81
CA ALA C 120 33.10 5.94 -56.69
C ALA C 120 33.56 6.46 -55.33
N THR C 121 32.99 7.58 -54.89
CA THR C 121 33.34 8.16 -53.59
C THR C 121 32.11 8.48 -52.75
N ASN C 122 30.97 7.84 -53.03
CA ASN C 122 29.73 8.10 -52.30
C ASN C 122 28.91 6.81 -52.22
N VAL C 123 27.82 6.88 -51.46
CA VAL C 123 26.78 5.87 -51.50
C VAL C 123 25.43 6.56 -51.66
N VAL C 124 24.55 5.94 -52.44
CA VAL C 124 23.22 6.44 -52.72
C VAL C 124 22.21 5.36 -52.37
N ILE C 125 21.15 5.75 -51.67
CA ILE C 125 20.10 4.84 -51.23
C ILE C 125 18.77 5.38 -51.75
N LYS C 126 18.00 4.53 -52.43
CA LYS C 126 16.73 4.94 -53.00
C LYS C 126 15.64 3.97 -52.58
N VAL C 127 14.44 4.50 -52.37
CA VAL C 127 13.24 3.70 -52.24
C VAL C 127 12.39 4.00 -53.47
N CYS C 128 12.18 2.99 -54.31
CA CYS C 128 11.72 3.26 -55.66
C CYS C 128 10.93 2.05 -56.16
N GLU C 129 10.73 1.97 -57.48
CA GLU C 129 9.79 1.04 -58.11
C GLU C 129 10.46 0.28 -59.25
N PHE C 130 11.60 -0.34 -58.95
CA PHE C 130 12.37 -1.12 -59.93
C PHE C 130 11.59 -2.35 -60.40
N GLN C 131 11.77 -2.68 -61.68
CA GLN C 131 11.00 -3.74 -62.31
C GLN C 131 11.76 -5.07 -62.33
N PHE C 132 12.88 -5.12 -63.03
CA PHE C 132 13.76 -6.30 -63.09
C PHE C 132 15.19 -5.85 -63.38
N CYS C 133 16.06 -6.83 -63.61
CA CYS C 133 17.46 -6.58 -63.93
C CYS C 133 17.82 -7.07 -65.32
N ASN C 134 17.59 -8.36 -65.63
CA ASN C 134 17.85 -8.98 -66.94
C ASN C 134 19.32 -8.92 -67.36
N ASP C 135 20.22 -8.70 -66.41
CA ASP C 135 21.65 -8.70 -66.69
C ASP C 135 22.40 -9.53 -65.64
N ARG C 155 23.37 -0.20 -66.94
CA ARG C 155 22.11 -0.10 -66.21
C ARG C 155 21.76 -1.41 -65.53
N VAL C 156 21.21 -1.32 -64.32
CA VAL C 156 20.73 -2.50 -63.61
C VAL C 156 19.22 -2.52 -63.46
N TYR C 157 18.59 -1.43 -63.02
CA TYR C 157 17.14 -1.37 -62.89
C TYR C 157 16.49 -1.11 -64.24
N SER C 158 15.17 -1.01 -64.23
CA SER C 158 14.39 -0.84 -65.45
C SER C 158 13.55 0.44 -65.46
N SER C 159 12.93 0.78 -64.34
CA SER C 159 12.00 1.90 -64.32
C SER C 159 12.00 2.56 -62.95
N ALA C 160 11.45 3.77 -62.89
CA ALA C 160 11.33 4.56 -61.67
C ALA C 160 9.96 5.23 -61.67
N ASN C 161 8.97 4.58 -61.07
CA ASN C 161 7.58 5.04 -61.15
C ASN C 161 7.17 5.89 -59.96
N ASN C 162 7.21 5.33 -58.75
CA ASN C 162 6.72 6.00 -57.54
C ASN C 162 7.83 5.94 -56.51
N CYS C 163 8.73 6.93 -56.55
CA CYS C 163 10.01 6.85 -55.85
C CYS C 163 10.21 8.15 -55.08
N THR C 164 10.05 8.10 -53.76
CA THR C 164 10.08 9.31 -52.94
C THR C 164 11.01 9.10 -51.72
N PHE C 165 12.22 8.60 -51.98
CA PHE C 165 13.32 8.69 -51.00
C PHE C 165 14.63 8.50 -51.74
N GLU C 166 15.48 9.53 -51.69
CA GLU C 166 16.84 9.47 -52.22
C GLU C 166 17.78 10.06 -51.16
N TYR C 167 18.84 9.33 -50.83
CA TYR C 167 19.76 9.77 -49.78
C TYR C 167 21.19 9.51 -50.23
N VAL C 168 22.05 10.52 -50.08
CA VAL C 168 23.44 10.46 -50.53
C VAL C 168 24.34 10.71 -49.33
N SER C 169 25.38 9.89 -49.19
CA SER C 169 26.30 10.05 -48.06
C SER C 169 27.68 9.51 -48.42
N GLN C 170 28.61 9.61 -47.46
CA GLN C 170 29.97 9.15 -47.63
C GLN C 170 30.00 7.62 -47.73
N PRO C 171 30.95 7.05 -48.49
CA PRO C 171 30.85 5.64 -48.87
C PRO C 171 30.95 4.67 -47.70
N PHE C 172 30.22 3.55 -47.85
CA PHE C 172 30.16 2.55 -46.79
C PHE C 172 31.43 1.71 -46.74
N LEU C 173 31.99 1.37 -47.90
CA LEU C 173 33.11 0.44 -47.99
C LEU C 173 34.40 1.21 -48.25
N MET C 174 35.30 1.22 -47.27
CA MET C 174 36.65 1.72 -47.43
C MET C 174 37.61 0.55 -47.64
N ASP C 175 38.74 0.85 -48.26
CA ASP C 175 39.77 -0.16 -48.52
C ASP C 175 41.10 0.30 -47.94
N LEU C 176 41.81 -0.64 -47.32
CA LEU C 176 43.11 -0.35 -46.72
C LEU C 176 43.94 -1.63 -46.69
N GLU C 177 45.24 -1.49 -46.95
CA GLU C 177 46.13 -2.63 -46.92
C GLU C 177 47.54 -2.14 -46.59
N GLY C 178 48.33 -3.04 -46.02
CA GLY C 178 49.71 -2.74 -45.68
C GLY C 178 50.68 -3.16 -46.77
N LYS C 179 50.47 -2.65 -47.98
CA LYS C 179 51.32 -2.90 -49.16
C LYS C 179 51.39 -4.38 -49.54
N GLN C 180 50.39 -5.16 -49.12
CA GLN C 180 50.33 -6.58 -49.45
C GLN C 180 48.89 -7.05 -49.34
N GLY C 181 48.61 -8.19 -49.95
CA GLY C 181 47.29 -8.78 -49.96
C GLY C 181 46.92 -9.61 -48.76
N ASN C 182 47.80 -9.68 -47.75
CA ASN C 182 47.49 -10.46 -46.55
C ASN C 182 46.35 -9.85 -45.75
N PHE C 183 46.29 -8.53 -45.65
CA PHE C 183 45.25 -7.85 -44.88
C PHE C 183 44.01 -7.60 -45.73
N LYS C 184 43.39 -8.71 -46.14
CA LYS C 184 42.08 -8.66 -46.80
C LYS C 184 41.05 -8.36 -45.71
N ASN C 185 40.71 -7.08 -45.57
CA ASN C 185 39.95 -6.63 -44.41
C ASN C 185 38.52 -7.14 -44.44
N LEU C 186 38.05 -7.57 -43.27
CA LEU C 186 36.68 -8.06 -43.11
C LEU C 186 35.71 -6.90 -42.96
N ARG C 187 34.61 -6.96 -43.71
CA ARG C 187 33.51 -6.03 -43.58
C ARG C 187 32.29 -6.79 -43.10
N GLU C 188 31.71 -6.34 -41.99
CA GLU C 188 30.54 -6.97 -41.39
C GLU C 188 29.41 -5.96 -41.36
N PHE C 189 28.22 -6.40 -41.76
CA PHE C 189 27.03 -5.56 -41.74
C PHE C 189 25.87 -6.34 -41.14
N VAL C 190 25.02 -5.63 -40.43
CA VAL C 190 23.77 -6.15 -39.87
C VAL C 190 22.66 -5.23 -40.33
N PHE C 191 21.67 -5.80 -41.02
CA PHE C 191 20.53 -5.04 -41.52
C PHE C 191 19.30 -5.45 -40.72
N LYS C 192 18.61 -4.47 -40.13
CA LYS C 192 17.37 -4.83 -39.43
C LYS C 192 16.40 -3.66 -39.48
N ASN C 193 15.17 -3.93 -39.05
CA ASN C 193 14.13 -2.91 -38.99
C ASN C 193 13.24 -3.10 -37.76
N ILE C 194 12.95 -1.99 -37.07
CA ILE C 194 12.06 -1.97 -35.92
C ILE C 194 11.16 -0.75 -36.08
N ASP C 195 9.86 -0.99 -36.31
CA ASP C 195 8.86 0.04 -36.56
C ASP C 195 9.31 0.96 -37.70
N GLY C 196 9.44 0.36 -38.88
CA GLY C 196 10.18 1.02 -39.94
C GLY C 196 11.64 1.14 -39.52
N TYR C 197 12.25 2.26 -39.88
CA TYR C 197 13.55 2.70 -39.37
C TYR C 197 14.64 1.66 -39.64
N PHE C 198 14.94 1.49 -40.92
CA PHE C 198 15.97 0.57 -41.37
C PHE C 198 17.32 0.95 -40.77
N LYS C 199 17.91 0.01 -40.04
CA LYS C 199 19.14 0.25 -39.28
C LYS C 199 20.25 -0.62 -39.83
N ILE C 200 21.40 0.01 -40.09
CA ILE C 200 22.59 -0.68 -40.59
C ILE C 200 23.68 -0.56 -39.53
N TYR C 201 24.23 -1.68 -39.11
CA TYR C 201 25.33 -1.71 -38.16
C TYR C 201 26.55 -2.30 -38.86
N SER C 202 27.66 -1.56 -38.87
CA SER C 202 28.80 -1.94 -39.70
C SER C 202 30.07 -2.05 -38.85
N LYS C 203 31.03 -2.78 -39.41
CA LYS C 203 32.38 -2.86 -38.83
C LYS C 203 33.36 -3.24 -39.94
N HIS C 204 34.48 -2.52 -39.99
CA HIS C 204 35.53 -2.77 -40.97
C HIS C 204 36.80 -3.10 -40.20
N THR C 205 37.06 -4.40 -40.00
CA THR C 205 38.27 -4.73 -39.26
C THR C 205 39.38 -5.16 -40.22
N PRO C 206 40.63 -4.76 -39.97
CA PRO C 206 41.70 -5.10 -40.91
C PRO C 206 42.34 -6.45 -40.65
N VAL C 207 42.31 -6.92 -39.40
CA VAL C 207 43.03 -8.13 -39.03
C VAL C 207 42.29 -9.37 -39.55
N ASN C 208 42.97 -10.12 -40.43
CA ASN C 208 42.43 -11.32 -41.04
C ASN C 208 43.56 -12.30 -41.32
N LEU C 209 43.24 -13.60 -41.28
CA LEU C 209 44.18 -14.64 -41.63
C LEU C 209 43.72 -15.45 -42.84
N GLY C 210 42.50 -15.95 -42.83
CA GLY C 210 41.99 -16.73 -43.93
C GLY C 210 41.01 -17.77 -43.41
N ARG C 211 40.64 -18.68 -44.33
CA ARG C 211 39.76 -19.83 -44.08
C ARG C 211 38.39 -19.27 -43.66
N ASP C 212 37.85 -19.65 -42.50
CA ASP C 212 36.48 -19.31 -42.14
C ASP C 212 36.45 -18.02 -41.32
N LEU C 213 35.30 -17.77 -40.70
CA LEU C 213 35.12 -16.58 -39.89
C LEU C 213 36.02 -16.63 -38.66
N PRO C 214 36.67 -15.52 -38.31
CA PRO C 214 37.58 -15.53 -37.16
C PRO C 214 36.83 -15.55 -35.84
N GLN C 215 37.55 -15.88 -34.78
CA GLN C 215 37.01 -15.88 -33.43
C GLN C 215 37.25 -14.51 -32.80
N GLY C 216 37.03 -14.41 -31.50
CA GLY C 216 37.18 -13.15 -30.80
C GLY C 216 35.90 -12.34 -30.80
N PHE C 217 35.97 -11.20 -30.11
CA PHE C 217 34.82 -10.32 -29.94
C PHE C 217 35.03 -9.04 -30.74
N SER C 218 34.01 -8.66 -31.50
CA SER C 218 34.07 -7.46 -32.33
C SER C 218 32.75 -6.70 -32.18
N ALA C 219 32.83 -5.48 -31.68
CA ALA C 219 31.65 -4.63 -31.56
C ALA C 219 31.20 -4.16 -32.94
N LEU C 220 29.92 -3.83 -33.04
CA LEU C 220 29.30 -3.39 -34.29
C LEU C 220 28.70 -2.00 -34.05
N GLU C 221 29.41 -0.96 -34.50
CA GLU C 221 28.93 0.40 -34.32
C GLU C 221 27.77 0.68 -35.27
N PRO C 222 26.85 1.56 -34.88
CA PRO C 222 25.79 1.99 -35.81
C PRO C 222 26.28 3.12 -36.70
N LEU C 223 25.83 3.10 -37.96
CA LEU C 223 26.04 4.24 -38.84
C LEU C 223 24.73 4.91 -39.24
N VAL C 224 23.80 4.18 -39.84
CA VAL C 224 22.67 4.78 -40.54
C VAL C 224 21.37 4.20 -40.01
N ASP C 225 20.46 5.07 -39.58
CA ASP C 225 19.07 4.75 -39.35
C ASP C 225 18.24 5.53 -40.35
N LEU C 226 17.25 4.88 -40.95
CA LEU C 226 16.50 5.46 -42.05
C LEU C 226 15.01 5.38 -41.76
N PRO C 227 14.26 6.46 -41.94
CA PRO C 227 12.79 6.45 -41.83
C PRO C 227 12.07 6.10 -43.14
N ILE C 228 12.03 4.80 -43.46
CA ILE C 228 11.44 4.35 -44.71
C ILE C 228 10.08 3.69 -44.49
N GLY C 229 9.93 2.86 -43.46
CA GLY C 229 8.68 2.22 -43.13
C GLY C 229 8.07 1.36 -44.23
N ILE C 230 8.87 0.53 -44.88
CA ILE C 230 8.41 -0.24 -46.03
C ILE C 230 8.38 -1.73 -45.68
N ASN C 231 7.67 -2.48 -46.51
CA ASN C 231 7.46 -3.91 -46.31
C ASN C 231 8.49 -4.67 -47.14
N ILE C 232 9.41 -5.35 -46.46
CA ILE C 232 10.46 -6.13 -47.12
C ILE C 232 10.38 -7.58 -46.66
N THR C 233 10.47 -8.49 -47.64
CA THR C 233 10.36 -9.93 -47.38
C THR C 233 11.49 -10.72 -48.01
N ARG C 234 12.00 -10.30 -49.15
CA ARG C 234 13.02 -11.05 -49.89
C ARG C 234 14.37 -10.35 -49.78
N PHE C 235 15.40 -11.03 -50.28
CA PHE C 235 16.76 -10.53 -50.18
C PHE C 235 17.56 -10.96 -51.40
N GLN C 236 18.38 -10.04 -51.92
CA GLN C 236 19.22 -10.29 -53.08
C GLN C 236 20.43 -9.37 -53.00
N THR C 237 21.55 -9.84 -53.56
CA THR C 237 22.82 -9.14 -53.47
C THR C 237 23.28 -8.72 -54.85
N LEU C 238 23.76 -7.49 -54.96
CA LEU C 238 24.24 -6.93 -56.23
C LEU C 238 25.76 -6.92 -56.26
N LEU C 239 26.32 -7.43 -57.35
CA LEU C 239 27.76 -7.58 -57.51
C LEU C 239 28.16 -7.05 -58.88
N ALA C 240 29.48 -7.02 -59.12
CA ALA C 240 30.04 -6.59 -60.38
C ALA C 240 30.61 -7.78 -61.14
N LEU C 241 30.75 -7.62 -62.45
CA LEU C 241 31.23 -8.69 -63.31
C LEU C 241 32.71 -8.95 -63.08
N HIS C 242 33.10 -10.21 -63.19
CA HIS C 242 34.46 -10.65 -62.94
C HIS C 242 35.19 -10.89 -64.26
N ARG C 243 36.51 -10.70 -64.22
CA ARG C 243 37.34 -10.91 -65.39
C ARG C 243 38.70 -11.47 -65.00
N ALA C 260 35.70 -16.68 -48.16
CA ALA C 260 36.26 -15.33 -48.26
C ALA C 260 35.37 -14.43 -49.10
N ALA C 261 34.10 -14.81 -49.25
CA ALA C 261 33.15 -14.04 -50.03
C ALA C 261 31.73 -14.46 -49.68
N TYR C 262 30.88 -13.47 -49.39
CA TYR C 262 29.41 -13.60 -49.42
C TYR C 262 28.93 -14.64 -48.40
N TYR C 263 29.16 -14.30 -47.13
CA TYR C 263 28.65 -15.06 -45.99
C TYR C 263 27.37 -14.42 -45.47
N VAL C 264 26.36 -15.25 -45.19
CA VAL C 264 25.02 -14.79 -44.85
C VAL C 264 24.53 -15.58 -43.62
N GLY C 265 23.98 -14.86 -42.64
CA GLY C 265 23.34 -15.49 -41.51
C GLY C 265 22.08 -14.74 -41.10
N TYR C 266 21.24 -15.42 -40.33
CA TYR C 266 19.93 -14.93 -39.95
C TYR C 266 19.87 -14.57 -38.47
N LEU C 267 18.86 -13.78 -38.11
CA LEU C 267 18.70 -13.25 -36.76
C LEU C 267 17.37 -13.71 -36.17
N GLN C 268 17.29 -13.69 -34.85
CA GLN C 268 16.05 -13.98 -34.13
C GLN C 268 16.15 -13.37 -32.74
N PRO C 269 15.02 -13.16 -32.04
CA PRO C 269 15.09 -12.58 -30.70
C PRO C 269 15.80 -13.47 -29.70
N ARG C 270 16.58 -12.83 -28.83
CA ARG C 270 17.41 -13.48 -27.82
C ARG C 270 17.65 -12.51 -26.68
N THR C 271 18.30 -13.00 -25.63
CA THR C 271 18.66 -12.21 -24.46
C THR C 271 20.16 -12.39 -24.21
N PHE C 272 20.90 -11.28 -24.19
CA PHE C 272 22.32 -11.32 -23.89
C PHE C 272 22.65 -10.52 -22.64
N LEU C 273 23.78 -10.88 -22.03
CA LEU C 273 24.39 -10.12 -20.95
C LEU C 273 25.73 -9.62 -21.43
N LEU C 274 25.92 -8.31 -21.43
CA LEU C 274 27.09 -7.67 -22.01
C LEU C 274 27.98 -7.08 -20.93
N LYS C 275 29.28 -7.32 -21.05
CA LYS C 275 30.29 -6.78 -20.14
C LYS C 275 31.10 -5.73 -20.88
N TYR C 276 31.07 -4.50 -20.36
CA TYR C 276 31.71 -3.35 -20.98
C TYR C 276 33.15 -3.21 -20.54
N ASN C 277 33.86 -2.27 -21.16
CA ASN C 277 35.24 -1.96 -20.82
C ASN C 277 35.28 -0.82 -19.81
N GLU C 278 36.47 -0.31 -19.55
CA GLU C 278 36.62 0.92 -18.77
C GLU C 278 36.63 2.16 -19.65
N ASN C 279 36.78 1.99 -20.96
CA ASN C 279 36.71 3.09 -21.92
C ASN C 279 35.34 3.22 -22.56
N GLY C 280 34.36 2.43 -22.14
CA GLY C 280 33.04 2.48 -22.69
C GLY C 280 32.78 1.56 -23.87
N THR C 281 33.78 0.84 -24.35
CA THR C 281 33.60 -0.07 -25.46
C THR C 281 33.01 -1.39 -24.97
N ILE C 282 32.25 -2.05 -25.84
CA ILE C 282 31.70 -3.36 -25.54
C ILE C 282 32.81 -4.39 -25.68
N THR C 283 33.10 -5.11 -24.60
CA THR C 283 34.17 -6.08 -24.58
C THR C 283 33.70 -7.52 -24.74
N ASP C 284 32.70 -7.95 -23.96
CA ASP C 284 32.28 -9.33 -24.00
C ASP C 284 30.77 -9.41 -23.95
N ALA C 285 30.24 -10.56 -24.37
CA ALA C 285 28.82 -10.83 -24.29
C ALA C 285 28.61 -12.32 -24.08
N VAL C 286 27.53 -12.66 -23.38
CA VAL C 286 27.21 -14.06 -23.10
C VAL C 286 25.72 -14.28 -23.36
N ASP C 287 25.40 -15.41 -23.97
CA ASP C 287 24.02 -15.78 -24.25
C ASP C 287 23.35 -16.31 -22.98
N CYS C 288 22.02 -16.39 -23.03
CA CYS C 288 21.24 -16.88 -21.92
C CYS C 288 20.34 -18.05 -22.28
N ALA C 289 20.06 -18.28 -23.55
CA ALA C 289 19.16 -19.34 -23.99
C ALA C 289 19.91 -20.36 -24.86
N LEU C 290 21.15 -20.67 -24.48
CA LEU C 290 21.96 -21.63 -25.22
C LEU C 290 22.28 -22.88 -24.42
N ASP C 291 22.79 -22.72 -23.21
CA ASP C 291 23.17 -23.82 -22.34
C ASP C 291 22.64 -23.60 -20.94
N PRO C 292 22.44 -24.67 -20.17
CA PRO C 292 22.14 -24.49 -18.74
C PRO C 292 23.23 -23.74 -17.99
N LEU C 293 24.49 -23.92 -18.36
CA LEU C 293 25.56 -23.10 -17.80
C LEU C 293 25.39 -21.64 -18.17
N SER C 294 24.94 -21.37 -19.39
CA SER C 294 24.63 -20.00 -19.78
C SER C 294 23.42 -19.46 -19.02
N GLU C 295 22.44 -20.31 -18.72
CA GLU C 295 21.31 -19.88 -17.90
C GLU C 295 21.75 -19.52 -16.49
N THR C 296 22.65 -20.31 -15.91
CA THR C 296 23.19 -20.00 -14.59
C THR C 296 24.01 -18.72 -14.62
N LYS C 297 24.81 -18.52 -15.68
CA LYS C 297 25.55 -17.28 -15.84
C LYS C 297 24.65 -16.08 -16.08
N CYS C 298 23.45 -16.29 -16.60
CA CYS C 298 22.53 -15.19 -16.88
C CYS C 298 21.65 -14.83 -15.69
N THR C 299 21.22 -15.81 -14.88
CA THR C 299 20.30 -15.52 -13.79
C THR C 299 20.95 -14.71 -12.67
N LEU C 300 22.27 -14.70 -12.59
CA LEU C 300 22.99 -13.82 -11.68
C LEU C 300 24.09 -13.13 -12.48
N LYS C 301 24.15 -11.79 -12.36
CA LYS C 301 24.90 -10.96 -13.29
C LYS C 301 26.40 -11.04 -12.98
N SER C 302 27.02 -12.14 -13.40
CA SER C 302 28.46 -12.28 -13.31
C SER C 302 28.91 -13.29 -14.36
N PHE C 303 30.20 -13.22 -14.69
CA PHE C 303 30.79 -14.15 -15.64
C PHE C 303 31.36 -15.40 -14.98
N THR C 304 31.36 -15.47 -13.66
CA THR C 304 31.88 -16.61 -12.93
C THR C 304 30.80 -17.21 -12.04
N VAL C 305 30.79 -18.54 -11.96
CA VAL C 305 29.80 -19.28 -11.18
C VAL C 305 30.55 -20.22 -10.25
N GLU C 306 30.25 -20.16 -8.96
CA GLU C 306 30.94 -20.96 -7.97
C GLU C 306 30.33 -22.35 -7.85
N LYS C 307 30.91 -23.16 -6.97
CA LYS C 307 30.44 -24.52 -6.73
C LYS C 307 29.06 -24.51 -6.08
N GLY C 308 28.24 -25.49 -6.44
CA GLY C 308 26.99 -25.74 -5.77
C GLY C 308 25.86 -25.95 -6.75
N ILE C 309 24.64 -25.81 -6.25
CA ILE C 309 23.41 -25.97 -7.01
C ILE C 309 22.67 -24.64 -7.03
N TYR C 310 22.10 -24.29 -8.17
CA TYR C 310 21.41 -23.01 -8.31
C TYR C 310 20.01 -23.23 -8.88
N GLN C 311 19.33 -22.13 -9.19
CA GLN C 311 18.03 -22.18 -9.85
C GLN C 311 18.04 -21.23 -11.03
N THR C 312 17.51 -21.70 -12.16
CA THR C 312 17.46 -20.90 -13.38
C THR C 312 16.03 -20.55 -13.79
N SER C 313 15.16 -21.55 -13.93
CA SER C 313 13.79 -21.33 -14.34
C SER C 313 12.93 -22.46 -13.81
N ASN C 314 11.62 -22.35 -14.04
CA ASN C 314 10.65 -23.37 -13.67
C ASN C 314 9.88 -23.76 -14.92
N PHE C 315 10.04 -25.00 -15.36
CA PHE C 315 9.38 -25.43 -16.59
C PHE C 315 7.92 -25.82 -16.30
N ARG C 316 7.17 -26.00 -17.38
CA ARG C 316 5.75 -26.31 -17.27
C ARG C 316 5.30 -26.96 -18.57
N VAL C 317 4.41 -27.95 -18.45
CA VAL C 317 3.89 -28.64 -19.62
C VAL C 317 2.79 -27.80 -20.25
N GLN C 318 3.02 -27.34 -21.47
CA GLN C 318 2.04 -26.53 -22.17
C GLN C 318 0.89 -27.39 -22.67
N PRO C 319 -0.33 -26.84 -22.70
CA PRO C 319 -1.47 -27.61 -23.24
C PRO C 319 -1.35 -27.82 -24.73
N THR C 320 -1.93 -28.91 -25.21
CA THR C 320 -1.84 -29.30 -26.61
C THR C 320 -3.15 -29.22 -27.37
N GLU C 321 -4.29 -29.14 -26.68
CA GLU C 321 -5.58 -29.15 -27.36
C GLU C 321 -6.60 -28.48 -26.47
N SER C 322 -7.74 -28.12 -27.06
CA SER C 322 -8.86 -27.54 -26.34
C SER C 322 -10.16 -28.19 -26.80
N ILE C 323 -11.05 -28.46 -25.87
CA ILE C 323 -12.36 -29.04 -26.16
C ILE C 323 -13.43 -28.26 -25.41
N VAL C 324 -14.57 -28.04 -26.07
CA VAL C 324 -15.69 -27.31 -25.50
C VAL C 324 -16.93 -28.18 -25.62
N ARG C 325 -17.62 -28.40 -24.50
CA ARG C 325 -18.85 -29.17 -24.48
C ARG C 325 -19.93 -28.40 -23.74
N PHE C 326 -21.16 -28.58 -24.22
CA PHE C 326 -22.33 -27.82 -23.79
C PHE C 326 -23.46 -28.78 -23.51
N PRO C 327 -24.52 -28.36 -22.80
CA PRO C 327 -25.65 -29.24 -22.60
C PRO C 327 -26.05 -29.86 -23.94
N ASN C 328 -26.74 -30.99 -23.90
CA ASN C 328 -27.25 -31.59 -25.15
C ASN C 328 -28.14 -30.58 -25.87
N ILE C 329 -28.13 -30.60 -27.20
CA ILE C 329 -28.53 -29.39 -27.96
C ILE C 329 -29.85 -29.64 -28.69
N THR C 330 -30.92 -29.03 -28.21
CA THR C 330 -32.25 -29.19 -28.86
C THR C 330 -33.03 -27.91 -28.62
N ASN C 331 -34.11 -28.00 -27.83
CA ASN C 331 -34.86 -26.77 -27.47
C ASN C 331 -34.80 -25.82 -28.66
N LEU C 332 -35.46 -26.17 -29.76
CA LEU C 332 -35.34 -25.32 -30.97
C LEU C 332 -36.54 -24.39 -31.08
N CYS C 333 -36.46 -23.43 -31.98
CA CYS C 333 -37.53 -22.46 -32.23
C CYS C 333 -38.25 -22.81 -33.53
N PRO C 334 -39.60 -22.78 -33.52
CA PRO C 334 -40.36 -23.21 -34.70
C PRO C 334 -40.47 -22.14 -35.77
N PHE C 335 -39.33 -21.83 -36.40
CA PHE C 335 -39.32 -20.88 -37.50
C PHE C 335 -39.66 -21.53 -38.84
N HIS C 336 -39.74 -22.87 -38.89
CA HIS C 336 -40.21 -23.54 -40.10
C HIS C 336 -41.68 -23.23 -40.39
N GLU C 337 -42.49 -23.13 -39.33
CA GLU C 337 -43.89 -22.77 -39.50
C GLU C 337 -44.03 -21.32 -39.98
N VAL C 338 -43.15 -20.44 -39.51
CA VAL C 338 -43.20 -19.03 -39.91
C VAL C 338 -42.77 -18.88 -41.37
N PHE C 339 -41.69 -19.56 -41.76
CA PHE C 339 -41.17 -19.40 -43.11
C PHE C 339 -41.99 -20.17 -44.14
N ASN C 340 -42.47 -21.36 -43.78
CA ASN C 340 -43.21 -22.22 -44.71
C ASN C 340 -44.68 -22.25 -44.27
N ALA C 341 -45.47 -21.36 -44.87
CA ALA C 341 -46.90 -21.31 -44.62
C ALA C 341 -47.60 -20.73 -45.84
N THR C 342 -48.91 -21.01 -45.95
CA THR C 342 -49.71 -20.56 -47.08
C THR C 342 -50.93 -19.75 -46.62
N ARG C 343 -50.88 -19.18 -45.44
CA ARG C 343 -51.99 -18.39 -44.89
C ARG C 343 -51.46 -17.06 -44.34
N PHE C 344 -50.64 -16.38 -45.14
CA PHE C 344 -50.03 -15.14 -44.69
C PHE C 344 -51.06 -14.01 -44.68
N ALA C 345 -50.99 -13.19 -43.63
CA ALA C 345 -52.02 -12.20 -43.36
C ALA C 345 -51.81 -10.95 -44.22
N SER C 346 -52.57 -9.91 -43.93
CA SER C 346 -52.56 -8.67 -44.70
C SER C 346 -51.81 -7.58 -43.96
N VAL C 347 -51.67 -6.43 -44.62
CA VAL C 347 -50.92 -5.31 -44.05
C VAL C 347 -51.71 -4.68 -42.90
N TYR C 348 -53.03 -4.61 -43.01
CA TYR C 348 -53.82 -3.95 -41.97
C TYR C 348 -54.01 -4.82 -40.74
N ALA C 349 -54.05 -6.14 -40.90
CA ALA C 349 -54.25 -7.06 -39.78
C ALA C 349 -53.21 -8.16 -39.84
N TRP C 350 -52.40 -8.28 -38.79
CA TRP C 350 -51.37 -9.31 -38.74
C TRP C 350 -51.34 -9.98 -37.38
N ASN C 351 -50.30 -10.79 -37.13
CA ASN C 351 -50.16 -11.52 -35.88
C ASN C 351 -48.76 -11.32 -35.32
N ARG C 352 -48.67 -11.29 -34.00
CA ARG C 352 -47.40 -11.10 -33.29
C ARG C 352 -46.90 -12.48 -32.86
N LYS C 353 -45.91 -13.00 -33.57
CA LYS C 353 -45.32 -14.30 -33.28
C LYS C 353 -44.35 -14.15 -32.12
N ARG C 354 -44.86 -14.32 -30.89
CA ARG C 354 -44.00 -14.29 -29.72
C ARG C 354 -43.18 -15.57 -29.65
N ILE C 355 -41.93 -15.43 -29.22
CA ILE C 355 -40.99 -16.55 -29.14
C ILE C 355 -40.65 -16.79 -27.67
N SER C 356 -40.61 -18.06 -27.29
CA SER C 356 -40.40 -18.54 -25.94
C SER C 356 -39.07 -19.28 -25.87
N ASN C 357 -38.85 -19.99 -24.75
CA ASN C 357 -37.58 -20.67 -24.50
C ASN C 357 -37.29 -21.75 -25.54
N CYS C 358 -36.37 -21.44 -26.46
CA CYS C 358 -35.93 -22.37 -27.49
C CYS C 358 -34.62 -21.83 -28.06
N VAL C 359 -34.10 -22.53 -29.06
CA VAL C 359 -32.89 -22.13 -29.76
C VAL C 359 -33.26 -21.93 -31.23
N ALA C 360 -32.99 -20.73 -31.75
CA ALA C 360 -33.32 -20.42 -33.13
C ALA C 360 -32.26 -20.99 -34.06
N ASP C 361 -32.69 -21.81 -35.02
CA ASP C 361 -31.79 -22.41 -35.99
C ASP C 361 -31.62 -21.42 -37.14
N TYR C 362 -30.51 -20.68 -37.13
CA TYR C 362 -30.23 -19.70 -38.15
C TYR C 362 -29.52 -20.29 -39.37
N SER C 363 -29.21 -21.58 -39.35
CA SER C 363 -28.56 -22.20 -40.49
C SER C 363 -29.49 -22.26 -41.71
N VAL C 364 -30.77 -22.56 -41.48
CA VAL C 364 -31.72 -22.62 -42.59
C VAL C 364 -32.23 -21.25 -43.01
N LEU C 365 -31.88 -20.19 -42.27
CA LEU C 365 -32.44 -18.87 -42.54
C LEU C 365 -31.59 -18.06 -43.52
N TYR C 366 -30.33 -17.79 -43.15
CA TYR C 366 -29.44 -17.00 -44.00
C TYR C 366 -28.31 -17.81 -44.62
N ASN C 367 -27.92 -18.93 -44.03
CA ASN C 367 -26.95 -19.81 -44.67
C ASN C 367 -27.57 -20.71 -45.73
N PHE C 368 -28.90 -20.78 -45.79
CA PHE C 368 -29.60 -21.54 -46.81
C PHE C 368 -30.80 -20.73 -47.28
N ALA C 369 -31.37 -21.16 -48.41
CA ALA C 369 -32.51 -20.54 -49.09
C ALA C 369 -32.23 -19.08 -49.42
N PRO C 370 -31.34 -18.78 -50.36
CA PRO C 370 -30.94 -17.39 -50.64
C PRO C 370 -31.98 -16.61 -51.45
N PHE C 371 -33.01 -16.13 -50.76
CA PHE C 371 -34.09 -15.43 -51.47
C PHE C 371 -33.70 -14.00 -51.81
N PHE C 372 -33.56 -13.16 -50.78
CA PHE C 372 -33.15 -11.76 -50.91
C PHE C 372 -31.95 -11.54 -50.00
N ALA C 373 -31.58 -10.26 -49.80
CA ALA C 373 -30.48 -9.91 -48.95
C ALA C 373 -30.87 -10.02 -47.47
N PHE C 374 -29.93 -9.64 -46.60
CA PHE C 374 -30.16 -9.77 -45.16
C PHE C 374 -31.22 -8.81 -44.66
N LYS C 375 -31.18 -7.55 -45.11
CA LYS C 375 -32.19 -6.52 -44.81
C LYS C 375 -32.39 -6.33 -43.31
N CYS C 376 -31.28 -6.33 -42.57
CA CYS C 376 -31.32 -6.18 -41.11
C CYS C 376 -30.96 -4.74 -40.74
N TYR C 377 -31.64 -4.20 -39.73
CA TYR C 377 -31.53 -2.80 -39.37
C TYR C 377 -30.76 -2.66 -38.06
N GLY C 378 -29.78 -1.75 -38.05
CA GLY C 378 -29.07 -1.21 -36.89
C GLY C 378 -28.16 -2.21 -36.18
N VAL C 379 -28.10 -3.47 -36.62
CA VAL C 379 -27.22 -4.46 -36.02
C VAL C 379 -26.52 -5.26 -37.12
N SER C 380 -25.54 -6.06 -36.70
CA SER C 380 -24.75 -6.84 -37.63
C SER C 380 -25.58 -7.97 -38.23
N PRO C 381 -25.35 -8.34 -39.50
CA PRO C 381 -26.12 -9.45 -40.08
C PRO C 381 -25.61 -10.82 -39.64
N THR C 382 -24.30 -10.99 -39.47
CA THR C 382 -23.69 -12.29 -39.24
C THR C 382 -23.29 -12.52 -37.79
N LYS C 383 -23.77 -11.69 -36.86
CA LYS C 383 -23.37 -11.79 -35.46
C LYS C 383 -24.55 -12.11 -34.54
N LEU C 384 -25.42 -13.04 -34.94
CA LEU C 384 -26.58 -13.43 -34.14
C LEU C 384 -26.48 -14.86 -33.62
N ASN C 385 -25.29 -15.45 -33.63
CA ASN C 385 -25.09 -16.79 -33.09
C ASN C 385 -24.36 -16.79 -31.75
N ASP C 386 -23.92 -15.63 -31.27
CA ASP C 386 -23.26 -15.49 -29.98
C ASP C 386 -24.03 -14.62 -28.99
N LEU C 387 -24.49 -13.45 -29.43
CA LEU C 387 -25.29 -12.59 -28.58
C LEU C 387 -26.76 -12.95 -28.69
N CYS C 388 -27.51 -12.74 -27.61
CA CYS C 388 -28.90 -13.13 -27.58
C CYS C 388 -29.70 -12.13 -26.76
N PHE C 389 -31.03 -12.33 -26.76
CA PHE C 389 -31.96 -11.34 -26.23
C PHE C 389 -32.94 -11.96 -25.24
N THR C 390 -33.97 -11.20 -24.87
CA THR C 390 -34.96 -11.65 -23.88
C THR C 390 -36.15 -12.34 -24.56
N ASN C 391 -36.83 -11.62 -25.45
CA ASN C 391 -37.98 -12.17 -26.17
C ASN C 391 -37.98 -11.63 -27.59
N VAL C 392 -38.61 -12.38 -28.49
CA VAL C 392 -38.63 -12.07 -29.91
C VAL C 392 -40.09 -12.03 -30.38
N TYR C 393 -40.45 -10.96 -31.09
CA TYR C 393 -41.76 -10.84 -31.72
C TYR C 393 -41.59 -10.79 -33.23
N ALA C 394 -42.53 -11.41 -33.95
CA ALA C 394 -42.45 -11.50 -35.40
C ALA C 394 -43.83 -11.31 -36.01
N ASP C 395 -43.85 -10.79 -37.23
CA ASP C 395 -45.07 -10.61 -38.01
C ASP C 395 -44.92 -11.30 -39.36
N SER C 396 -46.00 -11.30 -40.12
CA SER C 396 -46.01 -11.96 -41.43
C SER C 396 -47.14 -11.38 -42.27
N PHE C 397 -46.79 -10.66 -43.34
CA PHE C 397 -47.78 -10.14 -44.27
C PHE C 397 -47.10 -9.87 -45.61
N VAL C 398 -47.93 -9.65 -46.63
CA VAL C 398 -47.47 -9.33 -47.98
C VAL C 398 -47.87 -7.90 -48.31
N ILE C 399 -46.92 -7.15 -48.89
CA ILE C 399 -47.09 -5.74 -49.19
C ILE C 399 -46.56 -5.46 -50.60
N ARG C 400 -46.58 -4.18 -50.98
CA ARG C 400 -46.06 -3.75 -52.26
C ARG C 400 -44.55 -3.92 -52.32
N GLY C 401 -44.05 -4.21 -53.53
CA GLY C 401 -42.61 -4.27 -53.75
C GLY C 401 -41.95 -2.92 -53.59
N ASN C 402 -42.65 -1.84 -53.94
CA ASN C 402 -42.13 -0.50 -53.73
C ASN C 402 -42.22 -0.06 -52.28
N GLU C 403 -43.00 -0.76 -51.45
CA GLU C 403 -43.16 -0.44 -50.04
C GLU C 403 -42.15 -1.14 -49.15
N VAL C 404 -41.18 -1.86 -49.74
CA VAL C 404 -40.12 -2.47 -48.94
C VAL C 404 -39.27 -1.40 -48.29
N SER C 405 -38.92 -0.35 -49.04
CA SER C 405 -38.19 0.78 -48.47
C SER C 405 -39.06 1.60 -47.52
N GLN C 406 -40.39 1.48 -47.63
CA GLN C 406 -41.26 2.21 -46.73
C GLN C 406 -41.22 1.65 -45.31
N ILE C 407 -41.00 0.35 -45.16
CA ILE C 407 -40.97 -0.27 -43.84
C ILE C 407 -39.57 -0.10 -43.27
N ALA C 408 -39.34 1.02 -42.59
CA ALA C 408 -38.05 1.33 -41.99
C ALA C 408 -38.29 2.38 -40.91
N PRO C 409 -37.47 2.40 -39.85
CA PRO C 409 -37.56 3.49 -38.87
C PRO C 409 -37.22 4.83 -39.50
N GLY C 410 -37.96 5.86 -39.10
CA GLY C 410 -37.78 7.17 -39.69
C GLY C 410 -38.27 7.30 -41.11
N GLN C 411 -39.16 6.41 -41.55
CA GLN C 411 -39.68 6.40 -42.91
C GLN C 411 -41.19 6.30 -42.87
N THR C 412 -41.87 7.16 -43.63
CA THR C 412 -43.31 7.17 -43.70
C THR C 412 -43.76 7.12 -45.17
N GLY C 413 -44.97 6.61 -45.38
CA GLY C 413 -45.52 6.51 -46.71
C GLY C 413 -47.04 6.39 -46.71
N ASN C 414 -47.58 5.56 -47.60
CA ASN C 414 -49.02 5.34 -47.62
C ASN C 414 -49.46 4.37 -46.53
N ILE C 415 -48.64 3.37 -46.22
CA ILE C 415 -48.97 2.41 -45.16
C ILE C 415 -48.06 2.55 -43.94
N ALA C 416 -46.92 3.21 -44.07
CA ALA C 416 -45.95 3.27 -42.98
C ALA C 416 -46.36 4.22 -41.86
N ASP C 417 -47.44 4.98 -42.03
CA ASP C 417 -47.95 5.87 -41.00
C ASP C 417 -49.36 5.54 -40.56
N TYR C 418 -50.09 4.72 -41.31
CA TYR C 418 -51.48 4.39 -41.01
C TYR C 418 -51.72 2.92 -40.74
N ASN C 419 -51.00 2.02 -41.43
CA ASN C 419 -51.23 0.60 -41.24
C ASN C 419 -50.16 -0.08 -40.39
N TYR C 420 -48.91 0.40 -40.43
CA TYR C 420 -47.86 -0.15 -39.58
C TYR C 420 -46.80 0.92 -39.35
N LYS C 421 -46.67 1.37 -38.11
CA LYS C 421 -45.71 2.40 -37.75
C LYS C 421 -44.51 1.77 -37.06
N LEU C 422 -43.30 2.15 -37.50
CA LEU C 422 -42.07 1.60 -36.94
C LEU C 422 -41.46 2.57 -35.95
N PRO C 423 -41.11 2.12 -34.76
CA PRO C 423 -40.37 2.99 -33.83
C PRO C 423 -38.98 3.30 -34.35
N ASP C 424 -38.47 4.48 -33.97
CA ASP C 424 -37.19 4.94 -34.49
C ASP C 424 -36.03 4.14 -33.89
N ASP C 425 -36.05 3.91 -32.58
CA ASP C 425 -35.02 3.12 -31.90
C ASP C 425 -35.38 1.65 -32.02
N PHE C 426 -35.23 1.12 -33.22
CA PHE C 426 -35.63 -0.25 -33.56
C PHE C 426 -34.41 -1.09 -33.89
N THR C 427 -34.43 -2.33 -33.43
CA THR C 427 -33.44 -3.33 -33.78
C THR C 427 -34.15 -4.59 -34.28
N GLY C 428 -33.45 -5.34 -35.14
CA GLY C 428 -34.03 -6.53 -35.72
C GLY C 428 -33.85 -6.60 -37.22
N CYS C 429 -34.16 -7.75 -37.81
CA CYS C 429 -34.00 -7.97 -39.25
C CYS C 429 -35.36 -8.25 -39.87
N VAL C 430 -35.44 -7.99 -41.18
CA VAL C 430 -36.60 -8.39 -41.96
C VAL C 430 -36.14 -9.30 -43.08
N ILE C 431 -36.97 -10.29 -43.40
CA ILE C 431 -36.67 -11.27 -44.45
C ILE C 431 -37.83 -11.24 -45.45
N ALA C 432 -37.50 -11.18 -46.73
CA ALA C 432 -38.52 -11.08 -47.76
C ALA C 432 -38.20 -12.03 -48.90
N TRP C 433 -39.24 -12.39 -49.64
CA TRP C 433 -39.11 -13.18 -50.87
C TRP C 433 -40.34 -12.97 -51.73
N ASN C 434 -40.22 -13.33 -52.99
CA ASN C 434 -41.30 -13.15 -53.95
C ASN C 434 -42.40 -14.18 -53.71
N SER C 435 -43.62 -13.81 -54.12
CA SER C 435 -44.78 -14.69 -54.02
C SER C 435 -45.58 -14.67 -55.30
N ASN C 436 -44.89 -14.70 -56.44
CA ASN C 436 -45.58 -14.72 -57.73
C ASN C 436 -46.27 -16.06 -57.96
N LYS C 437 -45.57 -17.17 -57.72
CA LYS C 437 -46.16 -18.48 -57.94
C LYS C 437 -47.14 -18.84 -56.83
N LEU C 438 -46.79 -18.55 -55.59
CA LEU C 438 -47.61 -18.99 -54.46
C LEU C 438 -48.88 -18.16 -54.34
N ASP C 439 -48.78 -16.84 -54.49
CA ASP C 439 -49.91 -15.92 -54.29
C ASP C 439 -50.24 -15.23 -55.60
N SER C 440 -51.06 -15.87 -56.42
CA SER C 440 -51.57 -15.27 -57.65
C SER C 440 -52.78 -16.06 -58.12
N LYS C 441 -53.69 -15.36 -58.78
CA LYS C 441 -54.84 -15.96 -59.45
C LYS C 441 -54.86 -15.49 -60.89
N VAL C 442 -55.71 -16.14 -61.69
CA VAL C 442 -55.94 -15.69 -63.06
C VAL C 442 -56.59 -14.32 -63.06
N SER C 443 -57.59 -14.11 -62.20
CA SER C 443 -58.17 -12.79 -62.00
C SER C 443 -57.37 -11.94 -61.03
N GLY C 444 -56.44 -12.53 -60.30
CA GLY C 444 -55.66 -11.84 -59.31
C GLY C 444 -56.20 -12.05 -57.91
N ASN C 445 -55.37 -11.65 -56.93
CA ASN C 445 -55.72 -11.78 -55.53
C ASN C 445 -56.34 -10.48 -55.02
N TYR C 446 -57.49 -10.60 -54.37
CA TYR C 446 -58.19 -9.45 -53.80
C TYR C 446 -58.44 -9.62 -52.30
N ASN C 447 -57.84 -10.63 -51.67
CA ASN C 447 -58.05 -10.86 -50.25
C ASN C 447 -57.32 -9.85 -49.38
N TYR C 448 -56.34 -9.15 -49.92
CA TYR C 448 -55.48 -8.26 -49.14
C TYR C 448 -55.87 -6.81 -49.40
N LEU C 449 -56.43 -6.16 -48.38
CA LEU C 449 -56.83 -4.77 -48.42
C LEU C 449 -55.73 -3.89 -47.83
N TYR C 450 -55.80 -2.59 -48.12
CA TYR C 450 -54.96 -1.62 -47.45
C TYR C 450 -55.73 -0.32 -47.30
N ARG C 451 -55.65 0.29 -46.12
CA ARG C 451 -56.33 1.55 -45.87
C ARG C 451 -55.57 2.70 -46.50
N LEU C 452 -56.31 3.74 -46.88
CA LEU C 452 -55.75 4.91 -47.54
C LEU C 452 -55.94 6.19 -46.75
N PHE C 453 -57.13 6.44 -46.24
CA PHE C 453 -57.46 7.68 -45.56
C PHE C 453 -57.75 7.42 -44.09
N ARG C 454 -57.10 8.18 -43.21
CA ARG C 454 -57.35 8.09 -41.78
C ARG C 454 -57.32 9.48 -41.18
N LYS C 455 -57.89 9.61 -39.99
CA LYS C 455 -57.93 10.89 -39.29
C LYS C 455 -56.54 11.29 -38.79
N SER C 456 -55.80 10.34 -38.23
CA SER C 456 -54.49 10.64 -37.65
C SER C 456 -53.55 9.48 -37.93
N LYS C 457 -52.27 9.70 -37.62
CA LYS C 457 -51.23 8.70 -37.85
C LYS C 457 -51.34 7.58 -36.82
N LEU C 458 -50.67 6.47 -37.12
CA LEU C 458 -50.66 5.32 -36.24
C LEU C 458 -49.47 5.38 -35.29
N LYS C 459 -49.71 5.05 -34.03
CA LYS C 459 -48.62 4.92 -33.07
C LYS C 459 -47.85 3.63 -33.34
N PRO C 460 -46.56 3.60 -33.00
CA PRO C 460 -45.76 2.38 -33.25
C PRO C 460 -46.23 1.20 -32.42
N PHE C 461 -46.09 0.01 -33.01
CA PHE C 461 -46.44 -1.28 -32.41
C PHE C 461 -47.92 -1.34 -32.02
N GLU C 462 -48.79 -0.85 -32.91
CA GLU C 462 -50.23 -0.83 -32.65
C GLU C 462 -50.99 -1.25 -33.89
N ARG C 463 -52.10 -1.96 -33.68
CA ARG C 463 -53.03 -2.34 -34.73
C ARG C 463 -54.28 -1.47 -34.64
N ASP C 464 -54.74 -0.99 -35.78
CA ASP C 464 -55.87 -0.06 -35.86
C ASP C 464 -56.85 -0.50 -36.93
N ILE C 465 -57.22 -1.79 -36.90
CA ILE C 465 -58.20 -2.32 -37.83
C ILE C 465 -59.58 -1.80 -37.47
N SER C 466 -60.29 -1.27 -38.48
CA SER C 466 -61.61 -0.70 -38.29
C SER C 466 -62.33 -0.64 -39.63
N THR C 467 -63.65 -0.79 -39.57
CA THR C 467 -64.51 -0.66 -40.74
C THR C 467 -65.39 0.57 -40.54
N GLU C 468 -64.99 1.69 -41.14
CA GLU C 468 -65.72 2.93 -40.98
C GLU C 468 -65.67 3.72 -42.28
N ILE C 469 -66.79 4.37 -42.60
CA ILE C 469 -66.85 5.25 -43.74
C ILE C 469 -66.21 6.58 -43.37
N TYR C 470 -65.77 7.33 -44.38
CA TYR C 470 -65.08 8.60 -44.15
C TYR C 470 -66.06 9.76 -44.19
N GLN C 471 -65.88 10.69 -43.26
CA GLN C 471 -66.71 11.89 -43.20
C GLN C 471 -66.02 13.05 -43.94
N ALA C 472 -65.81 12.83 -45.24
CA ALA C 472 -65.18 13.84 -46.08
C ALA C 472 -66.13 14.99 -46.34
N GLY C 473 -65.60 16.21 -46.32
CA GLY C 473 -66.41 17.40 -46.49
C GLY C 473 -67.14 17.79 -45.22
N ASN C 474 -68.47 17.80 -45.28
CA ASN C 474 -69.28 18.12 -44.11
C ASN C 474 -70.52 17.25 -44.01
N LYS C 475 -70.57 16.13 -44.73
CA LYS C 475 -71.76 15.30 -44.79
C LYS C 475 -71.69 14.21 -43.73
N PRO C 476 -72.60 14.19 -42.75
CA PRO C 476 -72.62 13.12 -41.72
C PRO C 476 -73.32 11.86 -42.20
N CYS C 477 -72.58 11.01 -42.91
CA CYS C 477 -73.11 9.75 -43.38
C CYS C 477 -73.33 8.79 -42.22
N ASN C 478 -74.52 8.18 -42.17
CA ASN C 478 -74.91 7.27 -41.10
C ASN C 478 -75.18 5.88 -41.66
N GLY C 479 -74.29 5.40 -42.53
CA GLY C 479 -74.44 4.11 -43.15
C GLY C 479 -74.90 4.15 -44.59
N VAL C 480 -75.30 5.32 -45.09
CA VAL C 480 -75.69 5.44 -46.50
C VAL C 480 -74.48 5.31 -47.40
N ALA C 481 -73.35 5.90 -46.99
CA ALA C 481 -72.08 5.90 -47.74
C ALA C 481 -72.26 6.46 -49.15
N GLY C 482 -72.93 7.61 -49.25
CA GLY C 482 -73.20 8.22 -50.53
C GLY C 482 -72.09 9.14 -51.00
N PHE C 483 -72.45 10.37 -51.38
CA PHE C 483 -71.46 11.32 -51.88
C PHE C 483 -70.55 11.80 -50.77
N ASN C 484 -69.26 11.95 -51.11
CA ASN C 484 -68.20 12.40 -50.18
C ASN C 484 -68.10 11.50 -48.95
N CYS C 485 -68.38 10.21 -49.12
CA CYS C 485 -68.24 9.21 -48.06
C CYS C 485 -67.72 7.95 -48.74
N TYR C 486 -66.40 7.81 -48.77
CA TYR C 486 -65.73 6.72 -49.47
C TYR C 486 -65.00 5.83 -48.48
N PHE C 487 -65.07 4.52 -48.72
CA PHE C 487 -64.43 3.56 -47.83
C PHE C 487 -62.91 3.60 -48.05
N PRO C 488 -62.12 3.84 -46.99
CA PRO C 488 -60.67 4.00 -47.18
C PRO C 488 -59.94 2.71 -47.50
N LEU C 489 -60.51 1.55 -47.16
CA LEU C 489 -59.85 0.28 -47.44
C LEU C 489 -59.97 -0.04 -48.92
N GLN C 490 -58.88 0.15 -49.65
CA GLN C 490 -58.80 -0.17 -51.07
C GLN C 490 -58.03 -1.47 -51.25
N SER C 491 -58.56 -2.35 -52.10
CA SER C 491 -57.91 -3.62 -52.36
C SER C 491 -56.64 -3.42 -53.17
N TYR C 492 -55.72 -4.38 -53.05
CA TYR C 492 -54.45 -4.28 -53.76
C TYR C 492 -54.63 -4.45 -55.26
N GLY C 493 -55.47 -5.39 -55.68
CA GLY C 493 -55.62 -5.69 -57.09
C GLY C 493 -54.39 -6.37 -57.66
N PHE C 494 -54.12 -7.58 -57.19
CA PHE C 494 -52.93 -8.31 -57.58
C PHE C 494 -53.03 -8.78 -59.04
N ARG C 495 -51.86 -9.04 -59.64
CA ARG C 495 -51.78 -9.54 -61.00
C ARG C 495 -50.50 -10.35 -61.13
N PRO C 496 -50.51 -11.44 -61.89
CA PRO C 496 -49.27 -12.21 -62.11
C PRO C 496 -48.57 -11.89 -63.42
N THR C 497 -49.21 -11.10 -64.29
CA THR C 497 -48.75 -10.93 -65.65
C THR C 497 -47.80 -9.76 -65.84
N TYR C 498 -47.50 -8.98 -64.80
CA TYR C 498 -46.62 -7.84 -64.91
C TYR C 498 -45.44 -7.99 -63.96
N GLY C 499 -44.42 -7.16 -64.18
CA GLY C 499 -43.16 -7.27 -63.48
C GLY C 499 -43.18 -6.71 -62.07
N VAL C 500 -41.99 -6.35 -61.60
CA VAL C 500 -41.74 -6.02 -60.20
C VAL C 500 -42.40 -4.71 -59.80
N GLY C 501 -42.45 -4.45 -58.50
CA GLY C 501 -43.14 -3.29 -57.96
C GLY C 501 -44.50 -3.63 -57.40
N HIS C 502 -45.41 -4.10 -58.25
CA HIS C 502 -46.75 -4.49 -57.83
C HIS C 502 -46.86 -5.98 -57.54
N GLN C 503 -45.74 -6.70 -57.57
CA GLN C 503 -45.72 -8.13 -57.31
C GLN C 503 -45.94 -8.44 -55.84
N PRO C 504 -46.48 -9.63 -55.50
CA PRO C 504 -46.57 -10.01 -54.10
C PRO C 504 -45.22 -10.36 -53.50
N TYR C 505 -44.77 -9.57 -52.52
CA TYR C 505 -43.52 -9.81 -51.83
C TYR C 505 -43.84 -10.20 -50.39
N ARG C 506 -43.64 -11.48 -50.06
CA ARG C 506 -43.93 -11.97 -48.72
C ARG C 506 -42.89 -11.47 -47.74
N VAL C 507 -43.34 -10.83 -46.65
CA VAL C 507 -42.46 -10.17 -45.70
C VAL C 507 -42.66 -10.77 -44.32
N VAL C 508 -41.57 -11.17 -43.67
CA VAL C 508 -41.56 -11.54 -42.26
C VAL C 508 -40.52 -10.69 -41.56
N VAL C 509 -40.83 -10.25 -40.35
CA VAL C 509 -39.98 -9.31 -39.62
C VAL C 509 -39.53 -9.97 -38.33
N LEU C 510 -38.46 -9.42 -37.74
CA LEU C 510 -37.94 -9.86 -36.45
C LEU C 510 -37.79 -8.66 -35.54
N SER C 511 -38.17 -8.82 -34.27
CA SER C 511 -38.05 -7.77 -33.27
C SER C 511 -37.31 -8.32 -32.06
N PHE C 512 -36.32 -7.58 -31.58
CA PHE C 512 -35.52 -7.97 -30.43
C PHE C 512 -35.46 -6.85 -29.41
N GLU C 513 -35.15 -7.21 -28.18
CA GLU C 513 -34.92 -6.23 -27.11
C GLU C 513 -34.03 -6.87 -26.06
N LEU C 514 -33.30 -6.03 -25.33
CA LEU C 514 -32.37 -6.48 -24.28
C LEU C 514 -32.74 -5.77 -22.99
N LEU C 515 -33.67 -6.37 -22.24
CA LEU C 515 -34.13 -5.88 -20.96
C LEU C 515 -33.43 -6.65 -19.84
N HIS C 516 -33.39 -6.06 -18.65
CA HIS C 516 -32.76 -6.67 -17.48
C HIS C 516 -33.63 -7.84 -17.02
N ALA C 517 -33.44 -8.97 -17.68
CA ALA C 517 -34.16 -10.21 -17.42
C ALA C 517 -33.17 -11.35 -17.58
N PRO C 518 -33.42 -12.49 -16.92
CA PRO C 518 -32.57 -13.67 -17.16
C PRO C 518 -32.68 -14.16 -18.59
N ALA C 519 -31.58 -14.74 -19.07
CA ALA C 519 -31.49 -15.16 -20.46
C ALA C 519 -32.39 -16.37 -20.70
N THR C 520 -33.41 -16.19 -21.54
CA THR C 520 -34.36 -17.25 -21.84
C THR C 520 -34.30 -17.70 -23.30
N VAL C 521 -34.45 -16.78 -24.24
CA VAL C 521 -34.46 -17.10 -25.66
C VAL C 521 -33.09 -16.76 -26.21
N CYS C 522 -32.28 -17.78 -26.47
CA CYS C 522 -30.94 -17.58 -27.00
C CYS C 522 -30.61 -18.65 -28.03
N GLY C 523 -29.53 -18.40 -28.78
CA GLY C 523 -29.14 -19.25 -29.88
C GLY C 523 -28.29 -20.43 -29.47
N PRO C 524 -27.76 -21.15 -30.45
CA PRO C 524 -27.03 -22.38 -30.16
C PRO C 524 -25.59 -22.11 -29.74
N LYS C 525 -25.03 -23.10 -29.04
CA LYS C 525 -23.62 -23.13 -28.67
C LYS C 525 -23.01 -24.40 -29.24
N LYS C 526 -21.85 -24.26 -29.89
CA LYS C 526 -21.21 -25.40 -30.54
C LYS C 526 -20.58 -26.32 -29.50
N SER C 527 -20.66 -27.62 -29.75
CA SER C 527 -20.09 -28.64 -28.89
C SER C 527 -19.01 -29.40 -29.65
N THR C 528 -17.85 -29.54 -29.03
CA THR C 528 -16.71 -30.23 -29.63
C THR C 528 -16.66 -31.67 -29.12
N ASN C 529 -15.56 -32.36 -29.44
CA ASN C 529 -15.37 -33.75 -29.04
C ASN C 529 -14.84 -33.82 -27.61
N LEU C 530 -14.51 -35.02 -27.16
CA LEU C 530 -14.00 -35.26 -25.81
C LEU C 530 -12.74 -36.11 -25.89
N VAL C 531 -11.70 -35.70 -25.16
CA VAL C 531 -10.44 -36.41 -25.11
C VAL C 531 -10.05 -36.65 -23.65
N LYS C 532 -9.17 -37.62 -23.45
CA LYS C 532 -8.76 -38.03 -22.11
C LYS C 532 -7.24 -38.17 -22.03
N ASN C 533 -6.75 -38.12 -20.79
CA ASN C 533 -5.36 -38.45 -20.43
C ASN C 533 -4.36 -37.51 -21.11
N LYS C 534 -4.74 -36.25 -21.27
CA LYS C 534 -3.85 -35.22 -21.78
C LYS C 534 -4.15 -33.90 -21.09
N CYS C 535 -3.09 -33.15 -20.77
CA CYS C 535 -3.28 -31.84 -20.15
C CYS C 535 -3.82 -30.86 -21.17
N VAL C 536 -5.14 -30.74 -21.26
CA VAL C 536 -5.79 -29.96 -22.29
C VAL C 536 -6.70 -28.92 -21.66
N ASN C 537 -7.37 -28.12 -22.48
CA ASN C 537 -8.30 -27.10 -22.02
C ASN C 537 -9.72 -27.63 -22.05
N PHE C 538 -10.58 -27.04 -21.24
CA PHE C 538 -11.99 -27.42 -21.19
C PHE C 538 -12.85 -26.21 -20.86
N ASN C 539 -14.09 -26.26 -21.32
CA ASN C 539 -15.09 -25.20 -21.12
C ASN C 539 -16.41 -25.81 -20.69
N PHE C 540 -16.35 -26.69 -19.69
CA PHE C 540 -17.51 -27.47 -19.28
C PHE C 540 -18.55 -26.61 -18.57
N ASN C 541 -19.52 -26.09 -19.33
CA ASN C 541 -20.68 -25.36 -18.82
C ASN C 541 -20.27 -24.13 -18.00
N GLY C 542 -19.47 -23.27 -18.61
CA GLY C 542 -19.07 -22.03 -17.99
C GLY C 542 -17.88 -22.14 -17.05
N LEU C 543 -17.33 -23.33 -16.85
CA LEU C 543 -16.17 -23.53 -16.00
C LEU C 543 -14.95 -23.69 -16.89
N THR C 544 -13.92 -22.88 -16.65
CA THR C 544 -12.74 -22.85 -17.48
C THR C 544 -11.51 -23.26 -16.69
N GLY C 545 -10.58 -23.89 -17.38
CA GLY C 545 -9.34 -24.32 -16.75
C GLY C 545 -8.64 -25.34 -17.63
N THR C 546 -7.49 -25.78 -17.14
CA THR C 546 -6.70 -26.80 -17.81
C THR C 546 -6.38 -27.93 -16.84
N GLY C 547 -6.22 -29.13 -17.38
CA GLY C 547 -5.92 -30.28 -16.56
C GLY C 547 -6.06 -31.57 -17.36
N VAL C 548 -6.02 -32.68 -16.64
CA VAL C 548 -6.08 -34.01 -17.23
C VAL C 548 -7.44 -34.61 -16.90
N LEU C 549 -8.22 -34.91 -17.95
CA LEU C 549 -9.54 -35.50 -17.79
C LEU C 549 -9.40 -37.01 -17.76
N THR C 550 -9.67 -37.61 -16.61
CA THR C 550 -9.54 -39.06 -16.43
C THR C 550 -10.85 -39.62 -15.90
N GLU C 551 -10.91 -40.95 -15.82
CA GLU C 551 -12.08 -41.62 -15.28
C GLU C 551 -12.20 -41.37 -13.77
N SER C 552 -13.44 -41.27 -13.31
CA SER C 552 -13.74 -40.95 -11.92
C SER C 552 -14.63 -42.04 -11.32
N ASN C 553 -14.23 -42.55 -10.17
CA ASN C 553 -15.05 -43.46 -9.38
C ASN C 553 -15.93 -42.73 -8.37
N LYS C 554 -15.85 -41.40 -8.34
CA LYS C 554 -16.64 -40.61 -7.40
C LYS C 554 -18.12 -40.69 -7.75
N LYS C 555 -18.95 -40.87 -6.73
CA LYS C 555 -20.39 -41.02 -6.91
C LYS C 555 -21.09 -39.68 -6.66
N PHE C 556 -21.95 -39.29 -7.59
CA PHE C 556 -22.66 -38.02 -7.51
C PHE C 556 -24.15 -38.25 -7.33
N LEU C 557 -24.77 -37.38 -6.55
CA LEU C 557 -26.22 -37.31 -6.49
C LEU C 557 -26.74 -36.67 -7.78
N PRO C 558 -27.99 -36.97 -8.16
CA PRO C 558 -28.50 -36.47 -9.45
C PRO C 558 -28.54 -34.95 -9.59
N PHE C 559 -28.68 -34.21 -8.49
CA PHE C 559 -28.70 -32.76 -8.58
C PHE C 559 -27.30 -32.14 -8.48
N GLN C 560 -26.28 -32.92 -8.16
CA GLN C 560 -24.92 -32.40 -8.02
C GLN C 560 -24.16 -32.56 -9.33
N GLN C 561 -23.52 -31.50 -9.79
CA GLN C 561 -22.85 -31.52 -11.09
C GLN C 561 -21.42 -30.98 -11.05
N PHE C 562 -21.11 -30.11 -10.09
CA PHE C 562 -19.73 -29.70 -9.85
C PHE C 562 -19.09 -30.59 -8.79
N GLY C 563 -17.92 -30.18 -8.32
CA GLY C 563 -17.25 -30.83 -7.20
C GLY C 563 -16.16 -29.92 -6.68
N ARG C 564 -15.78 -30.14 -5.43
CA ARG C 564 -14.83 -29.25 -4.78
C ARG C 564 -14.09 -30.00 -3.68
N ASP C 565 -13.13 -29.30 -3.07
CA ASP C 565 -12.26 -29.85 -2.03
C ASP C 565 -12.32 -28.90 -0.83
N ILE C 566 -11.47 -29.08 0.17
CA ILE C 566 -11.47 -28.21 1.33
C ILE C 566 -10.99 -26.80 1.00
N ALA C 567 -10.27 -26.62 -0.11
CA ALA C 567 -9.73 -25.33 -0.50
C ALA C 567 -10.56 -24.65 -1.59
N ASP C 568 -11.80 -25.12 -1.81
CA ASP C 568 -12.72 -24.60 -2.83
C ASP C 568 -12.10 -24.66 -4.23
N THR C 569 -11.39 -25.75 -4.51
CA THR C 569 -10.80 -26.00 -5.81
C THR C 569 -11.59 -27.10 -6.51
N THR C 570 -11.90 -26.88 -7.79
CA THR C 570 -12.69 -27.83 -8.55
C THR C 570 -11.95 -29.16 -8.71
N ASP C 571 -12.66 -30.26 -8.51
CA ASP C 571 -12.06 -31.59 -8.50
C ASP C 571 -12.77 -32.62 -9.35
N ALA C 572 -14.04 -32.40 -9.70
CA ALA C 572 -14.78 -33.34 -10.52
C ALA C 572 -15.84 -32.60 -11.31
N VAL C 573 -16.05 -33.02 -12.56
CA VAL C 573 -16.97 -32.36 -13.48
C VAL C 573 -17.85 -33.42 -14.12
N ARG C 574 -19.16 -33.21 -14.07
CA ARG C 574 -20.13 -34.07 -14.75
C ARG C 574 -20.34 -33.58 -16.17
N ASP C 575 -20.16 -34.45 -17.15
CA ASP C 575 -20.31 -34.08 -18.55
C ASP C 575 -21.78 -33.92 -18.91
N PRO C 576 -22.23 -32.75 -19.38
CA PRO C 576 -23.65 -32.58 -19.68
C PRO C 576 -24.06 -33.02 -21.09
N GLN C 577 -23.52 -34.14 -21.56
CA GLN C 577 -24.07 -34.85 -22.72
C GLN C 577 -24.08 -36.37 -22.55
N THR C 578 -23.34 -36.92 -21.59
CA THR C 578 -23.39 -38.34 -21.30
C THR C 578 -23.72 -38.63 -19.85
N LEU C 579 -23.84 -37.58 -19.02
CA LEU C 579 -24.17 -37.68 -17.60
C LEU C 579 -23.17 -38.59 -16.85
N GLU C 580 -21.90 -38.49 -17.24
CA GLU C 580 -20.85 -39.32 -16.69
C GLU C 580 -19.92 -38.48 -15.83
N ILE C 581 -19.40 -39.08 -14.77
CA ILE C 581 -18.59 -38.37 -13.79
C ILE C 581 -17.12 -38.47 -14.19
N LEU C 582 -16.47 -37.32 -14.33
CA LEU C 582 -15.07 -37.24 -14.68
C LEU C 582 -14.29 -36.51 -13.58
N ASP C 583 -12.99 -36.80 -13.51
CA ASP C 583 -12.11 -36.18 -12.54
C ASP C 583 -11.05 -35.37 -13.27
N ILE C 584 -10.52 -34.34 -12.58
CA ILE C 584 -9.51 -33.45 -13.14
C ILE C 584 -8.29 -33.45 -12.24
N THR C 585 -7.12 -33.53 -12.85
CA THR C 585 -5.84 -33.44 -12.15
C THR C 585 -4.93 -32.47 -12.90
N PRO C 586 -4.14 -31.68 -12.18
CA PRO C 586 -3.21 -30.77 -12.86
C PRO C 586 -2.02 -31.53 -13.42
N CYS C 587 -1.60 -31.14 -14.63
CA CYS C 587 -0.46 -31.76 -15.24
C CYS C 587 0.83 -31.29 -14.57
N SER C 588 1.92 -32.01 -14.86
CA SER C 588 3.14 -31.89 -14.07
C SER C 588 3.83 -30.55 -14.28
N PHE C 589 4.44 -30.03 -13.22
CA PHE C 589 5.24 -28.83 -13.25
C PHE C 589 6.39 -29.00 -12.27
N GLY C 590 7.24 -27.96 -12.18
CA GLY C 590 8.36 -28.01 -11.27
C GLY C 590 9.44 -27.05 -11.69
N GLY C 591 10.53 -27.07 -10.92
CA GLY C 591 11.66 -26.20 -11.16
C GLY C 591 12.80 -26.90 -11.88
N VAL C 592 13.79 -26.08 -12.25
CA VAL C 592 15.00 -26.56 -12.93
C VAL C 592 16.20 -26.10 -12.12
N SER C 593 17.08 -27.03 -11.80
CA SER C 593 18.27 -26.75 -11.00
C SER C 593 19.50 -27.26 -11.73
N VAL C 594 20.59 -26.50 -11.68
CA VAL C 594 21.82 -26.81 -12.38
C VAL C 594 22.87 -27.20 -11.36
N ILE C 595 23.41 -28.42 -11.50
CA ILE C 595 24.51 -28.90 -10.67
C ILE C 595 25.78 -28.76 -11.50
N THR C 596 26.67 -27.86 -11.08
CA THR C 596 27.85 -27.56 -11.86
C THR C 596 29.10 -27.59 -11.00
N PRO C 597 30.25 -27.90 -11.61
CA PRO C 597 31.53 -27.64 -10.93
C PRO C 597 31.94 -26.18 -11.07
N GLY C 598 33.16 -25.86 -10.70
CA GLY C 598 33.64 -24.50 -10.87
C GLY C 598 33.71 -24.09 -12.32
N THR C 599 33.42 -22.81 -12.57
CA THR C 599 33.33 -22.31 -13.94
C THR C 599 34.68 -22.29 -14.66
N ASN C 600 35.78 -22.29 -13.91
CA ASN C 600 37.10 -22.38 -14.50
C ASN C 600 37.66 -23.80 -14.48
N THR C 601 37.15 -24.65 -13.59
CA THR C 601 37.62 -26.04 -13.55
C THR C 601 37.09 -26.82 -14.75
N SER C 602 35.80 -26.70 -15.04
CA SER C 602 35.17 -27.46 -16.12
C SER C 602 33.96 -26.69 -16.62
N ASN C 603 33.26 -27.28 -17.60
CA ASN C 603 32.10 -26.65 -18.19
C ASN C 603 30.96 -27.63 -18.47
N GLN C 604 30.99 -28.81 -17.86
CA GLN C 604 29.95 -29.81 -18.04
C GLN C 604 29.02 -29.81 -16.85
N VAL C 605 27.71 -29.69 -17.12
CA VAL C 605 26.72 -29.49 -16.06
C VAL C 605 25.69 -30.61 -16.07
N ALA C 606 24.73 -30.52 -15.16
CA ALA C 606 23.62 -31.47 -15.11
C ALA C 606 22.38 -30.72 -14.66
N VAL C 607 21.21 -31.23 -15.07
CA VAL C 607 19.94 -30.57 -14.84
C VAL C 607 19.06 -31.50 -14.01
N LEU C 608 18.50 -30.97 -12.93
CA LEU C 608 17.70 -31.75 -11.98
C LEU C 608 16.25 -31.30 -12.12
N TYR C 609 15.44 -32.10 -12.82
CA TYR C 609 14.01 -31.83 -12.96
C TYR C 609 13.31 -32.25 -11.67
N GLN C 610 12.81 -31.27 -10.92
CA GLN C 610 12.32 -31.51 -9.56
C GLN C 610 10.95 -32.17 -9.59
N GLY C 611 10.85 -33.37 -9.01
CA GLY C 611 9.60 -34.04 -8.68
C GLY C 611 8.71 -34.27 -9.90
N VAL C 612 9.31 -34.73 -10.99
CA VAL C 612 8.60 -34.99 -12.23
C VAL C 612 9.01 -36.37 -12.74
N ASN C 613 8.02 -37.20 -13.08
CA ASN C 613 8.24 -38.51 -13.66
C ASN C 613 8.68 -38.37 -15.11
N CYS C 614 9.92 -37.93 -15.34
CA CYS C 614 10.36 -37.57 -16.68
C CYS C 614 10.83 -38.75 -17.50
N THR C 615 10.82 -39.97 -16.94
CA THR C 615 10.97 -41.15 -17.76
C THR C 615 9.82 -41.28 -18.75
N GLU C 616 8.62 -40.87 -18.35
CA GLU C 616 7.47 -40.78 -19.24
C GLU C 616 7.40 -39.43 -19.95
N VAL C 617 7.55 -38.34 -19.21
CA VAL C 617 7.36 -37.00 -19.75
C VAL C 617 8.58 -36.12 -19.48
N PRO C 618 9.60 -36.17 -20.34
CA PRO C 618 10.75 -35.26 -20.19
C PRO C 618 10.65 -33.96 -20.96
N VAL C 619 9.59 -33.78 -21.76
CA VAL C 619 9.36 -32.68 -22.71
C VAL C 619 10.62 -32.13 -23.38
N ASN C 638 21.45 -41.71 -20.04
CA ASN C 638 21.93 -40.69 -19.11
C ASN C 638 20.79 -40.08 -18.30
N VAL C 639 19.84 -40.92 -17.88
CA VAL C 639 18.70 -40.49 -17.10
C VAL C 639 18.65 -41.34 -15.83
N PHE C 640 18.70 -40.69 -14.68
CA PHE C 640 18.58 -41.35 -13.39
C PHE C 640 17.52 -40.60 -12.58
N GLN C 641 16.67 -41.35 -11.90
CA GLN C 641 15.56 -40.77 -11.14
C GLN C 641 15.73 -41.09 -9.66
N THR C 642 15.75 -40.04 -8.84
CA THR C 642 15.80 -40.16 -7.40
C THR C 642 14.37 -40.11 -6.84
N ARG C 643 14.26 -40.00 -5.51
CA ARG C 643 12.96 -39.77 -4.91
C ARG C 643 12.52 -38.32 -5.06
N ALA C 644 13.46 -37.40 -5.17
CA ALA C 644 13.16 -35.97 -5.28
C ALA C 644 13.07 -35.50 -6.73
N GLY C 645 13.18 -36.41 -7.70
CA GLY C 645 13.09 -36.03 -9.09
C GLY C 645 14.06 -36.78 -9.97
N CYS C 646 13.98 -36.57 -11.28
CA CYS C 646 14.87 -37.22 -12.22
C CYS C 646 16.05 -36.31 -12.56
N LEU C 647 17.20 -36.92 -12.79
CA LEU C 647 18.46 -36.21 -12.98
C LEU C 647 18.99 -36.52 -14.37
N ILE C 648 19.29 -35.47 -15.13
CA ILE C 648 19.81 -35.60 -16.49
C ILE C 648 21.19 -34.97 -16.55
N GLY C 649 22.16 -35.73 -17.03
CA GLY C 649 23.52 -35.25 -17.20
C GLY C 649 24.57 -35.99 -16.40
N ALA C 650 24.18 -36.82 -15.43
CA ALA C 650 25.14 -37.60 -14.66
C ALA C 650 24.61 -39.01 -14.51
N GLU C 651 25.53 -39.95 -14.30
CA GLU C 651 25.21 -41.36 -14.17
C GLU C 651 25.36 -41.81 -12.73
N TYR C 652 24.39 -42.58 -12.26
CA TYR C 652 24.41 -43.06 -10.88
C TYR C 652 25.51 -44.10 -10.69
N VAL C 653 26.22 -44.01 -9.57
CA VAL C 653 27.22 -44.99 -9.19
C VAL C 653 26.92 -45.45 -7.76
N ASN C 654 27.45 -46.62 -7.42
CA ASN C 654 27.15 -47.25 -6.14
C ASN C 654 28.23 -47.03 -5.09
N ASN C 655 29.26 -46.25 -5.39
CA ASN C 655 30.29 -45.97 -4.40
C ASN C 655 29.76 -44.99 -3.35
N SER C 656 30.46 -44.93 -2.23
CA SER C 656 30.03 -44.14 -1.08
C SER C 656 31.17 -43.20 -0.67
N TYR C 657 31.04 -41.92 -1.00
CA TYR C 657 31.96 -40.87 -0.58
C TYR C 657 31.21 -39.84 0.24
N GLU C 658 31.96 -38.89 0.80
CA GLU C 658 31.36 -37.81 1.55
C GLU C 658 30.66 -36.83 0.60
N CYS C 659 29.58 -36.22 1.08
CA CYS C 659 28.73 -35.41 0.23
C CYS C 659 29.40 -34.11 -0.19
N ASP C 660 29.21 -33.74 -1.45
CA ASP C 660 29.80 -32.53 -2.02
C ASP C 660 28.75 -31.49 -2.35
N ILE C 661 27.75 -31.84 -3.15
CA ILE C 661 26.63 -30.98 -3.48
C ILE C 661 25.35 -31.73 -3.12
N PRO C 662 24.54 -31.21 -2.19
CA PRO C 662 23.30 -31.91 -1.83
C PRO C 662 22.28 -31.92 -2.96
N ILE C 663 21.47 -32.97 -2.99
CA ILE C 663 20.47 -33.17 -4.04
C ILE C 663 19.10 -33.33 -3.41
N GLY C 664 18.97 -34.29 -2.51
CA GLY C 664 17.68 -34.59 -1.90
C GLY C 664 17.50 -36.08 -1.67
N ALA C 665 16.93 -36.43 -0.51
CA ALA C 665 16.68 -37.81 -0.10
C ALA C 665 17.95 -38.65 -0.11
N GLY C 666 19.05 -38.07 0.35
CA GLY C 666 20.28 -38.81 0.55
C GLY C 666 21.16 -38.98 -0.66
N ILE C 667 20.89 -38.28 -1.75
CA ILE C 667 21.71 -38.36 -2.95
C ILE C 667 22.64 -37.15 -2.97
N CYS C 668 23.87 -37.35 -3.42
CA CYS C 668 24.84 -36.27 -3.52
C CYS C 668 25.64 -36.40 -4.81
N ALA C 669 26.01 -35.25 -5.38
CA ALA C 669 26.73 -35.19 -6.63
C ALA C 669 28.12 -34.59 -6.42
N SER C 670 29.06 -35.01 -7.26
CA SER C 670 30.42 -34.51 -7.20
C SER C 670 31.06 -34.66 -8.57
N TYR C 671 32.19 -33.97 -8.75
CA TYR C 671 32.96 -34.02 -9.98
C TYR C 671 34.17 -34.92 -9.77
N GLN C 672 34.24 -36.00 -10.54
CA GLN C 672 35.30 -36.99 -10.38
C GLN C 672 35.71 -37.51 -11.74
N THR C 673 36.75 -38.35 -11.74
CA THR C 673 37.29 -38.94 -12.96
C THR C 673 36.49 -40.19 -13.32
N GLN C 674 37.00 -40.96 -14.28
CA GLN C 674 36.36 -42.21 -14.69
C GLN C 674 36.50 -43.28 -13.63
N SER C 686 38.48 -36.79 -19.34
CA SER C 686 38.02 -38.10 -18.89
C SER C 686 37.35 -38.01 -17.53
N GLN C 687 36.82 -36.83 -17.21
CA GLN C 687 36.13 -36.58 -15.95
C GLN C 687 34.70 -36.14 -16.24
N SER C 688 33.75 -36.63 -15.45
CA SER C 688 32.35 -36.37 -15.67
C SER C 688 31.62 -36.26 -14.34
N ILE C 689 30.42 -35.69 -14.40
CA ILE C 689 29.58 -35.56 -13.22
C ILE C 689 29.05 -36.93 -12.80
N ILE C 690 29.11 -37.22 -11.50
CA ILE C 690 28.57 -38.46 -10.96
C ILE C 690 27.62 -38.12 -9.83
N ALA C 691 26.63 -38.99 -9.62
CA ALA C 691 25.67 -38.87 -8.54
C ALA C 691 25.61 -40.19 -7.80
N TYR C 692 25.49 -40.13 -6.47
CA TYR C 692 25.58 -41.33 -5.67
C TYR C 692 24.88 -41.11 -4.33
N THR C 693 24.58 -42.23 -3.67
CA THR C 693 24.02 -42.16 -2.33
C THR C 693 25.09 -41.74 -1.34
N MET C 694 24.79 -40.75 -0.52
CA MET C 694 25.80 -40.17 0.35
C MET C 694 26.16 -41.13 1.48
N SER C 695 27.38 -40.96 1.99
CA SER C 695 27.92 -41.82 3.04
C SER C 695 28.00 -41.03 4.33
N LEU C 696 27.55 -41.63 5.42
CA LEU C 696 27.66 -41.02 6.74
C LEU C 696 29.07 -41.06 7.29
N GLY C 697 29.97 -41.83 6.66
CA GLY C 697 31.33 -41.97 7.10
C GLY C 697 31.75 -43.42 7.18
N ALA C 698 32.98 -43.63 7.62
CA ALA C 698 33.49 -44.98 7.81
C ALA C 698 32.82 -45.63 9.01
N GLU C 699 32.45 -46.90 8.85
CA GLU C 699 31.87 -47.65 9.97
C GLU C 699 32.99 -48.13 10.89
N ASN C 700 32.80 -47.93 12.19
CA ASN C 700 33.71 -48.43 13.20
C ASN C 700 32.95 -49.28 14.19
N SER C 701 33.52 -50.42 14.56
CA SER C 701 32.89 -51.37 15.48
C SER C 701 33.74 -51.48 16.74
N VAL C 702 33.09 -51.36 17.89
CA VAL C 702 33.73 -51.51 19.19
C VAL C 702 33.00 -52.60 19.97
N ALA C 703 33.77 -53.51 20.56
CA ALA C 703 33.21 -54.68 21.22
C ALA C 703 33.12 -54.44 22.72
N TYR C 704 31.91 -54.49 23.25
CA TYR C 704 31.72 -54.42 24.70
C TYR C 704 32.27 -55.67 25.36
N SER C 705 32.86 -55.49 26.53
CA SER C 705 33.41 -56.59 27.30
C SER C 705 33.01 -56.45 28.76
N ASN C 706 33.02 -57.57 29.47
CA ASN C 706 32.87 -57.49 30.92
C ASN C 706 34.13 -56.95 31.58
N ASN C 707 35.29 -57.14 30.96
CA ASN C 707 36.55 -56.69 31.55
C ASN C 707 37.61 -56.35 30.49
N SER C 708 37.62 -55.08 30.09
CA SER C 708 38.69 -54.52 29.25
C SER C 708 38.57 -53.00 29.27
N ILE C 709 39.70 -52.33 29.48
CA ILE C 709 39.80 -50.88 29.40
C ILE C 709 40.90 -50.52 28.41
N ALA C 710 40.60 -49.59 27.50
CA ALA C 710 41.58 -49.06 26.56
C ALA C 710 42.07 -47.71 27.06
N ILE C 711 42.98 -47.75 28.04
CA ILE C 711 43.55 -46.54 28.63
C ILE C 711 44.45 -45.84 27.62
N PRO C 712 44.19 -44.56 27.31
CA PRO C 712 45.05 -43.84 26.38
C PRO C 712 46.43 -43.59 26.98
N THR C 713 47.45 -43.60 26.11
CA THR C 713 48.84 -43.46 26.53
C THR C 713 49.53 -42.21 25.98
N ASN C 714 49.02 -41.60 24.92
CA ASN C 714 49.65 -40.44 24.32
C ASN C 714 48.57 -39.46 23.89
N PHE C 715 48.96 -38.20 23.74
CA PHE C 715 48.01 -37.12 23.46
C PHE C 715 48.59 -36.19 22.41
N THR C 716 47.77 -35.20 22.03
CA THR C 716 48.17 -34.11 21.16
C THR C 716 47.60 -32.81 21.72
N ILE C 717 47.93 -31.70 21.07
CA ILE C 717 47.32 -30.41 21.33
C ILE C 717 46.96 -29.80 19.98
N SER C 718 45.68 -29.50 19.78
CA SER C 718 45.19 -29.01 18.51
C SER C 718 44.56 -27.64 18.69
N VAL C 719 44.95 -26.70 17.83
CA VAL C 719 44.39 -25.36 17.84
C VAL C 719 43.27 -25.31 16.79
N THR C 720 42.05 -25.10 17.25
CA THR C 720 40.88 -25.06 16.39
C THR C 720 40.30 -23.65 16.37
N THR C 721 40.00 -23.16 15.17
CA THR C 721 39.43 -21.83 15.03
C THR C 721 37.92 -21.86 15.22
N GLU C 722 37.36 -20.68 15.44
CA GLU C 722 35.92 -20.51 15.59
C GLU C 722 35.59 -19.05 15.33
N ILE C 723 34.72 -18.79 14.35
CA ILE C 723 34.48 -17.45 13.85
C ILE C 723 33.03 -17.09 14.10
N LEU C 724 32.80 -15.95 14.75
CA LEU C 724 31.45 -15.47 15.05
C LEU C 724 31.31 -14.01 14.65
N PRO C 725 30.20 -13.64 14.02
CA PRO C 725 29.89 -12.21 13.85
C PRO C 725 29.56 -11.58 15.19
N VAL C 726 29.90 -10.30 15.32
CA VAL C 726 29.63 -9.58 16.56
C VAL C 726 28.74 -8.38 16.27
N SER C 727 28.84 -7.84 15.05
CA SER C 727 28.06 -6.66 14.70
C SER C 727 27.89 -6.61 13.19
N MET C 728 26.89 -5.85 12.75
CA MET C 728 26.68 -5.56 11.35
C MET C 728 27.04 -4.10 11.07
N THR C 729 27.09 -3.76 9.79
CA THR C 729 27.40 -2.39 9.40
C THR C 729 26.24 -1.47 9.73
N LYS C 730 26.55 -0.33 10.35
CA LYS C 730 25.54 0.65 10.71
C LYS C 730 24.98 1.32 9.46
N THR C 731 23.77 1.87 9.60
CA THR C 731 23.10 2.52 8.47
C THR C 731 22.10 3.54 8.99
N SER C 732 21.70 4.44 8.09
CA SER C 732 20.71 5.46 8.40
C SER C 732 20.10 5.95 7.09
N VAL C 733 18.78 6.09 7.05
CA VAL C 733 18.05 6.40 5.84
C VAL C 733 17.13 7.58 6.09
N ASP C 734 17.19 8.59 5.24
CA ASP C 734 16.37 9.79 5.35
C ASP C 734 14.92 9.51 4.94
N CYS C 735 13.99 10.21 5.60
CA CYS C 735 12.59 10.19 5.18
C CYS C 735 12.42 10.72 3.76
N THR C 736 12.71 12.00 3.57
CA THR C 736 12.21 12.71 2.40
C THR C 736 13.09 12.45 1.17
N MET C 737 14.41 12.52 1.35
CA MET C 737 15.32 12.56 0.20
C MET C 737 15.30 11.24 -0.57
N TYR C 738 15.10 10.12 0.12
CA TYR C 738 14.99 8.84 -0.57
C TYR C 738 13.69 8.77 -1.36
N ILE C 739 12.57 9.12 -0.74
CA ILE C 739 11.27 9.00 -1.40
C ILE C 739 11.11 10.10 -2.45
N CYS C 740 11.39 11.34 -2.08
CA CYS C 740 11.15 12.50 -2.94
C CYS C 740 12.47 13.23 -3.21
N GLY C 741 12.71 13.54 -4.48
CA GLY C 741 13.86 14.34 -4.82
C GLY C 741 13.54 15.82 -4.73
N ASP C 742 13.90 16.42 -3.59
CA ASP C 742 13.84 17.83 -3.21
C ASP C 742 12.63 18.60 -3.75
N SER C 743 11.47 17.98 -3.72
CA SER C 743 10.23 18.58 -4.22
C SER C 743 9.31 18.87 -3.05
N THR C 744 8.82 20.11 -2.99
CA THR C 744 7.88 20.48 -1.92
C THR C 744 6.53 19.81 -2.12
N GLU C 745 6.10 19.61 -3.36
CA GLU C 745 4.82 18.96 -3.63
C GLU C 745 4.85 17.50 -3.23
N CYS C 746 5.99 16.83 -3.43
CA CYS C 746 6.13 15.46 -2.95
C CYS C 746 6.26 15.41 -1.44
N SER C 747 6.77 16.48 -0.83
CA SER C 747 6.81 16.57 0.63
C SER C 747 5.44 16.89 1.21
N ASN C 748 4.60 17.63 0.48
CA ASN C 748 3.28 17.98 0.98
C ASN C 748 2.34 16.78 0.95
N LEU C 749 2.48 15.92 -0.07
CA LEU C 749 1.65 14.72 -0.12
C LEU C 749 2.09 13.68 0.90
N LEU C 750 3.37 13.73 1.33
CA LEU C 750 3.85 12.75 2.29
C LEU C 750 3.34 13.04 3.70
N LEU C 751 3.03 14.31 3.99
CA LEU C 751 2.51 14.67 5.31
C LEU C 751 1.09 14.16 5.52
N GLN C 752 0.35 13.86 4.44
CA GLN C 752 -1.00 13.34 4.58
C GLN C 752 -1.02 11.89 5.05
N TYR C 753 0.10 11.19 4.95
CA TYR C 753 0.12 9.76 5.26
C TYR C 753 0.31 9.47 6.75
N GLY C 754 0.46 10.49 7.58
CA GLY C 754 0.75 10.26 8.98
C GLY C 754 2.21 10.00 9.24
N SER C 755 2.54 9.83 10.52
CA SER C 755 3.93 9.70 10.96
C SER C 755 4.42 8.26 10.78
N PHE C 756 4.61 7.88 9.52
CA PHE C 756 5.19 6.57 9.23
C PHE C 756 6.71 6.57 9.39
N CYS C 757 7.42 7.42 8.66
CA CYS C 757 8.87 7.29 8.64
C CYS C 757 9.54 7.85 9.89
N THR C 758 8.79 8.55 10.74
CA THR C 758 9.30 8.88 12.07
C THR C 758 9.56 7.63 12.89
N GLN C 759 8.75 6.58 12.68
CA GLN C 759 9.07 5.28 13.25
C GLN C 759 10.29 4.67 12.59
N LEU C 760 10.47 4.88 11.28
CA LEU C 760 11.63 4.34 10.60
C LEU C 760 12.91 5.06 11.04
N LYS C 761 12.84 6.37 11.28
CA LYS C 761 13.98 7.06 11.89
C LYS C 761 14.16 6.70 13.36
N ARG C 762 13.17 6.04 13.97
CA ARG C 762 13.31 5.54 15.33
C ARG C 762 13.79 4.09 15.34
N ALA C 763 13.29 3.26 14.44
CA ALA C 763 13.69 1.86 14.40
C ALA C 763 15.12 1.71 13.89
N LEU C 764 15.51 2.49 12.89
CA LEU C 764 16.88 2.43 12.38
C LEU C 764 17.87 3.01 13.39
N THR C 765 17.45 4.02 14.15
CA THR C 765 18.33 4.58 15.18
C THR C 765 18.55 3.58 16.31
N GLY C 766 17.50 2.85 16.71
CA GLY C 766 17.66 1.85 17.76
C GLY C 766 18.58 0.72 17.38
N ILE C 767 18.60 0.34 16.10
CA ILE C 767 19.58 -0.62 15.63
C ILE C 767 20.99 -0.02 15.68
N ALA C 768 21.13 1.23 15.23
CA ALA C 768 22.44 1.87 15.18
C ALA C 768 22.98 2.16 16.58
N VAL C 769 22.10 2.35 17.56
CA VAL C 769 22.56 2.58 18.93
C VAL C 769 23.15 1.31 19.52
N GLU C 770 22.48 0.17 19.33
CA GLU C 770 22.89 -1.06 20.00
C GLU C 770 24.14 -1.68 19.37
N GLN C 771 24.49 -1.27 18.14
CA GLN C 771 25.73 -1.75 17.55
C GLN C 771 26.94 -1.20 18.28
N ASP C 772 26.81 -0.01 18.89
CA ASP C 772 27.84 0.48 19.80
C ASP C 772 27.94 -0.42 21.02
N LYS C 773 26.79 -0.83 21.56
CA LYS C 773 26.79 -1.67 22.75
C LYS C 773 27.24 -3.10 22.43
N ASN C 774 27.00 -3.56 21.21
CA ASN C 774 27.33 -4.94 20.84
C ASN C 774 28.83 -5.19 20.88
N THR C 775 29.63 -4.22 20.44
CA THR C 775 31.07 -4.29 20.57
C THR C 775 31.57 -3.78 21.92
N GLN C 776 30.66 -3.36 22.80
CA GLN C 776 31.01 -2.95 24.15
C GLN C 776 30.80 -4.05 25.18
N GLU C 777 29.77 -4.90 25.01
CA GLU C 777 29.58 -6.03 25.91
C GLU C 777 30.67 -7.08 25.70
N VAL C 778 31.21 -7.18 24.49
CA VAL C 778 32.15 -8.24 24.18
C VAL C 778 33.57 -7.84 24.59
N PHE C 779 34.11 -6.79 23.98
CA PHE C 779 35.52 -6.47 24.16
C PHE C 779 35.80 -5.78 25.48
N ALA C 780 34.88 -4.95 25.96
CA ALA C 780 35.15 -4.11 27.14
C ALA C 780 34.74 -4.83 28.43
N GLN C 781 35.39 -5.96 28.68
CA GLN C 781 35.17 -6.72 29.90
C GLN C 781 36.19 -6.40 30.98
N VAL C 782 37.14 -5.50 30.72
CA VAL C 782 38.20 -5.16 31.66
C VAL C 782 38.17 -3.67 31.92
N LYS C 783 38.46 -3.29 33.17
CA LYS C 783 38.53 -1.87 33.53
C LYS C 783 39.82 -1.24 33.04
N GLN C 784 40.92 -1.98 33.07
CA GLN C 784 42.25 -1.44 32.83
C GLN C 784 42.83 -2.00 31.55
N ILE C 785 43.51 -1.14 30.79
CA ILE C 785 44.33 -1.59 29.67
C ILE C 785 45.68 -2.00 30.22
N TYR C 786 46.08 -3.23 29.92
CA TYR C 786 47.36 -3.77 30.38
C TYR C 786 48.39 -3.66 29.26
N LYS C 787 49.65 -3.85 29.64
CA LYS C 787 50.75 -3.81 28.69
C LYS C 787 51.64 -5.03 28.87
N THR C 788 52.17 -5.52 27.76
CA THR C 788 53.03 -6.68 27.79
C THR C 788 54.41 -6.28 28.33
N PRO C 789 55.14 -7.24 28.93
CA PRO C 789 56.54 -6.97 29.27
C PRO C 789 57.37 -6.77 28.01
N PRO C 790 58.47 -6.03 28.10
CA PRO C 790 59.29 -5.77 26.89
C PRO C 790 59.93 -7.01 26.29
N ILE C 791 60.08 -8.09 27.05
CA ILE C 791 60.63 -9.34 26.55
C ILE C 791 59.51 -10.37 26.50
N LYS C 792 59.40 -11.08 25.38
CA LYS C 792 58.28 -11.98 25.12
C LYS C 792 58.67 -13.45 25.27
N TYR C 793 59.51 -13.78 26.24
CA TYR C 793 59.88 -15.17 26.51
C TYR C 793 58.99 -15.72 27.60
N PHE C 794 58.26 -16.80 27.30
CA PHE C 794 57.32 -17.42 28.25
C PHE C 794 57.59 -18.91 28.32
N GLY C 795 58.59 -19.29 29.13
CA GLY C 795 58.86 -20.70 29.41
C GLY C 795 59.17 -21.57 28.23
N GLY C 796 59.61 -20.98 27.11
CA GLY C 796 59.79 -21.71 25.87
C GLY C 796 58.62 -21.62 24.91
N PHE C 797 57.46 -21.18 25.38
CA PHE C 797 56.33 -20.98 24.48
C PHE C 797 56.58 -19.75 23.63
N ASN C 798 56.16 -19.80 22.36
CA ASN C 798 56.37 -18.72 21.43
C ASN C 798 55.03 -18.07 21.10
N PHE C 799 54.90 -16.78 21.42
CA PHE C 799 53.68 -16.02 21.20
C PHE C 799 53.89 -14.90 20.19
N SER C 800 54.83 -15.09 19.26
CA SER C 800 55.20 -14.02 18.35
C SER C 800 54.11 -13.74 17.32
N GLN C 801 53.29 -14.73 17.01
CA GLN C 801 52.28 -14.55 15.97
C GLN C 801 51.07 -13.75 16.46
N ILE C 802 50.78 -13.80 17.76
CA ILE C 802 49.53 -13.23 18.27
C ILE C 802 49.75 -11.87 18.91
N LEU C 803 50.89 -11.69 19.56
CA LEU C 803 51.15 -10.40 20.20
C LEU C 803 51.53 -9.36 19.16
N PRO C 804 51.10 -8.11 19.36
CA PRO C 804 51.35 -7.08 18.35
C PRO C 804 52.82 -6.72 18.22
N ASP C 805 53.20 -6.34 17.00
CA ASP C 805 54.57 -5.99 16.63
C ASP C 805 54.64 -4.53 16.20
N PRO C 806 55.71 -3.83 16.54
CA PRO C 806 55.81 -2.40 16.19
C PRO C 806 56.16 -2.13 14.74
N SER C 807 56.39 -3.17 13.93
CA SER C 807 56.68 -2.97 12.51
C SER C 807 55.46 -2.40 11.78
N LYS C 808 54.27 -2.87 12.11
CA LYS C 808 53.06 -2.35 11.51
C LYS C 808 52.79 -0.93 12.02
N PRO C 809 52.37 -0.02 11.14
CA PRO C 809 51.99 1.33 11.60
C PRO C 809 50.80 1.34 12.55
N SER C 810 49.88 0.40 12.41
CA SER C 810 48.69 0.34 13.24
C SER C 810 48.86 -0.53 14.48
N LYS C 811 50.08 -1.05 14.72
CA LYS C 811 50.41 -1.87 15.89
C LYS C 811 49.53 -3.11 15.99
N ARG C 812 49.31 -3.76 14.86
CA ARG C 812 48.52 -4.99 14.82
C ARG C 812 49.45 -6.20 14.94
N SER C 813 48.91 -7.39 14.72
CA SER C 813 49.62 -8.64 14.88
C SER C 813 49.72 -9.37 13.54
N PRO C 814 50.68 -10.29 13.39
CA PRO C 814 50.77 -11.07 12.15
C PRO C 814 49.52 -11.86 11.80
N ILE C 815 48.93 -12.56 12.77
CA ILE C 815 47.77 -13.46 12.41
C ILE C 815 46.51 -12.61 12.33
N GLU C 816 46.66 -11.31 12.52
CA GLU C 816 45.48 -10.45 12.37
C GLU C 816 45.63 -9.88 10.98
N ASP C 817 46.82 -9.99 10.42
CA ASP C 817 46.95 -9.28 9.12
C ASP C 817 46.27 -10.12 8.04
N LEU C 818 46.62 -11.40 7.95
CA LEU C 818 45.90 -12.25 6.96
C LEU C 818 44.45 -11.79 6.95
N LEU C 819 43.83 -11.78 8.12
CA LEU C 819 42.40 -11.42 8.22
C LEU C 819 42.17 -10.14 7.44
N PHE C 820 42.61 -9.02 7.98
CA PHE C 820 42.32 -7.73 7.39
C PHE C 820 42.61 -7.69 5.90
N ASN C 821 43.12 -8.77 5.32
CA ASN C 821 43.37 -8.84 3.89
C ASN C 821 42.44 -9.78 3.14
N LYS C 822 41.94 -10.83 3.80
CA LYS C 822 41.05 -11.79 3.16
C LYS C 822 39.60 -11.34 3.13
N VAL C 823 39.28 -10.20 3.73
CA VAL C 823 37.91 -9.69 3.73
C VAL C 823 37.80 -8.45 2.85
N ILE C 847 29.07 2.70 -4.88
CA ILE C 847 29.18 2.99 -3.45
C ILE C 847 28.90 4.47 -3.20
N CYS C 848 29.37 5.33 -4.11
CA CYS C 848 29.14 6.76 -3.98
C CYS C 848 27.67 7.11 -4.25
N ALA C 849 27.00 6.34 -5.09
CA ALA C 849 25.58 6.57 -5.34
C ALA C 849 24.72 6.19 -4.14
N GLN C 850 25.20 5.28 -3.28
CA GLN C 850 24.47 4.95 -2.06
C GLN C 850 24.42 6.14 -1.11
N LYS C 851 25.54 6.86 -0.96
CA LYS C 851 25.56 8.05 -0.13
C LYS C 851 24.87 9.24 -0.79
N PHE C 852 24.57 9.15 -2.09
CA PHE C 852 23.96 10.24 -2.82
C PHE C 852 22.44 10.13 -2.89
N ASN C 853 21.84 9.13 -2.24
CA ASN C 853 20.40 8.96 -2.23
C ASN C 853 19.89 8.75 -0.81
N GLY C 854 20.55 9.38 0.17
CA GLY C 854 20.10 9.33 1.54
C GLY C 854 20.50 8.10 2.33
N LEU C 855 21.18 7.14 1.70
CA LEU C 855 21.60 5.93 2.41
C LEU C 855 23.03 6.11 2.93
N THR C 856 23.15 7.02 3.90
CA THR C 856 24.44 7.26 4.52
C THR C 856 24.83 6.11 5.42
N VAL C 857 26.14 5.99 5.68
CA VAL C 857 26.69 4.96 6.54
C VAL C 857 27.43 5.66 7.66
N LEU C 858 26.89 5.59 8.88
CA LEU C 858 27.53 6.23 10.01
C LEU C 858 28.79 5.47 10.41
N PRO C 859 29.85 6.17 10.83
CA PRO C 859 31.05 5.48 11.27
C PRO C 859 30.83 4.86 12.65
N PRO C 860 31.52 3.78 12.96
CA PRO C 860 31.39 3.19 14.31
C PRO C 860 32.10 4.05 15.34
N LEU C 861 31.78 3.78 16.61
CA LEU C 861 32.39 4.55 17.69
C LEU C 861 33.80 4.05 18.00
N LEU C 862 33.92 2.77 18.36
CA LEU C 862 35.22 2.18 18.62
C LEU C 862 35.94 1.97 17.30
N THR C 863 36.90 2.84 16.98
CA THR C 863 37.69 2.67 15.78
C THR C 863 38.64 1.49 15.95
N ASP C 864 39.10 0.95 14.82
CA ASP C 864 39.87 -0.29 14.86
C ASP C 864 41.37 -0.06 15.08
N GLU C 865 41.68 0.77 16.06
CA GLU C 865 42.99 0.83 16.69
C GLU C 865 42.88 0.72 18.20
N MET C 866 41.88 1.37 18.79
CA MET C 866 41.56 1.18 20.19
C MET C 866 40.78 -0.11 20.42
N ILE C 867 40.17 -0.67 19.36
CA ILE C 867 39.65 -2.03 19.44
C ILE C 867 40.79 -3.01 19.63
N ALA C 868 41.89 -2.83 18.89
CA ALA C 868 43.06 -3.68 19.06
C ALA C 868 43.73 -3.46 20.41
N GLN C 869 43.60 -2.26 20.99
CA GLN C 869 44.14 -2.02 22.32
C GLN C 869 43.36 -2.79 23.38
N TYR C 870 42.04 -2.88 23.22
CA TYR C 870 41.25 -3.77 24.07
C TYR C 870 41.68 -5.22 23.88
N THR C 871 41.89 -5.64 22.64
CA THR C 871 42.28 -7.01 22.37
C THR C 871 43.66 -7.31 22.92
N SER C 872 44.62 -6.39 22.71
CA SER C 872 45.99 -6.60 23.16
C SER C 872 46.09 -6.64 24.68
N ALA C 873 45.21 -5.92 25.39
CA ALA C 873 45.18 -6.02 26.84
C ALA C 873 44.66 -7.37 27.29
N LEU C 874 43.77 -7.98 26.51
CA LEU C 874 43.18 -9.27 26.92
C LEU C 874 44.22 -10.39 26.89
N LEU C 875 45.05 -10.44 25.84
CA LEU C 875 46.15 -11.39 25.85
C LEU C 875 47.25 -10.96 26.81
N ALA C 876 47.31 -9.67 27.15
CA ALA C 876 48.32 -9.21 28.09
C ALA C 876 48.06 -9.75 29.49
N GLY C 877 46.80 -9.77 29.92
CA GLY C 877 46.49 -10.30 31.23
C GLY C 877 46.39 -11.81 31.27
N THR C 878 46.06 -12.44 30.13
CA THR C 878 45.85 -13.88 30.12
C THR C 878 47.17 -14.63 30.31
N ILE C 879 48.28 -14.04 29.86
CA ILE C 879 49.55 -14.77 29.88
C ILE C 879 50.22 -14.67 31.25
N THR C 880 49.92 -13.62 32.01
CA THR C 880 50.59 -13.40 33.29
C THR C 880 49.65 -13.57 34.48
N SER C 881 48.36 -13.28 34.32
CA SER C 881 47.46 -13.43 35.45
C SER C 881 46.57 -14.67 35.32
N GLY C 882 46.09 -14.96 34.12
CA GLY C 882 45.26 -16.13 33.93
C GLY C 882 43.79 -15.77 33.98
N TRP C 883 43.09 -16.31 34.98
CA TRP C 883 41.66 -16.03 35.11
C TRP C 883 41.40 -14.98 36.19
N THR C 884 42.39 -14.73 37.05
CA THR C 884 42.15 -13.95 38.26
C THR C 884 42.00 -12.47 37.95
N PHE C 885 42.36 -12.04 36.74
CA PHE C 885 42.18 -10.64 36.39
C PHE C 885 40.76 -10.33 35.94
N GLY C 886 39.92 -11.35 35.80
CA GLY C 886 38.53 -11.14 35.46
C GLY C 886 37.63 -10.91 36.66
N ALA C 887 37.99 -11.47 37.81
CA ALA C 887 37.18 -11.35 39.01
C ALA C 887 37.62 -10.18 39.87
N GLY C 888 38.87 -10.21 40.33
CA GLY C 888 39.40 -9.16 41.17
C GLY C 888 40.56 -8.44 40.52
N PRO C 889 41.46 -7.89 41.33
CA PRO C 889 42.67 -7.28 40.78
C PRO C 889 43.60 -8.34 40.19
N ALA C 890 44.41 -7.92 39.22
CA ALA C 890 45.29 -8.83 38.52
C ALA C 890 46.39 -9.34 39.45
N LEU C 891 46.83 -10.57 39.20
CA LEU C 891 47.84 -11.24 40.02
C LEU C 891 48.84 -11.91 39.11
N GLN C 892 50.08 -11.43 39.11
CA GLN C 892 51.09 -11.93 38.18
C GLN C 892 51.62 -13.28 38.66
N ILE C 893 51.56 -14.26 37.77
CA ILE C 893 52.00 -15.64 38.02
C ILE C 893 52.68 -16.12 36.73
N PRO C 894 53.82 -16.82 36.82
CA PRO C 894 54.51 -17.26 35.59
C PRO C 894 53.67 -18.20 34.74
N PHE C 895 53.88 -18.11 33.44
CA PHE C 895 53.09 -18.91 32.49
C PHE C 895 53.21 -20.42 32.64
N PRO C 896 54.40 -21.03 32.86
CA PRO C 896 54.42 -22.48 33.16
C PRO C 896 53.65 -22.85 34.41
N MET C 897 53.52 -21.95 35.38
CA MET C 897 52.66 -22.21 36.52
C MET C 897 51.19 -22.20 36.14
N GLN C 898 50.82 -21.37 35.15
CA GLN C 898 49.41 -21.27 34.76
C GLN C 898 48.96 -22.51 34.00
N MET C 899 49.79 -23.00 33.08
CA MET C 899 49.44 -24.19 32.31
C MET C 899 49.36 -25.44 33.17
N ALA C 900 50.12 -25.49 34.26
CA ALA C 900 49.97 -26.59 35.21
C ALA C 900 48.72 -26.44 36.06
N TYR C 901 48.10 -25.26 36.05
CA TYR C 901 46.82 -25.01 36.70
C TYR C 901 45.65 -25.06 35.74
N ARG C 902 45.91 -25.39 34.47
CA ARG C 902 44.86 -25.66 33.50
C ARG C 902 44.75 -27.14 33.13
N PHE C 903 45.84 -27.89 33.26
CA PHE C 903 45.75 -29.35 33.18
C PHE C 903 44.99 -29.92 34.37
N ASN C 904 45.01 -29.23 35.51
CA ASN C 904 44.38 -29.69 36.74
C ASN C 904 42.86 -29.63 36.70
N GLY C 905 42.23 -29.27 35.58
CA GLY C 905 40.78 -29.26 35.50
C GLY C 905 40.23 -30.17 34.41
N ILE C 906 41.04 -31.10 33.93
CA ILE C 906 40.58 -32.08 32.95
C ILE C 906 40.91 -33.49 33.47
N GLY C 907 41.09 -33.62 34.78
CA GLY C 907 41.35 -34.90 35.39
C GLY C 907 42.77 -35.41 35.25
N VAL C 908 43.69 -34.59 34.74
CA VAL C 908 45.09 -34.95 34.61
C VAL C 908 45.89 -34.17 35.64
N THR C 909 46.55 -34.88 36.55
CA THR C 909 47.35 -34.21 37.56
C THR C 909 48.57 -33.53 36.92
N GLN C 910 49.07 -32.52 37.61
CA GLN C 910 49.95 -31.51 37.04
C GLN C 910 51.37 -32.00 36.74
N ASN C 911 51.74 -33.22 37.14
CA ASN C 911 53.11 -33.67 36.91
C ASN C 911 53.39 -33.97 35.45
N VAL C 912 52.35 -34.12 34.63
CA VAL C 912 52.53 -34.48 33.22
C VAL C 912 53.17 -33.32 32.45
N LEU C 913 52.76 -32.08 32.76
CA LEU C 913 53.21 -30.93 31.97
C LEU C 913 54.71 -30.67 32.15
N TYR C 914 55.18 -30.64 33.39
CA TYR C 914 56.59 -30.34 33.62
C TYR C 914 57.50 -31.50 33.24
N GLU C 915 57.02 -32.73 33.35
CA GLU C 915 57.79 -33.87 32.87
C GLU C 915 57.83 -33.96 31.35
N ASN C 916 57.02 -33.17 30.66
CA ASN C 916 57.00 -33.08 29.21
C ASN C 916 57.07 -31.63 28.77
N GLN C 917 57.91 -30.84 29.44
CA GLN C 917 57.88 -29.39 29.29
C GLN C 917 58.36 -28.94 27.92
N LYS C 918 59.49 -29.49 27.46
CA LYS C 918 60.06 -29.05 26.20
C LYS C 918 59.23 -29.52 25.01
N LEU C 919 58.69 -30.74 25.09
CA LEU C 919 57.90 -31.28 23.98
C LEU C 919 56.59 -30.53 23.81
N ILE C 920 55.88 -30.26 24.90
CA ILE C 920 54.61 -29.54 24.83
C ILE C 920 54.85 -28.10 24.38
N ALA C 921 55.95 -27.49 24.81
CA ALA C 921 56.33 -26.18 24.30
C ALA C 921 56.62 -26.24 22.80
N ASN C 922 57.29 -27.31 22.36
CA ASN C 922 57.46 -27.53 20.92
C ASN C 922 56.15 -27.90 20.25
N GLN C 923 55.27 -28.60 20.97
CA GLN C 923 53.98 -29.00 20.40
C GLN C 923 53.11 -27.79 20.08
N PHE C 924 53.05 -26.82 20.98
CA PHE C 924 52.22 -25.64 20.75
C PHE C 924 52.84 -24.69 19.73
N ASN C 925 54.18 -24.67 19.63
CA ASN C 925 54.84 -23.78 18.69
C ASN C 925 54.54 -24.17 17.25
N SER C 926 54.51 -25.47 16.95
CA SER C 926 54.25 -25.90 15.58
C SER C 926 52.78 -25.73 15.19
N ALA C 927 51.87 -25.83 16.16
CA ALA C 927 50.45 -25.73 15.84
C ALA C 927 50.02 -24.31 15.50
N ILE C 928 50.72 -23.31 16.04
CA ILE C 928 50.34 -21.92 15.79
C ILE C 928 50.64 -21.53 14.35
N GLY C 929 51.82 -21.90 13.84
CA GLY C 929 52.21 -21.52 12.50
C GLY C 929 51.39 -22.16 11.40
N LYS C 930 50.82 -23.35 11.67
CA LYS C 930 49.96 -23.99 10.69
C LYS C 930 48.67 -23.22 10.48
N ILE C 931 48.20 -22.50 11.50
CA ILE C 931 46.95 -21.75 11.41
C ILE C 931 47.07 -20.62 10.38
N GLN C 932 48.23 -19.97 10.33
CA GLN C 932 48.46 -18.92 9.35
C GLN C 932 48.42 -19.47 7.92
N ASP C 933 49.03 -20.63 7.70
CA ASP C 933 49.01 -21.23 6.37
C ASP C 933 47.65 -21.84 6.04
N SER C 934 46.94 -22.38 7.04
CA SER C 934 45.63 -22.97 6.80
C SER C 934 44.62 -21.91 6.37
N LEU C 935 44.66 -20.73 6.99
CA LEU C 935 43.75 -19.67 6.63
C LEU C 935 44.10 -19.05 5.29
N SER C 936 45.40 -18.87 5.02
CA SER C 936 45.81 -18.18 3.80
C SER C 936 45.66 -19.06 2.56
N SER C 937 46.05 -20.34 2.65
CA SER C 937 46.09 -21.18 1.47
C SER C 937 44.70 -21.63 1.03
N THR C 938 43.75 -21.72 1.96
CA THR C 938 42.40 -22.10 1.61
C THR C 938 41.73 -21.00 0.80
N PRO C 939 40.80 -21.35 -0.09
CA PRO C 939 40.08 -20.29 -0.83
C PRO C 939 39.23 -19.40 0.06
N SER C 940 38.32 -19.98 0.84
CA SER C 940 37.43 -19.18 1.68
C SER C 940 37.03 -20.03 2.88
N ALA C 941 37.71 -19.81 4.01
CA ALA C 941 37.27 -20.35 5.29
C ALA C 941 36.53 -19.32 6.14
N LEU C 942 36.65 -18.04 5.79
CA LEU C 942 35.97 -16.96 6.49
C LEU C 942 34.59 -16.69 5.90
N GLY C 943 33.79 -17.75 5.76
CA GLY C 943 32.45 -17.59 5.25
C GLY C 943 31.47 -17.01 6.24
N LYS C 944 31.77 -17.09 7.53
CA LYS C 944 30.86 -16.62 8.57
C LYS C 944 30.92 -15.11 8.79
N LEU C 945 31.91 -14.43 8.21
CA LEU C 945 31.91 -12.97 8.17
C LEU C 945 31.67 -12.42 6.78
N GLN C 946 31.98 -13.17 5.73
CA GLN C 946 31.69 -12.73 4.38
C GLN C 946 30.19 -12.66 4.11
N ASP C 947 29.40 -13.52 4.78
CA ASP C 947 27.96 -13.51 4.59
C ASP C 947 27.33 -12.22 5.12
N VAL C 948 27.84 -11.72 6.25
CA VAL C 948 27.26 -10.53 6.88
C VAL C 948 27.45 -9.31 5.99
N VAL C 949 28.65 -9.13 5.42
CA VAL C 949 28.91 -8.02 4.52
C VAL C 949 28.11 -8.18 3.23
N ASN C 950 28.08 -9.40 2.67
CA ASN C 950 27.41 -9.61 1.40
C ASN C 950 25.89 -9.55 1.52
N HIS C 951 25.34 -9.84 2.69
CA HIS C 951 23.89 -9.75 2.87
C HIS C 951 23.43 -8.30 2.89
N ASN C 952 24.16 -7.43 3.59
CA ASN C 952 23.77 -6.03 3.66
C ASN C 952 24.04 -5.30 2.36
N ALA C 953 25.11 -5.66 1.65
CA ALA C 953 25.38 -5.06 0.35
C ALA C 953 24.33 -5.48 -0.67
N GLN C 954 23.81 -6.70 -0.56
CA GLN C 954 22.75 -7.16 -1.44
C GLN C 954 21.45 -6.42 -1.15
N ALA C 955 21.17 -6.15 0.13
CA ALA C 955 19.93 -5.47 0.49
C ALA C 955 19.92 -4.02 0.01
N LEU C 956 21.06 -3.34 0.09
CA LEU C 956 21.12 -1.94 -0.36
C LEU C 956 21.04 -1.84 -1.88
N ASN C 957 21.54 -2.85 -2.60
CA ASN C 957 21.48 -2.83 -4.06
C ASN C 957 20.04 -2.91 -4.56
N THR C 958 19.23 -3.78 -3.95
CA THR C 958 17.82 -3.85 -4.31
C THR C 958 17.06 -2.60 -3.90
N LEU C 959 17.52 -1.92 -2.85
CA LEU C 959 16.88 -0.67 -2.43
C LEU C 959 17.10 0.42 -3.45
N VAL C 960 18.32 0.55 -3.99
CA VAL C 960 18.59 1.56 -5.00
C VAL C 960 17.94 1.19 -6.33
N LYS C 961 17.99 -0.10 -6.69
CA LYS C 961 17.40 -0.54 -7.96
C LYS C 961 15.88 -0.48 -7.94
N GLN C 962 15.26 -0.40 -6.76
CA GLN C 962 13.81 -0.23 -6.68
C GLN C 962 13.36 1.16 -7.08
N LEU C 963 14.28 2.12 -7.17
CA LEU C 963 13.90 3.46 -7.61
C LEU C 963 13.50 3.48 -9.08
N SER C 964 14.15 2.66 -9.91
CA SER C 964 13.85 2.62 -11.34
C SER C 964 12.76 1.61 -11.66
N SER C 965 11.64 1.70 -10.95
CA SER C 965 10.46 0.89 -11.21
C SER C 965 9.26 1.81 -11.32
N LYS C 966 8.47 1.64 -12.37
CA LYS C 966 7.39 2.58 -12.64
C LYS C 966 6.25 2.45 -11.65
N PHE C 967 6.06 1.25 -11.08
CA PHE C 967 4.98 0.96 -10.12
C PHE C 967 3.61 1.29 -10.72
N GLY C 968 3.45 1.03 -12.00
CA GLY C 968 2.22 1.36 -12.69
C GLY C 968 1.96 2.84 -12.84
N ALA C 969 2.99 3.64 -13.08
CA ALA C 969 2.85 5.06 -13.31
C ALA C 969 3.40 5.41 -14.68
N ILE C 970 3.46 6.72 -14.98
CA ILE C 970 3.94 7.17 -16.28
C ILE C 970 5.42 6.89 -16.44
N SER C 971 6.21 7.25 -15.44
CA SER C 971 7.66 7.11 -15.53
C SER C 971 8.24 7.01 -14.14
N SER C 972 9.50 6.60 -14.06
CA SER C 972 10.20 6.39 -12.80
C SER C 972 11.06 7.57 -12.39
N VAL C 973 10.91 8.72 -13.07
CA VAL C 973 11.64 9.93 -12.75
C VAL C 973 10.63 10.92 -12.18
N LEU C 974 10.91 11.42 -10.97
CA LEU C 974 9.98 12.33 -10.32
C LEU C 974 9.98 13.71 -10.97
N ASN C 975 11.10 14.12 -11.56
CA ASN C 975 11.18 15.43 -12.19
C ASN C 975 10.37 15.49 -13.49
N ASP C 976 10.31 14.38 -14.23
CA ASP C 976 9.58 14.38 -15.50
C ASP C 976 8.07 14.48 -15.29
N ILE C 977 7.56 13.89 -14.21
CA ILE C 977 6.13 13.94 -13.94
C ILE C 977 5.69 15.37 -13.63
N LEU C 978 6.52 16.12 -12.89
CA LEU C 978 6.22 17.51 -12.61
C LEU C 978 6.36 18.41 -13.83
N SER C 979 7.17 18.02 -14.81
CA SER C 979 7.43 18.86 -15.97
C SER C 979 6.50 18.58 -17.14
N ARG C 980 5.62 17.58 -17.03
CA ARG C 980 4.76 17.21 -18.15
C ARG C 980 3.27 17.25 -17.82
N LEU C 981 2.89 17.31 -16.55
CA LEU C 981 1.49 17.25 -16.16
C LEU C 981 1.12 18.46 -15.31
N ASP C 982 -0.16 18.82 -15.37
CA ASP C 982 -0.69 19.85 -14.48
C ASP C 982 -0.81 19.32 -13.05
N PRO C 983 -0.76 20.21 -12.05
CA PRO C 983 -0.83 19.78 -10.64
C PRO C 983 -2.10 19.01 -10.25
N PRO C 984 -3.29 19.29 -10.82
CA PRO C 984 -4.45 18.44 -10.45
C PRO C 984 -4.31 16.98 -10.81
N GLU C 985 -3.62 16.64 -11.89
CA GLU C 985 -3.44 15.26 -12.30
C GLU C 985 -2.13 14.66 -11.80
N ALA C 986 -1.12 15.49 -11.59
CA ALA C 986 0.21 14.99 -11.21
C ALA C 986 0.20 14.31 -9.84
N GLU C 987 -0.69 14.74 -8.94
CA GLU C 987 -0.77 14.13 -7.62
C GLU C 987 -1.26 12.69 -7.66
N VAL C 988 -1.97 12.29 -8.73
CA VAL C 988 -2.39 10.91 -8.86
C VAL C 988 -1.19 10.00 -9.13
N GLN C 989 -0.34 10.40 -10.08
CA GLN C 989 0.82 9.60 -10.43
C GLN C 989 1.90 9.64 -9.36
N ILE C 990 2.04 10.78 -8.67
CA ILE C 990 3.00 10.87 -7.56
C ILE C 990 2.58 9.95 -6.42
N ASP C 991 1.27 9.87 -6.15
CA ASP C 991 0.77 8.99 -5.10
C ASP C 991 1.03 7.53 -5.41
N ARG C 992 1.10 7.16 -6.69
CA ARG C 992 1.43 5.79 -7.05
C ARG C 992 2.87 5.45 -6.70
N LEU C 993 3.80 6.38 -6.95
CA LEU C 993 5.20 6.12 -6.63
C LEU C 993 5.47 6.19 -5.13
N ILE C 994 4.72 7.05 -4.41
CA ILE C 994 4.94 7.18 -2.98
C ILE C 994 4.51 5.91 -2.24
N THR C 995 3.33 5.37 -2.60
CA THR C 995 2.88 4.15 -1.95
C THR C 995 3.64 2.91 -2.41
N GLY C 996 4.45 3.03 -3.45
CA GLY C 996 5.26 1.92 -3.89
C GLY C 996 6.65 1.94 -3.30
N ARG C 997 7.27 3.13 -3.27
CA ARG C 997 8.59 3.27 -2.66
C ARG C 997 8.54 3.08 -1.15
N LEU C 998 7.46 3.52 -0.50
CA LEU C 998 7.30 3.30 0.92
C LEU C 998 7.09 1.82 1.24
N GLN C 999 6.43 1.10 0.32
CA GLN C 999 6.25 -0.34 0.51
C GLN C 999 7.59 -1.07 0.48
N SER C 1000 8.47 -0.69 -0.45
CA SER C 1000 9.79 -1.31 -0.50
C SER C 1000 10.66 -0.88 0.67
N LEU C 1001 10.48 0.35 1.14
CA LEU C 1001 11.23 0.81 2.31
C LEU C 1001 10.76 0.12 3.59
N GLN C 1002 9.46 -0.17 3.69
CA GLN C 1002 8.95 -0.85 4.87
C GLN C 1002 9.37 -2.32 4.91
N THR C 1003 9.59 -2.93 3.74
CA THR C 1003 10.10 -4.29 3.71
C THR C 1003 11.56 -4.34 4.13
N TYR C 1004 12.31 -3.28 3.83
CA TYR C 1004 13.73 -3.24 4.18
C TYR C 1004 13.93 -3.17 5.69
N VAL C 1005 13.15 -2.33 6.38
CA VAL C 1005 13.34 -2.19 7.83
C VAL C 1005 12.81 -3.41 8.57
N THR C 1006 11.83 -4.11 7.99
CA THR C 1006 11.33 -5.33 8.63
C THR C 1006 12.37 -6.44 8.55
N GLN C 1007 12.96 -6.63 7.37
CA GLN C 1007 14.06 -7.60 7.25
C GLN C 1007 15.31 -7.15 7.97
N GLN C 1008 15.46 -5.85 8.22
CA GLN C 1008 16.58 -5.38 9.01
C GLN C 1008 16.42 -5.79 10.47
N LEU C 1009 15.20 -5.71 11.00
CA LEU C 1009 14.97 -5.97 12.41
C LEU C 1009 15.15 -7.44 12.74
N ILE C 1010 14.75 -8.33 11.83
CA ILE C 1010 14.92 -9.76 12.07
C ILE C 1010 16.39 -10.14 12.04
N ARG C 1011 17.13 -9.64 11.05
CA ARG C 1011 18.55 -9.96 10.95
C ARG C 1011 19.36 -9.32 12.08
N ALA C 1012 18.98 -8.11 12.50
CA ALA C 1012 19.68 -7.49 13.62
C ALA C 1012 19.40 -8.21 14.93
N ALA C 1013 18.24 -8.88 15.03
CA ALA C 1013 17.97 -9.72 16.19
C ALA C 1013 18.77 -11.02 16.17
N GLU C 1014 19.24 -11.44 14.99
CA GLU C 1014 20.08 -12.63 14.90
C GLU C 1014 21.49 -12.36 15.38
N ILE C 1015 22.00 -11.15 15.13
CA ILE C 1015 23.36 -10.82 15.53
C ILE C 1015 23.47 -10.72 17.04
N ARG C 1016 22.45 -10.14 17.70
CA ARG C 1016 22.44 -10.08 19.15
C ARG C 1016 22.29 -11.46 19.76
N ALA C 1017 21.65 -12.40 19.04
CA ALA C 1017 21.64 -13.79 19.47
C ALA C 1017 23.01 -14.45 19.36
N SER C 1018 23.89 -13.89 18.51
CA SER C 1018 25.26 -14.39 18.39
C SER C 1018 26.28 -13.52 19.11
N ALA C 1019 25.98 -12.23 19.31
CA ALA C 1019 26.85 -11.40 20.12
C ALA C 1019 26.75 -11.76 21.60
N ASN C 1020 25.59 -12.24 22.03
CA ASN C 1020 25.45 -12.69 23.41
C ASN C 1020 26.16 -14.01 23.64
N LEU C 1021 26.28 -14.84 22.61
CA LEU C 1021 27.09 -16.04 22.72
C LEU C 1021 28.58 -15.69 22.79
N ALA C 1022 29.03 -14.77 21.95
CA ALA C 1022 30.43 -14.35 21.97
C ALA C 1022 30.77 -13.61 23.25
N ALA C 1023 29.80 -12.89 23.83
CA ALA C 1023 30.01 -12.28 25.14
C ALA C 1023 30.19 -13.34 26.21
N THR C 1024 29.42 -14.43 26.13
CA THR C 1024 29.57 -15.52 27.08
C THR C 1024 30.81 -16.37 26.77
N LYS C 1025 31.11 -16.57 25.48
CA LYS C 1025 32.24 -17.40 25.10
C LYS C 1025 33.56 -16.74 25.46
N MET C 1026 33.62 -15.41 25.40
CA MET C 1026 34.82 -14.70 25.79
C MET C 1026 34.92 -14.54 27.31
N SER C 1027 33.80 -14.64 28.01
CA SER C 1027 33.80 -14.54 29.47
C SER C 1027 33.88 -15.91 30.13
N GLU C 1028 33.95 -16.99 29.36
CA GLU C 1028 34.10 -18.33 29.93
C GLU C 1028 35.35 -19.03 29.46
N CYS C 1029 35.62 -19.05 28.15
CA CYS C 1029 36.82 -19.72 27.65
C CYS C 1029 38.08 -18.91 27.94
N VAL C 1030 38.00 -17.58 27.85
CA VAL C 1030 39.20 -16.76 28.03
C VAL C 1030 39.48 -16.54 29.52
N LEU C 1031 38.48 -16.05 30.26
CA LEU C 1031 38.65 -15.71 31.66
C LEU C 1031 38.41 -16.89 32.59
N GLY C 1032 38.51 -18.11 32.09
CA GLY C 1032 38.33 -19.29 32.92
C GLY C 1032 38.52 -20.53 32.09
N GLN C 1033 38.38 -21.68 32.76
CA GLN C 1033 38.44 -22.97 32.09
C GLN C 1033 37.05 -23.60 32.18
N SER C 1034 36.33 -23.60 31.06
CA SER C 1034 34.98 -24.12 31.03
C SER C 1034 34.98 -25.65 31.08
N LYS C 1035 33.94 -26.20 31.70
CA LYS C 1035 33.74 -27.64 31.77
C LYS C 1035 32.51 -28.08 30.99
N ARG C 1036 32.03 -27.25 30.08
CA ARG C 1036 30.92 -27.61 29.21
C ARG C 1036 31.46 -28.28 27.96
N VAL C 1037 30.97 -29.49 27.69
CA VAL C 1037 31.52 -30.30 26.61
C VAL C 1037 31.13 -29.72 25.26
N ASP C 1038 32.11 -29.60 24.37
CA ASP C 1038 31.95 -29.06 23.02
C ASP C 1038 31.37 -27.65 23.02
N PHE C 1039 31.88 -26.82 23.92
CA PHE C 1039 31.61 -25.39 23.93
C PHE C 1039 32.85 -24.57 23.64
N CYS C 1040 33.91 -24.75 24.41
CA CYS C 1040 35.19 -24.08 24.18
C CYS C 1040 36.10 -25.08 23.46
N GLY C 1041 35.90 -25.24 22.16
CA GLY C 1041 36.66 -26.17 21.37
C GLY C 1041 36.07 -27.58 21.38
N LYS C 1042 36.69 -28.45 20.59
CA LYS C 1042 36.21 -29.82 20.40
C LYS C 1042 37.08 -30.77 21.23
N GLY C 1043 36.73 -30.91 22.50
CA GLY C 1043 37.42 -31.81 23.39
C GLY C 1043 37.63 -31.15 24.73
N TYR C 1044 38.60 -31.69 25.48
CA TYR C 1044 38.96 -31.08 26.76
C TYR C 1044 39.65 -29.74 26.50
N HIS C 1045 39.18 -28.71 27.19
CA HIS C 1045 39.56 -27.33 26.89
C HIS C 1045 40.66 -26.86 27.83
N LEU C 1046 41.61 -26.10 27.28
CA LEU C 1046 42.68 -25.51 28.07
C LEU C 1046 42.53 -24.01 28.24
N MET C 1047 42.49 -23.27 27.14
CA MET C 1047 42.43 -21.81 27.18
C MET C 1047 41.96 -21.32 25.82
N SER C 1048 42.07 -20.02 25.59
CA SER C 1048 41.65 -19.43 24.32
C SER C 1048 42.46 -18.18 24.06
N PHE C 1049 42.24 -17.59 22.88
CA PHE C 1049 43.01 -16.43 22.43
C PHE C 1049 42.13 -15.63 21.48
N PRO C 1050 41.53 -14.54 21.96
CA PRO C 1050 40.69 -13.73 21.06
C PRO C 1050 41.52 -12.95 20.07
N GLN C 1051 40.99 -12.82 18.86
CA GLN C 1051 41.60 -12.01 17.81
C GLN C 1051 40.52 -11.22 17.10
N SER C 1052 40.79 -9.95 16.84
CA SER C 1052 39.79 -9.08 16.23
C SER C 1052 39.63 -9.39 14.75
N ALA C 1053 38.54 -8.89 14.19
CA ALA C 1053 38.18 -9.13 12.79
C ALA C 1053 37.20 -8.05 12.36
N PRO C 1054 37.08 -7.79 11.05
CA PRO C 1054 36.06 -6.84 10.60
C PRO C 1054 34.65 -7.34 10.83
N HIS C 1055 33.91 -6.65 11.72
CA HIS C 1055 32.54 -6.99 12.10
C HIS C 1055 32.44 -8.42 12.62
N GLY C 1056 33.41 -8.82 13.44
CA GLY C 1056 33.39 -10.16 13.98
C GLY C 1056 34.55 -10.37 14.93
N VAL C 1057 34.78 -11.64 15.25
CA VAL C 1057 35.86 -12.02 16.14
C VAL C 1057 36.26 -13.46 15.80
N VAL C 1058 37.53 -13.78 16.04
CA VAL C 1058 38.10 -15.08 15.72
C VAL C 1058 38.79 -15.62 16.96
N PHE C 1059 38.43 -16.84 17.35
CA PHE C 1059 39.00 -17.48 18.53
C PHE C 1059 40.05 -18.51 18.13
N LEU C 1060 40.91 -18.86 19.09
CA LEU C 1060 41.89 -19.94 18.94
C LEU C 1060 41.73 -20.86 20.15
N HIS C 1061 40.84 -21.85 20.02
CA HIS C 1061 40.53 -22.74 21.13
C HIS C 1061 41.62 -23.81 21.23
N VAL C 1062 42.52 -23.65 22.21
CA VAL C 1062 43.52 -24.68 22.46
C VAL C 1062 42.86 -25.86 23.15
N THR C 1063 43.03 -27.05 22.57
CA THR C 1063 42.26 -28.23 22.95
C THR C 1063 43.20 -29.40 23.16
N TYR C 1064 42.80 -30.32 24.05
CA TYR C 1064 43.59 -31.49 24.40
C TYR C 1064 42.90 -32.75 23.89
N VAL C 1065 43.62 -33.57 23.14
CA VAL C 1065 43.04 -34.74 22.48
C VAL C 1065 43.96 -35.95 22.64
N PRO C 1066 43.47 -37.08 23.17
CA PRO C 1066 44.31 -38.28 23.28
C PRO C 1066 44.57 -38.93 21.94
N ALA C 1067 45.68 -39.67 21.86
CA ALA C 1067 46.15 -40.22 20.59
C ALA C 1067 46.16 -41.75 20.57
N GLN C 1068 46.85 -42.42 21.49
CA GLN C 1068 47.18 -43.82 21.36
C GLN C 1068 46.56 -44.62 22.50
N GLU C 1069 45.87 -45.71 22.16
CA GLU C 1069 45.17 -46.56 23.12
C GLU C 1069 45.91 -47.88 23.30
N LYS C 1070 45.51 -48.59 24.36
CA LYS C 1070 46.08 -49.90 24.67
C LYS C 1070 45.13 -50.64 25.62
N ASN C 1071 44.72 -51.85 25.22
CA ASN C 1071 43.75 -52.59 26.01
C ASN C 1071 44.37 -53.13 27.30
N PHE C 1072 43.52 -53.38 28.27
CA PHE C 1072 43.91 -53.98 29.55
C PHE C 1072 42.74 -54.85 30.03
N THR C 1073 42.77 -55.21 31.33
CA THR C 1073 41.69 -55.96 31.94
C THR C 1073 41.41 -55.39 33.31
N THR C 1074 40.13 -55.30 33.68
CA THR C 1074 39.69 -54.56 34.85
C THR C 1074 38.85 -55.43 35.78
N ALA C 1075 38.58 -54.88 36.96
CA ALA C 1075 37.70 -55.42 37.98
C ALA C 1075 37.17 -54.22 38.77
N PRO C 1076 35.86 -54.17 39.05
CA PRO C 1076 35.29 -52.96 39.67
C PRO C 1076 35.81 -52.65 41.07
N ALA C 1077 36.20 -53.67 41.83
CA ALA C 1077 36.74 -53.45 43.16
C ALA C 1077 37.89 -54.44 43.37
N ILE C 1078 38.43 -54.46 44.59
CA ILE C 1078 39.56 -55.32 44.95
C ILE C 1078 39.31 -55.86 46.36
N CYS C 1079 39.44 -57.17 46.52
CA CYS C 1079 39.24 -57.82 47.82
C CYS C 1079 40.58 -58.35 48.30
N HIS C 1080 41.00 -57.94 49.50
CA HIS C 1080 42.27 -58.35 50.06
C HIS C 1080 42.11 -59.12 51.37
N ASP C 1081 41.38 -58.59 52.33
CA ASP C 1081 41.22 -59.19 53.65
C ASP C 1081 39.74 -59.35 53.99
N GLY C 1082 38.98 -59.87 53.04
CA GLY C 1082 37.56 -60.06 53.23
C GLY C 1082 36.71 -58.81 53.08
N LYS C 1083 37.28 -57.73 52.56
CA LYS C 1083 36.54 -56.49 52.35
C LYS C 1083 36.92 -55.90 50.99
N ALA C 1084 35.96 -55.21 50.38
CA ALA C 1084 36.19 -54.60 49.09
C ALA C 1084 37.08 -53.36 49.22
N HIS C 1085 37.67 -52.96 48.11
CA HIS C 1085 38.50 -51.77 48.05
C HIS C 1085 38.21 -51.01 46.77
N PHE C 1086 38.19 -49.68 46.88
CA PHE C 1086 37.86 -48.79 45.79
C PHE C 1086 38.97 -47.77 45.63
N PRO C 1087 39.26 -47.30 44.40
CA PRO C 1087 40.28 -46.27 44.25
C PRO C 1087 39.80 -44.93 44.78
N ARG C 1088 40.76 -44.10 45.18
CA ARG C 1088 40.42 -42.74 45.61
C ARG C 1088 39.89 -41.93 44.43
N GLU C 1089 40.63 -41.93 43.32
CA GLU C 1089 40.14 -41.39 42.06
C GLU C 1089 40.94 -42.04 40.94
N GLY C 1090 40.33 -42.97 40.22
CA GLY C 1090 41.02 -43.66 39.16
C GLY C 1090 40.31 -44.96 38.80
N VAL C 1091 40.96 -45.72 37.93
CA VAL C 1091 40.43 -46.97 37.38
C VAL C 1091 41.44 -48.07 37.66
N PHE C 1092 40.96 -49.22 38.15
CA PHE C 1092 41.81 -50.39 38.21
C PHE C 1092 42.05 -50.93 36.80
N VAL C 1093 43.30 -51.29 36.52
CA VAL C 1093 43.70 -51.91 35.26
C VAL C 1093 44.65 -53.05 35.57
N SER C 1094 44.88 -53.90 34.57
CA SER C 1094 45.82 -55.01 34.72
C SER C 1094 46.39 -55.35 33.36
N ASN C 1095 47.68 -55.71 33.35
CA ASN C 1095 48.38 -56.07 32.13
C ASN C 1095 48.58 -57.59 32.01
N GLY C 1096 47.84 -58.37 32.78
CA GLY C 1096 47.89 -59.81 32.70
C GLY C 1096 48.32 -60.48 33.98
N THR C 1097 49.35 -59.92 34.63
CA THR C 1097 49.87 -60.48 35.88
C THR C 1097 49.76 -59.51 37.04
N HIS C 1098 50.18 -58.26 36.84
CA HIS C 1098 50.22 -57.27 37.92
C HIS C 1098 49.07 -56.28 37.76
N TRP C 1099 48.35 -56.04 38.84
CA TRP C 1099 47.23 -55.12 38.84
C TRP C 1099 47.71 -53.71 39.17
N PHE C 1100 47.03 -52.72 38.59
CA PHE C 1100 47.45 -51.33 38.75
C PHE C 1100 46.21 -50.44 38.78
N VAL C 1101 46.37 -49.28 39.43
CA VAL C 1101 45.40 -48.19 39.37
C VAL C 1101 46.07 -47.01 38.67
N THR C 1102 45.37 -46.43 37.70
CA THR C 1102 45.94 -45.38 36.87
C THR C 1102 44.98 -44.20 36.80
N GLN C 1103 45.47 -43.10 36.22
CA GLN C 1103 44.61 -41.97 35.93
C GLN C 1103 43.71 -42.30 34.75
N ARG C 1104 42.67 -41.49 34.58
CA ARG C 1104 41.56 -41.83 33.69
C ARG C 1104 41.62 -41.10 32.36
N ASN C 1105 42.70 -40.38 32.07
CA ASN C 1105 42.87 -39.77 30.76
C ASN C 1105 44.28 -39.84 30.20
N PHE C 1106 45.19 -40.56 30.86
CA PHE C 1106 46.57 -40.72 30.42
C PHE C 1106 47.17 -41.88 31.18
N TYR C 1107 47.87 -42.76 30.48
CA TYR C 1107 48.38 -43.98 31.08
C TYR C 1107 49.53 -43.67 32.03
N GLU C 1108 49.33 -43.94 33.32
CA GLU C 1108 50.38 -43.86 34.32
C GLU C 1108 49.99 -44.78 35.47
N PRO C 1109 50.53 -45.99 35.53
CA PRO C 1109 50.17 -46.91 36.61
C PRO C 1109 50.92 -46.62 37.90
N GLN C 1110 50.35 -47.10 39.00
CA GLN C 1110 50.97 -47.00 40.31
C GLN C 1110 50.71 -48.28 41.08
N ILE C 1111 51.56 -48.53 42.08
CA ILE C 1111 51.29 -49.61 43.02
C ILE C 1111 50.07 -49.26 43.86
N ILE C 1112 49.33 -50.26 44.28
CA ILE C 1112 48.06 -50.08 44.97
C ILE C 1112 48.33 -50.29 46.45
N THR C 1113 48.45 -49.20 47.19
CA THR C 1113 48.67 -49.21 48.63
C THR C 1113 47.40 -48.76 49.35
N THR C 1114 47.50 -48.63 50.67
CA THR C 1114 46.36 -48.16 51.46
C THR C 1114 46.03 -46.70 51.21
N ASP C 1115 46.99 -45.93 50.70
CA ASP C 1115 46.72 -44.53 50.36
C ASP C 1115 45.72 -44.41 49.22
N ASN C 1116 45.85 -45.27 48.21
CA ASN C 1116 44.98 -45.20 47.05
C ASN C 1116 43.58 -45.73 47.31
N THR C 1117 43.39 -46.53 48.37
CA THR C 1117 42.15 -47.24 48.59
C THR C 1117 41.46 -46.77 49.87
N PHE C 1118 40.14 -46.62 49.80
CA PHE C 1118 39.29 -46.48 50.97
C PHE C 1118 38.41 -47.72 51.06
N VAL C 1119 38.37 -48.32 52.24
CA VAL C 1119 37.69 -49.60 52.43
C VAL C 1119 36.23 -49.38 52.81
N SER C 1120 35.33 -50.03 52.08
CA SER C 1120 33.91 -49.98 52.37
C SER C 1120 33.25 -51.18 51.69
N GLY C 1121 32.93 -52.19 52.47
CA GLY C 1121 32.24 -53.35 51.94
C GLY C 1121 32.50 -54.59 52.78
N ASN C 1122 32.11 -55.74 52.24
CA ASN C 1122 32.26 -57.00 52.94
C ASN C 1122 32.72 -58.14 52.05
N CYS C 1123 33.10 -57.86 50.79
CA CYS C 1123 33.53 -58.86 49.81
C CYS C 1123 32.47 -59.95 49.59
N ASP C 1124 31.20 -59.54 49.52
CA ASP C 1124 30.11 -60.49 49.40
C ASP C 1124 29.06 -60.13 48.35
N VAL C 1125 28.96 -58.88 47.92
CA VAL C 1125 27.88 -58.43 47.06
C VAL C 1125 28.36 -58.09 45.66
N VAL C 1126 29.51 -57.42 45.54
CA VAL C 1126 30.01 -57.00 44.24
C VAL C 1126 30.47 -58.20 43.43
N ILE C 1127 30.16 -58.19 42.14
CA ILE C 1127 30.57 -59.23 41.20
C ILE C 1127 31.77 -58.74 40.43
N GLY C 1128 32.57 -59.68 39.94
CA GLY C 1128 33.78 -59.34 39.21
C GLY C 1128 34.97 -58.98 40.08
N ILE C 1129 34.81 -58.98 41.41
CA ILE C 1129 35.90 -58.61 42.30
C ILE C 1129 36.90 -59.76 42.38
N VAL C 1130 38.19 -59.43 42.32
CA VAL C 1130 39.23 -60.43 42.27
C VAL C 1130 40.08 -60.34 43.54
N ASN C 1131 40.77 -61.44 43.83
CA ASN C 1131 41.69 -61.48 44.95
C ASN C 1131 42.99 -60.80 44.59
N ASN C 1132 43.48 -59.94 45.48
CA ASN C 1132 44.70 -59.18 45.24
C ASN C 1132 45.31 -58.83 46.59
N THR C 1133 46.29 -57.94 46.58
CA THR C 1133 46.93 -57.47 47.79
C THR C 1133 47.10 -55.96 47.74
N VAL C 1134 47.04 -55.33 48.90
CA VAL C 1134 47.34 -53.92 49.05
C VAL C 1134 48.51 -53.80 50.03
N TYR C 1135 49.16 -52.65 50.00
CA TYR C 1135 50.39 -52.46 50.76
C TYR C 1135 50.22 -51.39 51.82
N ASP C 1136 50.90 -51.60 52.95
CA ASP C 1136 50.96 -50.62 54.03
C ASP C 1136 52.32 -49.95 54.02
N PRO C 1137 52.39 -48.63 53.81
CA PRO C 1137 53.70 -47.95 53.89
C PRO C 1137 54.34 -48.03 55.26
N LEU C 1138 53.53 -48.12 56.32
CA LEU C 1138 54.06 -48.25 57.68
C LEU C 1138 54.64 -49.63 57.93
N GLN C 1139 54.23 -50.64 57.16
CA GLN C 1139 54.65 -52.02 57.41
C GLN C 1139 56.16 -52.25 57.27
N PRO C 1140 56.88 -51.76 56.25
CA PRO C 1140 58.34 -51.92 56.27
C PRO C 1140 59.02 -51.20 57.42
N GLU C 1141 58.48 -50.07 57.87
CA GLU C 1141 59.08 -49.33 58.97
C GLU C 1141 58.31 -49.56 60.26
N GLN D 1 -55.47 28.06 3.23
CA GLN D 1 -54.66 27.90 4.44
C GLN D 1 -54.05 29.23 4.86
N VAL D 2 -53.55 29.97 3.88
CA VAL D 2 -52.97 31.29 4.14
C VAL D 2 -54.09 32.25 4.52
N GLN D 3 -54.06 32.75 5.76
CA GLN D 3 -55.16 33.52 6.31
C GLN D 3 -54.68 34.93 6.67
N LEU D 4 -55.46 35.93 6.29
CA LEU D 4 -55.11 37.31 6.55
C LEU D 4 -56.40 38.10 6.76
N VAL D 5 -56.48 38.84 7.87
CA VAL D 5 -57.70 39.49 8.29
C VAL D 5 -57.41 40.96 8.58
N GLN D 6 -58.41 41.81 8.39
CA GLN D 6 -58.34 43.23 8.71
C GLN D 6 -59.36 43.56 9.79
N SER D 7 -59.39 44.83 10.18
CA SER D 7 -60.26 45.27 11.26
C SER D 7 -61.67 45.57 10.73
N GLY D 8 -62.54 46.04 11.62
CA GLY D 8 -63.92 46.31 11.27
C GLY D 8 -64.15 47.73 10.78
N ALA D 9 -65.40 48.01 10.43
CA ALA D 9 -65.78 49.33 9.96
C ALA D 9 -65.95 50.30 11.12
N GLU D 10 -65.66 51.56 10.85
CA GLU D 10 -65.76 52.62 11.85
C GLU D 10 -65.91 53.96 11.16
N VAL D 11 -66.58 54.90 11.82
CA VAL D 11 -66.74 56.26 11.34
C VAL D 11 -65.85 57.17 12.17
N LYS D 12 -65.21 58.14 11.52
CA LYS D 12 -64.26 59.00 12.20
C LYS D 12 -64.37 60.42 11.66
N LYS D 13 -64.06 61.37 12.53
CA LYS D 13 -63.97 62.78 12.15
C LYS D 13 -62.60 63.03 11.55
N PRO D 14 -62.50 63.60 10.34
CA PRO D 14 -61.20 63.95 9.77
C PRO D 14 -60.43 64.93 10.66
N GLY D 15 -59.12 64.71 10.74
CA GLY D 15 -58.26 65.43 11.65
C GLY D 15 -57.81 64.65 12.86
N ALA D 16 -58.29 63.41 13.01
CA ALA D 16 -57.93 62.53 14.10
C ALA D 16 -56.89 61.51 13.63
N SER D 17 -56.63 60.51 14.47
CA SER D 17 -55.72 59.41 14.12
C SER D 17 -56.51 58.11 14.08
N VAL D 18 -56.43 57.40 12.95
CA VAL D 18 -57.11 56.14 12.76
C VAL D 18 -56.11 55.01 12.97
N LYS D 19 -56.51 54.01 13.76
CA LYS D 19 -55.71 52.81 14.01
C LYS D 19 -56.40 51.62 13.36
N VAL D 20 -55.69 50.96 12.45
CA VAL D 20 -56.23 49.85 11.67
C VAL D 20 -55.31 48.65 11.85
N SER D 21 -55.91 47.48 12.13
CA SER D 21 -55.17 46.26 12.42
C SER D 21 -55.28 45.29 11.25
N CYS D 22 -54.15 44.63 10.93
CA CYS D 22 -54.08 43.61 9.89
C CYS D 22 -53.30 42.42 10.45
N LYS D 23 -54.00 41.33 10.71
CA LYS D 23 -53.43 40.17 11.39
C LYS D 23 -53.26 39.00 10.41
N ALA D 24 -52.12 38.33 10.51
CA ALA D 24 -51.77 37.22 9.63
C ALA D 24 -51.69 35.92 10.40
N SER D 25 -52.05 34.82 9.72
CA SER D 25 -51.96 33.50 10.31
C SER D 25 -51.88 32.46 9.21
N GLY D 26 -51.39 31.28 9.58
CA GLY D 26 -51.25 30.18 8.64
C GLY D 26 -49.92 30.12 7.92
N TYR D 27 -49.07 31.13 8.07
CA TYR D 27 -47.76 31.15 7.43
C TYR D 27 -46.79 31.87 8.36
N PRO D 28 -45.49 31.58 8.25
CA PRO D 28 -44.50 32.32 9.05
C PRO D 28 -44.43 33.78 8.65
N PHE D 29 -44.62 34.66 9.63
CA PHE D 29 -44.57 36.11 9.41
C PHE D 29 -43.18 36.62 9.81
N THR D 30 -42.19 36.18 9.04
CA THR D 30 -40.83 36.60 9.36
C THR D 30 -40.07 37.18 8.17
N SER D 31 -40.25 36.61 6.97
CA SER D 31 -39.41 36.99 5.83
C SER D 31 -40.21 37.62 4.69
N TYR D 32 -41.50 37.87 4.88
CA TYR D 32 -42.37 38.40 3.83
C TYR D 32 -42.80 39.82 4.20
N GLY D 33 -42.55 40.76 3.31
CA GLY D 33 -42.96 42.13 3.55
C GLY D 33 -44.45 42.34 3.32
N ILE D 34 -44.96 43.40 3.93
CA ILE D 34 -46.39 43.72 3.86
C ILE D 34 -46.55 45.09 3.20
N SER D 35 -47.36 45.14 2.14
CA SER D 35 -47.66 46.37 1.44
C SER D 35 -49.08 46.81 1.80
N TRP D 36 -49.21 48.03 2.27
CA TRP D 36 -50.51 48.62 2.58
C TRP D 36 -50.94 49.50 1.43
N VAL D 37 -52.14 49.24 0.89
CA VAL D 37 -52.66 49.91 -0.28
C VAL D 37 -54.07 50.39 0.01
N ARG D 38 -54.54 51.31 -0.84
CA ARG D 38 -55.87 51.88 -0.75
C ARG D 38 -56.57 51.67 -2.08
N GLN D 39 -57.87 51.38 -2.05
CA GLN D 39 -58.71 51.38 -3.22
C GLN D 39 -59.92 52.28 -2.97
N ALA D 40 -60.21 53.16 -3.92
CA ALA D 40 -61.31 54.10 -3.81
C ALA D 40 -62.29 53.89 -4.95
N PRO D 41 -63.57 54.19 -4.73
CA PRO D 41 -64.55 54.08 -5.83
C PRO D 41 -64.28 55.12 -6.90
N GLY D 42 -64.29 54.67 -8.16
CA GLY D 42 -64.05 55.53 -9.30
C GLY D 42 -62.67 55.41 -9.91
N GLN D 43 -61.71 54.84 -9.19
CA GLN D 43 -60.35 54.68 -9.71
C GLN D 43 -59.74 53.42 -9.12
N GLY D 44 -58.48 53.18 -9.48
CA GLY D 44 -57.77 51.98 -9.11
C GLY D 44 -57.09 52.08 -7.75
N LEU D 45 -56.07 51.25 -7.58
CA LEU D 45 -55.37 51.14 -6.31
C LEU D 45 -54.38 52.30 -6.13
N GLU D 46 -53.94 52.47 -4.88
CA GLU D 46 -52.87 53.41 -4.55
C GLU D 46 -51.84 52.68 -3.70
N TRP D 47 -50.87 53.44 -3.18
CA TRP D 47 -49.62 52.88 -2.66
C TRP D 47 -49.32 53.58 -1.32
N MET D 48 -50.20 53.35 -0.35
CA MET D 48 -50.05 53.90 1.00
C MET D 48 -48.67 53.65 1.58
N GLY D 49 -48.15 52.44 1.46
CA GLY D 49 -46.80 52.20 1.95
C GLY D 49 -46.39 50.75 1.85
N TRP D 50 -45.14 50.50 2.22
CA TRP D 50 -44.59 49.14 2.31
C TRP D 50 -43.75 49.05 3.57
N ILE D 51 -43.74 47.87 4.19
CA ILE D 51 -42.97 47.64 5.40
C ILE D 51 -42.35 46.25 5.32
N SER D 52 -41.13 46.12 5.85
CA SER D 52 -40.47 44.84 5.96
C SER D 52 -40.86 44.14 7.25
N THR D 53 -40.29 42.96 7.47
CA THR D 53 -40.56 42.19 8.68
C THR D 53 -39.30 41.89 9.48
N TYR D 54 -38.19 41.57 8.81
CA TYR D 54 -36.94 41.33 9.51
C TYR D 54 -36.37 42.59 10.13
N ASN D 55 -36.59 43.75 9.48
CA ASN D 55 -36.15 45.03 10.00
C ASN D 55 -37.27 46.05 9.80
N GLY D 56 -37.13 47.19 10.46
CA GLY D 56 -38.16 48.20 10.46
C GLY D 56 -37.95 49.33 9.47
N ASN D 57 -37.17 49.08 8.43
CA ASN D 57 -36.91 50.11 7.41
C ASN D 57 -38.17 50.40 6.62
N THR D 58 -38.32 51.67 6.22
CA THR D 58 -39.49 52.14 5.51
C THR D 58 -39.11 52.63 4.12
N ASN D 59 -40.04 52.51 3.19
CA ASN D 59 -39.87 52.85 1.78
C ASN D 59 -41.01 53.75 1.32
N TYR D 60 -41.24 54.84 2.05
CA TYR D 60 -42.38 55.72 1.82
C TYR D 60 -42.36 56.32 0.42
N ALA D 61 -43.56 56.61 -0.09
CA ALA D 61 -43.73 57.06 -1.46
C ALA D 61 -43.25 58.51 -1.63
N GLN D 62 -43.16 58.93 -2.89
CA GLN D 62 -42.66 60.24 -3.25
C GLN D 62 -43.73 61.33 -3.22
N LYS D 63 -44.98 60.99 -2.90
CA LYS D 63 -46.06 61.96 -2.83
C LYS D 63 -46.76 62.01 -1.48
N PHE D 64 -46.38 61.16 -0.54
CA PHE D 64 -47.12 60.95 0.71
C PHE D 64 -46.18 61.11 1.92
N GLN D 65 -45.45 62.22 1.96
CA GLN D 65 -44.46 62.44 3.02
C GLN D 65 -45.12 62.64 4.37
N GLY D 66 -44.63 61.90 5.36
CA GLY D 66 -44.95 62.14 6.77
C GLY D 66 -46.41 62.01 7.14
N ARG D 67 -47.07 60.95 6.70
CA ARG D 67 -48.51 60.80 6.87
C ARG D 67 -48.86 59.63 7.80
N VAL D 68 -48.40 58.42 7.47
CA VAL D 68 -48.76 57.22 8.21
C VAL D 68 -47.49 56.42 8.51
N THR D 69 -47.43 55.85 9.72
CA THR D 69 -46.34 54.97 10.11
C THR D 69 -46.88 53.58 10.41
N MET D 70 -46.02 52.58 10.24
CA MET D 70 -46.36 51.19 10.48
C MET D 70 -45.80 50.73 11.82
N THR D 71 -46.60 49.97 12.57
CA THR D 71 -46.07 49.28 13.74
C THR D 71 -46.41 47.80 13.65
N THR D 72 -45.39 46.96 13.59
CA THR D 72 -45.55 45.53 13.37
C THR D 72 -45.21 44.77 14.66
N ASP D 73 -46.13 43.91 15.09
CA ASP D 73 -45.93 43.06 16.26
C ASP D 73 -45.69 41.64 15.76
N THR D 74 -44.44 41.18 15.91
CA THR D 74 -44.10 39.82 15.52
C THR D 74 -44.58 38.78 16.53
N SER D 75 -44.85 39.18 17.76
CA SER D 75 -45.46 38.26 18.72
C SER D 75 -46.92 38.00 18.36
N THR D 76 -47.65 39.05 18.00
CA THR D 76 -49.04 38.93 17.57
C THR D 76 -49.14 38.76 16.06
N THR D 77 -48.04 39.04 15.34
CA THR D 77 -47.96 39.01 13.87
C THR D 77 -49.04 39.88 13.24
N THR D 78 -49.10 41.12 13.72
CA THR D 78 -50.15 42.04 13.31
C THR D 78 -49.55 43.42 13.03
N GLY D 79 -49.99 44.02 11.93
CA GLY D 79 -49.57 45.37 11.57
C GLY D 79 -50.63 46.39 11.93
N TYR D 80 -50.19 47.53 12.46
CA TYR D 80 -51.05 48.62 12.89
C TYR D 80 -50.71 49.87 12.09
N MET D 81 -51.74 50.46 11.47
CA MET D 81 -51.70 51.80 10.92
C MET D 81 -52.22 52.80 11.95
N GLU D 82 -51.49 53.90 12.12
CA GLU D 82 -51.82 54.97 13.06
C GLU D 82 -51.86 56.32 12.34
N LEU D 83 -52.62 56.37 11.25
CA LEU D 83 -52.62 57.52 10.35
C LEU D 83 -53.21 58.75 11.04
N ARG D 84 -52.75 59.93 10.63
CA ARG D 84 -53.10 61.18 11.28
C ARG D 84 -53.65 62.18 10.28
N ARG D 85 -54.37 63.17 10.82
CA ARG D 85 -55.03 64.28 10.12
C ARG D 85 -55.70 63.84 8.81
N LEU D 86 -56.72 63.00 8.97
CA LEU D 86 -57.51 62.47 7.86
C LEU D 86 -58.25 63.60 7.13
N ARG D 87 -58.81 63.26 5.97
CA ARG D 87 -59.54 64.18 5.13
C ARG D 87 -60.97 63.67 4.94
N SER D 88 -61.84 64.56 4.45
CA SER D 88 -63.22 64.17 4.21
C SER D 88 -63.35 63.22 3.03
N ASP D 89 -62.43 63.31 2.06
CA ASP D 89 -62.44 62.44 0.89
C ASP D 89 -61.61 61.17 1.10
N ASP D 90 -61.36 60.78 2.34
CA ASP D 90 -60.57 59.60 2.65
C ASP D 90 -61.44 58.35 2.81
N THR D 91 -62.75 58.45 2.57
CA THR D 91 -63.65 57.31 2.72
C THR D 91 -63.42 56.34 1.57
N ALA D 92 -62.60 55.33 1.81
CA ALA D 92 -62.25 54.34 0.80
C ALA D 92 -61.82 53.07 1.50
N VAL D 93 -61.76 51.98 0.75
CA VAL D 93 -61.38 50.70 1.34
C VAL D 93 -59.85 50.60 1.36
N TYR D 94 -59.33 49.91 2.36
CA TYR D 94 -57.90 49.74 2.54
C TYR D 94 -57.55 48.27 2.66
N TYR D 95 -56.41 47.89 2.10
CA TYR D 95 -55.99 46.50 2.04
C TYR D 95 -54.54 46.36 2.48
N CYS D 96 -54.25 45.22 3.11
CA CYS D 96 -52.88 44.82 3.41
C CYS D 96 -52.57 43.55 2.62
N ALA D 97 -51.42 43.52 1.96
CA ALA D 97 -51.10 42.47 1.02
C ALA D 97 -49.68 41.97 1.25
N ARG D 98 -49.44 40.75 0.80
CA ARG D 98 -48.16 40.06 1.01
C ARG D 98 -47.27 40.30 -0.19
N ASP D 99 -46.26 41.17 -0.03
CA ASP D 99 -45.43 41.57 -1.15
C ASP D 99 -44.47 40.45 -1.57
N TYR D 100 -44.26 40.34 -2.88
CA TYR D 100 -43.25 39.46 -3.45
C TYR D 100 -42.51 40.15 -4.60
N THR D 101 -42.52 41.48 -4.64
CA THR D 101 -41.82 42.25 -5.65
C THR D 101 -40.64 43.05 -5.12
N ARG D 102 -40.67 43.42 -3.84
CA ARG D 102 -39.57 44.13 -3.21
C ARG D 102 -39.04 43.30 -2.06
N GLY D 103 -37.71 43.22 -1.96
CA GLY D 103 -37.09 42.40 -0.93
C GLY D 103 -37.31 42.98 0.46
N ALA D 104 -37.80 42.15 1.37
CA ALA D 104 -37.92 42.53 2.77
C ALA D 104 -36.64 42.29 3.56
N TRP D 105 -35.66 41.61 2.96
CA TRP D 105 -34.39 41.34 3.61
C TRP D 105 -33.31 42.35 3.20
N PHE D 106 -33.07 42.46 1.90
CA PHE D 106 -32.01 43.33 1.39
C PHE D 106 -32.52 44.46 0.49
N GLY D 107 -33.72 44.36 -0.06
CA GLY D 107 -34.35 45.48 -0.72
C GLY D 107 -34.29 45.52 -2.23
N GLU D 108 -33.78 44.48 -2.89
CA GLU D 108 -33.75 44.49 -4.35
C GLU D 108 -35.11 44.18 -4.93
N SER D 109 -35.24 44.38 -6.24
CA SER D 109 -36.45 44.04 -6.96
C SER D 109 -36.61 42.52 -7.02
N LEU D 110 -37.86 42.07 -7.06
CA LEU D 110 -38.17 40.65 -7.06
C LEU D 110 -39.22 40.33 -8.11
N ILE D 111 -39.13 39.13 -8.68
CA ILE D 111 -40.23 38.61 -9.47
C ILE D 111 -41.34 38.15 -8.54
N GLY D 112 -42.58 38.50 -8.88
CA GLY D 112 -43.70 38.12 -8.05
C GLY D 112 -44.81 39.16 -7.97
N GLY D 113 -45.51 39.22 -6.85
CA GLY D 113 -46.59 40.16 -6.66
C GLY D 113 -47.17 40.17 -5.27
N PHE D 114 -48.50 40.34 -5.17
CA PHE D 114 -49.21 40.37 -3.89
C PHE D 114 -50.10 39.13 -3.90
N ASP D 115 -49.56 38.01 -3.38
CA ASP D 115 -50.24 36.73 -3.44
C ASP D 115 -51.30 36.55 -2.37
N ASN D 116 -51.44 37.49 -1.43
CA ASN D 116 -52.49 37.41 -0.43
C ASN D 116 -52.90 38.81 -0.01
N TRP D 117 -54.17 38.96 0.35
CA TRP D 117 -54.81 40.25 0.58
C TRP D 117 -55.63 40.21 1.86
N GLY D 118 -55.89 41.40 2.41
CA GLY D 118 -56.75 41.53 3.56
C GLY D 118 -58.22 41.53 3.18
N GLN D 119 -59.07 41.69 4.20
CA GLN D 119 -60.51 41.64 4.00
C GLN D 119 -61.14 43.02 3.78
N GLY D 120 -60.36 44.10 3.90
CA GLY D 120 -60.88 45.42 3.63
C GLY D 120 -61.34 46.19 4.85
N THR D 121 -60.99 47.47 4.94
CA THR D 121 -61.40 48.35 6.03
C THR D 121 -61.91 49.66 5.45
N LEU D 122 -63.05 50.12 5.97
CA LEU D 122 -63.68 51.36 5.51
C LEU D 122 -63.74 52.34 6.68
N VAL D 123 -63.33 53.57 6.43
CA VAL D 123 -63.37 54.62 7.45
C VAL D 123 -64.65 55.43 7.30
N GLU E 1 -41.22 58.95 -12.13
CA GLU E 1 -41.96 57.71 -12.31
C GLU E 1 -42.46 57.59 -13.75
N ILE E 2 -42.91 56.39 -14.12
CA ILE E 2 -43.45 56.12 -15.44
C ILE E 2 -44.92 55.77 -15.29
N VAL E 3 -45.78 56.54 -15.95
CA VAL E 3 -47.21 56.29 -15.93
C VAL E 3 -47.54 55.29 -17.04
N LEU E 4 -48.73 54.71 -16.96
CA LEU E 4 -49.21 53.75 -17.94
C LEU E 4 -50.30 54.39 -18.78
N THR E 5 -50.14 54.33 -20.10
CA THR E 5 -51.13 54.86 -21.04
C THR E 5 -52.08 53.72 -21.39
N GLN E 6 -53.28 53.76 -20.81
CA GLN E 6 -54.24 52.68 -20.90
C GLN E 6 -55.40 53.11 -21.78
N SER E 7 -55.71 52.32 -22.82
CA SER E 7 -56.97 52.44 -23.54
C SER E 7 -57.64 51.10 -23.84
N PRO E 8 -57.78 50.17 -22.84
CA PRO E 8 -58.93 49.26 -23.00
C PRO E 8 -60.12 49.76 -22.21
N GLY E 9 -60.74 50.84 -22.70
CA GLY E 9 -61.75 51.54 -21.93
C GLY E 9 -63.01 50.73 -21.70
N THR E 10 -63.51 50.06 -22.75
CA THR E 10 -64.71 49.25 -22.64
C THR E 10 -64.67 48.17 -23.71
N LEU E 11 -64.65 46.91 -23.28
CA LEU E 11 -64.79 45.78 -24.20
C LEU E 11 -66.22 45.28 -24.11
N SER E 12 -67.10 45.91 -24.91
CA SER E 12 -68.48 45.45 -25.05
C SER E 12 -68.46 44.18 -25.89
N LEU E 13 -68.11 43.08 -25.22
CA LEU E 13 -67.66 41.87 -25.90
C LEU E 13 -68.32 40.67 -25.24
N SER E 14 -69.00 39.86 -26.03
CA SER E 14 -69.76 38.73 -25.51
C SER E 14 -68.81 37.60 -25.10
N PRO E 15 -69.22 36.77 -24.16
CA PRO E 15 -68.40 35.60 -23.79
C PRO E 15 -68.29 34.61 -24.94
N GLY E 16 -67.13 33.96 -25.03
CA GLY E 16 -66.89 32.89 -25.98
C GLY E 16 -65.98 33.23 -27.14
N GLU E 17 -65.36 34.40 -27.17
CA GLU E 17 -64.42 34.75 -28.22
C GLU E 17 -63.27 35.57 -27.65
N ARG E 18 -62.35 35.95 -28.52
CA ARG E 18 -61.06 36.48 -28.10
C ARG E 18 -61.14 37.93 -27.67
N ALA E 19 -60.42 38.27 -26.61
CA ALA E 19 -60.30 39.62 -26.08
C ALA E 19 -58.84 39.99 -25.96
N THR E 20 -58.51 41.22 -26.33
CA THR E 20 -57.15 41.75 -26.24
C THR E 20 -57.13 42.92 -25.28
N LEU E 21 -56.17 42.91 -24.35
CA LEU E 21 -56.02 43.97 -23.35
C LEU E 21 -54.67 44.62 -23.52
N SER E 22 -54.66 45.95 -23.58
CA SER E 22 -53.45 46.72 -23.85
C SER E 22 -53.04 47.54 -22.63
N CYS E 23 -51.74 47.55 -22.37
CA CYS E 23 -51.14 48.24 -21.22
C CYS E 23 -49.89 49.02 -21.63
N ARG E 24 -50.03 49.87 -22.65
CA ARG E 24 -48.91 50.66 -23.16
C ARG E 24 -48.33 51.56 -22.08
N ALA E 25 -47.00 51.59 -22.00
CA ALA E 25 -46.28 52.41 -21.04
C ALA E 25 -45.93 53.76 -21.68
N SER E 26 -45.07 54.54 -21.01
CA SER E 26 -44.69 55.84 -21.55
C SER E 26 -43.60 55.69 -22.61
N GLN E 27 -42.41 55.23 -22.22
CA GLN E 27 -41.38 54.93 -23.21
C GLN E 27 -40.87 53.50 -23.15
N THR E 28 -40.44 53.01 -21.97
CA THR E 28 -39.79 51.71 -21.85
C THR E 28 -40.12 51.11 -20.49
N VAL E 29 -40.29 49.78 -20.47
CA VAL E 29 -40.33 48.99 -19.25
C VAL E 29 -39.46 47.77 -19.42
N SER E 30 -38.95 47.25 -18.32
CA SER E 30 -38.24 45.98 -18.34
C SER E 30 -39.22 44.83 -18.47
N SER E 31 -38.79 43.79 -19.19
CA SER E 31 -39.71 42.69 -19.54
C SER E 31 -40.08 41.86 -18.31
N THR E 32 -39.09 41.44 -17.53
CA THR E 32 -39.34 40.49 -16.45
C THR E 32 -39.60 41.17 -15.11
N SER E 33 -40.45 42.21 -15.12
CA SER E 33 -41.00 42.76 -13.87
C SER E 33 -42.35 43.38 -14.21
N LEU E 34 -43.41 42.57 -14.11
CA LEU E 34 -44.77 42.98 -14.44
C LEU E 34 -45.75 42.11 -13.65
N ALA E 35 -46.98 42.59 -13.53
CA ALA E 35 -48.03 41.79 -12.90
C ALA E 35 -49.38 42.18 -13.49
N TRP E 36 -50.33 41.25 -13.38
CA TRP E 36 -51.67 41.46 -13.91
C TRP E 36 -52.68 40.92 -12.91
N TYR E 37 -53.74 41.68 -12.67
CA TYR E 37 -54.68 41.36 -11.61
C TYR E 37 -56.12 41.49 -12.10
N GLN E 38 -56.94 40.52 -11.73
CA GLN E 38 -58.39 40.62 -11.86
C GLN E 38 -58.96 41.35 -10.64
N GLN E 39 -60.18 41.83 -10.79
CA GLN E 39 -60.88 42.43 -9.65
C GLN E 39 -62.38 42.24 -9.83
N LYS E 40 -62.97 41.46 -8.93
CA LYS E 40 -64.42 41.33 -8.86
C LYS E 40 -65.00 42.60 -8.27
N PRO E 41 -66.30 42.85 -8.46
CA PRO E 41 -66.96 43.92 -7.70
C PRO E 41 -67.00 43.62 -6.20
N GLY E 42 -66.23 44.39 -5.42
CA GLY E 42 -66.20 44.24 -3.98
C GLY E 42 -65.60 42.95 -3.45
N GLN E 43 -64.46 42.54 -4.00
CA GLN E 43 -63.80 41.32 -3.56
C GLN E 43 -62.30 41.52 -3.78
N ALA E 44 -61.47 40.67 -3.18
CA ALA E 44 -60.02 40.82 -3.21
C ALA E 44 -59.42 40.42 -4.56
N PRO E 45 -58.43 41.16 -5.05
CA PRO E 45 -57.83 40.84 -6.35
C PRO E 45 -56.93 39.61 -6.30
N ARG E 46 -56.61 39.10 -7.48
CA ARG E 46 -55.87 37.84 -7.62
C ARG E 46 -54.77 37.99 -8.65
N LEU E 47 -53.63 37.37 -8.38
CA LEU E 47 -52.49 37.38 -9.29
C LEU E 47 -52.69 36.36 -10.40
N LEU E 48 -52.26 36.71 -11.61
CA LEU E 48 -52.28 35.78 -12.74
C LEU E 48 -50.89 35.48 -13.28
N ILE E 49 -50.14 36.48 -13.70
CA ILE E 49 -48.79 36.31 -14.25
C ILE E 49 -47.87 37.31 -13.58
N TYR E 50 -46.69 36.84 -13.17
CA TYR E 50 -45.67 37.73 -12.62
C TYR E 50 -44.52 37.98 -13.57
N GLY E 51 -44.52 37.35 -14.75
CA GLY E 51 -43.46 37.51 -15.71
C GLY E 51 -43.97 37.54 -17.14
N ALA E 52 -43.32 36.83 -18.05
CA ALA E 52 -43.78 36.75 -19.42
C ALA E 52 -45.14 36.04 -19.52
N SER E 53 -45.16 34.74 -19.22
CA SER E 53 -46.41 33.98 -19.24
C SER E 53 -46.46 32.94 -18.13
N SER E 54 -45.70 33.13 -17.05
CA SER E 54 -45.60 32.13 -16.00
C SER E 54 -46.86 32.12 -15.15
N ARG E 55 -47.44 30.94 -14.97
CA ARG E 55 -48.77 30.78 -14.40
C ARG E 55 -48.74 31.01 -12.89
N ALA E 56 -49.93 31.18 -12.29
CA ALA E 56 -50.04 31.36 -10.85
C ALA E 56 -50.76 30.19 -10.17
N THR E 57 -52.02 29.94 -10.52
CA THR E 57 -52.77 28.82 -9.95
C THR E 57 -53.68 28.25 -11.04
N GLY E 58 -53.13 27.29 -11.81
CA GLY E 58 -53.87 26.53 -12.79
C GLY E 58 -54.15 27.29 -14.07
N ILE E 59 -55.21 28.10 -14.07
CA ILE E 59 -55.65 29.01 -15.14
C ILE E 59 -55.53 28.35 -16.51
N PRO E 60 -56.45 27.43 -16.88
CA PRO E 60 -56.17 26.49 -17.98
C PRO E 60 -55.99 27.12 -19.36
N ASP E 61 -56.97 27.88 -19.84
CA ASP E 61 -56.85 28.50 -21.15
C ASP E 61 -57.46 29.88 -21.27
N ARG E 62 -58.07 30.42 -20.21
CA ARG E 62 -58.82 31.66 -20.33
C ARG E 62 -57.89 32.88 -20.34
N PHE E 63 -57.07 33.02 -19.30
CA PHE E 63 -56.18 34.17 -19.18
C PHE E 63 -54.81 33.83 -19.74
N SER E 64 -54.28 34.74 -20.57
CA SER E 64 -52.92 34.57 -21.07
C SER E 64 -52.28 35.94 -21.24
N GLY E 65 -50.96 35.97 -21.17
CA GLY E 65 -50.21 37.19 -21.37
C GLY E 65 -49.05 36.98 -22.32
N SER E 66 -48.87 37.93 -23.23
CA SER E 66 -47.83 37.83 -24.25
C SER E 66 -47.14 39.17 -24.39
N GLY E 67 -46.07 39.19 -25.17
CA GLY E 67 -45.34 40.41 -25.43
C GLY E 67 -43.87 40.11 -25.63
N SER E 68 -43.14 41.16 -26.03
CA SER E 68 -41.71 41.04 -26.32
C SER E 68 -40.99 42.28 -25.77
N GLY E 69 -40.56 42.19 -24.52
CA GLY E 69 -39.80 43.26 -23.91
C GLY E 69 -40.65 44.43 -23.43
N THR E 70 -40.53 45.56 -24.11
CA THR E 70 -41.24 46.77 -23.70
C THR E 70 -42.74 46.63 -23.92
N ASP E 71 -43.14 46.18 -25.11
CA ASP E 71 -44.56 46.05 -25.42
C ASP E 71 -45.07 44.66 -25.03
N PHE E 72 -46.32 44.63 -24.58
CA PHE E 72 -46.94 43.43 -24.05
C PHE E 72 -48.46 43.63 -24.05
N THR E 73 -49.18 42.53 -23.93
CA THR E 73 -50.63 42.56 -23.98
C THR E 73 -51.18 41.30 -23.31
N LEU E 74 -52.51 41.26 -23.18
CA LEU E 74 -53.22 40.14 -22.58
C LEU E 74 -54.18 39.55 -23.60
N THR E 75 -54.17 38.23 -23.69
CA THR E 75 -54.99 37.47 -24.64
C THR E 75 -55.97 36.60 -23.87
N ILE E 76 -57.25 36.69 -24.25
CA ILE E 76 -58.34 35.93 -23.64
C ILE E 76 -59.05 35.15 -24.73
N SER E 77 -59.27 33.86 -24.50
CA SER E 77 -60.05 33.05 -25.43
C SER E 77 -60.98 32.15 -24.64
N ARG E 78 -62.14 31.86 -25.24
CA ARG E 78 -63.22 31.08 -24.62
C ARG E 78 -63.62 31.70 -23.28
N LEU E 79 -64.18 32.91 -23.39
CA LEU E 79 -64.48 33.73 -22.22
C LEU E 79 -65.61 33.10 -21.42
N GLU E 80 -65.33 32.79 -20.16
CA GLU E 80 -66.32 32.17 -19.29
C GLU E 80 -67.37 33.22 -18.90
N PRO E 81 -68.66 32.91 -19.01
CA PRO E 81 -69.68 33.97 -18.96
C PRO E 81 -70.03 34.51 -17.58
N GLU E 82 -69.21 34.24 -16.57
CA GLU E 82 -69.52 34.68 -15.21
C GLU E 82 -68.62 35.81 -14.71
N ASP E 83 -67.34 35.81 -15.07
CA ASP E 83 -66.35 36.65 -14.41
C ASP E 83 -66.58 38.15 -14.57
N PHE E 84 -66.44 38.67 -15.80
CA PHE E 84 -66.71 40.07 -16.14
C PHE E 84 -65.99 41.05 -15.21
N ALA E 85 -64.74 40.72 -14.88
CA ALA E 85 -64.00 41.48 -13.89
C ALA E 85 -63.46 42.79 -14.49
N VAL E 86 -62.88 43.62 -13.63
CA VAL E 86 -62.11 44.78 -14.07
C VAL E 86 -60.63 44.45 -13.90
N TYR E 87 -59.84 44.79 -14.91
CA TYR E 87 -58.48 44.27 -15.05
C TYR E 87 -57.47 45.39 -14.80
N TYR E 88 -56.39 45.05 -14.12
CA TYR E 88 -55.33 46.00 -13.82
C TYR E 88 -53.98 45.38 -14.18
N CYS E 89 -53.04 46.24 -14.58
CA CYS E 89 -51.69 45.82 -14.90
C CYS E 89 -50.69 46.74 -14.21
N GLN E 90 -49.65 46.15 -13.64
CA GLN E 90 -48.69 46.86 -12.79
C GLN E 90 -47.28 46.66 -13.30
N GLN E 91 -46.53 47.75 -13.40
CA GLN E 91 -45.11 47.73 -13.68
C GLN E 91 -44.31 47.89 -12.38
N HIS E 92 -43.01 47.65 -12.47
CA HIS E 92 -42.15 47.61 -11.29
C HIS E 92 -40.90 48.47 -11.38
N ASP E 93 -40.53 48.95 -12.58
CA ASP E 93 -39.24 49.60 -12.77
C ASP E 93 -39.14 50.92 -12.00
N THR E 94 -40.15 51.77 -12.10
CA THR E 94 -40.19 53.04 -11.38
C THR E 94 -41.39 53.02 -10.44
N SER E 95 -41.10 52.93 -9.14
CA SER E 95 -42.08 52.91 -8.04
C SER E 95 -43.02 51.73 -8.27
N LEU E 96 -44.33 51.91 -8.18
CA LEU E 96 -45.27 50.83 -8.43
C LEU E 96 -46.59 51.46 -8.85
N THR E 97 -46.91 51.37 -10.14
CA THR E 97 -48.09 52.01 -10.69
C THR E 97 -48.99 50.96 -11.34
N PHE E 98 -50.29 51.12 -11.17
CA PHE E 98 -51.28 50.19 -11.69
C PHE E 98 -51.89 50.73 -12.99
N GLY E 99 -52.73 49.89 -13.61
CA GLY E 99 -53.43 50.29 -14.81
C GLY E 99 -54.67 51.11 -14.52
N GLY E 100 -55.34 51.51 -15.60
CA GLY E 100 -56.55 52.30 -15.49
C GLY E 100 -57.79 51.48 -15.19
N GLY E 101 -57.93 50.35 -15.87
CA GLY E 101 -59.08 49.49 -15.70
C GLY E 101 -59.75 49.16 -17.02
N THR E 102 -60.71 48.25 -16.94
CA THR E 102 -61.45 47.81 -18.12
C THR E 102 -62.86 47.41 -17.68
N LYS E 103 -63.86 48.08 -18.24
CA LYS E 103 -65.26 47.82 -17.92
C LYS E 103 -65.86 46.94 -19.01
N VAL E 104 -66.14 45.68 -18.67
CA VAL E 104 -66.73 44.73 -19.59
C VAL E 104 -68.20 44.60 -19.22
N GLU E 105 -69.06 45.25 -20.00
CA GLU E 105 -70.49 45.23 -19.74
C GLU E 105 -71.09 43.88 -20.14
N ILE E 106 -72.36 43.68 -19.72
CA ILE E 106 -72.99 42.37 -19.76
C ILE E 106 -73.21 41.86 -21.19
N LYS E 107 -73.30 42.76 -22.17
CA LYS E 107 -73.47 42.45 -23.59
C LYS E 107 -74.75 41.63 -23.82
N ARG E 108 -75.87 42.28 -23.53
CA ARG E 108 -77.18 41.69 -23.73
C ARG E 108 -77.55 41.66 -25.22
N GLN F 1 3.64 44.39 -41.41
CA GLN F 1 5.04 44.39 -41.00
C GLN F 1 5.91 43.66 -42.02
N VAL F 2 5.26 43.05 -43.02
CA VAL F 2 5.99 42.33 -44.04
C VAL F 2 6.62 43.31 -45.03
N GLN F 3 7.89 43.04 -45.38
CA GLN F 3 8.60 43.83 -46.40
C GLN F 3 9.02 42.89 -47.52
N LEU F 4 8.65 43.26 -48.75
CA LEU F 4 9.04 42.52 -49.93
C LEU F 4 9.51 43.52 -50.97
N VAL F 5 10.81 43.50 -51.29
CA VAL F 5 11.37 44.43 -52.25
C VAL F 5 11.91 43.65 -53.43
N GLN F 6 12.07 44.34 -54.56
CA GLN F 6 12.56 43.72 -55.79
C GLN F 6 13.57 44.62 -56.48
N SER F 7 13.94 44.28 -57.70
CA SER F 7 14.84 45.11 -58.49
C SER F 7 14.07 46.26 -59.13
N GLY F 8 14.77 47.09 -59.90
CA GLY F 8 14.17 48.24 -60.53
C GLY F 8 13.54 47.90 -61.88
N ALA F 9 13.01 48.94 -62.52
CA ALA F 9 12.39 48.80 -63.83
C ALA F 9 13.37 49.23 -64.91
N GLU F 10 13.43 48.44 -65.98
CA GLU F 10 14.35 48.69 -67.08
C GLU F 10 13.78 48.06 -68.35
N VAL F 11 14.49 48.24 -69.46
CA VAL F 11 14.07 47.74 -70.76
C VAL F 11 15.13 46.79 -71.28
N LYS F 12 14.70 45.58 -71.68
CA LYS F 12 15.59 44.57 -72.22
C LYS F 12 15.26 44.27 -73.67
N LYS F 13 16.31 44.09 -74.47
CA LYS F 13 16.13 43.67 -75.85
C LYS F 13 15.60 42.23 -75.88
N PRO F 14 14.72 41.90 -76.82
CA PRO F 14 14.22 40.52 -76.92
C PRO F 14 15.32 39.53 -77.25
N GLY F 15 15.18 38.31 -76.74
CA GLY F 15 16.16 37.27 -76.90
C GLY F 15 17.27 37.25 -75.87
N ALA F 16 17.29 38.21 -74.95
CA ALA F 16 18.31 38.29 -73.93
C ALA F 16 17.87 37.53 -72.67
N SER F 17 18.60 37.73 -71.58
CA SER F 17 18.28 37.14 -70.29
C SER F 17 18.07 38.25 -69.27
N VAL F 18 16.95 38.23 -68.58
CA VAL F 18 16.62 39.26 -67.59
C VAL F 18 16.83 38.69 -66.20
N LYS F 19 17.54 39.45 -65.37
CA LYS F 19 17.86 39.08 -63.99
C LYS F 19 16.88 39.79 -63.06
N VAL F 20 16.07 39.00 -62.35
CA VAL F 20 15.02 39.52 -61.50
C VAL F 20 15.27 39.06 -60.07
N SER F 21 15.24 40.01 -59.13
CA SER F 21 15.48 39.72 -57.72
C SER F 21 14.23 39.97 -56.89
N CYS F 22 14.13 39.26 -55.77
CA CYS F 22 13.01 39.43 -54.85
C CYS F 22 13.51 39.12 -53.44
N LYS F 23 13.73 40.18 -52.65
CA LYS F 23 14.24 40.08 -51.30
C LYS F 23 13.09 40.18 -50.30
N ALA F 24 13.10 39.28 -49.32
CA ALA F 24 12.02 39.12 -48.36
C ALA F 24 12.51 39.43 -46.94
N SER F 25 11.64 40.04 -46.14
CA SER F 25 11.91 40.24 -44.73
C SER F 25 10.57 40.45 -44.00
N GLY F 26 10.61 40.23 -42.69
CA GLY F 26 9.43 40.33 -41.86
C GLY F 26 8.79 38.99 -41.50
N TYR F 27 9.13 37.93 -42.23
CA TYR F 27 8.65 36.60 -41.95
C TYR F 27 9.81 35.62 -42.08
N PRO F 28 9.77 34.50 -41.35
CA PRO F 28 10.81 33.48 -41.52
C PRO F 28 10.71 32.83 -42.89
N PHE F 29 11.85 32.75 -43.58
CA PHE F 29 11.87 32.31 -44.98
C PHE F 29 12.18 30.80 -45.00
N THR F 30 11.30 30.04 -44.34
CA THR F 30 11.51 28.60 -44.21
C THR F 30 10.27 27.74 -44.45
N SER F 31 9.06 28.27 -44.33
CA SER F 31 7.85 27.46 -44.42
C SER F 31 6.87 27.98 -45.44
N TYR F 32 7.27 28.93 -46.28
CA TYR F 32 6.39 29.49 -47.30
C TYR F 32 7.14 29.53 -48.62
N GLY F 33 6.53 28.98 -49.66
CA GLY F 33 7.11 29.04 -50.97
C GLY F 33 6.93 30.40 -51.63
N ILE F 34 7.63 30.58 -52.73
CA ILE F 34 7.52 31.80 -53.53
C ILE F 34 6.70 31.49 -54.77
N SER F 35 5.96 32.49 -55.25
CA SER F 35 5.19 32.32 -56.48
C SER F 35 5.39 33.55 -57.35
N TRP F 36 5.69 33.32 -58.62
CA TRP F 36 5.96 34.38 -59.58
C TRP F 36 4.81 34.48 -60.56
N VAL F 37 4.22 35.69 -60.65
CA VAL F 37 3.04 35.96 -61.45
C VAL F 37 3.32 37.19 -62.31
N ARG F 38 2.57 37.33 -63.40
CA ARG F 38 2.78 38.42 -64.35
C ARG F 38 1.49 39.21 -64.57
N GLN F 39 1.57 40.52 -64.45
CA GLN F 39 0.48 41.42 -64.80
C GLN F 39 0.90 42.32 -65.96
N ALA F 40 0.01 42.47 -66.92
CA ALA F 40 0.17 43.38 -68.05
C ALA F 40 -1.09 44.19 -68.22
N PRO F 41 -0.99 45.42 -68.73
CA PRO F 41 -2.20 46.21 -68.98
C PRO F 41 -3.05 45.58 -70.09
N GLY F 42 -4.37 45.68 -69.91
CA GLY F 42 -5.32 45.14 -70.86
C GLY F 42 -5.94 43.81 -70.47
N GLN F 43 -5.34 43.07 -69.54
CA GLN F 43 -5.93 41.83 -69.05
C GLN F 43 -5.49 41.60 -67.61
N GLY F 44 -5.75 40.41 -67.11
CA GLY F 44 -5.55 40.12 -65.69
C GLY F 44 -4.15 39.71 -65.30
N LEU F 45 -4.04 38.58 -64.61
CA LEU F 45 -2.80 38.14 -64.00
C LEU F 45 -2.50 36.70 -64.39
N GLU F 46 -1.24 36.41 -64.70
CA GLU F 46 -0.80 35.07 -65.08
C GLU F 46 -0.13 34.38 -63.89
N TRP F 47 0.30 33.13 -64.08
CA TRP F 47 0.81 32.28 -63.00
C TRP F 47 2.02 31.43 -63.44
N MET F 48 3.14 32.08 -63.79
CA MET F 48 4.32 31.34 -64.24
C MET F 48 4.76 30.27 -63.25
N GLY F 49 5.23 30.69 -62.06
CA GLY F 49 6.04 29.82 -61.25
C GLY F 49 5.56 29.66 -59.82
N TRP F 50 5.77 28.46 -59.28
CA TRP F 50 5.72 28.19 -57.86
C TRP F 50 7.00 27.45 -57.50
N ILE F 51 7.67 27.88 -56.43
CA ILE F 51 8.94 27.28 -56.02
C ILE F 51 8.96 27.11 -54.51
N SER F 52 9.33 25.91 -54.06
CA SER F 52 9.39 25.60 -52.64
C SER F 52 10.64 26.20 -52.00
N THR F 53 10.66 26.17 -50.68
CA THR F 53 11.75 26.71 -49.87
C THR F 53 12.57 25.66 -49.15
N TYR F 54 11.92 24.73 -48.47
CA TYR F 54 12.66 23.72 -47.70
C TYR F 54 13.41 22.77 -48.62
N ASN F 55 12.83 22.43 -49.76
CA ASN F 55 13.52 21.66 -50.78
C ASN F 55 13.46 22.38 -52.12
N GLY F 56 13.89 21.72 -53.19
CA GLY F 56 13.97 22.36 -54.49
C GLY F 56 12.93 21.89 -55.48
N ASN F 57 11.69 21.70 -55.02
CA ASN F 57 10.63 21.28 -55.92
C ASN F 57 10.20 22.42 -56.83
N THR F 58 9.89 22.07 -58.08
CA THR F 58 9.49 23.05 -59.09
C THR F 58 8.06 22.77 -59.54
N ASN F 59 7.28 23.83 -59.70
CA ASN F 59 5.89 23.75 -60.14
C ASN F 59 5.61 24.80 -61.22
N TYR F 60 6.48 24.86 -62.21
CA TYR F 60 6.31 25.77 -63.34
C TYR F 60 5.07 25.41 -64.14
N ALA F 61 4.40 26.44 -64.68
CA ALA F 61 3.19 26.23 -65.45
C ALA F 61 3.49 25.59 -66.79
N GLN F 62 2.45 25.02 -67.40
CA GLN F 62 2.59 24.31 -68.67
C GLN F 62 2.95 25.24 -69.82
N LYS F 63 2.65 26.53 -69.72
CA LYS F 63 2.93 27.49 -70.77
C LYS F 63 4.38 27.97 -70.76
N PHE F 64 5.12 27.69 -69.68
CA PHE F 64 6.49 28.18 -69.54
C PHE F 64 7.46 27.05 -69.21
N GLN F 65 7.22 25.85 -69.74
CA GLN F 65 8.12 24.74 -69.52
C GLN F 65 9.39 24.91 -70.36
N GLY F 66 10.55 24.75 -69.71
CA GLY F 66 11.83 24.85 -70.39
C GLY F 66 12.35 26.25 -70.58
N ARG F 67 11.60 27.27 -70.18
CA ARG F 67 12.01 28.67 -70.31
C ARG F 67 12.27 29.34 -68.98
N VAL F 68 11.46 29.08 -67.97
CA VAL F 68 11.55 29.75 -66.68
C VAL F 68 12.27 28.83 -65.70
N THR F 69 13.39 29.32 -65.16
CA THR F 69 14.09 28.66 -64.06
C THR F 69 14.23 29.64 -62.91
N MET F 70 14.08 29.13 -61.70
CA MET F 70 13.99 29.94 -60.50
C MET F 70 14.93 29.40 -59.42
N THR F 71 15.58 30.31 -58.70
CA THR F 71 16.47 29.93 -57.62
C THR F 71 16.17 30.76 -56.39
N THR F 72 16.40 30.19 -55.22
CA THR F 72 16.24 30.90 -53.95
C THR F 72 17.47 30.67 -53.09
N ASP F 73 17.90 31.70 -52.37
CA ASP F 73 18.99 31.61 -51.43
C ASP F 73 18.53 32.08 -50.06
N THR F 74 18.68 31.21 -49.06
CA THR F 74 18.31 31.53 -47.69
C THR F 74 19.39 32.32 -46.96
N SER F 75 20.60 32.40 -47.50
CA SER F 75 21.65 33.21 -46.88
C SER F 75 21.31 34.69 -46.95
N THR F 76 20.80 35.14 -48.09
CA THR F 76 20.37 36.52 -48.26
C THR F 76 18.85 36.65 -48.26
N THR F 77 18.14 35.53 -48.15
CA THR F 77 16.67 35.46 -48.20
C THR F 77 16.12 36.11 -49.46
N THR F 78 16.70 35.74 -50.61
CA THR F 78 16.38 36.39 -51.87
C THR F 78 16.18 35.35 -52.96
N GLY F 79 15.18 35.59 -53.81
CA GLY F 79 14.94 34.76 -54.98
C GLY F 79 15.38 35.44 -56.26
N TYR F 80 15.78 34.62 -57.23
CA TYR F 80 16.38 35.08 -58.47
C TYR F 80 15.77 34.36 -59.67
N MET F 81 15.44 35.14 -60.70
CA MET F 81 15.06 34.62 -62.02
C MET F 81 16.10 35.05 -63.04
N GLU F 82 16.47 34.11 -63.92
CA GLU F 82 17.46 34.33 -64.96
C GLU F 82 16.80 34.21 -66.33
N LEU F 83 15.60 34.80 -66.45
CA LEU F 83 14.65 34.45 -67.50
C LEU F 83 15.18 34.81 -68.89
N ARG F 84 15.54 33.79 -69.65
CA ARG F 84 16.14 33.92 -70.97
C ARG F 84 15.10 33.62 -72.05
N ARG F 85 15.53 33.73 -73.31
CA ARG F 85 14.67 33.73 -74.49
C ARG F 85 13.54 34.75 -74.34
N LEU F 86 13.94 36.01 -74.20
CA LEU F 86 12.97 37.10 -74.07
C LEU F 86 12.30 37.38 -75.42
N ARG F 87 11.10 37.94 -75.34
CA ARG F 87 10.29 38.25 -76.51
C ARG F 87 10.02 39.76 -76.56
N SER F 88 9.16 40.16 -77.50
CA SER F 88 8.75 41.55 -77.62
C SER F 88 7.39 41.83 -77.00
N ASP F 89 6.60 40.80 -76.73
CA ASP F 89 5.24 40.96 -76.20
C ASP F 89 5.14 40.61 -74.72
N ASP F 90 6.22 40.16 -74.09
CA ASP F 90 6.20 39.73 -72.70
C ASP F 90 6.71 40.81 -71.75
N THR F 91 6.88 42.04 -72.22
CA THR F 91 7.30 43.15 -71.38
C THR F 91 6.15 43.56 -70.47
N ALA F 92 6.20 43.11 -69.22
CA ALA F 92 5.12 43.30 -68.27
C ALA F 92 5.71 43.27 -66.87
N VAL F 93 4.87 43.58 -65.88
CA VAL F 93 5.34 43.60 -64.50
C VAL F 93 5.22 42.21 -63.90
N TYR F 94 6.15 41.86 -63.03
CA TYR F 94 6.22 40.54 -62.42
C TYR F 94 6.22 40.68 -60.91
N TYR F 95 5.31 39.97 -60.25
CA TYR F 95 5.17 40.02 -58.80
C TYR F 95 5.59 38.70 -58.18
N CYS F 96 6.43 38.78 -57.16
CA CYS F 96 6.74 37.65 -56.29
C CYS F 96 5.85 37.72 -55.06
N ALA F 97 5.26 36.59 -54.70
CA ALA F 97 4.31 36.54 -53.60
C ALA F 97 4.62 35.37 -52.69
N ARG F 98 4.41 35.59 -51.40
CA ARG F 98 4.51 34.53 -50.40
C ARG F 98 3.28 33.64 -50.53
N ASP F 99 3.48 32.40 -50.96
CA ASP F 99 2.36 31.54 -51.31
C ASP F 99 1.89 30.73 -50.10
N TYR F 100 0.61 30.38 -50.13
CA TYR F 100 -0.02 29.59 -49.06
C TYR F 100 -0.94 28.52 -49.65
N THR F 101 -0.84 28.26 -50.95
CA THR F 101 -1.72 27.31 -51.63
C THR F 101 -1.17 25.89 -51.63
N ARG F 102 0.13 25.71 -51.82
CA ARG F 102 0.72 24.39 -51.91
C ARG F 102 1.65 24.15 -50.72
N GLY F 103 1.94 22.87 -50.49
CA GLY F 103 2.77 22.51 -49.36
C GLY F 103 4.23 22.91 -49.57
N ALA F 104 4.78 23.62 -48.59
CA ALA F 104 6.19 23.99 -48.64
C ALA F 104 7.12 22.89 -48.15
N TRP F 105 6.57 21.85 -47.52
CA TRP F 105 7.35 20.72 -47.05
C TRP F 105 7.04 19.44 -47.82
N PHE F 106 5.76 19.11 -47.97
CA PHE F 106 5.36 17.85 -48.61
C PHE F 106 4.68 18.03 -49.95
N GLY F 107 3.95 19.13 -50.15
CA GLY F 107 3.41 19.48 -51.44
C GLY F 107 1.91 19.30 -51.66
N GLU F 108 1.13 19.09 -50.61
CA GLU F 108 -0.30 18.95 -50.79
C GLU F 108 -0.97 20.31 -50.94
N SER F 109 -2.23 20.29 -51.36
CA SER F 109 -3.02 21.50 -51.51
C SER F 109 -3.43 22.04 -50.14
N LEU F 110 -3.50 23.36 -50.03
CA LEU F 110 -3.86 24.02 -48.79
C LEU F 110 -5.04 24.96 -49.00
N ILE F 111 -5.38 25.74 -47.98
CA ILE F 111 -6.42 26.75 -48.06
C ILE F 111 -5.79 28.10 -47.72
N GLY F 112 -6.01 29.08 -48.58
CA GLY F 112 -5.36 30.37 -48.50
C GLY F 112 -4.60 30.69 -49.77
N GLY F 113 -3.71 31.66 -49.68
CA GLY F 113 -2.93 32.02 -50.85
C GLY F 113 -1.95 33.17 -50.69
N PHE F 114 -1.87 34.02 -51.72
CA PHE F 114 -0.82 35.02 -51.84
C PHE F 114 -1.12 36.18 -50.88
N ASP F 115 -0.72 36.00 -49.63
CA ASP F 115 -1.01 36.98 -48.60
C ASP F 115 0.03 38.10 -48.50
N ASN F 116 1.15 37.99 -49.20
CA ASN F 116 2.19 39.02 -49.16
C ASN F 116 2.75 39.20 -50.56
N TRP F 117 2.81 40.46 -51.01
CA TRP F 117 3.19 40.80 -52.37
C TRP F 117 4.29 41.85 -52.37
N GLY F 118 5.03 41.90 -53.48
CA GLY F 118 6.00 42.93 -53.72
C GLY F 118 5.45 44.05 -54.58
N GLN F 119 6.35 44.95 -54.99
CA GLN F 119 5.94 46.08 -55.82
C GLN F 119 6.05 45.79 -57.32
N GLY F 120 6.84 44.80 -57.72
CA GLY F 120 6.89 44.39 -59.10
C GLY F 120 8.12 44.93 -59.83
N THR F 121 8.46 44.24 -60.92
CA THR F 121 9.56 44.64 -61.80
C THR F 121 9.05 44.71 -63.22
N LEU F 122 9.22 45.87 -63.86
CA LEU F 122 8.75 46.11 -65.22
C LEU F 122 9.90 45.93 -66.20
N VAL F 123 9.69 45.08 -67.21
CA VAL F 123 10.69 44.87 -68.24
C VAL F 123 10.16 45.34 -69.59
N GLU G 1 -8.02 21.75 -69.64
CA GLU G 1 -7.85 22.52 -68.42
C GLU G 1 -9.20 22.91 -67.83
N ILE G 2 -9.17 23.64 -66.72
CA ILE G 2 -10.37 24.15 -66.06
C ILE G 2 -10.35 25.67 -66.16
N VAL G 3 -11.48 26.23 -66.60
CA VAL G 3 -11.62 27.69 -66.70
C VAL G 3 -12.80 28.11 -65.84
N LEU G 4 -13.11 29.41 -65.85
CA LEU G 4 -14.21 29.95 -65.07
C LEU G 4 -14.95 30.99 -65.89
N THR G 5 -16.27 31.00 -65.77
CA THR G 5 -17.13 31.89 -66.56
C THR G 5 -17.29 33.20 -65.81
N GLN G 6 -16.93 34.31 -66.47
CA GLN G 6 -16.90 35.62 -65.86
C GLN G 6 -17.88 36.54 -66.56
N SER G 7 -19.05 36.74 -65.96
CA SER G 7 -19.90 37.84 -66.41
C SER G 7 -20.54 38.69 -65.30
N PRO G 8 -19.80 39.15 -64.24
CA PRO G 8 -20.23 40.39 -63.59
C PRO G 8 -19.47 41.57 -64.17
N GLY G 9 -19.63 41.81 -65.47
CA GLY G 9 -18.77 42.74 -66.18
C GLY G 9 -18.94 44.19 -65.75
N THR G 10 -20.19 44.63 -65.60
CA THR G 10 -20.50 46.04 -65.35
C THR G 10 -21.15 46.18 -63.98
N LEU G 11 -20.65 47.12 -63.18
CA LEU G 11 -21.25 47.51 -61.91
C LEU G 11 -21.38 49.03 -61.89
N SER G 12 -22.45 49.55 -62.48
CA SER G 12 -22.75 50.98 -62.44
C SER G 12 -23.80 51.23 -61.37
N LEU G 13 -23.42 50.94 -60.13
CA LEU G 13 -24.33 51.00 -59.00
C LEU G 13 -23.98 52.17 -58.08
N SER G 14 -24.99 52.69 -57.40
CA SER G 14 -24.80 53.75 -56.44
C SER G 14 -24.13 53.22 -55.18
N PRO G 15 -23.50 54.09 -54.39
CA PRO G 15 -22.97 53.64 -53.10
C PRO G 15 -24.08 53.49 -52.07
N GLY G 16 -24.04 52.38 -51.32
CA GLY G 16 -24.87 52.20 -50.14
C GLY G 16 -25.72 50.94 -50.17
N GLU G 17 -26.27 50.59 -51.33
CA GLU G 17 -27.29 49.55 -51.38
C GLU G 17 -26.63 48.17 -51.55
N ARG G 18 -27.46 47.16 -51.78
CA ARG G 18 -27.03 45.77 -51.93
C ARG G 18 -26.04 45.60 -53.07
N ALA G 19 -24.98 44.85 -52.83
CA ALA G 19 -24.02 44.49 -53.87
C ALA G 19 -23.79 42.99 -53.86
N THR G 20 -23.91 42.36 -55.03
CA THR G 20 -23.71 40.92 -55.15
C THR G 20 -22.88 40.65 -56.39
N LEU G 21 -21.85 39.82 -56.25
CA LEU G 21 -20.96 39.47 -57.35
C LEU G 21 -21.05 37.97 -57.61
N SER G 22 -21.20 37.60 -58.87
CA SER G 22 -21.38 36.19 -59.25
C SER G 22 -20.35 35.80 -60.30
N CYS G 23 -19.52 34.80 -59.97
CA CYS G 23 -18.61 34.19 -60.92
C CYS G 23 -18.67 32.67 -60.76
N ARG G 24 -18.67 31.96 -61.87
CA ARG G 24 -19.00 30.55 -61.94
C ARG G 24 -17.92 29.83 -62.75
N ALA G 25 -17.69 28.56 -62.43
CA ALA G 25 -16.55 27.83 -62.98
C ALA G 25 -17.02 26.95 -64.14
N SER G 26 -16.06 26.30 -64.80
CA SER G 26 -16.40 25.33 -65.85
C SER G 26 -16.72 23.96 -65.26
N GLN G 27 -15.99 23.56 -64.23
CA GLN G 27 -16.08 22.22 -63.67
C GLN G 27 -16.36 22.32 -62.18
N THR G 28 -16.98 21.27 -61.63
CA THR G 28 -17.29 21.22 -60.21
C THR G 28 -16.01 21.26 -59.38
N VAL G 29 -16.01 22.11 -58.36
CA VAL G 29 -14.85 22.34 -57.51
C VAL G 29 -15.24 22.18 -56.05
N SER G 30 -14.23 21.99 -55.21
CA SER G 30 -14.45 21.86 -53.77
C SER G 30 -14.70 23.22 -53.15
N SER G 31 -15.22 23.20 -51.92
CA SER G 31 -15.54 24.42 -51.19
C SER G 31 -14.34 25.02 -50.47
N THR G 32 -13.18 24.38 -50.52
CA THR G 32 -11.98 24.87 -49.89
C THR G 32 -10.96 25.41 -50.89
N SER G 33 -11.41 25.78 -52.09
CA SER G 33 -10.53 26.26 -53.16
C SER G 33 -10.81 27.71 -53.52
N LEU G 34 -11.47 28.45 -52.65
CA LEU G 34 -12.04 29.75 -53.00
C LEU G 34 -11.12 30.87 -52.55
N ALA G 35 -10.88 31.84 -53.44
CA ALA G 35 -10.17 33.05 -53.04
C ALA G 35 -10.65 34.22 -53.87
N TRP G 36 -10.50 35.44 -53.33
CA TRP G 36 -10.84 36.66 -54.06
C TRP G 36 -9.83 37.75 -53.76
N TYR G 37 -9.51 38.52 -54.80
CA TYR G 37 -8.51 39.57 -54.74
C TYR G 37 -9.07 40.88 -55.28
N GLN G 38 -8.54 41.99 -54.76
CA GLN G 38 -8.92 43.33 -55.12
C GLN G 38 -7.79 44.03 -55.84
N GLN G 39 -8.15 44.84 -56.84
CA GLN G 39 -7.16 45.59 -57.63
C GLN G 39 -7.51 47.08 -57.55
N LYS G 40 -6.80 47.80 -56.70
CA LYS G 40 -6.76 49.25 -56.79
C LYS G 40 -5.92 49.64 -58.01
N PRO G 41 -6.15 50.83 -58.56
CA PRO G 41 -5.33 51.29 -59.70
C PRO G 41 -3.88 51.47 -59.29
N GLY G 42 -3.00 50.72 -59.93
CA GLY G 42 -1.57 50.77 -59.64
C GLY G 42 -1.18 50.29 -58.25
N GLN G 43 -1.73 49.16 -57.81
CA GLN G 43 -1.45 48.64 -56.47
C GLN G 43 -1.27 47.14 -56.57
N ALA G 44 -1.29 46.47 -55.41
CA ALA G 44 -0.98 45.06 -55.28
C ALA G 44 -2.18 44.28 -54.76
N PRO G 45 -2.34 43.03 -55.17
CA PRO G 45 -3.44 42.21 -54.67
C PRO G 45 -3.25 41.82 -53.21
N ARG G 46 -4.37 41.53 -52.55
CA ARG G 46 -4.37 40.96 -51.22
C ARG G 46 -5.71 40.27 -50.99
N LEU G 47 -5.73 39.38 -50.00
CA LEU G 47 -6.88 38.51 -49.76
C LEU G 47 -8.13 39.29 -49.34
N LEU G 48 -9.28 38.69 -49.61
CA LEU G 48 -10.56 39.11 -49.04
C LEU G 48 -11.08 38.06 -48.07
N ILE G 49 -11.27 36.83 -48.54
CA ILE G 49 -11.64 35.68 -47.72
C ILE G 49 -10.86 34.48 -48.23
N TYR G 50 -10.11 33.83 -47.34
CA TYR G 50 -9.33 32.67 -47.79
C TYR G 50 -10.18 31.42 -47.97
N GLY G 51 -11.37 31.37 -47.38
CA GLY G 51 -12.25 30.22 -47.50
C GLY G 51 -13.60 30.58 -48.07
N ALA G 52 -14.67 30.18 -47.38
CA ALA G 52 -16.01 30.57 -47.80
C ALA G 52 -16.36 31.96 -47.25
N SER G 53 -16.36 32.11 -45.92
CA SER G 53 -16.60 33.40 -45.30
C SER G 53 -15.64 33.65 -44.14
N SER G 54 -14.56 32.88 -44.04
CA SER G 54 -13.62 33.02 -42.93
C SER G 54 -12.76 34.26 -43.14
N ARG G 55 -12.81 35.18 -42.19
CA ARG G 55 -12.20 36.49 -42.35
C ARG G 55 -10.67 36.41 -42.34
N ALA G 56 -10.05 37.31 -43.11
CA ALA G 56 -8.60 37.36 -43.26
C ALA G 56 -7.98 38.53 -42.51
N THR G 57 -8.41 39.76 -42.80
CA THR G 57 -7.82 40.94 -42.15
C THR G 57 -8.92 42.00 -42.01
N GLY G 58 -9.46 42.12 -40.80
CA GLY G 58 -10.38 43.18 -40.44
C GLY G 58 -11.82 42.96 -40.86
N ILE G 59 -12.13 43.25 -42.13
CA ILE G 59 -13.46 43.15 -42.73
C ILE G 59 -14.47 43.88 -41.85
N PRO G 60 -14.50 45.23 -41.87
CA PRO G 60 -15.34 45.98 -40.94
C PRO G 60 -16.85 45.72 -41.06
N ASP G 61 -17.44 46.03 -42.21
CA ASP G 61 -18.87 45.82 -42.37
C ASP G 61 -19.29 45.40 -43.77
N ARG G 62 -18.38 45.18 -44.71
CA ARG G 62 -18.76 45.06 -46.11
C ARG G 62 -18.49 43.70 -46.73
N PHE G 63 -17.28 43.18 -46.60
CA PHE G 63 -16.89 42.00 -47.35
C PHE G 63 -17.58 40.75 -46.82
N SER G 64 -18.16 39.97 -47.72
CA SER G 64 -18.75 38.69 -47.36
C SER G 64 -18.74 37.78 -48.58
N GLY G 65 -18.72 36.49 -48.33
CA GLY G 65 -18.76 35.51 -49.40
C GLY G 65 -19.59 34.31 -48.98
N SER G 66 -20.19 33.65 -49.97
CA SER G 66 -21.01 32.48 -49.71
C SER G 66 -20.86 31.50 -50.86
N GLY G 67 -20.48 30.26 -50.54
CA GLY G 67 -20.25 29.24 -51.54
C GLY G 67 -21.38 28.21 -51.51
N SER G 68 -22.12 28.15 -52.61
CA SER G 68 -23.18 27.16 -52.79
C SER G 68 -22.58 26.01 -53.60
N GLY G 69 -21.92 25.10 -52.89
CA GLY G 69 -21.37 23.90 -53.49
C GLY G 69 -20.32 24.22 -54.53
N THR G 70 -20.70 23.98 -55.79
CA THR G 70 -19.83 24.33 -56.91
C THR G 70 -19.73 25.83 -57.10
N ASP G 71 -20.87 26.53 -57.10
CA ASP G 71 -20.85 27.95 -57.36
C ASP G 71 -20.53 28.73 -56.08
N PHE G 72 -20.24 30.02 -56.24
CA PHE G 72 -19.93 30.88 -55.10
C PHE G 72 -20.09 32.33 -55.51
N THR G 73 -20.55 33.15 -54.55
CA THR G 73 -20.88 34.54 -54.80
C THR G 73 -20.40 35.43 -53.66
N LEU G 74 -20.46 36.73 -53.91
CA LEU G 74 -19.91 37.75 -53.02
C LEU G 74 -21.04 38.64 -52.54
N THR G 75 -21.14 38.83 -51.23
CA THR G 75 -22.17 39.63 -50.59
C THR G 75 -21.50 40.84 -49.97
N ILE G 76 -21.85 42.04 -50.46
CA ILE G 76 -21.31 43.31 -49.98
C ILE G 76 -22.48 44.20 -49.60
N SER G 77 -22.45 44.72 -48.37
CA SER G 77 -23.42 45.69 -47.89
C SER G 77 -22.70 46.99 -47.55
N ARG G 78 -23.43 48.10 -47.69
CA ARG G 78 -22.93 49.46 -47.41
C ARG G 78 -21.65 49.76 -48.20
N LEU G 79 -21.80 49.75 -49.53
CA LEU G 79 -20.68 49.93 -50.45
C LEU G 79 -20.19 51.37 -50.34
N GLU G 80 -19.08 51.56 -49.65
CA GLU G 80 -18.47 52.88 -49.56
C GLU G 80 -17.80 53.23 -50.89
N PRO G 81 -17.80 54.50 -51.29
CA PRO G 81 -17.45 54.84 -52.68
C PRO G 81 -15.96 54.73 -53.02
N GLU G 82 -15.07 54.71 -52.02
CA GLU G 82 -13.66 54.96 -52.31
C GLU G 82 -12.97 53.79 -52.97
N ASP G 83 -13.31 52.55 -52.61
CA ASP G 83 -12.56 51.39 -53.10
C ASP G 83 -12.67 51.20 -54.61
N PHE G 84 -13.86 50.84 -55.11
CA PHE G 84 -14.17 50.72 -56.54
C PHE G 84 -13.17 49.84 -57.29
N ALA G 85 -12.65 48.82 -56.63
CA ALA G 85 -11.54 48.04 -57.16
C ALA G 85 -12.00 47.05 -58.21
N VAL G 86 -11.04 46.45 -58.89
CA VAL G 86 -11.30 45.35 -59.82
C VAL G 86 -11.34 44.05 -59.02
N TYR G 87 -12.37 43.26 -59.23
CA TYR G 87 -12.65 42.07 -58.43
C TYR G 87 -12.21 40.82 -59.19
N TYR G 88 -11.46 39.95 -58.52
CA TYR G 88 -11.01 38.71 -59.14
C TYR G 88 -11.33 37.54 -58.21
N CYS G 89 -11.82 36.44 -58.78
CA CYS G 89 -12.10 35.22 -58.03
C CYS G 89 -11.27 34.07 -58.59
N GLN G 90 -10.71 33.26 -57.69
CA GLN G 90 -9.74 32.23 -58.04
C GLN G 90 -10.11 30.90 -57.41
N GLN G 91 -10.00 29.84 -58.22
CA GLN G 91 -10.10 28.46 -57.79
C GLN G 91 -8.72 27.93 -57.39
N HIS G 92 -8.70 26.71 -56.83
CA HIS G 92 -7.43 26.11 -56.42
C HIS G 92 -7.30 24.62 -56.75
N ASP G 93 -8.39 23.91 -57.03
CA ASP G 93 -8.36 22.44 -57.04
C ASP G 93 -7.47 21.89 -58.16
N THR G 94 -7.68 22.34 -59.39
CA THR G 94 -6.93 21.83 -60.53
C THR G 94 -6.08 22.96 -61.10
N SER G 95 -4.77 22.84 -60.93
CA SER G 95 -3.75 23.83 -61.35
C SER G 95 -4.10 25.16 -60.66
N LEU G 96 -4.11 26.28 -61.39
CA LEU G 96 -4.46 27.57 -60.79
C LEU G 96 -4.86 28.51 -61.91
N THR G 97 -6.02 29.16 -61.76
CA THR G 97 -6.46 30.17 -62.69
C THR G 97 -7.04 31.34 -61.92
N PHE G 98 -7.04 32.50 -62.56
CA PHE G 98 -7.39 33.78 -61.94
C PHE G 98 -8.64 34.36 -62.59
N GLY G 99 -9.21 35.37 -61.93
CA GLY G 99 -10.45 35.94 -62.38
C GLY G 99 -10.32 36.72 -63.68
N GLY G 100 -11.44 36.85 -64.38
CA GLY G 100 -11.47 37.52 -65.66
C GLY G 100 -11.52 39.03 -65.58
N GLY G 101 -12.58 39.57 -64.98
CA GLY G 101 -12.70 41.02 -64.87
C GLY G 101 -14.01 41.49 -64.26
N THR G 102 -13.94 42.58 -63.50
CA THR G 102 -15.12 43.18 -62.88
C THR G 102 -14.79 44.64 -62.57
N LYS G 103 -15.55 45.56 -63.14
CA LYS G 103 -15.25 46.98 -63.00
C LYS G 103 -16.43 47.72 -62.35
N VAL G 104 -16.09 48.77 -61.60
CA VAL G 104 -17.07 49.72 -61.06
C VAL G 104 -16.69 51.10 -61.57
N GLU G 105 -17.62 51.76 -62.23
CA GLU G 105 -17.38 53.05 -62.85
C GLU G 105 -18.11 54.15 -62.10
N ILE G 106 -17.68 55.40 -62.34
CA ILE G 106 -18.07 56.53 -61.51
C ILE G 106 -19.36 57.19 -61.97
N LYS G 107 -19.96 56.71 -63.06
CA LYS G 107 -21.24 57.18 -63.66
C LYS G 107 -21.34 58.71 -63.72
N ARG G 108 -20.43 59.30 -64.50
CA ARG G 108 -20.43 60.75 -64.74
C ARG G 108 -21.70 61.19 -65.48
C1 NAG H . -5.47 27.79 -40.36
C2 NAG H . -4.52 28.01 -39.18
C3 NAG H . -5.07 29.11 -38.27
C4 NAG H . -5.37 30.39 -39.05
C5 NAG H . -6.19 30.09 -40.31
C6 NAG H . -6.24 31.27 -41.26
C7 NAG H . -3.21 26.51 -37.74
C8 NAG H . -3.19 25.19 -37.03
N2 NAG H . -4.33 26.78 -38.43
O3 NAG H . -4.14 29.39 -37.24
O4 NAG H . -6.11 31.26 -38.22
O5 NAG H . -5.62 29.01 -41.07
O6 NAG H . -5.00 31.42 -41.95
O7 NAG H . -2.27 27.30 -37.70
C1 NAG H . -5.50 32.56 -38.01
C2 NAG H . -6.53 33.45 -37.28
C3 NAG H . -5.96 34.84 -36.96
C4 NAG H . -4.59 34.73 -36.29
C5 NAG H . -3.67 33.80 -37.07
C6 NAG H . -2.35 33.56 -36.39
C7 NAG H . -8.35 33.96 -39.06
C8 NAG H . -7.39 34.56 -40.05
N2 NAG H . -7.87 33.49 -37.86
O3 NAG H . -6.88 35.54 -36.14
O4 NAG H . -3.99 36.01 -36.22
O5 NAG H . -4.29 32.50 -37.26
O6 NAG H . -2.48 33.56 -34.98
O7 NAG H . -9.55 33.87 -39.31
C1 BMA H . -4.08 36.56 -34.88
C2 BMA H . -2.87 37.47 -34.62
C3 BMA H . -3.04 38.21 -33.30
C4 BMA H . -4.43 38.87 -33.17
C5 BMA H . -5.52 37.83 -33.43
C6 BMA H . -6.92 38.43 -33.41
O2 BMA H . -2.77 38.48 -35.63
O3 BMA H . -2.02 39.19 -33.10
O4 BMA H . -4.59 39.42 -31.86
O5 BMA H . -5.31 37.27 -34.74
O6 BMA H . -6.99 39.37 -32.34
C1 FUC H . -4.67 32.82 -42.03
C2 FUC H . -3.21 33.01 -41.54
C3 FUC H . -2.23 32.34 -42.51
C4 FUC H . -2.45 32.85 -43.94
C5 FUC H . -3.92 32.70 -44.34
C6 FUC H . -4.25 33.37 -45.66
O2 FUC H . -3.02 32.53 -40.21
O3 FUC H . -0.89 32.66 -42.13
O4 FUC H . -2.06 34.21 -44.04
O5 FUC H . -4.82 33.29 -43.36
C1 NAG I . -39.04 31.81 -7.82
C2 NAG I . -38.90 30.59 -6.92
C3 NAG I . -39.73 29.44 -7.47
C4 NAG I . -41.17 29.85 -7.74
C5 NAG I . -41.25 31.19 -8.51
C6 NAG I . -42.63 31.78 -8.52
C7 NAG I . -37.03 29.60 -5.68
C8 NAG I . -35.57 29.26 -5.70
N2 NAG I . -37.51 30.20 -6.77
O3 NAG I . -39.71 28.35 -6.55
O4 NAG I . -41.78 28.83 -8.52
O5 NAG I . -40.40 32.17 -7.91
O6 NAG I . -43.01 32.31 -7.26
O7 NAG I . -37.73 29.35 -4.71
C1 NAG I . -43.03 28.29 -8.01
C2 NAG I . -43.30 26.95 -8.74
C3 NAG I . -44.61 26.30 -8.27
C4 NAG I . -44.68 26.25 -6.74
C5 NAG I . -44.30 27.60 -6.11
C6 NAG I . -44.19 27.53 -4.61
C7 NAG I . -43.84 27.61 -11.19
C8 NAG I . -44.98 28.52 -10.82
N2 NAG I . -43.15 26.97 -10.21
O3 NAG I . -44.69 24.99 -8.83
O4 NAG I . -46.01 25.97 -6.33
O5 NAG I . -43.04 28.07 -6.60
O6 NAG I . -43.59 26.31 -4.19
O7 NAG I . -43.51 27.46 -12.37
C1 BMA I . -46.24 24.57 -6.05
C2 BMA I . -47.00 24.46 -4.71
C3 BMA I . -47.46 23.02 -4.48
C4 BMA I . -48.17 22.44 -5.73
C5 BMA I . -47.26 22.59 -6.95
C6 BMA I . -47.91 22.10 -8.24
O2 BMA I . -48.16 25.27 -4.73
O3 BMA I . -48.32 22.91 -3.35
O4 BMA I . -48.47 21.06 -5.52
O5 BMA I . -46.96 23.98 -7.13
O6 BMA I . -46.99 22.28 -9.31
C1 FUC I . -44.28 31.75 -6.88
C2 FUC I . -44.22 31.36 -5.38
C3 FUC I . -44.28 32.59 -4.46
C4 FUC I . -45.47 33.49 -4.82
C5 FUC I . -45.40 33.86 -6.31
C6 FUC I . -46.60 34.65 -6.78
O2 FUC I . -43.07 30.58 -5.08
O3 FUC I . -44.45 32.19 -3.10
O4 FUC I . -46.68 32.82 -4.56
O5 FUC I . -45.34 32.67 -7.14
C1 NAG J . 17.79 46.63 14.60
C2 NAG J . 19.11 45.98 15.05
C3 NAG J . 20.17 47.05 15.28
C4 NAG J . 20.32 47.94 14.04
C5 NAG J . 18.96 48.52 13.65
C6 NAG J . 19.00 49.31 12.37
C7 NAG J . 19.63 44.08 16.52
C8 NAG J . 19.29 43.39 17.81
N2 NAG J . 18.92 45.18 16.25
O3 NAG J . 21.42 46.43 15.57
O4 NAG J . 21.21 49.01 14.31
O5 NAG J . 18.01 47.45 13.44
O6 NAG J . 18.02 48.86 11.44
O7 NAG J . 20.49 43.67 15.76
C1 NAG K . -20.97 57.30 18.37
C2 NAG K . -22.18 57.12 17.46
C3 NAG K . -23.27 58.14 17.81
C4 NAG K . -23.60 58.07 19.29
C5 NAG K . -22.33 58.22 20.13
C6 NAG K . -22.58 58.05 21.61
C7 NAG K . -22.41 56.53 15.08
C8 NAG K . -21.90 56.77 13.69
N2 NAG K . -21.82 57.23 16.05
O3 NAG K . -24.43 57.88 17.04
O4 NAG K . -24.52 59.10 19.64
O5 NAG K . -21.37 57.23 19.75
O6 NAG K . -23.94 58.27 21.95
O7 NAG K . -23.32 55.74 15.31
C1 NAG L . -18.24 55.19 -8.44
C2 NAG L . -18.77 54.42 -9.65
C3 NAG L . -18.64 55.29 -10.90
C4 NAG L . -19.31 56.64 -10.70
C5 NAG L . -18.77 57.31 -9.45
C6 NAG L . -19.47 58.62 -9.12
C7 NAG L . -18.66 51.98 -9.58
C8 NAG L . -17.79 50.77 -9.80
N2 NAG L . -18.08 53.16 -9.82
O3 NAG L . -19.24 54.61 -12.00
O4 NAG L . -19.09 57.47 -11.83
O5 NAG L . -18.92 56.45 -8.31
O6 NAG L . -20.60 58.82 -9.95
O7 NAG L . -19.82 51.89 -9.20
C1 NAG M . -1.88 44.86 -5.24
C2 NAG M . -1.97 44.49 -6.73
C3 NAG M . -0.58 44.42 -7.35
C4 NAG M . 0.20 45.70 -7.08
C5 NAG M . 0.22 45.99 -5.58
C6 NAG M . 0.89 47.30 -5.24
C7 NAG M . -3.99 43.18 -7.24
C8 NAG M . -4.56 41.81 -7.39
N2 NAG M . -2.69 43.24 -6.92
O3 NAG M . -0.69 44.21 -8.75
O4 NAG M . 1.53 45.58 -7.56
O5 NAG M . -1.12 46.07 -5.08
O6 NAG M . 0.20 48.41 -5.81
O7 NAG M . -4.68 44.19 -7.37
C1 NAG N . -7.77 27.74 35.36
C2 NAG N . -8.56 28.94 35.88
C3 NAG N . -7.69 29.78 36.80
C4 NAG N . -7.12 28.93 37.92
C5 NAG N . -6.38 27.72 37.34
C6 NAG N . -5.89 26.76 38.39
C7 NAG N . -10.31 29.66 34.31
C8 NAG N . -10.66 30.57 33.18
N2 NAG N . -9.06 29.76 34.78
O3 NAG N . -8.49 30.83 37.37
O4 NAG N . -6.21 29.69 38.72
O5 NAG N . -7.25 26.99 36.47
O6 NAG N . -6.74 26.78 39.54
O7 NAG N . -11.13 28.87 34.79
C1 NAG O . 25.00 27.91 -32.59
C2 NAG O . 26.48 27.93 -32.97
C3 NAG O . 27.11 29.23 -32.49
C4 NAG O . 26.33 30.43 -33.02
C5 NAG O . 24.86 30.31 -32.65
C6 NAG O . 24.00 31.40 -33.24
C7 NAG O . 27.65 25.76 -33.13
C8 NAG O . 27.43 25.85 -34.62
N2 NAG O . 27.18 26.78 -32.40
O3 NAG O . 28.47 29.29 -32.94
O4 NAG O . 26.85 31.63 -32.47
O5 NAG O . 24.34 29.06 -33.14
O6 NAG O . 22.66 30.98 -33.40
O7 NAG O . 28.23 24.82 -32.62
C1 NAG P . 17.87 18.92 36.67
C2 NAG P . 18.67 19.23 37.93
C3 NAG P . 19.23 17.95 38.54
C4 NAG P . 18.11 16.94 38.78
C5 NAG P . 17.32 16.72 37.49
C6 NAG P . 16.11 15.83 37.68
C7 NAG P . 19.67 21.47 37.88
C8 NAG P . 20.88 22.29 37.52
N2 NAG P . 19.76 20.16 37.64
O3 NAG P . 19.88 18.23 39.76
O4 NAG P . 18.65 15.71 39.22
O5 NAG P . 16.83 17.97 36.98
O6 NAG P . 15.21 16.38 38.63
O7 NAG P . 18.67 21.98 38.37
C1 NAG Q . 39.36 17.90 3.69
C2 NAG Q . 40.05 16.57 3.40
C3 NAG Q . 41.56 16.68 3.65
C4 NAG Q . 42.14 17.85 2.86
C5 NAG Q . 41.38 19.13 3.20
C6 NAG Q . 41.84 20.32 2.38
C7 NAG Q . 39.35 14.24 3.74
C8 NAG Q . 38.74 13.26 4.69
N2 NAG Q . 39.48 15.49 4.19
O3 NAG Q . 42.20 15.47 3.25
O4 NAG Q . 43.52 18.01 3.18
O5 NAG Q . 39.99 18.96 2.93
O6 NAG Q . 41.17 20.37 1.12
O7 NAG Q . 39.70 13.92 2.61
C1 NAG R . 47.61 20.40 23.90
C2 NAG R . 48.44 20.95 22.75
C3 NAG R . 49.11 22.25 23.16
C4 NAG R . 48.09 23.25 23.68
C5 NAG R . 47.26 22.61 24.80
C6 NAG R . 46.14 23.50 25.28
C7 NAG R . 49.48 19.52 21.05
C8 NAG R . 50.57 18.52 20.76
N2 NAG R . 49.42 19.97 22.30
O3 NAG R . 49.80 22.81 22.05
O4 NAG R . 48.74 24.41 24.18
O5 NAG R . 46.66 21.40 24.33
O6 NAG R . 44.87 22.87 25.10
O7 NAG R . 48.70 19.90 20.18
C1 NAG S . 64.00 -15.92 33.08
C2 NAG S . 65.13 -15.00 33.54
C3 NAG S . 65.99 -14.58 32.35
C4 NAG S . 66.47 -15.81 31.59
C5 NAG S . 65.30 -16.68 31.19
C6 NAG S . 65.71 -17.98 30.54
C7 NAG S . 64.49 -13.75 35.56
C8 NAG S . 63.93 -12.47 36.09
N2 NAG S . 64.60 -13.83 34.23
O3 NAG S . 67.10 -13.82 32.81
O4 NAG S . 67.18 -15.40 30.41
O5 NAG S . 64.54 -17.04 32.37
O6 NAG S . 66.83 -18.55 31.19
O7 NAG S . 64.83 -14.67 36.30
C1 NAG T . 40.48 -7.05 56.04
C2 NAG T . 41.11 -7.31 57.41
C3 NAG T . 40.14 -6.93 58.52
C4 NAG T . 39.66 -5.50 58.35
C5 NAG T . 39.08 -5.30 56.95
C6 NAG T . 38.70 -3.87 56.66
C7 NAG T . 42.68 -9.07 58.08
C8 NAG T . 42.93 -10.55 58.13
N2 NAG T . 41.52 -8.70 57.54
O3 NAG T . 40.78 -7.07 59.79
O4 NAG T . 38.66 -5.19 59.31
O5 NAG T . 40.05 -5.67 55.96
O6 NAG T . 38.36 -3.17 57.85
O7 NAG T . 43.49 -8.25 58.50
C1 NAG U . 18.50 -6.05 61.38
C2 NAG U . 18.40 -6.06 62.91
C3 NAG U . 17.23 -5.21 63.38
C4 NAG U . 17.32 -3.80 62.78
C5 NAG U . 17.44 -3.88 61.27
C6 NAG U . 17.66 -2.53 60.63
C7 NAG U . 19.31 -8.19 63.76
C8 NAG U . 18.98 -9.56 64.24
N2 NAG U . 18.26 -7.42 63.41
O3 NAG U . 17.23 -5.13 64.79
O4 NAG U . 16.16 -3.06 63.12
O5 NAG U . 18.58 -4.68 60.92
O6 NAG U . 18.17 -1.58 61.56
O7 NAG U . 20.46 -7.78 63.68
C1 NAG V . 56.05 -6.41 43.93
C2 NAG V . 56.09 -5.02 44.59
C3 NAG V . 55.98 -3.94 43.53
C4 NAG V . 57.04 -4.11 42.45
C5 NAG V . 56.95 -5.52 41.86
C6 NAG V . 58.04 -5.82 40.86
C7 NAG V . 55.22 -5.17 46.87
C8 NAG V . 54.03 -4.97 47.76
N2 NAG V . 55.04 -4.88 45.57
O3 NAG V . 56.14 -2.66 44.14
O4 NAG V . 56.85 -3.16 41.40
O5 NAG V . 57.08 -6.49 42.91
O6 NAG V . 58.95 -6.80 41.36
O7 NAG V . 56.29 -5.58 47.31
C1 NAG W . 59.60 -15.90 57.28
C2 NAG W . 60.01 -14.76 58.22
C3 NAG W . 60.72 -15.32 59.44
C4 NAG W . 59.88 -16.37 60.13
C5 NAG W . 59.49 -17.46 59.13
C6 NAG W . 58.55 -18.49 59.70
C7 NAG W . 60.36 -12.70 56.93
C8 NAG W . 61.37 -11.81 56.26
N2 NAG W . 60.84 -13.80 57.52
O3 NAG W . 61.00 -14.25 60.36
O4 NAG W . 60.60 -16.97 61.20
O5 NAG W . 58.81 -16.86 58.01
O6 NAG W . 58.76 -18.65 61.11
O7 NAG W . 59.17 -12.44 56.93
C1 NAG X . 70.64 -29.79 45.05
C2 NAG X . 71.45 -29.12 43.94
C3 NAG X . 72.17 -30.18 43.11
C4 NAG X . 72.99 -31.10 43.99
C5 NAG X . 72.12 -31.70 45.09
C6 NAG X . 72.89 -32.53 46.08
C7 NAG X . 70.52 -26.96 43.26
C8 NAG X . 69.60 -26.25 42.32
N2 NAG X . 70.61 -28.29 43.11
O3 NAG X . 73.00 -29.55 42.15
O4 NAG X . 73.54 -32.16 43.22
O5 NAG X . 71.50 -30.64 45.84
O6 NAG X . 72.04 -33.40 46.82
O7 NAG X . 71.15 -26.36 44.12
C1 NAG Y . -45.30 -18.66 20.45
C2 NAG Y . -44.91 -19.56 21.63
C3 NAG Y . -45.98 -19.51 22.71
C4 NAG Y . -46.25 -18.07 23.13
C5 NAG Y . -46.60 -17.23 21.90
C6 NAG Y . -46.76 -15.76 22.22
C7 NAG Y . -43.62 -21.64 21.54
C8 NAG Y . -43.57 -23.05 21.00
N2 NAG Y . -44.69 -20.93 21.19
O3 NAG Y . -45.55 -20.26 23.84
O4 NAG Y . -47.33 -18.02 24.05
O5 NAG Y . -45.54 -17.33 20.93
O6 NAG Y . -46.31 -15.45 23.53
O7 NAG Y . -42.74 -21.20 22.26
C1 NAG Z . -54.81 -32.21 -16.60
C2 NAG Z . -55.18 -31.07 -17.53
C3 NAG Z . -56.02 -31.57 -18.69
C4 NAG Z . -55.30 -32.71 -19.41
C5 NAG Z . -54.92 -33.81 -18.42
C6 NAG Z . -54.10 -34.91 -19.04
C7 NAG Z . -55.33 -28.84 -16.48
C8 NAG Z . -56.20 -27.89 -15.73
N2 NAG Z . -55.89 -30.02 -16.81
O3 NAG Z . -56.26 -30.51 -19.60
O4 NAG Z . -56.14 -33.26 -20.42
O5 NAG Z . -54.14 -33.25 -17.35
O6 NAG Z . -53.32 -34.42 -20.13
O7 NAG Z . -54.17 -28.57 -16.77
C1 NAG AA . -42.47 -4.89 -4.35
C2 NAG AA . -42.26 -3.99 -5.57
C3 NAG AA . -42.90 -2.61 -5.33
C4 NAG AA . -44.34 -2.76 -4.91
C5 NAG AA . -44.46 -3.71 -3.72
C6 NAG AA . -45.89 -3.99 -3.31
C7 NAG AA . -40.38 -3.76 -7.14
C8 NAG AA . -38.89 -3.62 -7.28
N2 NAG AA . -40.85 -3.85 -5.89
O3 NAG AA . -42.80 -1.84 -6.52
O4 NAG AA . -44.88 -1.49 -4.54
O5 NAG AA . -43.87 -4.98 -4.04
O6 NAG AA . -45.96 -5.03 -2.35
O7 NAG AA . -41.14 -3.79 -8.11
C1 NAG BA . -23.29 -43.48 0.42
C2 NAG BA . -23.20 -44.93 -0.07
C3 NAG BA . -24.15 -45.82 0.74
C4 NAG BA . -23.88 -45.67 2.23
C5 NAG BA . -23.95 -44.20 2.63
C6 NAG BA . -23.57 -43.96 4.07
C7 NAG BA . -22.85 -45.87 -2.32
C8 NAG BA . -23.29 -45.84 -3.74
N2 NAG BA . -23.50 -45.03 -1.49
O3 NAG BA . -23.98 -47.18 0.35
O4 NAG BA . -24.86 -46.40 2.97
O5 NAG BA . -23.04 -43.43 1.83
O6 NAG BA . -22.23 -44.36 4.33
O7 NAG BA . -21.96 -46.61 -1.91
C1 NAG CA . -36.36 30.06 22.49
C2 NAG CA . -36.43 30.70 23.88
C3 NAG CA . -37.89 30.94 24.28
C4 NAG CA . -38.63 31.73 23.19
C5 NAG CA . -38.48 31.03 21.84
C6 NAG CA . -39.08 31.81 20.70
C7 NAG CA . -34.51 30.13 25.29
C8 NAG CA . -33.97 29.19 26.33
N2 NAG CA . -35.76 29.89 24.87
O3 NAG CA . -37.94 31.64 25.50
O4 NAG CA . -40.01 31.84 23.52
O5 NAG CA . -37.08 30.86 21.53
O6 NAG CA . -38.43 33.07 20.53
O7 NAG CA . -33.85 31.06 24.84
C1 NAG DA . -16.16 -38.34 26.20
C2 NAG DA . -16.39 -39.79 26.63
C3 NAG DA . -15.08 -40.40 27.14
C4 NAG DA . -13.98 -40.25 26.09
C5 NAG DA . -13.85 -38.80 25.68
C6 NAG DA . -12.85 -38.60 24.55
C7 NAG DA . -18.68 -40.21 27.40
C8 NAG DA . -19.61 -40.24 28.58
N2 NAG DA . -17.42 -39.87 27.66
O3 NAG DA . -15.29 -41.78 27.43
O4 NAG DA . -12.75 -40.71 26.63
O5 NAG DA . -15.11 -38.30 25.22
O6 NAG DA . -13.16 -39.44 23.45
O7 NAG DA . -19.07 -40.47 26.26
C1 NAG EA . 11.95 -33.31 62.69
C2 NAG EA . 10.88 -34.01 61.84
C3 NAG EA . 9.76 -33.04 61.51
C4 NAG EA . 9.20 -32.39 62.77
C5 NAG EA . 10.33 -31.75 63.57
C6 NAG EA . 9.87 -31.21 64.91
C7 NAG EA . 11.75 -35.87 60.50
C8 NAG EA . 12.33 -36.28 59.19
N2 NAG EA . 11.45 -34.57 60.64
O3 NAG EA . 8.73 -33.72 60.82
O4 NAG EA . 8.25 -31.40 62.43
O5 NAG EA . 11.34 -32.72 63.86
O6 NAG EA . 10.43 -31.93 65.98
O7 NAG EA . 11.55 -36.67 61.41
C1 NAG FA . -53.73 -5.25 -20.21
C2 NAG FA . -53.26 -4.32 -21.34
C3 NAG FA . -54.19 -3.11 -21.43
C4 NAG FA . -55.64 -3.56 -21.59
C5 NAG FA . -56.01 -4.54 -20.48
C6 NAG FA . -57.40 -5.12 -20.65
C7 NAG FA . -50.83 -4.47 -21.69
C8 NAG FA . -49.49 -3.90 -21.35
N2 NAG FA . -51.88 -3.88 -21.11
O3 NAG FA . -53.81 -2.31 -22.54
O4 NAG FA . -56.51 -2.44 -21.54
O5 NAG FA . -55.10 -5.64 -20.46
O6 NAG FA . -58.39 -4.28 -20.08
O7 NAG FA . -50.96 -5.42 -22.44
C1 NAG GA . -19.35 -0.90 40.05
C2 NAG GA . -18.34 0.18 40.45
C3 NAG GA . -18.38 0.42 41.96
C4 NAG GA . -19.80 0.72 42.42
C5 NAG GA . -20.74 -0.39 41.96
C6 NAG GA . -22.18 -0.10 42.28
C7 NAG GA . -16.10 0.73 39.59
C8 NAG GA . -14.77 0.18 39.19
N2 NAG GA . -17.00 -0.17 40.02
O3 NAG GA . -17.53 1.50 42.29
O4 NAG GA . -19.84 0.80 43.84
O5 NAG GA . -20.66 -0.54 40.53
O6 NAG GA . -22.64 1.07 41.63
O7 NAG GA . -16.36 1.92 39.54
C1 NAG HA . -17.80 -20.58 52.99
C2 NAG HA . -18.75 -19.61 53.69
C3 NAG HA . -19.77 -20.39 54.53
C4 NAG HA . -20.48 -21.43 53.68
C5 NAG HA . -19.47 -22.32 52.96
C6 NAG HA . -20.11 -23.29 52.00
C7 NAG HA . -17.73 -17.42 54.11
C8 NAG HA . -16.96 -16.58 55.09
N2 NAG HA . -18.02 -18.67 54.51
O3 NAG HA . -20.71 -19.49 55.09
O4 NAG HA . -21.32 -22.24 54.51
O5 NAG HA . -18.57 -21.51 52.19
O6 NAG HA . -20.06 -22.81 50.66
O7 NAG HA . -18.06 -17.00 53.00
C1 NAG IA . 20.63 -20.65 69.27
C2 NAG IA . 19.30 -20.64 70.02
C3 NAG IA . 19.01 -19.24 70.56
C4 NAG IA . 20.18 -18.73 71.39
C5 NAG IA . 21.48 -18.82 70.59
C6 NAG IA . 22.70 -18.43 71.38
C7 NAG IA . 17.74 -22.34 69.19
C8 NAG IA . 16.61 -22.64 68.25
N2 NAG IA . 18.22 -21.10 69.17
O3 NAG IA . 17.83 -19.29 71.36
O4 NAG IA . 19.94 -17.38 71.77
O5 NAG IA . 21.67 -20.16 70.13
O6 NAG IA . 22.40 -18.32 72.77
O7 NAG IA . 18.19 -23.20 69.95
C1 NAG JA . 14.53 -48.02 49.45
C2 NAG JA . 14.53 -49.13 50.50
C3 NAG JA . 14.29 -50.48 49.85
C4 NAG JA . 13.02 -50.46 49.02
C5 NAG JA . 13.07 -49.31 48.01
C6 NAG JA . 11.80 -49.16 47.22
C7 NAG JA . 15.87 -49.45 52.54
C8 NAG JA . 17.23 -49.39 53.14
N2 NAG JA . 15.78 -49.12 51.25
O3 NAG JA . 14.19 -51.49 50.86
O4 NAG JA . 12.87 -51.69 48.32
O5 NAG JA . 13.29 -48.08 48.70
O6 NAG JA . 11.65 -47.83 46.73
O7 NAG JA . 14.88 -49.77 53.19
C1 NAG KA . 13.68 -56.73 28.70
C2 NAG KA . 14.11 -58.20 28.83
C3 NAG KA . 13.47 -59.04 27.73
C4 NAG KA . 11.96 -58.85 27.72
C5 NAG KA . 11.61 -57.36 27.64
C6 NAG KA . 10.13 -57.10 27.77
C7 NAG KA . 16.24 -59.18 29.57
C8 NAG KA . 17.73 -59.17 29.40
N2 NAG KA . 15.56 -58.32 28.79
O3 NAG KA . 13.79 -60.41 27.93
O4 NAG KA . 11.38 -59.53 26.61
O5 NAG KA . 12.25 -56.66 28.72
O6 NAG KA . 9.43 -57.50 26.60
O7 NAG KA . 15.68 -59.90 30.38
C1 NAG LA . 23.07 -44.37 67.62
C2 NAG LA . 22.45 -45.14 68.78
C3 NAG LA . 23.53 -45.73 69.68
C4 NAG LA . 24.51 -46.55 68.86
C5 NAG LA . 25.07 -45.73 67.71
C6 NAG LA . 25.96 -46.53 66.79
C7 NAG LA . 20.44 -44.75 70.15
C8 NAG LA . 19.63 -43.73 70.90
N2 NAG LA . 21.54 -44.30 69.55
O3 NAG LA . 22.94 -46.53 70.69
O4 NAG LA . 25.58 -47.01 69.69
O5 NAG LA . 23.98 -45.23 66.91
O6 NAG LA . 26.38 -47.73 67.40
O7 NAG LA . 20.10 -45.93 70.08
C1 NAG MA . 35.25 -29.09 76.43
C2 NAG MA . 34.39 -28.31 77.43
C3 NAG MA . 35.20 -27.19 78.06
C4 NAG MA . 36.49 -27.74 78.67
C5 NAG MA . 37.27 -28.53 77.63
C6 NAG MA . 38.50 -29.20 78.18
C7 NAG MA . 31.96 -28.12 77.15
C8 NAG MA . 30.84 -27.48 76.39
N2 NAG MA . 33.20 -27.77 76.79
O3 NAG MA . 34.42 -26.55 79.07
O4 NAG MA . 37.30 -26.68 79.16
O5 NAG MA . 36.44 -29.57 77.07
O6 NAG MA . 38.17 -30.37 78.91
O7 NAG MA . 31.74 -28.94 78.05
C1 NAG NA . 24.22 -27.40 -39.69
C2 NAG NA . 24.20 -28.05 -38.30
C3 NAG NA . 24.62 -29.51 -38.41
C4 NAG NA . 23.76 -30.25 -39.43
C5 NAG NA . 23.80 -29.52 -40.77
C6 NAG NA . 22.88 -30.12 -41.80
C7 NAG NA . 24.85 -27.25 -36.08
C8 NAG NA . 25.85 -26.47 -35.28
N2 NAG NA . 25.07 -27.33 -37.38
O3 NAG NA . 24.50 -30.14 -37.13
O4 NAG NA . 24.24 -31.58 -39.61
O5 NAG NA . 23.39 -28.16 -40.59
O6 NAG NA . 21.98 -29.15 -42.33
O7 NAG NA . 23.87 -27.78 -35.55
C1 NAG OA . 29.01 9.93 -58.21
C2 NAG OA . 27.61 10.51 -58.43
C3 NAG OA . 27.62 11.48 -59.60
C4 NAG OA . 28.69 12.55 -59.42
C5 NAG OA . 30.04 11.89 -59.17
C6 NAG OA . 31.13 12.89 -58.86
C7 NAG OA . 25.90 8.93 -57.66
C8 NAG OA . 24.94 7.85 -58.06
N2 NAG OA . 26.64 9.46 -58.65
O3 NAG OA . 26.34 12.10 -59.70
O4 NAG OA . 28.76 13.38 -60.56
O5 NAG OA . 29.96 10.99 -58.05
O6 NAG OA . 30.93 13.46 -57.57
O7 NAG OA . 26.02 9.31 -56.49
C1 NAG PA . 3.05 5.92 -59.92
C2 NAG PA . 1.77 6.74 -59.76
C3 NAG PA . 0.86 6.54 -60.97
C4 NAG PA . 1.61 6.82 -62.27
C5 NAG PA . 2.88 5.98 -62.33
C6 NAG PA . 3.73 6.30 -63.54
C7 NAG PA . 0.36 7.27 -57.82
C8 NAG PA . -0.29 6.74 -56.58
N2 NAG PA . 1.08 6.39 -58.53
O3 NAG PA . -0.26 7.40 -60.87
O4 NAG PA . 0.79 6.51 -63.39
O5 NAG PA . 3.69 6.24 -61.17
O6 NAG PA . 4.35 7.57 -63.41
O7 NAG PA . 0.24 8.44 -58.17
C1 NAG QA . 4.20 -7.60 -46.78
C2 NAG QA . 2.88 -7.56 -46.03
C3 NAG QA . 2.34 -8.98 -45.82
C4 NAG QA . 2.26 -9.72 -47.15
C5 NAG QA . 3.61 -9.69 -47.85
C6 NAG QA . 3.57 -10.31 -49.22
C7 NAG QA . 2.70 -5.59 -44.58
C8 NAG QA . 2.91 -5.04 -43.20
N2 NAG QA . 3.02 -6.88 -44.75
O3 NAG QA . 1.06 -8.91 -45.21
O4 NAG QA . 1.87 -11.07 -46.94
O5 NAG QA . 4.03 -8.33 -48.02
O6 NAG QA . 3.04 -11.62 -49.19
O7 NAG QA . 2.28 -4.89 -45.50
C1 NAG RA . 41.55 3.10 -22.94
C2 NAG RA . 42.41 2.02 -23.59
C3 NAG RA . 43.87 2.16 -23.16
C4 NAG RA . 44.37 3.58 -23.43
C5 NAG RA . 43.45 4.59 -22.77
C6 NAG RA . 43.82 6.02 -23.09
C7 NAG RA . 42.02 -0.35 -24.12
C8 NAG RA . 41.46 -1.65 -23.63
N2 NAG RA . 41.91 0.69 -23.28
O3 NAG RA . 44.68 1.23 -23.87
O4 NAG RA . 45.68 3.74 -22.91
O5 NAG RA . 42.09 4.40 -23.23
O6 NAG RA . 45.19 6.13 -23.44
O7 NAG RA . 42.54 -0.24 -25.23
C1 NAG SA . -27.90 -36.09 -26.71
C2 NAG SA . -28.39 -37.45 -26.21
C3 NAG SA . -28.16 -38.52 -27.28
C4 NAG SA . -28.80 -38.09 -28.60
C5 NAG SA . -28.33 -36.69 -29.00
C6 NAG SA . -29.03 -36.16 -30.23
C7 NAG SA . -28.43 -38.25 -23.89
C8 NAG SA . -27.60 -38.60 -22.69
N2 NAG SA . -27.75 -37.83 -24.97
O3 NAG SA . -28.70 -39.75 -26.85
O4 NAG SA . -28.47 -39.02 -29.62
O5 NAG SA . -28.57 -35.76 -27.94
O6 NAG SA . -30.20 -36.92 -30.53
O7 NAG SA . -29.65 -38.34 -23.90
C1 NAG TA . 40.39 -22.15 -10.86
C2 NAG TA . 41.80 -21.59 -10.72
C3 NAG TA . 42.44 -22.10 -9.43
C4 NAG TA . 41.55 -21.81 -8.24
C5 NAG TA . 40.13 -22.33 -8.48
C6 NAG TA . 39.17 -21.94 -7.38
C7 NAG TA . 42.97 -21.02 -12.80
C8 NAG TA . 43.82 -21.54 -13.93
N2 NAG TA . 42.61 -21.92 -11.88
O3 NAG TA . 43.72 -21.50 -9.27
O4 NAG TA . 42.08 -22.42 -7.07
O5 NAG TA . 39.61 -21.80 -9.70
O6 NAG TA . 39.72 -20.94 -6.53
O7 NAG TA . 42.63 -19.85 -12.73
C1 NAG UA . 6.32 -43.09 -13.45
C2 NAG UA . 5.03 -43.63 -12.83
C3 NAG UA . 5.09 -45.15 -12.74
C4 NAG UA . 5.41 -45.77 -14.09
C5 NAG UA . 6.69 -45.15 -14.65
C6 NAG UA . 7.00 -45.64 -16.06
C7 NAG UA . 3.95 -42.01 -11.34
C8 NAG UA . 3.82 -41.52 -9.93
N2 NAG UA . 4.79 -43.04 -11.53
O3 NAG UA . 3.85 -45.64 -12.25
O4 NAG UA . 5.57 -47.17 -13.97
O5 NAG UA . 6.56 -43.73 -14.73
O6 NAG UA . 5.85 -46.17 -16.69
O7 NAG UA . 3.35 -41.48 -12.27
C1 NAG VA . 28.85 -51.51 -8.02
C2 NAG VA . 28.35 -52.96 -8.18
C3 NAG VA . 29.37 -53.79 -8.95
C4 NAG VA . 29.72 -53.12 -10.27
C5 NAG VA . 30.16 -51.68 -10.04
C6 NAG VA . 30.40 -50.91 -11.32
C7 NAG VA . 26.84 -53.81 -6.44
C8 NAG VA . 26.73 -54.43 -5.09
N2 NAG VA . 28.07 -53.55 -6.89
O3 NAG VA . 28.84 -55.08 -9.19
O4 NAG VA . 30.78 -53.83 -10.91
O5 NAG VA . 29.15 -50.97 -9.31
O6 NAG VA . 29.26 -50.15 -11.69
O7 NAG VA . 25.85 -53.55 -7.12
C1 NAG WA . 30.57 -61.79 30.09
C2 NAG WA . 30.80 -63.24 30.51
C3 NAG WA . 29.84 -64.17 29.78
C4 NAG WA . 28.40 -63.71 29.97
C5 NAG WA . 28.26 -62.24 29.58
C6 NAG WA . 26.88 -61.68 29.86
C7 NAG WA . 33.13 -63.61 31.20
C8 NAG WA . 34.50 -64.05 30.77
N2 NAG WA . 32.18 -63.64 30.26
O3 NAG WA . 30.00 -65.49 30.27
O4 NAG WA . 27.52 -64.50 29.18
O5 NAG WA . 29.19 -61.43 30.33
O6 NAG WA . 26.24 -62.40 30.91
O7 NAG WA . 32.90 -63.24 32.35
C1 NAG XA . 53.84 -39.35 21.99
C2 NAG XA . 55.18 -40.01 22.29
C3 NAG XA . 56.33 -39.09 21.90
C4 NAG XA . 56.18 -38.64 20.45
C5 NAG XA . 54.81 -38.01 20.23
C6 NAG XA . 54.55 -37.62 18.80
C7 NAG XA . 55.88 -41.50 24.12
C8 NAG XA . 55.89 -41.72 25.60
N2 NAG XA . 55.27 -40.38 23.70
O3 NAG XA . 57.57 -39.77 22.07
O4 NAG XA . 57.20 -37.69 20.13
O5 NAG XA . 53.79 -38.94 20.61
O6 NAG XA . 54.22 -36.24 18.69
O7 NAG XA . 56.40 -42.29 23.34
C1 NAG YA . 59.08 -17.34 17.53
C2 NAG YA . 60.59 -17.51 17.76
C3 NAG YA . 61.37 -16.52 16.91
C4 NAG YA . 60.97 -16.64 15.44
C5 NAG YA . 59.46 -16.47 15.31
C6 NAG YA . 58.96 -16.68 13.90
C7 NAG YA . 61.28 -18.36 19.96
C8 NAG YA . 61.60 -18.01 21.38
N2 NAG YA . 60.93 -17.35 19.17
O3 NAG YA . 62.77 -16.76 17.04
O4 NAG YA . 61.62 -15.64 14.67
O5 NAG YA . 58.79 -17.45 16.13
O6 NAG YA . 57.56 -16.89 13.87
O7 NAG YA . 61.34 -19.52 19.55
C1 NAG ZA . 42.07 -54.02 21.63
C2 NAG ZA . 43.22 -53.99 20.63
C3 NAG ZA . 42.69 -53.69 19.23
C4 NAG ZA . 41.58 -54.66 18.86
C5 NAG ZA . 40.50 -54.69 19.93
C6 NAG ZA . 39.45 -55.75 19.69
C7 NAG ZA . 45.44 -53.37 21.51
C8 NAG ZA . 45.71 -54.84 21.65
N2 NAG ZA . 44.24 -53.04 21.02
O3 NAG ZA . 43.75 -53.76 18.29
O4 NAG ZA . 41.00 -54.29 17.61
O5 NAG ZA . 41.08 -54.97 21.22
O6 NAG ZA . 40.03 -57.01 19.42
O7 NAG ZA . 46.27 -52.52 21.83
C1 NAG AB . 53.13 -56.24 33.44
C2 NAG AB . 54.29 -56.66 32.54
C3 NAG AB . 55.45 -57.17 33.39
C4 NAG AB . 55.84 -56.13 34.44
C5 NAG AB . 54.63 -55.73 35.26
C6 NAG AB . 54.93 -54.60 36.23
C7 NAG AB . 53.53 -57.35 30.32
C8 NAG AB . 53.13 -58.51 29.45
N2 NAG AB . 53.87 -57.66 31.58
O3 NAG AB . 56.56 -57.46 32.54
O4 NAG AB . 56.84 -56.67 35.30
O5 NAG AB . 53.57 -55.27 34.39
O6 NAG AB . 56.08 -53.87 35.84
O7 NAG AB . 53.54 -56.21 29.90
C1 NAG BB . 39.88 -65.44 47.29
C2 NAG BB . 39.01 -66.35 46.42
C3 NAG BB . 37.97 -67.07 47.26
C4 NAG BB . 38.62 -67.79 48.43
C5 NAG BB . 39.49 -66.82 49.23
C6 NAG BB . 40.26 -67.49 50.35
C7 NAG BB . 38.92 -65.48 44.12
C8 NAG BB . 38.12 -64.67 43.15
N2 NAG BB . 38.38 -65.60 45.35
O3 NAG BB . 37.25 -68.00 46.46
O4 NAG BB . 37.62 -68.34 49.29
O5 NAG BB . 40.45 -66.20 48.36
O6 NAG BB . 41.58 -66.96 50.46
O7 NAG BB . 39.98 -66.00 43.82
#